data_9IT0
#
_entry.id   9IT0
#
_cell.length_a   1.00
_cell.length_b   1.00
_cell.length_c   1.00
_cell.angle_alpha   90.00
_cell.angle_beta   90.00
_cell.angle_gamma   90.00
#
_symmetry.space_group_name_H-M   'P 1'
#
loop_
_entity.id
_entity.type
_entity.pdbx_description
1 polymer 'Protein acetyltransferase'
2 non-polymer 'ACETYL COENZYME *A'
3 non-polymer 'PHOSPHATE ION'
4 water water
#
_entity_poly.entity_id   1
_entity_poly.type   'polypeptide(L)'
_entity_poly.pdbx_seq_one_letter_code
;MSQRGLEALLRPKSIAVIGASMKPNRAGYLMMRNLLAGGFNGPVLPVTPAWKAVLGVLAWPDIASLPFTPDLAVLCTNAS
RNLALLEELGEKGCKTCIILSAPASQHEDLRACALRHNMRLLGPNSLGLLAPWQGLNASFSPVPIKRGKLAFISQSAAVS
NTILDWAQQRKMGFSYFIALGDSLDIDVDELLDYLARDSKTSAILLYLEQLSDARRFVSAARSASRNKPILVIKSGRSPA
AQRLLNTTAGMDPAWDAAIQRAGLLRVQDTHELFSAVETLSHMRPLRGDRLMIISNGAAPAALALDALWSRNGKLATLSE
ETCQKLRDALPEHVAISNPLDLRDDASSEHYIKTLDILLHSQDFDALMVIHSPSAAAPATESAQVLIEAVKHHPRSKYVS
LLTNWCGEHSSQEARRLFSEAGLPTYRTPEGTITAFMHMVEYRRNQKQLRETPALPSNLTSNTAEAHLLLQQAIAEGATS
LDTHEVQPILQAYGMNTLPTWIASDSTEAVHIAEQIGYPVALKLRSPDIPHKSEVQGVMLYLRTANEVQQAANAIFDRVK
MAWPQARVHGLLVQSMANRAGAQELRVVVEHDPVFGPLIMLGEGGVEWRPEDQAVVALPPLNMNLARYLVIQGIKSKKIR
ARSALRPLDVAGLSQLLVQVSNLIVDCPEIQRLDIHPLLASGSEFTALDVTLDISPFEGDNESRLAVRPYPHQLEEWVEL
KNGERCLFRPILPEDEPQLQQFISRVTKEDLYYRYFSEINEFTHEDLANMTQIDYDREMAFVAVRRIDQTEEILGVTRAI
SDPDNIDAEFAVLVRSDLKGLGLGRRLMEKLITYTRDHGLQRLNGITMPNNRGMVALARKLGFNVDIQLEEGIVGLTLNL
AQREES
;
_entity_poly.pdbx_strand_id   A,B,C,D
#
loop_
_chem_comp.id
_chem_comp.type
_chem_comp.name
_chem_comp.formula
ACO non-polymer 'ACETYL COENZYME *A' 'C23 H38 N7 O17 P3 S'
PO4 non-polymer 'PHOSPHATE ION' 'O4 P -3'
#
# COMPACT_ATOMS: atom_id res chain seq x y z
N MET A 1 49.78 -10.61 11.78
CA MET A 1 50.65 -9.94 10.78
C MET A 1 50.22 -10.36 9.37
N SER A 2 51.11 -10.25 8.40
CA SER A 2 50.81 -10.62 7.01
C SER A 2 49.68 -9.76 6.47
N GLN A 3 49.91 -8.45 6.46
CA GLN A 3 48.92 -7.53 5.92
C GLN A 3 48.60 -7.88 4.47
N ARG A 4 49.63 -8.26 3.71
CA ARG A 4 49.40 -8.99 2.47
C ARG A 4 48.92 -10.39 2.81
N GLY A 5 47.82 -10.79 2.17
CA GLY A 5 47.14 -12.03 2.50
C GLY A 5 45.69 -11.84 2.90
N LEU A 6 45.34 -10.66 3.41
CA LEU A 6 43.94 -10.29 3.62
C LEU A 6 43.25 -9.88 2.33
N GLU A 7 44.01 -9.62 1.27
CA GLU A 7 43.42 -9.23 -0.01
C GLU A 7 42.54 -10.35 -0.55
N ALA A 8 42.96 -11.60 -0.37
CA ALA A 8 42.13 -12.73 -0.81
C ALA A 8 40.81 -12.76 -0.07
N LEU A 9 40.82 -12.50 1.23
CA LEU A 9 39.58 -12.52 2.00
C LEU A 9 38.67 -11.36 1.63
N LEU A 10 39.22 -10.16 1.52
CA LEU A 10 38.40 -8.96 1.36
C LEU A 10 38.17 -8.56 -0.10
N ARG A 11 39.04 -8.98 -1.02
CA ARG A 11 38.87 -8.70 -2.45
C ARG A 11 39.14 -9.97 -3.24
N PRO A 12 38.32 -11.00 -3.06
CA PRO A 12 38.55 -12.25 -3.78
C PRO A 12 38.12 -12.16 -5.24
N LYS A 13 38.73 -13.03 -6.05
CA LYS A 13 38.37 -13.16 -7.46
C LYS A 13 37.51 -14.39 -7.75
N SER A 14 37.44 -15.34 -6.83
CA SER A 14 36.63 -16.53 -7.02
C SER A 14 36.40 -17.20 -5.67
N ILE A 15 35.27 -17.88 -5.53
CA ILE A 15 34.88 -18.50 -4.27
C ILE A 15 34.31 -19.90 -4.53
N ALA A 16 34.68 -20.84 -3.67
CA ALA A 16 34.16 -22.21 -3.70
C ALA A 16 33.33 -22.48 -2.46
N VAL A 17 32.18 -23.13 -2.65
CA VAL A 17 31.22 -23.40 -1.59
C VAL A 17 31.20 -24.90 -1.34
N ILE A 18 31.78 -25.34 -0.22
CA ILE A 18 31.81 -26.74 0.15
C ILE A 18 30.53 -27.08 0.89
N GLY A 19 29.78 -28.05 0.40
CA GLY A 19 28.52 -28.45 1.00
C GLY A 19 27.29 -27.76 0.44
N ALA A 20 27.38 -27.14 -0.73
CA ALA A 20 26.21 -26.56 -1.37
C ALA A 20 25.14 -27.63 -1.57
N SER A 21 23.87 -27.25 -1.41
CA SER A 21 22.79 -28.21 -1.44
C SER A 21 21.52 -27.55 -1.97
N MET A 22 20.63 -28.38 -2.50
CA MET A 22 19.36 -27.93 -3.06
C MET A 22 18.22 -27.92 -2.05
N LYS A 23 18.45 -28.37 -0.82
CA LYS A 23 17.37 -28.41 0.17
C LYS A 23 17.16 -27.02 0.75
N PRO A 24 15.93 -26.49 0.71
CA PRO A 24 15.73 -25.06 1.07
C PRO A 24 16.12 -24.72 2.50
N ASN A 25 16.18 -25.69 3.41
CA ASN A 25 16.44 -25.43 4.82
C ASN A 25 17.91 -25.64 5.20
N ARG A 26 18.80 -25.80 4.23
CA ARG A 26 20.20 -26.05 4.50
C ARG A 26 21.02 -24.76 4.50
N ALA A 27 22.15 -24.80 5.19
CA ALA A 27 23.02 -23.63 5.26
C ALA A 27 23.70 -23.35 3.92
N GLY A 28 24.14 -24.41 3.22
CA GLY A 28 24.75 -24.23 1.92
C GLY A 28 23.80 -23.63 0.91
N TYR A 29 22.52 -23.99 0.98
CA TYR A 29 21.52 -23.39 0.10
C TYR A 29 21.43 -21.88 0.33
N LEU A 30 21.36 -21.45 1.58
CA LEU A 30 21.29 -20.03 1.88
C LEU A 30 22.56 -19.31 1.42
N MET A 31 23.73 -19.90 1.65
CA MET A 31 24.97 -19.27 1.21
C MET A 31 25.01 -19.12 -0.30
N MET A 32 24.64 -20.19 -1.03
CA MET A 32 24.62 -20.11 -2.48
C MET A 32 23.66 -19.05 -2.99
N ARG A 33 22.46 -18.99 -2.42
CA ARG A 33 21.49 -17.97 -2.82
C ARG A 33 21.99 -16.56 -2.56
N ASN A 34 22.55 -16.30 -1.38
CA ASN A 34 23.08 -14.97 -1.09
C ASN A 34 24.19 -14.60 -2.05
N LEU A 35 25.12 -15.52 -2.29
CA LEU A 35 26.22 -15.22 -3.21
C LEU A 35 25.71 -14.92 -4.61
N LEU A 36 24.76 -15.74 -5.11
CA LEU A 36 24.26 -15.52 -6.46
C LEU A 36 23.50 -14.20 -6.57
N ALA A 37 22.80 -13.79 -5.52
CA ALA A 37 22.07 -12.53 -5.55
C ALA A 37 22.95 -11.33 -5.24
N GLY A 38 24.19 -11.54 -4.81
CA GLY A 38 25.01 -10.42 -4.38
C GLY A 38 25.36 -9.46 -5.49
N GLY A 39 25.68 -9.97 -6.68
CA GLY A 39 26.13 -9.13 -7.78
C GLY A 39 27.62 -9.26 -8.03
N PHE A 40 28.15 -10.46 -7.77
CA PHE A 40 29.58 -10.70 -7.87
C PHE A 40 30.03 -10.73 -9.33
N ASN A 41 31.28 -10.33 -9.55
CA ASN A 41 31.87 -10.30 -10.89
C ASN A 41 32.68 -11.55 -11.22
N GLY A 42 32.84 -12.48 -10.27
CA GLY A 42 33.57 -13.70 -10.50
C GLY A 42 32.70 -14.92 -10.48
N PRO A 43 33.31 -16.10 -10.60
CA PRO A 43 32.55 -17.36 -10.56
C PRO A 43 32.34 -17.89 -9.14
N VAL A 44 31.21 -18.56 -8.97
CA VAL A 44 30.87 -19.25 -7.72
C VAL A 44 30.80 -20.75 -8.03
N LEU A 45 31.63 -21.52 -7.34
CA LEU A 45 31.85 -22.92 -7.66
C LEU A 45 31.28 -23.83 -6.58
N PRO A 46 30.22 -24.61 -6.82
CA PRO A 46 29.73 -25.54 -5.81
C PRO A 46 30.47 -26.87 -5.83
N VAL A 47 30.68 -27.44 -4.63
CA VAL A 47 31.35 -28.72 -4.47
C VAL A 47 30.49 -29.60 -3.57
N THR A 48 30.05 -30.75 -4.11
CA THR A 48 29.22 -31.68 -3.34
C THR A 48 29.08 -33.02 -4.07
N PRO A 49 28.99 -34.14 -3.35
CA PRO A 49 28.79 -35.45 -3.99
C PRO A 49 27.34 -35.85 -4.20
N ALA A 50 26.37 -35.01 -3.82
CA ALA A 50 24.96 -35.42 -3.79
C ALA A 50 24.10 -34.71 -4.83
N TRP A 51 24.65 -33.79 -5.62
CA TRP A 51 23.86 -33.07 -6.61
C TRP A 51 24.72 -32.81 -7.85
N LYS A 52 24.09 -32.95 -9.02
CA LYS A 52 24.77 -32.60 -10.27
C LYS A 52 24.78 -31.10 -10.50
N ALA A 53 23.79 -30.37 -9.99
CA ALA A 53 23.73 -28.93 -10.13
C ALA A 53 23.00 -28.35 -8.92
N VAL A 54 23.29 -27.09 -8.62
CA VAL A 54 22.68 -26.39 -7.49
C VAL A 54 22.22 -25.02 -7.97
N LEU A 55 20.92 -24.76 -7.87
CA LEU A 55 20.32 -23.49 -8.27
C LEU A 55 20.78 -23.10 -9.68
N GLY A 56 20.84 -24.09 -10.56
CA GLY A 56 21.18 -23.86 -11.95
C GLY A 56 22.65 -23.78 -12.27
N VAL A 57 23.53 -24.04 -11.31
CA VAL A 57 24.98 -23.97 -11.50
C VAL A 57 25.55 -25.38 -11.48
N LEU A 58 26.33 -25.72 -12.51
CA LEU A 58 26.97 -27.02 -12.57
C LEU A 58 27.91 -27.22 -11.38
N ALA A 59 27.92 -28.45 -10.84
CA ALA A 59 28.66 -28.78 -9.63
C ALA A 59 29.80 -29.75 -9.93
N TRP A 60 30.75 -29.82 -8.99
CA TRP A 60 31.90 -30.71 -9.07
C TRP A 60 31.91 -31.67 -7.89
N PRO A 61 32.33 -32.93 -8.10
CA PRO A 61 32.16 -33.93 -7.03
C PRO A 61 33.09 -33.75 -5.84
N ASP A 62 34.28 -33.16 -6.02
CA ASP A 62 35.21 -33.02 -4.91
C ASP A 62 36.22 -31.92 -5.22
N ILE A 63 37.02 -31.59 -4.20
CA ILE A 63 37.92 -30.44 -4.28
C ILE A 63 38.97 -30.65 -5.37
N ALA A 64 39.56 -31.85 -5.43
CA ALA A 64 40.62 -32.11 -6.40
C ALA A 64 40.15 -31.97 -7.84
N SER A 65 38.84 -32.03 -8.09
CA SER A 65 38.30 -31.95 -9.45
C SER A 65 38.16 -30.53 -9.96
N LEU A 66 38.37 -29.51 -9.11
CA LEU A 66 38.11 -28.14 -9.53
C LEU A 66 39.03 -27.74 -10.68
N PRO A 67 38.56 -26.90 -11.61
CA PRO A 67 39.40 -26.55 -12.78
C PRO A 67 40.59 -25.66 -12.44
N PHE A 68 40.57 -24.94 -11.32
CA PHE A 68 41.68 -24.08 -10.95
C PHE A 68 41.60 -23.80 -9.46
N THR A 69 42.58 -23.04 -8.95
CA THR A 69 42.70 -22.77 -7.53
C THR A 69 41.81 -21.58 -7.15
N PRO A 70 40.83 -21.76 -6.27
CA PRO A 70 40.00 -20.61 -5.86
C PRO A 70 40.69 -19.74 -4.82
N ASP A 71 40.30 -18.45 -4.83
CA ASP A 71 40.87 -17.51 -3.86
C ASP A 71 40.33 -17.78 -2.46
N LEU A 72 39.02 -17.98 -2.31
CA LEU A 72 38.37 -18.07 -1.02
C LEU A 72 37.44 -19.28 -1.00
N ALA A 73 37.30 -19.91 0.17
CA ALA A 73 36.48 -21.09 0.34
C ALA A 73 35.63 -20.97 1.60
N VAL A 74 34.50 -21.67 1.61
CA VAL A 74 33.56 -21.68 2.73
C VAL A 74 33.17 -23.12 3.04
N LEU A 75 33.22 -23.49 4.33
CA LEU A 75 32.84 -24.82 4.78
C LEU A 75 31.44 -24.77 5.39
N CYS A 76 30.53 -25.57 4.85
CA CYS A 76 29.14 -25.64 5.31
C CYS A 76 28.78 -27.05 5.79
N THR A 77 29.72 -27.74 6.43
CA THR A 77 29.60 -29.15 6.74
C THR A 77 29.80 -29.40 8.24
N ASN A 78 29.57 -30.66 8.63
CA ASN A 78 29.70 -31.06 10.02
C ASN A 78 31.14 -30.90 10.50
N ALA A 79 31.29 -30.58 11.79
CA ALA A 79 32.61 -30.30 12.35
C ALA A 79 33.56 -31.49 12.27
N SER A 80 33.04 -32.70 12.12
CA SER A 80 33.89 -33.89 12.10
C SER A 80 34.70 -34.05 10.82
N ARG A 81 34.35 -33.32 9.75
CA ARG A 81 35.08 -33.37 8.49
C ARG A 81 36.09 -32.24 8.35
N ASN A 82 36.21 -31.39 9.38
CA ASN A 82 36.95 -30.14 9.25
C ASN A 82 38.40 -30.37 8.85
N LEU A 83 39.10 -31.22 9.60
CA LEU A 83 40.55 -31.36 9.38
C LEU A 83 40.85 -31.96 8.01
N ALA A 84 40.11 -32.99 7.61
CA ALA A 84 40.33 -33.60 6.31
C ALA A 84 40.07 -32.61 5.19
N LEU A 85 38.95 -31.86 5.28
CA LEU A 85 38.65 -30.90 4.23
C LEU A 85 39.71 -29.79 4.18
N LEU A 86 40.17 -29.35 5.34
CA LEU A 86 41.20 -28.32 5.37
C LEU A 86 42.50 -28.82 4.75
N GLU A 87 42.86 -30.07 5.04
CA GLU A 87 44.06 -30.64 4.43
C GLU A 87 43.93 -30.70 2.91
N GLU A 88 42.76 -31.11 2.41
CA GLU A 88 42.56 -31.13 0.96
C GLU A 88 42.67 -29.73 0.37
N LEU A 89 42.07 -28.74 1.03
CA LEU A 89 42.18 -27.36 0.53
C LEU A 89 43.63 -26.90 0.51
N GLY A 90 44.38 -27.19 1.58
CA GLY A 90 45.79 -26.86 1.59
C GLY A 90 46.54 -27.51 0.45
N GLU A 91 46.22 -28.77 0.14
CA GLU A 91 46.84 -29.44 -0.99
C GLU A 91 46.53 -28.71 -2.29
N LYS A 92 45.27 -28.30 -2.49
CA LYS A 92 44.89 -27.66 -3.74
C LYS A 92 45.61 -26.32 -3.91
N GLY A 93 45.75 -25.55 -2.84
CA GLY A 93 46.47 -24.29 -2.89
C GLY A 93 45.68 -23.09 -2.41
N CYS A 94 44.48 -23.31 -1.89
CA CYS A 94 43.68 -22.21 -1.36
C CYS A 94 44.36 -21.61 -0.12
N LYS A 95 44.17 -20.30 0.06
CA LYS A 95 44.86 -19.57 1.11
C LYS A 95 43.94 -18.93 2.16
N THR A 96 42.62 -19.00 1.99
CA THR A 96 41.70 -18.40 2.96
C THR A 96 40.46 -19.27 3.05
N CYS A 97 39.90 -19.38 4.25
CA CYS A 97 38.76 -20.25 4.50
C CYS A 97 37.89 -19.69 5.61
N ILE A 98 36.57 -19.90 5.48
CA ILE A 98 35.59 -19.53 6.49
C ILE A 98 34.95 -20.81 7.03
N ILE A 99 34.86 -20.93 8.35
CA ILE A 99 34.41 -22.15 9.01
C ILE A 99 33.13 -21.87 9.79
N LEU A 100 32.13 -22.73 9.61
CA LEU A 100 30.82 -22.55 10.19
C LEU A 100 30.70 -23.10 11.62
N SER A 101 31.32 -24.25 11.90
CA SER A 101 31.09 -24.94 13.18
C SER A 101 32.35 -25.67 13.62
N ALA A 102 32.63 -25.61 14.93
CA ALA A 102 33.72 -26.37 15.52
C ALA A 102 33.68 -26.31 17.05
N PRO A 103 34.01 -27.39 17.76
CA PRO A 103 34.12 -27.31 19.23
C PRO A 103 35.46 -26.73 19.66
N ALA A 104 35.54 -26.42 20.95
CA ALA A 104 36.73 -25.77 21.50
C ALA A 104 37.93 -26.71 21.54
N SER A 105 37.71 -28.02 21.50
CA SER A 105 38.82 -28.97 21.60
C SER A 105 39.58 -29.14 20.29
N GLN A 106 39.14 -28.51 19.20
CA GLN A 106 39.78 -28.63 17.91
C GLN A 106 40.79 -27.52 17.62
N HIS A 107 40.88 -26.52 18.49
CA HIS A 107 41.58 -25.28 18.13
C HIS A 107 43.05 -25.53 17.82
N GLU A 108 43.73 -26.34 18.63
CA GLU A 108 45.17 -26.54 18.45
C GLU A 108 45.46 -27.21 17.11
N ASP A 109 44.70 -28.24 16.77
CA ASP A 109 44.90 -28.94 15.50
C ASP A 109 44.64 -28.00 14.33
N LEU A 110 43.58 -27.19 14.41
CA LEU A 110 43.29 -26.25 13.35
C LEU A 110 44.44 -25.26 13.18
N ARG A 111 44.96 -24.73 14.28
CA ARG A 111 46.08 -23.78 14.20
C ARG A 111 47.30 -24.44 13.54
N ALA A 112 47.61 -25.67 13.96
CA ALA A 112 48.78 -26.35 13.39
C ALA A 112 48.59 -26.57 11.88
N CYS A 113 47.40 -27.05 11.49
CA CYS A 113 47.15 -27.29 10.07
C CYS A 113 47.23 -26.00 9.27
N ALA A 114 46.67 -24.91 9.79
CA ALA A 114 46.74 -23.64 9.09
C ALA A 114 48.19 -23.17 8.96
N LEU A 115 48.98 -23.34 10.01
CA LEU A 115 50.37 -22.91 9.95
C LEU A 115 51.14 -23.71 8.89
N ARG A 116 50.92 -25.02 8.84
CA ARG A 116 51.67 -25.84 7.88
C ARG A 116 51.49 -25.38 6.44
N HIS A 117 50.32 -24.87 6.06
CA HIS A 117 50.03 -24.50 4.70
C HIS A 117 50.02 -22.99 4.45
N ASN A 118 50.26 -22.17 5.47
CA ASN A 118 50.24 -20.71 5.31
C ASN A 118 48.86 -20.21 4.89
N MET A 119 47.84 -20.63 5.66
CA MET A 119 46.46 -20.27 5.39
C MET A 119 45.92 -19.40 6.52
N ARG A 120 45.06 -18.46 6.16
CA ARG A 120 44.34 -17.63 7.14
C ARG A 120 42.90 -18.13 7.26
N LEU A 121 42.40 -18.15 8.50
CA LEU A 121 41.06 -18.65 8.79
C LEU A 121 40.25 -17.55 9.47
N LEU A 122 39.02 -17.34 9.01
CA LEU A 122 38.09 -16.48 9.72
C LEU A 122 37.35 -17.29 10.77
N GLY A 123 37.25 -16.71 11.97
CA GLY A 123 36.91 -17.44 13.17
C GLY A 123 35.85 -18.50 12.99
N PRO A 124 36.01 -19.65 13.64
CA PRO A 124 34.95 -20.66 13.61
C PRO A 124 33.69 -20.14 14.30
N ASN A 125 32.54 -20.65 13.86
CA ASN A 125 31.25 -20.16 14.31
C ASN A 125 31.05 -18.69 13.93
N SER A 126 31.52 -18.35 12.73
CA SER A 126 31.40 -16.99 12.21
C SER A 126 30.17 -16.86 11.33
N LEU A 127 29.51 -15.69 11.40
CA LEU A 127 28.34 -15.45 10.55
C LEU A 127 28.75 -15.19 9.10
N GLY A 128 29.95 -14.66 8.87
CA GLY A 128 30.44 -14.37 7.54
C GLY A 128 30.88 -12.91 7.41
N LEU A 129 30.81 -12.40 6.18
CA LEU A 129 31.21 -11.03 5.89
C LEU A 129 30.50 -10.53 4.63
N LEU A 130 30.34 -9.22 4.55
CA LEU A 130 29.66 -8.58 3.42
C LEU A 130 30.46 -7.36 2.98
N ALA A 131 30.61 -7.19 1.67
CA ALA A 131 31.36 -6.07 1.08
C ALA A 131 30.57 -5.53 -0.10
N PRO A 132 29.65 -4.60 0.15
CA PRO A 132 28.72 -4.18 -0.93
C PRO A 132 29.41 -3.57 -2.15
N TRP A 133 30.49 -2.81 -1.97
CA TRP A 133 31.13 -2.16 -3.11
C TRP A 133 31.73 -3.15 -4.10
N GLN A 134 31.99 -4.39 -3.67
CA GLN A 134 32.41 -5.45 -4.57
C GLN A 134 31.27 -6.39 -4.95
N GLY A 135 30.04 -6.11 -4.50
CA GLY A 135 28.93 -7.00 -4.78
C GLY A 135 29.11 -8.38 -4.21
N LEU A 136 29.62 -8.49 -2.99
CA LEU A 136 29.93 -9.76 -2.35
C LEU A 136 29.12 -9.91 -1.08
N ASN A 137 28.30 -10.96 -1.00
CA ASN A 137 27.52 -11.31 0.20
C ASN A 137 27.82 -12.77 0.54
N ALA A 138 28.94 -13.01 1.22
CA ALA A 138 29.33 -14.35 1.66
C ALA A 138 28.99 -14.50 3.14
N SER A 139 27.70 -14.69 3.43
CA SER A 139 27.24 -14.76 4.81
C SER A 139 26.01 -15.64 4.89
N PHE A 140 25.68 -16.04 6.12
CA PHE A 140 24.47 -16.80 6.42
C PHE A 140 23.36 -15.90 6.99
N SER A 141 23.41 -14.60 6.70
CA SER A 141 22.42 -13.69 7.28
C SER A 141 21.20 -13.58 6.37
N PRO A 142 19.99 -13.48 6.92
CA PRO A 142 18.79 -13.30 6.09
C PRO A 142 18.38 -11.86 5.84
N VAL A 143 19.23 -10.89 6.13
CA VAL A 143 18.91 -9.46 6.02
C VAL A 143 19.75 -8.87 4.89
N PRO A 144 19.16 -8.13 3.95
CA PRO A 144 19.96 -7.52 2.87
C PRO A 144 20.72 -6.29 3.34
N ILE A 145 21.56 -5.78 2.43
CA ILE A 145 22.49 -4.68 2.72
C ILE A 145 22.65 -3.82 1.48
N LYS A 146 23.13 -2.58 1.67
CA LYS A 146 23.43 -1.67 0.58
C LYS A 146 24.72 -0.91 0.88
N ARG A 147 25.15 -0.09 -0.09
CA ARG A 147 26.45 0.56 -0.06
C ARG A 147 26.45 1.78 0.85
N GLY A 148 27.61 2.03 1.46
CA GLY A 148 27.75 3.17 2.35
C GLY A 148 29.20 3.46 2.66
N LYS A 149 29.40 4.29 3.69
CA LYS A 149 30.74 4.72 4.11
C LYS A 149 31.14 4.23 5.50
N LEU A 150 30.24 3.63 6.27
CA LEU A 150 30.53 3.21 7.64
C LEU A 150 30.90 1.73 7.67
N ALA A 151 31.90 1.40 8.50
CA ALA A 151 32.36 0.03 8.70
C ALA A 151 32.01 -0.44 10.11
N PHE A 152 31.70 -1.73 10.23
CA PHE A 152 31.23 -2.31 11.49
C PHE A 152 31.89 -3.67 11.71
N ILE A 153 32.38 -3.89 12.94
CA ILE A 153 33.02 -5.15 13.33
C ILE A 153 32.35 -5.67 14.59
N SER A 154 31.98 -6.95 14.60
CA SER A 154 31.17 -7.52 15.67
C SER A 154 31.70 -8.88 16.10
N GLN A 155 31.58 -9.16 17.40
CA GLN A 155 31.84 -10.49 17.95
C GLN A 155 30.55 -11.23 18.30
N SER A 156 29.42 -10.88 17.68
CA SER A 156 28.14 -11.50 17.98
C SER A 156 27.22 -11.46 16.76
N ALA A 157 26.60 -12.60 16.45
CA ALA A 157 25.74 -12.70 15.27
C ALA A 157 24.41 -11.98 15.47
N ALA A 158 23.80 -12.13 16.65
CA ALA A 158 22.50 -11.51 16.90
C ALA A 158 22.58 -9.99 16.77
N VAL A 159 23.62 -9.40 17.35
CA VAL A 159 23.80 -7.95 17.24
C VAL A 159 23.97 -7.55 15.77
N SER A 160 24.72 -8.36 15.01
CA SER A 160 24.93 -8.06 13.59
C SER A 160 23.59 -8.02 12.84
N ASN A 161 22.75 -9.05 13.04
CA ASN A 161 21.46 -9.06 12.36
C ASN A 161 20.59 -7.88 12.80
N THR A 162 20.60 -7.57 14.10
CA THR A 162 19.81 -6.45 14.59
C THR A 162 20.24 -5.13 13.93
N ILE A 163 21.55 -4.90 13.84
CA ILE A 163 22.03 -3.67 13.24
C ILE A 163 21.69 -3.63 11.75
N LEU A 164 21.82 -4.76 11.05
CA LEU A 164 21.45 -4.78 9.65
C LEU A 164 19.97 -4.44 9.46
N ASP A 165 19.10 -4.98 10.31
CA ASP A 165 17.68 -4.67 10.18
C ASP A 165 17.41 -3.18 10.46
N TRP A 166 18.07 -2.64 11.48
CA TRP A 166 17.91 -1.21 11.77
C TRP A 166 18.34 -0.37 10.57
N ALA A 167 19.48 -0.71 9.96
CA ALA A 167 19.94 0.02 8.78
C ALA A 167 18.93 -0.10 7.64
N GLN A 168 18.35 -1.28 7.46
CA GLN A 168 17.33 -1.44 6.42
C GLN A 168 16.15 -0.51 6.67
N GLN A 169 15.75 -0.34 7.93
CA GLN A 169 14.63 0.54 8.22
C GLN A 169 14.92 1.98 7.81
N ARG A 170 16.14 2.45 8.08
CA ARG A 170 16.48 3.86 7.87
C ARG A 170 17.10 4.15 6.51
N LYS A 171 17.21 3.15 5.63
CA LYS A 171 17.76 3.35 4.28
C LYS A 171 19.21 3.83 4.33
N MET A 172 20.02 3.16 5.14
CA MET A 172 21.44 3.46 5.27
C MET A 172 22.27 2.24 4.85
N GLY A 173 23.56 2.49 4.57
CA GLY A 173 24.43 1.47 4.03
C GLY A 173 25.76 1.40 4.77
N PHE A 174 26.62 0.51 4.26
CA PHE A 174 27.91 0.21 4.88
C PHE A 174 28.98 0.06 3.81
N SER A 175 30.24 0.19 4.23
CA SER A 175 31.39 -0.15 3.39
C SER A 175 31.94 -1.54 3.67
N TYR A 176 31.89 -2.02 4.91
CA TYR A 176 32.31 -3.36 5.26
C TYR A 176 31.55 -3.83 6.50
N PHE A 177 31.25 -5.13 6.54
CA PHE A 177 30.54 -5.72 7.67
C PHE A 177 31.13 -7.10 7.92
N ILE A 178 31.82 -7.28 9.05
CA ILE A 178 32.61 -8.48 9.31
C ILE A 178 32.24 -9.04 10.68
N ALA A 179 31.99 -10.34 10.74
CA ALA A 179 31.75 -11.07 11.99
C ALA A 179 32.96 -11.93 12.31
N LEU A 180 33.43 -11.86 13.55
CA LEU A 180 34.69 -12.48 13.93
C LEU A 180 34.54 -13.90 14.46
N GLY A 181 33.39 -14.26 15.03
CA GLY A 181 33.26 -15.57 15.63
C GLY A 181 34.17 -15.72 16.83
N ASP A 182 34.91 -16.84 16.89
CA ASP A 182 35.80 -17.11 18.02
C ASP A 182 37.14 -16.39 17.92
N SER A 183 37.45 -15.76 16.79
CA SER A 183 38.69 -14.99 16.62
C SER A 183 39.92 -15.86 16.86
N LEU A 184 39.94 -17.06 16.27
CA LEU A 184 41.07 -17.96 16.48
C LEU A 184 42.33 -17.45 15.79
N ASP A 185 42.20 -17.04 14.51
CA ASP A 185 43.35 -16.59 13.73
C ASP A 185 43.27 -15.11 13.37
N ILE A 186 42.19 -14.67 12.73
CA ILE A 186 42.02 -13.27 12.35
C ILE A 186 41.34 -12.55 13.50
N ASP A 187 41.88 -11.38 13.87
CA ASP A 187 41.42 -10.65 15.06
C ASP A 187 41.26 -9.18 14.73
N VAL A 188 40.89 -8.39 15.76
CA VAL A 188 40.41 -7.04 15.54
C VAL A 188 41.54 -6.10 15.10
N ASP A 189 42.75 -6.27 15.65
CA ASP A 189 43.81 -5.30 15.37
C ASP A 189 44.22 -5.31 13.91
N GLU A 190 44.29 -6.50 13.29
CA GLU A 190 44.63 -6.57 11.87
C GLU A 190 43.57 -5.87 11.03
N LEU A 191 42.29 -6.06 11.37
CA LEU A 191 41.22 -5.43 10.61
C LEU A 191 41.26 -3.91 10.78
N LEU A 192 41.58 -3.42 11.99
CA LEU A 192 41.76 -1.99 12.16
C LEU A 192 42.89 -1.46 11.30
N ASP A 193 44.02 -2.18 11.26
CA ASP A 193 45.14 -1.77 10.41
C ASP A 193 44.71 -1.71 8.95
N TYR A 194 43.94 -2.69 8.50
CA TYR A 194 43.49 -2.69 7.11
C TYR A 194 42.54 -1.53 6.84
N LEU A 195 41.55 -1.32 7.71
CA LEU A 195 40.54 -0.30 7.46
C LEU A 195 41.12 1.10 7.54
N ALA A 196 42.21 1.29 8.29
CA ALA A 196 42.81 2.60 8.38
C ALA A 196 43.26 3.13 7.02
N ARG A 197 43.50 2.24 6.05
CA ARG A 197 43.99 2.64 4.73
C ARG A 197 42.95 2.54 3.63
N ASP A 198 41.74 2.07 3.94
CA ASP A 198 40.71 1.89 2.91
C ASP A 198 40.10 3.23 2.57
N SER A 199 40.05 3.54 1.27
CA SER A 199 39.63 4.87 0.84
C SER A 199 38.13 5.10 1.00
N LYS A 200 37.30 4.06 0.94
CA LYS A 200 35.86 4.21 1.03
C LYS A 200 35.34 4.29 2.46
N THR A 201 36.17 4.01 3.45
CA THR A 201 35.74 3.98 4.85
C THR A 201 36.09 5.32 5.51
N SER A 202 35.10 5.92 6.18
CA SER A 202 35.30 7.20 6.88
C SER A 202 35.03 7.14 8.37
N ALA A 203 34.46 6.05 8.89
CA ALA A 203 34.21 5.90 10.33
C ALA A 203 34.09 4.42 10.65
N ILE A 204 34.34 4.07 11.92
CA ILE A 204 34.39 2.68 12.36
C ILE A 204 33.62 2.53 13.67
N LEU A 205 32.85 1.45 13.77
CA LEU A 205 32.05 1.12 14.96
C LEU A 205 32.26 -0.33 15.33
N LEU A 206 32.41 -0.62 16.63
CA LEU A 206 32.79 -1.94 17.10
C LEU A 206 31.92 -2.40 18.27
N TYR A 207 31.65 -3.71 18.30
CA TYR A 207 31.07 -4.40 19.45
C TYR A 207 32.01 -5.52 19.87
N LEU A 208 32.47 -5.49 21.11
CA LEU A 208 33.52 -6.38 21.60
C LEU A 208 33.10 -7.06 22.89
N GLU A 209 33.67 -8.25 23.12
CA GLU A 209 33.47 -8.98 24.37
C GLU A 209 34.76 -9.38 25.07
N GLN A 210 35.87 -9.58 24.34
CA GLN A 210 37.13 -9.93 24.99
C GLN A 210 38.28 -9.71 24.00
N LEU A 211 39.49 -9.66 24.55
CA LEU A 211 40.71 -9.43 23.80
C LEU A 211 41.76 -10.45 24.20
N SER A 212 42.73 -10.66 23.29
CA SER A 212 43.84 -11.56 23.55
C SER A 212 45.21 -10.89 23.55
N ASP A 213 45.36 -9.72 22.92
CA ASP A 213 46.64 -9.03 22.84
C ASP A 213 46.40 -7.53 22.96
N ALA A 214 46.65 -6.97 24.15
CA ALA A 214 46.30 -5.59 24.43
C ALA A 214 47.25 -4.59 23.78
N ARG A 215 48.55 -4.90 23.76
CA ARG A 215 49.53 -3.97 23.22
C ARG A 215 49.22 -3.65 21.75
N ARG A 216 49.03 -4.69 20.94
CA ARG A 216 48.76 -4.49 19.52
C ARG A 216 47.44 -3.77 19.31
N PHE A 217 46.43 -4.11 20.11
CA PHE A 217 45.14 -3.43 19.99
C PHE A 217 45.29 -1.93 20.26
N VAL A 218 45.99 -1.57 21.33
CA VAL A 218 46.15 -0.16 21.67
C VAL A 218 46.91 0.57 20.56
N SER A 219 48.00 -0.03 20.07
CA SER A 219 48.78 0.62 19.03
C SER A 219 47.96 0.81 17.76
N ALA A 220 47.24 -0.23 17.34
CA ALA A 220 46.46 -0.15 16.11
C ALA A 220 45.35 0.88 16.23
N ALA A 221 44.65 0.92 17.38
CA ALA A 221 43.58 1.90 17.55
C ALA A 221 44.13 3.31 17.57
N ARG A 222 45.23 3.53 18.29
CA ARG A 222 45.83 4.86 18.32
C ARG A 222 46.22 5.31 16.93
N SER A 223 46.84 4.43 16.14
CA SER A 223 47.22 4.81 14.78
C SER A 223 46.00 5.09 13.92
N ALA A 224 44.96 4.26 14.03
CA ALA A 224 43.80 4.40 13.15
C ALA A 224 42.98 5.65 13.47
N SER A 225 42.87 6.02 14.74
CA SER A 225 41.99 7.11 15.12
C SER A 225 42.60 8.49 14.88
N ARG A 226 43.78 8.56 14.28
CA ARG A 226 44.37 9.87 13.97
C ARG A 226 43.54 10.63 12.95
N ASN A 227 42.95 9.92 11.98
CA ASN A 227 42.23 10.55 10.90
C ASN A 227 40.78 10.10 10.75
N LYS A 228 40.30 9.17 11.57
CA LYS A 228 38.93 8.68 11.48
C LYS A 228 38.36 8.44 12.89
N PRO A 229 37.11 8.84 13.14
CA PRO A 229 36.52 8.60 14.46
C PRO A 229 36.16 7.14 14.67
N ILE A 230 36.26 6.69 15.93
CA ILE A 230 36.02 5.30 16.29
C ILE A 230 35.28 5.25 17.62
N LEU A 231 34.16 4.53 17.66
CA LEU A 231 33.38 4.31 18.87
C LEU A 231 33.26 2.81 19.16
N VAL A 232 33.05 2.48 20.44
CA VAL A 232 33.04 1.09 20.91
C VAL A 232 31.97 0.91 21.98
N ILE A 233 31.34 -0.27 21.97
CA ILE A 233 30.46 -0.72 23.05
C ILE A 233 30.95 -2.09 23.50
N LYS A 234 31.00 -2.30 24.82
CA LYS A 234 31.54 -3.52 25.40
C LYS A 234 30.63 -4.00 26.52
N SER A 235 30.10 -5.21 26.39
CA SER A 235 29.17 -5.77 27.36
C SER A 235 29.90 -6.69 28.34
N GLY A 236 29.17 -7.11 29.37
CA GLY A 236 29.71 -7.99 30.39
C GLY A 236 30.28 -7.25 31.58
N ARG A 237 29.48 -6.37 32.18
CA ARG A 237 29.92 -5.56 33.31
C ARG A 237 29.45 -6.09 34.66
N SER A 238 28.72 -7.22 34.68
CA SER A 238 28.18 -7.75 35.92
C SER A 238 28.55 -9.22 36.07
N PRO A 239 28.57 -9.74 37.31
CA PRO A 239 29.00 -11.14 37.50
C PRO A 239 28.18 -12.15 36.73
N ALA A 240 26.85 -11.98 36.68
CA ALA A 240 26.01 -12.95 35.98
C ALA A 240 26.28 -12.93 34.48
N ALA A 241 26.42 -11.73 33.90
CA ALA A 241 26.76 -11.64 32.48
C ALA A 241 28.11 -12.25 32.21
N GLN A 242 29.09 -12.02 33.09
CA GLN A 242 30.41 -12.60 32.91
C GLN A 242 30.34 -14.12 32.94
N ARG A 243 29.57 -14.69 33.86
CA ARG A 243 29.41 -16.14 33.89
C ARG A 243 28.73 -16.63 32.62
N LEU A 244 27.72 -15.91 32.13
CA LEU A 244 27.02 -16.33 30.92
C LEU A 244 27.96 -16.34 29.72
N LEU A 245 28.82 -15.31 29.60
CA LEU A 245 29.69 -15.18 28.45
C LEU A 245 31.05 -15.85 28.63
N ASN A 246 31.34 -16.39 29.81
CA ASN A 246 32.63 -17.04 30.10
C ASN A 246 33.78 -16.04 29.96
N THR A 247 33.64 -14.89 30.61
CA THR A 247 34.65 -13.84 30.58
C THR A 247 34.84 -13.27 31.98
N THR A 248 35.02 -14.15 32.96
CA THR A 248 35.12 -13.74 34.35
C THR A 248 36.52 -13.27 34.74
N ALA A 249 37.50 -13.39 33.84
CA ALA A 249 38.89 -13.09 34.19
C ALA A 249 39.19 -11.59 34.27
N GLY A 250 38.58 -10.78 33.39
CA GLY A 250 38.98 -9.41 33.21
C GLY A 250 38.42 -8.44 34.24
N MET A 251 38.77 -7.17 34.06
CA MET A 251 38.31 -6.07 34.90
C MET A 251 37.88 -4.91 34.02
N ASP A 252 36.73 -4.31 34.34
CA ASP A 252 36.08 -3.32 33.50
C ASP A 252 36.71 -1.93 33.55
N PRO A 253 37.11 -1.42 34.72
CA PRO A 253 37.83 -0.14 34.72
C PRO A 253 39.12 -0.19 33.93
N ALA A 254 39.76 -1.35 33.84
CA ALA A 254 40.90 -1.49 32.95
C ALA A 254 40.50 -1.25 31.50
N TRP A 255 39.34 -1.78 31.09
CA TRP A 255 38.83 -1.50 29.76
C TRP A 255 38.59 0.01 29.57
N ASP A 256 38.01 0.65 30.58
CA ASP A 256 37.78 2.09 30.49
C ASP A 256 39.10 2.84 30.27
N ALA A 257 40.12 2.50 31.06
CA ALA A 257 41.41 3.17 30.93
C ALA A 257 42.03 2.92 29.56
N ALA A 258 41.99 1.66 29.10
CA ALA A 258 42.60 1.33 27.81
C ALA A 258 41.89 2.07 26.68
N ILE A 259 40.56 2.11 26.71
CA ILE A 259 39.81 2.82 25.68
C ILE A 259 40.17 4.30 25.68
N GLN A 260 40.23 4.91 26.87
CA GLN A 260 40.56 6.33 26.93
C GLN A 260 41.97 6.60 26.40
N ARG A 261 42.94 5.75 26.77
CA ARG A 261 44.32 6.02 26.41
C ARG A 261 44.54 5.96 24.90
N ALA A 262 43.74 5.15 24.19
CA ALA A 262 43.89 5.00 22.75
C ALA A 262 43.16 6.07 21.94
N GLY A 263 42.46 6.99 22.59
CA GLY A 263 41.78 8.05 21.89
C GLY A 263 40.38 7.74 21.40
N LEU A 264 39.75 6.68 21.89
CA LEU A 264 38.41 6.30 21.49
C LEU A 264 37.39 6.78 22.52
N LEU A 265 36.13 6.38 22.31
CA LEU A 265 35.03 6.76 23.19
C LEU A 265 34.08 5.58 23.35
N ARG A 266 33.63 5.35 24.59
CA ARG A 266 32.78 4.20 24.92
C ARG A 266 31.31 4.61 24.97
N VAL A 267 30.46 3.75 24.39
CA VAL A 267 29.02 3.96 24.37
C VAL A 267 28.37 2.97 25.34
N GLN A 268 27.24 3.38 25.92
CA GLN A 268 26.71 2.71 27.11
C GLN A 268 25.71 1.60 26.79
N ASP A 269 24.70 1.85 25.94
CA ASP A 269 23.60 0.91 25.79
C ASP A 269 23.12 0.90 24.33
N THR A 270 22.05 0.12 24.09
CA THR A 270 21.59 -0.12 22.73
C THR A 270 21.10 1.16 22.04
N HIS A 271 20.32 1.96 22.76
CA HIS A 271 19.81 3.20 22.16
C HIS A 271 20.95 4.07 21.66
N GLU A 272 21.99 4.23 22.49
CA GLU A 272 23.14 5.03 22.10
C GLU A 272 23.87 4.44 20.90
N LEU A 273 23.82 3.12 20.73
CA LEU A 273 24.45 2.50 19.56
C LEU A 273 23.73 2.92 18.28
N PHE A 274 22.39 2.89 18.29
CA PHE A 274 21.62 3.33 17.13
C PHE A 274 21.89 4.79 16.84
N SER A 275 21.88 5.63 17.87
CA SER A 275 22.17 7.05 17.67
C SER A 275 23.59 7.25 17.13
N ALA A 276 24.53 6.41 17.56
CA ALA A 276 25.90 6.50 17.05
C ALA A 276 25.94 6.17 15.57
N VAL A 277 25.20 5.14 15.15
CA VAL A 277 25.13 4.83 13.71
C VAL A 277 24.64 6.06 12.95
N GLU A 278 23.54 6.66 13.42
CA GLU A 278 22.99 7.82 12.73
C GLU A 278 24.01 8.96 12.68
N THR A 279 24.65 9.26 13.80
CA THR A 279 25.54 10.42 13.88
C THR A 279 26.79 10.22 13.03
N LEU A 280 27.42 9.04 13.12
CA LEU A 280 28.60 8.79 12.30
C LEU A 280 28.25 8.78 10.82
N SER A 281 27.04 8.36 10.46
CA SER A 281 26.68 8.32 9.06
C SER A 281 26.44 9.71 8.48
N HIS A 282 25.72 10.58 9.20
CA HIS A 282 25.17 11.77 8.56
C HIS A 282 25.73 13.10 9.03
N MET A 283 26.18 13.24 10.27
CA MET A 283 26.46 14.55 10.83
C MET A 283 27.82 15.07 10.38
N ARG A 284 27.89 16.40 10.11
CA ARG A 284 29.12 17.07 9.71
C ARG A 284 30.03 17.27 10.92
N PRO A 285 31.36 17.14 10.74
CA PRO A 285 32.27 17.31 11.88
C PRO A 285 32.18 18.69 12.51
N LEU A 286 32.34 18.73 13.83
CA LEU A 286 32.22 19.96 14.60
C LEU A 286 33.46 20.82 14.47
N ARG A 287 33.27 22.13 14.64
CA ARG A 287 34.37 23.08 14.79
C ARG A 287 34.31 23.83 16.11
N GLY A 288 33.39 23.44 17.00
CA GLY A 288 33.26 24.12 18.28
C GLY A 288 32.21 23.44 19.12
N ASP A 289 31.82 24.10 20.22
CA ASP A 289 30.88 23.51 21.15
C ASP A 289 29.83 24.51 21.66
N ARG A 290 29.35 25.38 20.77
CA ARG A 290 28.29 26.32 21.10
C ARG A 290 27.01 25.92 20.39
N LEU A 291 25.92 25.79 21.15
CA LEU A 291 24.68 25.20 20.67
C LEU A 291 23.54 26.22 20.65
N MET A 292 22.75 26.18 19.59
CA MET A 292 21.61 27.07 19.37
C MET A 292 20.35 26.22 19.15
N ILE A 293 19.23 26.64 19.75
CA ILE A 293 18.01 25.85 19.76
C ILE A 293 16.83 26.72 19.36
N ILE A 294 15.96 26.20 18.49
CA ILE A 294 14.69 26.83 18.15
C ILE A 294 13.59 25.77 18.18
N SER A 295 12.37 26.20 18.48
CA SER A 295 11.26 25.27 18.65
C SER A 295 9.94 26.00 18.42
N ASN A 296 8.89 25.22 18.20
CA ASN A 296 7.52 25.71 18.14
C ASN A 296 6.76 25.28 19.40
N GLY A 297 7.45 25.32 20.53
CA GLY A 297 6.86 24.94 21.80
C GLY A 297 7.92 25.01 22.88
N ALA A 298 7.45 25.24 24.10
CA ALA A 298 8.35 25.50 25.23
C ALA A 298 8.80 24.23 25.94
N ALA A 299 7.88 23.31 26.22
CA ALA A 299 8.21 22.13 27.03
C ALA A 299 9.31 21.27 26.43
N PRO A 300 9.29 20.91 25.15
CA PRO A 300 10.40 20.11 24.61
C PRO A 300 11.74 20.81 24.73
N ALA A 301 11.76 22.14 24.52
CA ALA A 301 13.00 22.89 24.71
C ALA A 301 13.46 22.83 26.16
N ALA A 302 12.52 22.90 27.11
CA ALA A 302 12.89 22.79 28.52
C ALA A 302 13.50 21.42 28.82
N LEU A 303 12.91 20.36 28.27
CA LEU A 303 13.47 19.03 28.46
C LEU A 303 14.87 18.93 27.88
N ALA A 304 15.08 19.53 26.69
CA ALA A 304 16.41 19.55 26.10
C ALA A 304 17.39 20.31 26.99
N LEU A 305 16.95 21.42 27.58
CA LEU A 305 17.83 22.19 28.45
C LEU A 305 18.20 21.40 29.70
N ASP A 306 17.25 20.66 30.27
CA ASP A 306 17.57 19.82 31.43
C ASP A 306 18.60 18.75 31.04
N ALA A 307 18.41 18.10 29.89
CA ALA A 307 19.37 17.10 29.44
C ALA A 307 20.75 17.73 29.24
N LEU A 308 20.81 18.91 28.64
CA LEU A 308 22.09 19.58 28.41
C LEU A 308 22.77 19.93 29.72
N TRP A 309 22.00 20.44 30.69
CA TRP A 309 22.57 20.80 31.98
C TRP A 309 23.14 19.58 32.69
N SER A 310 22.47 18.44 32.58
CA SER A 310 22.98 17.24 33.26
C SER A 310 24.35 16.81 32.73
N ARG A 311 24.73 17.23 31.51
CA ARG A 311 25.98 16.82 30.90
C ARG A 311 27.00 17.95 30.77
N ASN A 312 26.74 19.10 31.40
CA ASN A 312 27.70 20.21 31.42
C ASN A 312 27.97 20.76 30.01
N GLY A 313 26.91 20.96 29.23
CA GLY A 313 27.05 21.60 27.94
C GLY A 313 27.02 23.11 28.04
N LYS A 314 27.19 23.76 26.88
CA LYS A 314 27.28 25.22 26.81
C LYS A 314 26.27 25.75 25.81
N LEU A 315 25.50 26.76 26.24
CA LEU A 315 24.58 27.47 25.36
C LEU A 315 25.29 28.64 24.67
N ALA A 316 24.74 29.05 23.54
CA ALA A 316 25.28 30.16 22.76
C ALA A 316 24.60 31.47 23.14
N THR A 317 25.23 32.58 22.74
CA THR A 317 24.73 33.92 23.00
C THR A 317 24.62 34.69 21.69
N LEU A 318 23.49 35.33 21.46
CA LEU A 318 23.28 36.13 20.26
C LEU A 318 23.87 37.52 20.42
N SER A 319 24.12 38.19 19.29
CA SER A 319 24.66 39.55 19.32
C SER A 319 24.39 40.22 17.98
N GLU A 320 23.46 41.18 17.98
CA GLU A 320 23.17 42.06 16.84
C GLU A 320 22.41 41.32 15.74
N GLU A 321 22.24 40.01 15.87
CA GLU A 321 21.19 39.32 15.15
C GLU A 321 19.85 39.45 15.86
N THR A 322 19.87 39.87 17.12
CA THR A 322 18.62 40.14 17.84
C THR A 322 17.81 41.21 17.14
N CYS A 323 18.47 42.29 16.71
CA CYS A 323 17.75 43.38 16.06
C CYS A 323 17.08 42.90 14.78
N GLN A 324 17.80 42.12 13.97
CA GLN A 324 17.25 41.68 12.69
C GLN A 324 16.05 40.76 12.90
N LYS A 325 16.04 40.00 14.00
CA LYS A 325 14.92 39.12 14.30
C LYS A 325 13.81 39.83 15.07
N LEU A 326 14.10 40.97 15.70
CA LEU A 326 13.16 41.64 16.61
C LEU A 326 12.23 42.54 15.80
N ARG A 327 11.13 41.95 15.34
CA ARG A 327 10.05 42.65 14.63
C ARG A 327 10.45 43.05 13.22
N ASP A 328 11.72 42.86 12.85
CA ASP A 328 12.10 43.01 11.45
C ASP A 328 11.64 41.80 10.65
N ALA A 329 11.53 40.64 11.31
CA ALA A 329 11.05 39.42 10.66
C ALA A 329 9.90 38.75 11.41
N LEU A 330 9.89 38.78 12.73
CA LEU A 330 9.02 37.95 13.54
C LEU A 330 7.94 38.76 14.25
N PRO A 331 6.83 38.13 14.66
CA PRO A 331 5.75 38.87 15.31
C PRO A 331 6.18 39.46 16.66
N GLU A 332 5.31 40.33 17.18
CA GLU A 332 5.63 41.09 18.37
C GLU A 332 5.73 40.22 19.62
N HIS A 333 4.93 39.17 19.73
CA HIS A 333 4.81 38.42 20.98
C HIS A 333 5.89 37.35 21.13
N VAL A 334 6.82 37.23 20.19
CA VAL A 334 7.92 36.29 20.31
C VAL A 334 9.09 37.00 21.01
N ALA A 335 9.66 36.35 22.02
CA ALA A 335 10.80 36.88 22.75
C ALA A 335 12.10 36.41 22.10
N ILE A 336 13.06 37.32 21.99
CA ILE A 336 14.30 37.07 21.27
C ILE A 336 15.36 36.67 22.29
N SER A 337 15.62 35.37 22.38
CA SER A 337 16.69 34.83 23.21
C SER A 337 17.09 33.46 22.65
N ASN A 338 18.18 32.90 23.18
CA ASN A 338 18.80 31.74 22.53
C ASN A 338 17.77 30.63 22.36
N PRO A 339 17.16 30.10 23.42
CA PRO A 339 16.00 29.22 23.17
C PRO A 339 14.88 30.05 22.60
N LEU A 340 14.64 29.91 21.30
CA LEU A 340 13.73 30.78 20.56
C LEU A 340 12.41 30.03 20.38
N ASP A 341 11.41 30.40 21.18
CA ASP A 341 10.10 29.75 21.12
C ASP A 341 9.23 30.51 20.13
N LEU A 342 8.99 29.91 18.97
CA LEU A 342 8.15 30.52 17.95
C LEU A 342 6.66 30.35 18.24
N ARG A 343 6.30 29.64 19.31
CA ARG A 343 4.92 29.48 19.76
C ARG A 343 4.17 28.43 18.95
N ASP A 344 3.01 28.00 19.47
CA ASP A 344 2.30 26.87 18.89
C ASP A 344 1.75 27.18 17.50
N ASP A 345 1.53 28.46 17.20
CA ASP A 345 0.92 28.87 15.94
C ASP A 345 1.94 29.26 14.87
N ALA A 346 3.19 28.83 15.01
CA ALA A 346 4.22 29.17 14.04
C ALA A 346 3.94 28.51 12.69
N SER A 347 4.23 29.24 11.63
CA SER A 347 4.11 28.75 10.26
C SER A 347 5.49 28.43 9.70
N SER A 348 5.49 27.83 8.50
CA SER A 348 6.75 27.45 7.86
C SER A 348 7.58 28.66 7.48
N GLU A 349 6.93 29.76 7.08
CA GLU A 349 7.65 30.95 6.67
C GLU A 349 8.47 31.52 7.82
N HIS A 350 7.92 31.47 9.03
CA HIS A 350 8.67 31.91 10.21
C HIS A 350 9.94 31.08 10.36
N TYR A 351 9.82 29.76 10.22
CA TYR A 351 10.99 28.88 10.26
C TYR A 351 12.02 29.31 9.23
N ILE A 352 11.58 29.57 8.00
CA ILE A 352 12.51 29.87 6.91
C ILE A 352 13.24 31.18 7.19
N LYS A 353 12.50 32.22 7.58
CA LYS A 353 13.13 33.51 7.87
C LYS A 353 14.12 33.39 9.01
N THR A 354 13.74 32.70 10.08
CA THR A 354 14.64 32.51 11.22
C THR A 354 15.90 31.77 10.79
N LEU A 355 15.74 30.72 9.99
CA LEU A 355 16.90 29.93 9.56
C LEU A 355 17.85 30.79 8.73
N ASP A 356 17.32 31.59 7.80
CA ASP A 356 18.19 32.44 6.99
C ASP A 356 18.97 33.42 7.88
N ILE A 357 18.25 34.13 8.75
CA ILE A 357 18.92 35.14 9.58
C ILE A 357 19.98 34.49 10.47
N LEU A 358 19.67 33.33 11.05
CA LEU A 358 20.64 32.67 11.93
C LEU A 358 21.84 32.17 11.15
N LEU A 359 21.62 31.60 9.96
CA LEU A 359 22.75 31.07 9.19
C LEU A 359 23.67 32.18 8.71
N HIS A 360 23.16 33.41 8.57
CA HIS A 360 24.06 34.49 8.16
C HIS A 360 24.92 35.03 9.30
N SER A 361 24.81 34.49 10.50
CA SER A 361 25.61 34.96 11.65
C SER A 361 26.77 34.00 11.92
N GLN A 362 27.54 34.32 12.96
CA GLN A 362 28.72 33.55 13.36
C GLN A 362 28.74 33.34 14.87
N ASP A 363 27.59 33.11 15.47
CA ASP A 363 27.46 33.07 16.93
C ASP A 363 27.41 31.66 17.51
N PHE A 364 27.42 30.62 16.68
CA PHE A 364 27.24 29.27 17.18
C PHE A 364 27.95 28.28 16.25
N ASP A 365 28.07 27.04 16.73
CA ASP A 365 28.71 25.96 15.97
C ASP A 365 27.75 24.86 15.55
N ALA A 366 26.61 24.71 16.21
CA ALA A 366 25.63 23.69 15.86
C ALA A 366 24.22 24.24 16.12
N LEU A 367 23.26 23.76 15.33
CA LEU A 367 21.89 24.28 15.38
C LEU A 367 20.90 23.12 15.51
N MET A 368 20.00 23.21 16.48
CA MET A 368 19.00 22.19 16.77
C MET A 368 17.61 22.73 16.46
N VAL A 369 16.85 22.00 15.63
CA VAL A 369 15.53 22.41 15.17
C VAL A 369 14.51 21.39 15.65
N ILE A 370 13.50 21.86 16.38
CA ILE A 370 12.45 21.02 16.95
C ILE A 370 11.11 21.36 16.28
N HIS A 371 10.29 20.34 16.06
CA HIS A 371 8.95 20.53 15.48
C HIS A 371 7.97 19.55 16.10
N SER A 372 6.86 20.08 16.62
CA SER A 372 5.77 19.27 17.16
C SER A 372 4.54 19.36 16.26
N PRO A 373 3.63 18.37 16.30
CA PRO A 373 2.48 18.39 15.39
C PRO A 373 1.65 19.66 15.58
N SER A 374 1.18 20.20 14.47
CA SER A 374 0.42 21.45 14.50
C SER A 374 -0.35 21.60 13.20
N ALA A 375 -1.46 22.35 13.28
CA ALA A 375 -2.26 22.63 12.10
C ALA A 375 -1.64 23.71 11.22
N ALA A 376 -0.94 24.67 11.81
CA ALA A 376 -0.38 25.78 11.05
C ALA A 376 0.90 25.42 10.32
N ALA A 377 1.53 24.28 10.65
CA ALA A 377 2.78 23.88 10.02
C ALA A 377 2.81 22.37 9.88
N PRO A 378 2.27 21.84 8.78
CA PRO A 378 2.31 20.39 8.57
C PRO A 378 3.74 19.89 8.41
N ALA A 379 3.96 18.63 8.82
CA ALA A 379 5.31 18.11 8.92
C ALA A 379 6.01 18.06 7.57
N THR A 380 5.38 17.44 6.57
CA THR A 380 6.07 17.19 5.31
C THR A 380 6.49 18.50 4.64
N GLU A 381 5.58 19.47 4.58
CA GLU A 381 5.89 20.76 3.94
C GLU A 381 7.02 21.48 4.68
N SER A 382 6.97 21.50 6.00
CA SER A 382 8.01 22.16 6.78
C SER A 382 9.37 21.50 6.55
N ALA A 383 9.40 20.18 6.51
CA ALA A 383 10.66 19.48 6.25
C ALA A 383 11.19 19.82 4.85
N GLN A 384 10.29 19.86 3.86
CA GLN A 384 10.73 20.19 2.50
C GLN A 384 11.33 21.58 2.42
N VAL A 385 10.66 22.56 3.06
CA VAL A 385 11.15 23.93 3.00
C VAL A 385 12.48 24.06 3.73
N LEU A 386 12.62 23.36 4.87
CA LEU A 386 13.91 23.36 5.56
C LEU A 386 15.02 22.80 4.67
N ILE A 387 14.73 21.69 3.99
CA ILE A 387 15.76 21.05 3.17
C ILE A 387 16.19 22.00 2.06
N GLU A 388 15.23 22.62 1.37
CA GLU A 388 15.58 23.53 0.29
C GLU A 388 16.38 24.73 0.81
N ALA A 389 15.92 25.32 1.92
CA ALA A 389 16.61 26.48 2.47
C ALA A 389 18.04 26.16 2.86
N VAL A 390 18.26 24.99 3.48
CA VAL A 390 19.62 24.60 3.83
C VAL A 390 20.44 24.35 2.57
N LYS A 391 19.82 23.80 1.53
CA LYS A 391 20.55 23.52 0.30
C LYS A 391 21.07 24.81 -0.34
N HIS A 392 20.25 25.85 -0.38
CA HIS A 392 20.61 27.04 -1.15
C HIS A 392 21.44 28.07 -0.38
N HIS A 393 21.68 27.87 0.92
CA HIS A 393 22.39 28.91 1.67
C HIS A 393 23.89 28.86 1.40
N PRO A 394 24.56 30.01 1.24
CA PRO A 394 25.99 29.99 0.95
C PRO A 394 26.88 29.63 2.13
N ARG A 395 26.42 29.76 3.37
CA ARG A 395 27.24 29.52 4.55
C ARG A 395 26.81 28.28 5.33
N SER A 396 26.09 27.36 4.70
CA SER A 396 25.60 26.18 5.40
C SER A 396 26.71 25.20 5.76
N LYS A 397 27.83 25.22 5.04
CA LYS A 397 28.89 24.24 5.25
C LYS A 397 29.78 24.58 6.44
N TYR A 398 29.54 25.68 7.14
CA TYR A 398 30.33 26.08 8.28
C TYR A 398 29.73 25.67 9.62
N VAL A 399 28.55 25.05 9.63
CA VAL A 399 27.89 24.66 10.86
C VAL A 399 27.26 23.27 10.71
N SER A 400 27.03 22.62 11.84
CA SER A 400 26.41 21.30 11.89
C SER A 400 24.92 21.44 12.21
N LEU A 401 24.09 20.67 11.50
CA LEU A 401 22.64 20.72 11.63
C LEU A 401 22.12 19.44 12.29
N LEU A 402 21.14 19.59 13.18
CA LEU A 402 20.49 18.48 13.84
C LEU A 402 18.99 18.74 13.89
N THR A 403 18.19 17.70 13.60
CA THR A 403 16.74 17.79 13.55
C THR A 403 16.10 16.79 14.51
N ASN A 404 14.97 17.20 15.10
CA ASN A 404 14.19 16.34 16.00
C ASN A 404 12.71 16.64 15.77
N TRP A 405 12.03 15.76 15.04
CA TRP A 405 10.62 15.96 14.67
C TRP A 405 9.77 14.96 15.43
N CYS A 406 9.08 15.45 16.46
CA CYS A 406 8.30 14.59 17.34
C CYS A 406 6.96 14.24 16.71
N GLY A 407 6.46 13.06 17.07
CA GLY A 407 5.23 12.53 16.52
C GLY A 407 5.49 11.34 15.62
N GLU A 408 5.30 10.13 16.17
CA GLU A 408 5.75 8.92 15.47
C GLU A 408 4.95 8.69 14.20
N HIS A 409 3.62 8.86 14.25
CA HIS A 409 2.78 8.49 13.12
C HIS A 409 2.92 9.47 11.97
N SER A 410 2.94 10.77 12.26
CA SER A 410 2.84 11.81 11.24
C SER A 410 4.18 12.30 10.69
N SER A 411 5.30 11.77 11.17
CA SER A 411 6.63 12.26 10.76
C SER A 411 7.40 11.24 9.93
N GLN A 412 6.76 10.18 9.47
CA GLN A 412 7.48 9.13 8.75
C GLN A 412 8.06 9.64 7.44
N GLU A 413 7.22 10.31 6.64
CA GLU A 413 7.68 10.84 5.36
C GLU A 413 8.74 11.91 5.56
N ALA A 414 8.58 12.75 6.59
CA ALA A 414 9.58 13.78 6.86
C ALA A 414 10.94 13.16 7.19
N ARG A 415 10.94 12.10 8.02
CA ARG A 415 12.20 11.44 8.32
C ARG A 415 12.80 10.79 7.08
N ARG A 416 11.96 10.19 6.23
CA ARG A 416 12.46 9.61 5.00
C ARG A 416 13.14 10.68 4.13
N LEU A 417 12.49 11.85 4.02
CA LEU A 417 13.06 12.93 3.22
C LEU A 417 14.37 13.42 3.83
N PHE A 418 14.43 13.54 5.15
CA PHE A 418 15.69 13.95 5.79
C PHE A 418 16.80 12.95 5.48
N SER A 419 16.50 11.65 5.47
CA SER A 419 17.53 10.66 5.18
C SER A 419 18.09 10.84 3.77
N GLU A 420 17.23 11.13 2.79
CA GLU A 420 17.70 11.25 1.41
C GLU A 420 18.68 12.41 1.26
N ALA A 421 18.46 13.50 1.99
CA ALA A 421 19.28 14.70 1.86
C ALA A 421 20.56 14.66 2.69
N GLY A 422 20.74 13.65 3.53
CA GLY A 422 21.95 13.55 4.32
C GLY A 422 21.94 14.34 5.61
N LEU A 423 20.76 14.76 6.11
CA LEU A 423 20.67 15.49 7.37
C LEU A 423 20.32 14.54 8.51
N PRO A 424 20.97 14.62 9.66
CA PRO A 424 20.65 13.69 10.75
C PRO A 424 19.33 14.06 11.43
N THR A 425 18.68 13.04 11.99
CA THR A 425 17.37 13.21 12.61
C THR A 425 17.21 12.20 13.74
N TYR A 426 16.52 12.62 14.81
CA TYR A 426 16.42 11.81 16.03
C TYR A 426 14.99 11.84 16.54
N ARG A 427 14.69 10.92 17.45
CA ARG A 427 13.32 10.68 17.88
C ARG A 427 12.88 11.61 19.01
N THR A 428 13.74 11.83 20.00
CA THR A 428 13.41 12.64 21.16
C THR A 428 14.50 13.68 21.41
N PRO A 429 14.16 14.78 22.09
CA PRO A 429 15.18 15.84 22.30
C PRO A 429 16.37 15.39 23.13
N GLU A 430 16.13 14.60 24.20
CA GLU A 430 17.23 14.16 25.04
C GLU A 430 18.23 13.33 24.24
N GLY A 431 17.75 12.47 23.35
CA GLY A 431 18.65 11.70 22.51
C GLY A 431 19.49 12.59 21.61
N THR A 432 18.89 13.65 21.07
CA THR A 432 19.64 14.62 20.26
C THR A 432 20.77 15.25 21.07
N ILE A 433 20.46 15.67 22.30
CA ILE A 433 21.48 16.27 23.16
C ILE A 433 22.60 15.26 23.43
N THR A 434 22.23 14.01 23.71
CA THR A 434 23.24 12.98 23.98
C THR A 434 24.15 12.77 22.78
N ALA A 435 23.56 12.71 21.58
CA ALA A 435 24.35 12.51 20.37
C ALA A 435 25.35 13.64 20.19
N PHE A 436 24.90 14.88 20.39
CA PHE A 436 25.80 16.04 20.22
C PHE A 436 26.93 16.00 21.25
N MET A 437 26.60 15.70 22.51
CA MET A 437 27.62 15.73 23.56
C MET A 437 28.63 14.60 23.38
N HIS A 438 28.25 13.49 22.75
CA HIS A 438 29.22 12.44 22.47
C HIS A 438 30.40 12.98 21.67
N MET A 439 30.11 13.65 20.55
CA MET A 439 31.19 14.19 19.72
C MET A 439 31.95 15.29 20.46
N VAL A 440 31.24 16.13 21.21
CA VAL A 440 31.94 17.15 21.99
C VAL A 440 32.99 16.50 22.89
N GLU A 441 32.59 15.46 23.62
CA GLU A 441 33.51 14.79 24.53
C GLU A 441 34.67 14.12 23.79
N TYR A 442 34.38 13.52 22.63
CA TYR A 442 35.44 12.86 21.87
C TYR A 442 36.54 13.86 21.50
N ARG A 443 36.14 15.00 20.93
CA ARG A 443 37.13 16.01 20.55
C ARG A 443 37.89 16.51 21.78
N ARG A 444 37.17 16.75 22.88
CA ARG A 444 37.83 17.21 24.10
C ARG A 444 38.89 16.22 24.56
N ASN A 445 38.57 14.93 24.54
CA ASN A 445 39.53 13.93 25.01
C ASN A 445 40.78 13.93 24.15
N GLN A 446 40.62 13.98 22.82
CA GLN A 446 41.81 13.98 21.98
C GLN A 446 42.68 15.20 22.24
N LYS A 447 42.05 16.39 22.29
CA LYS A 447 42.83 17.60 22.53
C LYS A 447 43.54 17.54 23.88
N GLN A 448 42.88 16.99 24.90
CA GLN A 448 43.52 16.84 26.20
C GLN A 448 44.72 15.91 26.12
N LEU A 449 44.60 14.81 25.38
CA LEU A 449 45.72 13.89 25.25
C LEU A 449 46.91 14.57 24.58
N ARG A 450 46.69 15.53 23.69
CA ARG A 450 47.79 16.09 22.93
C ARG A 450 48.44 17.34 23.56
N GLU A 451 48.25 17.57 24.85
CA GLU A 451 48.87 18.73 25.48
C GLU A 451 50.38 18.53 25.70
N THR A 452 51.09 19.65 25.87
CA THR A 452 52.54 19.61 26.04
C THR A 452 52.91 19.51 27.51
N PRO A 453 53.65 18.48 27.93
CA PRO A 453 53.98 18.34 29.36
C PRO A 453 55.12 19.26 29.79
N ALA A 454 55.24 19.42 31.10
CA ALA A 454 56.32 20.19 31.71
C ALA A 454 57.44 19.25 32.16
N LEU A 455 58.55 19.85 32.60
CA LEU A 455 59.71 19.07 32.99
C LEU A 455 59.48 18.41 34.35
N PRO A 456 60.01 17.21 34.59
CA PRO A 456 59.77 16.54 35.88
C PRO A 456 60.46 17.20 37.07
N SER A 457 61.44 18.08 36.83
CA SER A 457 62.24 18.73 37.86
C SER A 457 63.37 17.84 38.38
N ASN A 458 63.65 16.72 37.71
CA ASN A 458 64.85 15.91 37.98
C ASN A 458 64.86 15.39 39.42
N LEU A 459 63.88 14.54 39.71
CA LEU A 459 63.86 13.83 40.99
C LEU A 459 64.78 12.62 40.96
N THR A 460 65.06 12.09 42.14
CA THR A 460 65.95 10.95 42.29
C THR A 460 65.24 9.64 41.98
N SER A 461 66.00 8.67 41.47
CA SER A 461 65.52 7.30 41.26
C SER A 461 66.73 6.38 41.43
N ASN A 462 66.93 5.88 42.65
CA ASN A 462 68.07 5.01 42.96
C ASN A 462 67.59 3.58 42.86
N THR A 463 67.72 3.02 41.65
CA THR A 463 67.16 1.70 41.36
C THR A 463 67.95 0.58 42.04
N ALA A 464 69.27 0.70 42.10
CA ALA A 464 70.10 -0.42 42.56
C ALA A 464 69.78 -0.79 43.99
N GLU A 465 69.68 0.20 44.88
CA GLU A 465 69.39 -0.13 46.28
C GLU A 465 67.99 -0.68 46.46
N ALA A 466 67.03 -0.21 45.64
CA ALA A 466 65.69 -0.78 45.71
C ALA A 466 65.70 -2.25 45.35
N HIS A 467 66.39 -2.62 44.26
CA HIS A 467 66.50 -4.03 43.92
C HIS A 467 67.24 -4.80 45.01
N LEU A 468 68.29 -4.21 45.59
CA LEU A 468 69.03 -4.90 46.63
C LEU A 468 68.13 -5.22 47.82
N LEU A 469 67.35 -4.23 48.27
CA LEU A 469 66.45 -4.46 49.40
C LEU A 469 65.38 -5.49 49.07
N LEU A 470 64.81 -5.40 47.87
CA LEU A 470 63.76 -6.36 47.50
C LEU A 470 64.31 -7.78 47.43
N GLN A 471 65.49 -7.96 46.84
CA GLN A 471 66.10 -9.28 46.78
C GLN A 471 66.46 -9.80 48.16
N GLN A 472 66.96 -8.91 49.03
CA GLN A 472 67.26 -9.33 50.40
C GLN A 472 66.00 -9.80 51.10
N ALA A 473 64.89 -9.08 50.93
CA ALA A 473 63.63 -9.49 51.54
C ALA A 473 63.17 -10.83 51.00
N ILE A 474 63.29 -11.03 49.68
CA ILE A 474 62.85 -12.29 49.07
C ILE A 474 63.73 -13.45 49.54
N ALA A 475 65.01 -13.18 49.83
CA ALA A 475 65.92 -14.26 50.20
C ALA A 475 65.46 -14.96 51.48
N GLU A 476 64.83 -14.22 52.39
CA GLU A 476 64.37 -14.79 53.65
C GLU A 476 63.01 -15.45 53.54
N GLY A 477 62.42 -15.53 52.35
CA GLY A 477 61.12 -16.11 52.18
C GLY A 477 59.96 -15.17 52.43
N ALA A 478 60.22 -13.87 52.56
CA ALA A 478 59.16 -12.91 52.82
C ALA A 478 58.21 -12.83 51.63
N THR A 479 56.91 -12.76 51.92
CA THR A 479 55.89 -12.60 50.91
C THR A 479 55.16 -11.27 51.01
N SER A 480 55.41 -10.50 52.07
CA SER A 480 54.79 -9.20 52.24
C SER A 480 55.66 -8.35 53.15
N LEU A 481 55.46 -7.04 53.08
CA LEU A 481 56.22 -6.10 53.88
C LEU A 481 55.30 -5.01 54.41
N ASP A 482 55.68 -4.44 55.55
CA ASP A 482 54.90 -3.42 56.22
C ASP A 482 55.64 -2.07 56.18
N THR A 483 55.04 -1.07 56.84
CA THR A 483 55.55 0.30 56.75
C THR A 483 57.02 0.37 57.11
N HIS A 484 57.40 -0.24 58.24
CA HIS A 484 58.77 -0.12 58.73
C HIS A 484 59.78 -0.62 57.70
N GLU A 485 59.49 -1.76 57.08
CA GLU A 485 60.42 -2.35 56.13
C GLU A 485 60.38 -1.64 54.78
N VAL A 486 59.23 -1.06 54.40
CA VAL A 486 59.12 -0.43 53.08
C VAL A 486 59.53 1.03 53.08
N GLN A 487 59.74 1.64 54.24
CA GLN A 487 60.13 3.05 54.27
C GLN A 487 61.37 3.33 53.41
N PRO A 488 62.46 2.57 53.53
CA PRO A 488 63.65 2.89 52.69
C PRO A 488 63.38 2.77 51.21
N ILE A 489 62.59 1.80 50.78
CA ILE A 489 62.30 1.64 49.35
C ILE A 489 61.56 2.85 48.81
N LEU A 490 60.55 3.31 49.55
CA LEU A 490 59.84 4.52 49.15
C LEU A 490 60.77 5.73 49.14
N GLN A 491 61.64 5.84 50.16
CA GLN A 491 62.55 6.98 50.22
C GLN A 491 63.50 6.99 49.03
N ALA A 492 63.91 5.81 48.55
CA ALA A 492 64.84 5.75 47.43
C ALA A 492 64.28 6.41 46.18
N TYR A 493 62.96 6.56 46.08
CA TYR A 493 62.32 7.22 44.94
C TYR A 493 61.74 8.58 45.30
N GLY A 494 62.10 9.14 46.45
CA GLY A 494 61.73 10.50 46.78
C GLY A 494 60.39 10.66 47.49
N MET A 495 59.91 9.65 48.20
CA MET A 495 58.63 9.70 48.88
C MET A 495 58.83 9.51 50.39
N ASN A 496 58.12 10.33 51.17
CA ASN A 496 58.24 10.33 52.62
C ASN A 496 57.13 9.49 53.26
N THR A 497 57.44 8.95 54.44
CA THR A 497 56.48 8.18 55.22
C THR A 497 56.67 8.50 56.69
N LEU A 498 55.60 8.30 57.47
CA LEU A 498 55.65 8.64 58.88
C LEU A 498 56.61 7.71 59.63
N PRO A 499 57.40 8.23 60.56
CA PRO A 499 58.30 7.35 61.32
C PRO A 499 57.53 6.39 62.22
N THR A 500 58.14 5.23 62.47
CA THR A 500 57.56 4.22 63.33
C THR A 500 58.66 3.59 64.17
N TRP A 501 58.24 2.94 65.26
CA TRP A 501 59.16 2.26 66.17
C TRP A 501 58.58 0.90 66.53
N ILE A 502 59.47 -0.02 66.87
CA ILE A 502 59.11 -1.41 67.16
C ILE A 502 59.15 -1.64 68.66
N ALA A 503 58.07 -2.20 69.21
CA ALA A 503 57.98 -2.52 70.62
C ALA A 503 57.66 -4.00 70.78
N SER A 504 58.38 -4.67 71.68
CA SER A 504 58.23 -6.11 71.89
C SER A 504 57.20 -6.44 72.96
N ASP A 505 57.07 -5.61 73.99
CA ASP A 505 56.14 -5.84 75.09
C ASP A 505 55.40 -4.54 75.40
N SER A 506 54.55 -4.60 76.43
CA SER A 506 53.77 -3.43 76.80
C SER A 506 54.65 -2.36 77.45
N THR A 507 55.65 -2.77 78.21
CA THR A 507 56.51 -1.80 78.90
C THR A 507 57.29 -0.95 77.90
N GLU A 508 57.93 -1.58 76.93
CA GLU A 508 58.64 -0.83 75.91
C GLU A 508 57.69 0.05 75.11
N ALA A 509 56.50 -0.47 74.81
CA ALA A 509 55.53 0.30 74.05
C ALA A 509 55.14 1.57 74.79
N VAL A 510 54.84 1.45 76.09
CA VAL A 510 54.41 2.62 76.85
C VAL A 510 55.57 3.59 77.02
N HIS A 511 56.79 3.07 77.22
CA HIS A 511 57.94 3.96 77.32
C HIS A 511 58.11 4.78 76.05
N ILE A 512 58.04 4.11 74.90
CA ILE A 512 58.16 4.83 73.62
C ILE A 512 57.03 5.84 73.47
N ALA A 513 55.80 5.44 73.81
CA ALA A 513 54.66 6.33 73.66
C ALA A 513 54.84 7.58 74.50
N GLU A 514 55.30 7.43 75.74
CA GLU A 514 55.59 8.60 76.57
C GLU A 514 56.71 9.44 75.95
N GLN A 515 57.72 8.79 75.37
CA GLN A 515 58.81 9.52 74.76
C GLN A 515 58.33 10.41 73.61
N ILE A 516 57.48 9.86 72.74
CA ILE A 516 57.05 10.62 71.57
C ILE A 516 55.82 11.47 71.90
N GLY A 517 54.86 10.90 72.62
CA GLY A 517 53.65 11.63 72.97
C GLY A 517 52.50 10.71 73.31
N TYR A 518 51.55 11.22 74.10
CA TYR A 518 50.41 10.39 74.50
C TYR A 518 49.58 9.92 73.32
N PRO A 519 49.14 10.78 72.39
CA PRO A 519 48.30 10.29 71.29
C PRO A 519 49.11 9.45 70.31
N VAL A 520 48.87 8.14 70.33
CA VAL A 520 49.64 7.18 69.54
C VAL A 520 48.70 6.12 68.99
N ALA A 521 49.24 5.28 68.11
CA ALA A 521 48.52 4.17 67.50
C ALA A 521 49.39 2.91 67.58
N LEU A 522 48.74 1.76 67.72
CA LEU A 522 49.42 0.49 67.90
C LEU A 522 48.92 -0.53 66.90
N LYS A 523 49.82 -1.39 66.44
CA LYS A 523 49.51 -2.36 65.41
C LYS A 523 50.31 -3.63 65.68
N LEU A 524 49.73 -4.79 65.35
CA LEU A 524 50.39 -6.07 65.58
C LEU A 524 51.22 -6.47 64.38
N ARG A 525 52.43 -6.97 64.65
CA ARG A 525 53.33 -7.46 63.60
C ARG A 525 53.25 -8.98 63.56
N SER A 526 52.54 -9.51 62.58
CA SER A 526 52.43 -10.96 62.41
C SER A 526 52.13 -11.30 60.94
N PRO A 527 53.10 -11.80 60.17
CA PRO A 527 52.78 -12.22 58.81
C PRO A 527 51.90 -13.46 58.74
N ASP A 528 51.81 -14.22 59.84
CA ASP A 528 51.02 -15.45 59.82
C ASP A 528 49.53 -15.16 59.64
N ILE A 529 49.02 -14.15 60.33
CA ILE A 529 47.57 -13.90 60.29
C ILE A 529 47.17 -13.50 58.87
N PRO A 530 46.24 -14.20 58.23
CA PRO A 530 45.88 -13.83 56.84
C PRO A 530 45.30 -12.43 56.71
N HIS A 531 44.54 -11.97 57.69
CA HIS A 531 43.72 -10.76 57.54
C HIS A 531 43.99 -9.81 58.69
N LYS A 532 43.45 -8.61 58.54
CA LYS A 532 43.35 -7.64 59.63
C LYS A 532 42.08 -7.84 60.45
N SER A 533 41.48 -9.03 60.40
CA SER A 533 40.15 -9.23 60.99
C SER A 533 40.12 -8.90 62.47
N GLU A 534 41.04 -9.47 63.25
CA GLU A 534 41.07 -9.20 64.69
C GLU A 534 41.50 -7.77 64.96
N VAL A 535 42.04 -7.08 63.95
CA VAL A 535 42.63 -5.77 64.16
C VAL A 535 41.52 -4.72 64.22
N GLN A 536 41.36 -4.10 65.40
CA GLN A 536 40.44 -3.00 65.58
C GLN A 536 41.08 -1.78 66.22
N GLY A 537 42.24 -1.94 66.87
CA GLY A 537 42.84 -0.87 67.63
C GLY A 537 43.91 -0.09 66.91
N VAL A 538 43.91 -0.15 65.58
CA VAL A 538 44.93 0.55 64.81
C VAL A 538 44.88 2.04 65.09
N MET A 539 43.69 2.61 65.09
CA MET A 539 43.52 4.07 65.13
C MET A 539 42.60 4.39 66.30
N LEU A 540 43.17 4.55 67.50
CA LEU A 540 42.40 4.78 68.71
C LEU A 540 42.70 6.08 69.43
N TYR A 541 43.73 6.82 69.03
CA TYR A 541 44.06 8.09 69.68
C TYR A 541 44.27 7.88 71.18
N LEU A 542 45.03 6.84 71.53
CA LEU A 542 45.24 6.53 72.93
C LEU A 542 45.86 7.73 73.64
N ARG A 543 45.25 8.12 74.77
CA ARG A 543 45.65 9.32 75.49
C ARG A 543 46.34 8.99 76.81
N THR A 544 45.89 7.96 77.51
CA THR A 544 46.51 7.56 78.77
C THR A 544 47.38 6.32 78.55
N ALA A 545 48.36 6.15 79.44
CA ALA A 545 49.20 4.95 79.39
C ALA A 545 48.43 3.72 79.82
N ASN A 546 47.50 3.86 80.76
CA ASN A 546 46.73 2.71 81.23
C ASN A 546 45.90 2.10 80.10
N GLU A 547 45.25 2.95 79.29
CA GLU A 547 44.46 2.42 78.18
C GLU A 547 45.36 1.81 77.11
N VAL A 548 46.58 2.33 76.96
CA VAL A 548 47.55 1.70 76.07
C VAL A 548 47.86 0.29 76.55
N GLN A 549 48.07 0.13 77.86
CA GLN A 549 48.29 -1.20 78.42
C GLN A 549 47.08 -2.10 78.20
N GLN A 550 45.88 -1.56 78.39
CA GLN A 550 44.67 -2.34 78.15
C GLN A 550 44.63 -2.85 76.72
N ALA A 551 44.92 -1.97 75.76
CA ALA A 551 44.90 -2.37 74.36
C ALA A 551 45.99 -3.40 74.06
N ALA A 552 47.16 -3.24 74.65
CA ALA A 552 48.25 -4.20 74.42
C ALA A 552 47.85 -5.57 74.94
N ASN A 553 47.32 -5.64 76.16
CA ASN A 553 46.87 -6.93 76.70
C ASN A 553 45.71 -7.47 75.87
N ALA A 554 44.86 -6.59 75.36
CA ALA A 554 43.75 -7.03 74.52
C ALA A 554 44.26 -7.75 73.29
N ILE A 555 45.18 -7.12 72.55
CA ILE A 555 45.71 -7.75 71.34
C ILE A 555 46.44 -9.04 71.71
N PHE A 556 47.25 -9.01 72.78
CA PHE A 556 47.99 -10.21 73.17
C PHE A 556 47.06 -11.37 73.43
N ASP A 557 46.02 -11.16 74.26
CA ASP A 557 45.07 -12.24 74.53
C ASP A 557 44.36 -12.67 73.27
N ARG A 558 43.76 -11.72 72.55
CA ARG A 558 42.97 -12.05 71.37
C ARG A 558 43.78 -12.87 70.38
N VAL A 559 45.10 -12.68 70.34
CA VAL A 559 45.91 -13.46 69.40
C VAL A 559 46.28 -14.81 70.00
N LYS A 560 46.72 -14.84 71.26
CA LYS A 560 47.26 -16.10 71.78
C LYS A 560 46.17 -17.11 72.06
N MET A 561 45.05 -16.69 72.66
CA MET A 561 44.01 -17.66 72.99
C MET A 561 43.26 -18.15 71.76
N ALA A 562 43.35 -17.42 70.64
CA ALA A 562 42.68 -17.84 69.41
C ALA A 562 43.66 -18.48 68.45
N TRP A 563 44.91 -18.05 68.46
CA TRP A 563 45.92 -18.50 67.49
C TRP A 563 47.17 -18.99 68.23
N PRO A 564 47.09 -20.18 68.85
CA PRO A 564 48.31 -20.74 69.47
C PRO A 564 49.43 -20.96 68.47
N GLN A 565 49.10 -21.29 67.21
CA GLN A 565 50.14 -21.53 66.22
C GLN A 565 50.80 -20.23 65.79
N ALA A 566 50.01 -19.18 65.56
CA ALA A 566 50.55 -17.92 65.07
C ALA A 566 51.53 -17.32 66.07
N ARG A 567 52.54 -16.64 65.56
CA ARG A 567 53.59 -16.03 66.36
C ARG A 567 53.62 -14.53 66.13
N VAL A 568 53.89 -13.78 67.19
CA VAL A 568 54.03 -12.33 67.14
C VAL A 568 55.47 -11.99 67.51
N HIS A 569 56.11 -11.17 66.68
CA HIS A 569 57.51 -10.80 66.89
C HIS A 569 57.70 -9.33 67.22
N GLY A 570 56.64 -8.62 67.58
CA GLY A 570 56.78 -7.25 68.01
C GLY A 570 55.50 -6.47 67.79
N LEU A 571 55.59 -5.17 68.06
CA LEU A 571 54.49 -4.23 67.90
C LEU A 571 55.03 -2.96 67.28
N LEU A 572 54.13 -2.21 66.64
CA LEU A 572 54.49 -0.96 65.97
C LEU A 572 53.70 0.18 66.57
N VAL A 573 54.41 1.27 66.91
CA VAL A 573 53.82 2.42 67.58
C VAL A 573 54.11 3.67 66.76
N GLN A 574 53.07 4.47 66.53
CA GLN A 574 53.18 5.73 65.81
C GLN A 574 52.56 6.84 66.65
N SER A 575 52.93 8.08 66.35
CA SER A 575 52.46 9.26 67.09
C SER A 575 51.55 10.07 66.18
N MET A 576 50.27 10.17 66.55
CA MET A 576 49.32 11.00 65.81
C MET A 576 49.10 12.32 66.54
N ALA A 577 50.16 13.12 66.62
CA ALA A 577 50.07 14.40 67.30
C ALA A 577 49.26 15.41 66.48
N ASN A 578 49.52 15.48 65.18
CA ASN A 578 48.89 16.46 64.30
C ASN A 578 48.38 15.81 63.02
N ARG A 579 47.80 14.61 63.15
CA ARG A 579 47.29 13.89 61.98
C ARG A 579 45.96 14.44 61.48
N ALA A 580 45.20 15.12 62.34
CA ALA A 580 43.87 15.59 61.98
C ALA A 580 43.94 16.94 61.27
N GLY A 581 42.87 17.27 60.57
CA GLY A 581 42.79 18.52 59.84
C GLY A 581 43.36 18.48 58.44
N ALA A 582 43.54 17.29 57.85
CA ALA A 582 44.10 17.16 56.51
C ALA A 582 43.29 16.14 55.72
N GLN A 583 43.29 16.32 54.40
CA GLN A 583 42.59 15.41 53.51
C GLN A 583 43.34 14.09 53.42
N GLU A 584 42.58 12.99 53.34
CA GLU A 584 43.13 11.64 53.25
C GLU A 584 42.67 10.99 51.96
N LEU A 585 43.61 10.38 51.25
CA LEU A 585 43.35 9.75 49.96
C LEU A 585 43.90 8.32 49.97
N ARG A 586 43.54 7.56 48.94
CA ARG A 586 43.99 6.18 48.79
C ARG A 586 44.55 5.97 47.39
N VAL A 587 45.65 5.22 47.31
CA VAL A 587 46.30 4.88 46.06
C VAL A 587 46.59 3.38 46.05
N VAL A 588 46.19 2.70 44.98
CA VAL A 588 46.36 1.26 44.86
C VAL A 588 46.89 0.93 43.46
N VAL A 589 47.77 -0.06 43.39
CA VAL A 589 48.30 -0.57 42.14
C VAL A 589 48.06 -2.08 42.11
N GLU A 590 47.43 -2.56 41.03
CA GLU A 590 47.07 -3.96 40.90
C GLU A 590 47.42 -4.46 39.51
N HIS A 591 47.53 -5.78 39.38
CA HIS A 591 47.90 -6.44 38.13
C HIS A 591 46.65 -7.02 37.49
N ASP A 592 46.45 -6.70 36.20
CA ASP A 592 45.32 -7.21 35.44
C ASP A 592 45.78 -8.30 34.48
N PRO A 593 45.09 -9.44 34.40
CA PRO A 593 45.55 -10.50 33.48
C PRO A 593 45.61 -10.07 32.03
N VAL A 594 44.80 -9.09 31.63
CA VAL A 594 44.74 -8.67 30.23
C VAL A 594 45.66 -7.49 29.99
N PHE A 595 45.43 -6.39 30.70
CA PHE A 595 46.08 -5.12 30.40
C PHE A 595 47.30 -4.84 31.27
N GLY A 596 47.66 -5.74 32.17
CA GLY A 596 48.81 -5.54 33.02
C GLY A 596 48.51 -4.64 34.21
N PRO A 597 49.54 -4.04 34.79
CA PRO A 597 49.34 -3.23 36.01
C PRO A 597 48.48 -2.00 35.75
N LEU A 598 47.75 -1.60 36.80
CA LEU A 598 46.87 -0.44 36.74
C LEU A 598 47.06 0.41 37.99
N ILE A 599 46.75 1.70 37.87
CA ILE A 599 46.87 2.66 38.97
C ILE A 599 45.49 3.25 39.24
N MET A 600 45.07 3.21 40.51
CA MET A 600 43.76 3.67 40.92
C MET A 600 43.89 4.72 42.02
N LEU A 601 43.02 5.74 41.96
CA LEU A 601 43.03 6.85 42.90
C LEU A 601 41.62 7.06 43.45
N GLY A 602 41.52 7.27 44.75
CA GLY A 602 40.23 7.44 45.38
C GLY A 602 40.34 8.08 46.75
N GLU A 603 39.20 8.16 47.42
CA GLU A 603 39.14 8.76 48.76
C GLU A 603 39.41 7.71 49.82
N GLY A 604 40.01 8.14 50.92
CA GLY A 604 40.38 7.25 52.00
C GLY A 604 39.23 6.91 52.92
N GLY A 605 38.73 5.68 52.84
CA GLY A 605 37.66 5.23 53.70
C GLY A 605 37.78 3.74 53.95
N VAL A 606 37.01 3.27 54.94
CA VAL A 606 37.06 1.86 55.29
C VAL A 606 36.58 1.00 54.14
N GLU A 607 35.52 1.43 53.46
CA GLU A 607 34.97 0.68 52.33
C GLU A 607 35.65 1.10 51.04
N TRP A 608 36.10 0.12 50.27
CA TRP A 608 36.84 0.36 49.03
C TRP A 608 36.23 -0.50 47.93
N ARG A 609 35.55 0.15 46.98
CA ARG A 609 34.90 -0.51 45.86
C ARG A 609 35.31 0.21 44.58
N PRO A 610 36.40 -0.22 43.93
CA PRO A 610 36.95 0.58 42.82
C PRO A 610 35.97 0.80 41.68
N GLU A 611 35.04 -0.13 41.45
CA GLU A 611 34.15 0.00 40.30
C GLU A 611 33.25 1.22 40.40
N ASP A 612 33.11 1.82 41.57
CA ASP A 612 32.19 2.93 41.78
C ASP A 612 32.84 4.22 42.27
N GLN A 613 33.98 4.13 42.96
CA GLN A 613 34.57 5.28 43.63
C GLN A 613 36.07 5.36 43.36
N ALA A 614 36.47 5.26 42.10
CA ALA A 614 37.88 5.36 41.75
C ALA A 614 38.02 5.73 40.27
N VAL A 615 39.06 6.50 39.98
CA VAL A 615 39.48 6.80 38.61
C VAL A 615 40.78 6.07 38.34
N VAL A 616 41.01 5.74 37.06
CA VAL A 616 42.06 4.81 36.68
C VAL A 616 42.86 5.36 35.51
N ALA A 617 44.08 4.83 35.36
CA ALA A 617 44.97 5.21 34.26
C ALA A 617 46.02 4.12 34.10
N LEU A 618 46.63 4.08 32.91
CA LEU A 618 47.67 3.10 32.60
C LEU A 618 49.05 3.72 32.70
N PRO A 619 50.05 3.01 33.23
CA PRO A 619 51.43 3.53 33.19
C PRO A 619 52.04 3.34 31.81
N PRO A 620 53.14 4.03 31.51
CA PRO A 620 53.86 5.02 32.34
C PRO A 620 53.19 6.38 32.33
N LEU A 621 53.38 7.18 33.37
CA LEU A 621 52.77 8.50 33.49
C LEU A 621 53.83 9.59 33.43
N ASN A 622 53.51 10.69 32.76
CA ASN A 622 54.24 11.95 32.88
C ASN A 622 53.30 12.98 33.51
N MET A 623 53.78 14.23 33.59
CA MET A 623 53.04 15.24 34.35
C MET A 623 51.66 15.49 33.76
N ASN A 624 51.56 15.56 32.42
CA ASN A 624 50.29 15.88 31.79
C ASN A 624 49.24 14.82 32.09
N LEU A 625 49.60 13.54 31.96
CA LEU A 625 48.64 12.47 32.18
C LEU A 625 48.20 12.39 33.63
N ALA A 626 49.14 12.57 34.57
CA ALA A 626 48.78 12.57 35.98
C ALA A 626 47.84 13.73 36.32
N ARG A 627 48.13 14.91 35.77
CA ARG A 627 47.23 16.04 35.95
C ARG A 627 45.84 15.75 35.40
N TYR A 628 45.80 15.11 34.21
CA TYR A 628 44.50 14.73 33.63
C TYR A 628 43.74 13.78 34.56
N LEU A 629 44.44 12.80 35.13
CA LEU A 629 43.80 11.87 36.05
C LEU A 629 43.24 12.61 37.26
N VAL A 630 44.02 13.52 37.84
CA VAL A 630 43.58 14.22 39.04
C VAL A 630 42.36 15.10 38.72
N ILE A 631 42.40 15.80 37.58
CA ILE A 631 41.29 16.68 37.23
C ILE A 631 40.03 15.87 36.94
N GLN A 632 40.17 14.72 36.29
CA GLN A 632 39.03 13.83 36.10
C GLN A 632 38.46 13.39 37.45
N GLY A 633 39.33 13.05 38.39
CA GLY A 633 38.86 12.69 39.71
C GLY A 633 38.07 13.80 40.37
N ILE A 634 38.56 15.03 40.25
CA ILE A 634 37.86 16.17 40.87
C ILE A 634 36.51 16.41 40.21
N LYS A 635 36.46 16.39 38.88
CA LYS A 635 35.25 16.79 38.18
C LYS A 635 34.12 15.79 38.33
N SER A 636 34.41 14.55 38.68
CA SER A 636 33.38 13.52 38.82
C SER A 636 32.85 13.42 40.24
N LYS A 637 33.23 14.33 41.14
CA LYS A 637 32.76 14.36 42.52
C LYS A 637 33.27 13.18 43.34
N LYS A 638 34.32 12.51 42.89
CA LYS A 638 34.91 11.42 43.66
C LYS A 638 36.00 11.87 44.61
N ILE A 639 36.41 13.14 44.55
CA ILE A 639 37.40 13.70 45.46
C ILE A 639 36.87 15.02 45.99
N ARG A 640 36.75 15.14 47.30
CA ARG A 640 36.27 16.35 47.96
C ARG A 640 37.20 16.71 49.10
N ALA A 641 37.30 18.00 49.39
CA ALA A 641 38.27 18.52 50.37
C ALA A 641 37.58 18.69 51.72
N ARG A 642 37.92 17.82 52.67
CA ARG A 642 37.51 18.04 54.05
C ARG A 642 38.22 19.24 54.65
N SER A 643 39.50 19.40 54.34
CA SER A 643 40.29 20.47 54.94
C SER A 643 39.69 21.83 54.61
N ALA A 644 39.64 22.70 55.63
CA ALA A 644 39.09 24.03 55.48
C ALA A 644 40.23 25.02 55.24
N LEU A 645 40.00 25.95 54.31
CA LEU A 645 40.98 26.96 53.91
C LEU A 645 42.20 26.34 53.23
N ARG A 646 42.11 25.08 52.82
CA ARG A 646 43.24 24.34 52.27
C ARG A 646 42.82 23.67 50.97
N PRO A 647 42.71 24.45 49.88
CA PRO A 647 42.42 23.83 48.58
C PRO A 647 43.52 22.85 48.17
N LEU A 648 43.11 21.77 47.53
CA LEU A 648 44.06 20.72 47.16
C LEU A 648 45.08 21.22 46.15
N ASP A 649 46.33 20.84 46.36
CA ASP A 649 47.42 21.19 45.45
C ASP A 649 47.53 20.10 44.38
N VAL A 650 47.36 20.49 43.12
CA VAL A 650 47.33 19.51 42.03
C VAL A 650 48.74 19.10 41.61
N ALA A 651 49.67 20.05 41.53
CA ALA A 651 50.99 19.76 41.01
C ALA A 651 51.73 18.75 41.89
N GLY A 652 51.66 18.92 43.21
CA GLY A 652 52.34 17.99 44.09
C GLY A 652 51.79 16.58 43.99
N LEU A 653 50.46 16.46 43.90
CA LEU A 653 49.86 15.14 43.73
C LEU A 653 50.28 14.52 42.40
N SER A 654 50.35 15.33 41.34
CA SER A 654 50.82 14.82 40.05
C SER A 654 52.25 14.30 40.16
N GLN A 655 53.12 15.05 40.84
CA GLN A 655 54.50 14.60 41.01
C GLN A 655 54.56 13.31 41.80
N LEU A 656 53.74 13.19 42.85
CA LEU A 656 53.70 11.96 43.63
C LEU A 656 53.26 10.78 42.77
N LEU A 657 52.24 10.98 41.93
CA LEU A 657 51.78 9.90 41.07
C LEU A 657 52.84 9.52 40.06
N VAL A 658 53.59 10.50 39.54
CA VAL A 658 54.68 10.20 38.61
C VAL A 658 55.74 9.35 39.30
N GLN A 659 56.07 9.70 40.55
CA GLN A 659 57.05 8.91 41.30
C GLN A 659 56.57 7.47 41.50
N VAL A 660 55.29 7.31 41.84
CA VAL A 660 54.74 5.97 42.00
C VAL A 660 54.83 5.19 40.69
N SER A 661 54.51 5.84 39.57
CA SER A 661 54.61 5.18 38.28
C SER A 661 56.03 4.74 37.99
N ASN A 662 57.01 5.61 38.26
CA ASN A 662 58.41 5.23 38.06
C ASN A 662 58.76 4.00 38.89
N LEU A 663 58.40 4.00 40.17
CA LEU A 663 58.72 2.86 41.02
C LEU A 663 58.10 1.58 40.49
N ILE A 664 56.83 1.64 40.08
CA ILE A 664 56.17 0.44 39.60
C ILE A 664 56.82 -0.06 38.31
N VAL A 665 57.16 0.85 37.41
CA VAL A 665 57.74 0.43 36.13
C VAL A 665 59.11 -0.20 36.35
N ASP A 666 59.91 0.34 37.27
CA ASP A 666 61.29 -0.12 37.41
C ASP A 666 61.38 -1.51 38.01
N CYS A 667 60.58 -1.81 39.03
CA CYS A 667 60.73 -3.05 39.79
C CYS A 667 59.62 -4.04 39.47
N PRO A 668 59.89 -5.13 38.74
CA PRO A 668 58.83 -6.10 38.45
C PRO A 668 58.53 -7.06 39.60
N GLU A 669 59.34 -7.08 40.65
CA GLU A 669 59.07 -7.98 41.77
C GLU A 669 57.79 -7.60 42.50
N ILE A 670 57.44 -6.30 42.51
CA ILE A 670 56.26 -5.85 43.23
C ILE A 670 55.01 -6.33 42.49
N GLN A 671 54.10 -6.95 43.22
CA GLN A 671 52.84 -7.43 42.65
C GLN A 671 51.65 -6.56 43.03
N ARG A 672 51.67 -5.95 44.22
CA ARG A 672 50.59 -5.08 44.63
C ARG A 672 51.13 -4.01 45.58
N LEU A 673 50.55 -2.82 45.49
CA LEU A 673 50.93 -1.68 46.33
C LEU A 673 49.68 -1.01 46.84
N ASP A 674 49.71 -0.59 48.10
CA ASP A 674 48.54 0.02 48.73
C ASP A 674 49.00 1.07 49.74
N ILE A 675 48.60 2.32 49.53
CA ILE A 675 48.86 3.40 50.47
C ILE A 675 47.51 3.83 51.04
N HIS A 676 47.31 3.60 52.33
CA HIS A 676 46.00 3.75 52.97
C HIS A 676 46.19 4.29 54.39
N PRO A 677 46.05 5.61 54.61
CA PRO A 677 45.75 6.69 53.66
C PRO A 677 46.98 7.49 53.24
N LEU A 678 46.81 8.39 52.28
CA LEU A 678 47.84 9.37 51.90
C LEU A 678 47.41 10.72 52.43
N LEU A 679 48.28 11.36 53.20
CA LEU A 679 47.94 12.61 53.86
C LEU A 679 48.36 13.79 52.98
N ALA A 680 47.40 14.63 52.64
CA ALA A 680 47.64 15.82 51.83
C ALA A 680 47.43 17.05 52.71
N SER A 681 48.50 17.82 52.90
CA SER A 681 48.46 19.05 53.71
C SER A 681 49.16 20.15 52.90
N GLY A 682 48.38 20.88 52.12
CA GLY A 682 48.98 21.90 51.26
C GLY A 682 49.87 21.25 50.22
N SER A 683 51.13 21.67 50.19
CA SER A 683 52.11 21.15 49.25
C SER A 683 52.91 19.98 49.82
N GLU A 684 52.55 19.50 51.01
CA GLU A 684 53.26 18.41 51.66
C GLU A 684 52.41 17.14 51.59
N PHE A 685 53.01 16.06 51.10
CA PHE A 685 52.37 14.76 51.01
C PHE A 685 53.20 13.73 51.73
N THR A 686 52.56 12.88 52.52
CA THR A 686 53.26 11.86 53.29
C THR A 686 52.35 10.64 53.43
N ALA A 687 52.97 9.47 53.57
CA ALA A 687 52.25 8.21 53.66
C ALA A 687 52.22 7.75 55.11
N LEU A 688 51.06 7.26 55.55
CA LEU A 688 50.88 6.78 56.91
C LEU A 688 51.08 5.27 57.00
N ASP A 689 50.27 4.51 56.27
CA ASP A 689 50.37 3.05 56.25
C ASP A 689 50.51 2.58 54.81
N VAL A 690 51.38 1.59 54.59
CA VAL A 690 51.64 1.06 53.26
C VAL A 690 52.14 -0.37 53.40
N THR A 691 51.67 -1.23 52.49
CA THR A 691 52.09 -2.63 52.44
C THR A 691 52.43 -3.01 51.01
N LEU A 692 53.32 -4.00 50.87
CA LEU A 692 53.77 -4.47 49.57
C LEU A 692 53.68 -5.99 49.51
N ASP A 693 53.28 -6.50 48.34
CA ASP A 693 53.29 -7.92 48.05
C ASP A 693 54.33 -8.19 46.97
N ILE A 694 55.25 -9.11 47.24
CA ILE A 694 56.41 -9.34 46.38
C ILE A 694 56.50 -10.82 46.04
N SER A 695 56.92 -11.11 44.81
CA SER A 695 57.09 -12.47 44.32
C SER A 695 58.25 -12.48 43.34
N PRO A 696 58.92 -13.62 43.18
CA PRO A 696 60.01 -13.70 42.20
C PRO A 696 59.51 -13.50 40.78
N PHE A 697 60.39 -12.96 39.94
CA PHE A 697 60.08 -12.66 38.55
C PHE A 697 61.10 -13.33 37.64
N GLU A 698 60.62 -13.86 36.50
CA GLU A 698 61.49 -14.57 35.56
C GLU A 698 61.35 -14.10 34.12
N GLY A 699 60.35 -13.28 33.78
CA GLY A 699 60.12 -12.89 32.41
C GLY A 699 60.89 -11.65 32.02
N ASP A 700 60.39 -10.98 30.98
CA ASP A 700 60.99 -9.76 30.46
C ASP A 700 60.20 -8.56 30.96
N ASN A 701 60.92 -7.60 31.58
CA ASN A 701 60.26 -6.49 32.25
C ASN A 701 59.46 -5.63 31.27
N GLU A 702 60.02 -5.36 30.10
CA GLU A 702 59.41 -4.43 29.17
C GLU A 702 58.08 -4.95 28.61
N SER A 703 57.85 -6.27 28.65
CA SER A 703 56.70 -6.87 27.99
C SER A 703 55.45 -6.93 28.85
N ARG A 704 55.51 -6.48 30.12
CA ARG A 704 54.32 -6.52 30.96
C ARG A 704 53.29 -5.47 30.55
N LEU A 705 53.75 -4.31 30.09
CA LEU A 705 52.88 -3.15 29.91
C LEU A 705 52.17 -3.18 28.55
N ALA A 706 51.04 -2.49 28.49
CA ALA A 706 50.32 -2.30 27.24
C ALA A 706 50.89 -1.17 26.39
N VAL A 707 51.71 -0.30 26.97
CA VAL A 707 52.35 0.80 26.25
C VAL A 707 53.85 0.72 26.52
N ARG A 708 54.64 0.65 25.47
CA ARG A 708 56.08 0.53 25.63
C ARG A 708 56.64 1.78 26.30
N PRO A 709 57.39 1.66 27.37
CA PRO A 709 57.94 2.84 28.05
C PRO A 709 59.21 3.34 27.37
N TYR A 710 59.76 4.42 27.92
CA TYR A 710 60.92 5.08 27.32
C TYR A 710 62.13 4.15 27.35
N PRO A 711 62.78 3.88 26.20
CA PRO A 711 63.93 2.96 26.19
C PRO A 711 65.23 3.60 26.66
N HIS A 712 65.45 3.62 27.97
CA HIS A 712 66.63 4.30 28.51
C HIS A 712 67.93 3.62 28.11
N GLN A 713 67.91 2.37 27.66
CA GLN A 713 69.14 1.65 27.36
C GLN A 713 69.77 2.08 26.04
N LEU A 714 69.11 2.94 25.26
CA LEU A 714 69.62 3.35 23.96
C LEU A 714 70.43 4.64 24.01
N GLU A 715 70.62 5.24 25.18
CA GLU A 715 71.43 6.46 25.28
C GLU A 715 72.90 6.13 25.07
N GLU A 716 73.64 7.09 24.51
CA GLU A 716 75.03 6.86 24.15
C GLU A 716 75.75 8.19 24.02
N TRP A 717 77.01 8.22 24.45
CA TRP A 717 77.89 9.38 24.31
C TRP A 717 78.77 9.20 23.09
N VAL A 718 78.94 10.27 22.32
CA VAL A 718 79.74 10.24 21.10
C VAL A 718 80.72 11.41 21.10
N GLU A 719 81.81 11.24 20.35
CA GLU A 719 82.84 12.25 20.20
C GLU A 719 82.95 12.63 18.73
N LEU A 720 82.97 13.93 18.46
CA LEU A 720 83.07 14.42 17.10
C LEU A 720 84.52 14.66 16.71
N LYS A 721 84.72 15.00 15.43
CA LYS A 721 86.08 15.18 14.93
C LYS A 721 86.79 16.34 15.63
N ASN A 722 86.08 17.45 15.84
CA ASN A 722 86.68 18.60 16.50
C ASN A 722 86.90 18.38 18.00
N GLY A 723 86.38 17.30 18.56
CA GLY A 723 86.55 16.98 19.96
C GLY A 723 85.35 17.28 20.84
N GLU A 724 84.31 17.89 20.29
CA GLU A 724 83.13 18.19 21.09
C GLU A 724 82.40 16.90 21.47
N ARG A 725 81.82 16.90 22.67
CA ARG A 725 81.11 15.74 23.20
C ARG A 725 79.62 16.08 23.30
N CYS A 726 78.78 15.14 22.87
CA CYS A 726 77.33 15.32 22.91
C CYS A 726 76.67 13.98 23.16
N LEU A 727 75.36 14.02 23.40
CA LEU A 727 74.58 12.85 23.79
C LEU A 727 73.55 12.52 22.73
N PHE A 728 73.47 11.25 22.35
CA PHE A 728 72.43 10.74 21.46
C PHE A 728 71.42 9.97 22.30
N ARG A 729 70.14 10.30 22.15
CA ARG A 729 69.09 9.66 22.93
C ARG A 729 67.77 9.80 22.17
N PRO A 730 66.77 8.97 22.51
CA PRO A 730 65.46 9.11 21.87
C PRO A 730 64.77 10.40 22.27
N ILE A 731 63.84 10.84 21.42
CA ILE A 731 63.13 12.09 21.62
C ILE A 731 62.07 11.92 22.69
N LEU A 732 61.71 13.04 23.34
CA LEU A 732 60.76 13.06 24.43
C LEU A 732 59.67 14.09 24.17
N PRO A 733 58.47 13.90 24.72
CA PRO A 733 57.41 14.91 24.56
C PRO A 733 57.79 16.27 25.14
N GLU A 734 58.69 16.32 26.12
CA GLU A 734 59.09 17.57 26.75
C GLU A 734 60.03 18.41 25.90
N ASP A 735 60.40 17.93 24.71
CA ASP A 735 61.40 18.60 23.88
C ASP A 735 60.81 19.61 22.91
N GLU A 736 59.51 19.89 22.99
CA GLU A 736 58.86 20.68 21.94
C GLU A 736 59.45 22.08 21.78
N PRO A 737 59.62 22.88 22.84
CA PRO A 737 60.16 24.24 22.62
C PRO A 737 61.55 24.25 22.01
N GLN A 738 62.41 23.32 22.43
CA GLN A 738 63.75 23.26 21.88
C GLN A 738 63.72 22.87 20.40
N LEU A 739 62.79 21.97 20.04
CA LEU A 739 62.61 21.65 18.62
C LEU A 739 62.11 22.85 17.84
N GLN A 740 61.24 23.67 18.45
CA GLN A 740 60.79 24.89 17.79
C GLN A 740 61.97 25.81 17.51
N GLN A 741 62.86 25.99 18.49
CA GLN A 741 64.04 26.81 18.26
C GLN A 741 64.92 26.21 17.16
N PHE A 742 65.13 24.90 17.22
CA PHE A 742 65.97 24.23 16.22
C PHE A 742 65.44 24.46 14.81
N ILE A 743 64.12 24.31 14.63
CA ILE A 743 63.51 24.59 13.34
C ILE A 743 63.70 26.06 12.98
N SER A 744 63.60 26.94 13.97
CA SER A 744 63.81 28.36 13.71
C SER A 744 65.21 28.65 13.20
N ARG A 745 66.18 27.81 13.52
CA ARG A 745 67.56 28.02 13.12
C ARG A 745 67.95 27.27 11.85
N VAL A 746 67.00 26.95 10.97
CA VAL A 746 67.29 26.26 9.71
C VAL A 746 66.91 27.18 8.55
N THR A 747 67.73 27.19 7.51
CA THR A 747 67.50 28.05 6.35
C THR A 747 66.40 27.47 5.47
N LYS A 748 65.93 28.32 4.54
CA LYS A 748 64.79 27.93 3.71
C LYS A 748 65.13 26.76 2.79
N GLU A 749 66.32 26.80 2.17
CA GLU A 749 66.68 25.77 1.20
C GLU A 749 66.79 24.40 1.86
N ASP A 750 67.36 24.34 3.07
CA ASP A 750 67.47 23.06 3.77
C ASP A 750 66.10 22.52 4.15
N LEU A 751 65.17 23.40 4.53
CA LEU A 751 63.80 22.96 4.79
C LEU A 751 63.14 22.43 3.54
N TYR A 752 63.37 23.08 2.39
CA TYR A 752 62.83 22.57 1.13
C TYR A 752 63.40 21.20 0.83
N TYR A 753 64.70 21.00 1.03
CA TYR A 753 65.30 19.69 0.78
C TYR A 753 64.72 18.64 1.72
N ARG A 754 64.51 18.99 2.99
CA ARG A 754 64.05 17.99 3.95
C ARG A 754 62.59 17.61 3.74
N TYR A 755 61.73 18.60 3.48
CA TYR A 755 60.29 18.37 3.43
C TYR A 755 59.73 18.39 2.00
N PHE A 756 60.59 18.54 0.99
CA PHE A 756 60.16 18.43 -0.40
C PHE A 756 59.01 19.38 -0.74
N SER A 757 59.04 20.59 -0.17
CA SER A 757 58.02 21.59 -0.45
C SER A 757 58.44 22.90 0.20
N GLU A 758 57.72 23.97 -0.15
CA GLU A 758 57.95 25.28 0.44
C GLU A 758 57.12 25.38 1.71
N ILE A 759 57.76 25.11 2.86
CA ILE A 759 57.08 25.06 4.15
C ILE A 759 57.81 26.01 5.09
N ASN A 760 57.04 26.86 5.78
CA ASN A 760 57.59 27.78 6.75
C ASN A 760 56.83 27.82 8.07
N GLU A 761 55.65 27.21 8.16
CA GLU A 761 54.78 27.33 9.33
C GLU A 761 54.50 25.96 9.91
N PHE A 762 54.84 25.77 11.18
CA PHE A 762 54.51 24.57 11.93
C PHE A 762 53.67 24.96 13.14
N THR A 763 52.51 24.32 13.28
CA THR A 763 51.61 24.61 14.38
C THR A 763 51.90 23.69 15.56
N HIS A 764 51.16 23.89 16.65
CA HIS A 764 51.30 23.01 17.80
C HIS A 764 50.97 21.56 17.45
N GLU A 765 50.05 21.36 16.50
CA GLU A 765 49.65 20.00 16.15
C GLU A 765 50.77 19.26 15.43
N ASP A 766 51.46 19.92 14.49
CA ASP A 766 52.57 19.28 13.80
C ASP A 766 53.71 18.96 14.78
N LEU A 767 54.02 19.89 15.68
CA LEU A 767 55.06 19.63 16.66
C LEU A 767 54.69 18.47 17.57
N ALA A 768 53.42 18.40 17.99
CA ALA A 768 52.97 17.28 18.80
C ALA A 768 53.09 15.97 18.04
N ASN A 769 52.73 15.97 16.75
CA ASN A 769 52.93 14.79 15.93
C ASN A 769 54.40 14.39 15.90
N MET A 770 55.29 15.38 15.88
CA MET A 770 56.72 15.10 15.76
C MET A 770 57.33 14.60 17.07
N THR A 771 56.80 15.01 18.22
CA THR A 771 57.44 14.73 19.50
C THR A 771 56.76 13.64 20.32
N GLN A 772 55.51 13.29 20.01
CA GLN A 772 54.75 12.29 20.77
C GLN A 772 54.55 11.07 19.88
N ILE A 773 55.38 10.03 20.10
CA ILE A 773 55.43 8.88 19.22
C ILE A 773 55.21 7.60 20.01
N ASP A 774 54.78 6.56 19.30
CA ASP A 774 54.66 5.21 19.85
C ASP A 774 55.96 4.48 19.56
N TYR A 775 56.71 4.16 20.62
CA TYR A 775 58.05 3.59 20.46
C TYR A 775 58.05 2.21 19.82
N ASP A 776 56.91 1.52 19.79
CA ASP A 776 56.83 0.22 19.13
C ASP A 776 56.82 0.31 17.61
N ARG A 777 56.30 1.42 17.05
CA ARG A 777 56.14 1.57 15.62
C ARG A 777 56.96 2.70 15.04
N GLU A 778 57.65 3.49 15.87
CA GLU A 778 58.39 4.64 15.39
C GLU A 778 59.53 4.94 16.36
N MET A 779 60.64 5.45 15.82
CA MET A 779 61.80 5.78 16.63
C MET A 779 62.46 7.04 16.06
N ALA A 780 63.00 7.87 16.95
CA ALA A 780 63.67 9.10 16.55
C ALA A 780 64.74 9.44 17.58
N PHE A 781 65.93 9.78 17.09
CA PHE A 781 67.06 10.13 17.94
C PHE A 781 67.42 11.60 17.73
N VAL A 782 67.84 12.26 18.82
CA VAL A 782 68.29 13.64 18.77
C VAL A 782 69.68 13.74 19.39
N ALA A 783 70.48 14.67 18.89
CA ALA A 783 71.79 14.98 19.45
C ALA A 783 71.69 16.29 20.22
N VAL A 784 72.10 16.25 21.49
CA VAL A 784 71.92 17.38 22.39
C VAL A 784 73.22 17.67 23.14
N ARG A 785 73.40 18.92 23.53
CA ARG A 785 74.49 19.35 24.41
C ARG A 785 73.96 20.38 25.39
N ARG A 786 74.48 20.34 26.61
CA ARG A 786 73.97 21.17 27.70
C ARG A 786 74.94 22.32 27.96
N ILE A 787 74.41 23.54 28.03
CA ILE A 787 75.17 24.71 28.45
C ILE A 787 74.33 25.48 29.46
N ASP A 788 74.83 25.60 30.68
CA ASP A 788 74.17 26.37 31.73
C ASP A 788 72.76 25.84 32.01
N GLN A 789 72.66 24.54 32.24
CA GLN A 789 71.41 23.86 32.62
C GLN A 789 70.34 23.93 31.54
N THR A 790 70.69 24.33 30.32
CA THR A 790 69.74 24.40 29.21
C THR A 790 70.25 23.57 28.05
N GLU A 791 69.39 22.72 27.51
CA GLU A 791 69.77 21.84 26.42
C GLU A 791 69.65 22.55 25.07
N GLU A 792 70.23 21.92 24.05
CA GLU A 792 70.21 22.47 22.70
C GLU A 792 70.30 21.32 21.72
N ILE A 793 69.41 21.33 20.73
CA ILE A 793 69.33 20.24 19.75
C ILE A 793 70.17 20.62 18.53
N LEU A 794 71.02 19.68 18.11
CA LEU A 794 71.90 19.88 16.96
C LEU A 794 71.43 19.13 15.71
N GLY A 795 70.63 18.08 15.86
CA GLY A 795 70.17 17.32 14.72
C GLY A 795 69.17 16.27 15.16
N VAL A 796 68.53 15.65 14.16
CA VAL A 796 67.49 14.65 14.42
C VAL A 796 67.40 13.71 13.23
N THR A 797 67.01 12.47 13.50
CA THR A 797 66.77 11.46 12.48
C THR A 797 65.59 10.60 12.90
N ARG A 798 64.91 9.99 11.92
CA ARG A 798 63.65 9.33 12.18
C ARG A 798 63.49 8.10 11.28
N ALA A 799 62.67 7.15 11.74
CA ALA A 799 62.35 5.96 10.96
C ALA A 799 60.93 5.51 11.32
N ILE A 800 60.09 5.34 10.31
CA ILE A 800 58.69 4.96 10.48
C ILE A 800 58.45 3.66 9.75
N SER A 801 57.97 2.64 10.47
CA SER A 801 57.80 1.30 9.93
C SER A 801 56.32 1.01 9.68
N ASP A 802 56.09 -0.05 8.91
CA ASP A 802 54.75 -0.53 8.62
C ASP A 802 54.28 -1.50 9.71
N PRO A 803 52.98 -1.76 9.80
CA PRO A 803 52.49 -2.65 10.87
C PRO A 803 53.08 -4.05 10.81
N ASP A 804 53.51 -4.53 9.64
CA ASP A 804 54.10 -5.85 9.54
C ASP A 804 55.55 -5.90 10.00
N ASN A 805 56.20 -4.74 10.14
CA ASN A 805 57.62 -4.68 10.55
C ASN A 805 58.52 -5.30 9.48
N ILE A 806 58.35 -4.85 8.24
CA ILE A 806 59.16 -5.30 7.11
C ILE A 806 59.92 -4.15 6.47
N ASP A 807 59.23 -3.06 6.17
CA ASP A 807 59.81 -1.89 5.53
C ASP A 807 59.62 -0.65 6.41
N ALA A 808 60.57 0.28 6.31
CA ALA A 808 60.52 1.54 7.04
C ALA A 808 61.06 2.65 6.18
N GLU A 809 60.56 3.87 6.39
CA GLU A 809 61.02 5.06 5.71
C GLU A 809 61.80 5.94 6.68
N PHE A 810 62.83 6.61 6.16
CA PHE A 810 63.80 7.31 6.98
C PHE A 810 64.01 8.75 6.50
N ALA A 811 64.58 9.56 7.39
CA ALA A 811 64.90 10.95 7.08
C ALA A 811 65.97 11.42 8.07
N VAL A 812 66.59 12.55 7.73
CA VAL A 812 67.65 13.11 8.57
C VAL A 812 67.75 14.61 8.29
N LEU A 813 68.15 15.38 9.31
CA LEU A 813 68.29 16.82 9.18
C LEU A 813 69.29 17.31 10.22
N VAL A 814 70.17 18.22 9.79
CA VAL A 814 71.21 18.79 10.65
C VAL A 814 71.11 20.30 10.59
N ARG A 815 71.44 20.96 11.71
CA ARG A 815 71.35 22.41 11.77
C ARG A 815 72.30 23.04 10.75
N SER A 816 71.86 24.17 10.17
CA SER A 816 72.53 24.72 9.00
C SER A 816 73.97 25.08 9.30
N ASP A 817 74.25 25.67 10.47
CA ASP A 817 75.58 26.18 10.76
C ASP A 817 76.52 25.12 11.34
N LEU A 818 76.11 23.87 11.40
CA LEU A 818 76.93 22.79 11.94
C LEU A 818 77.23 21.71 10.91
N LYS A 819 77.20 22.07 9.63
CA LYS A 819 77.42 21.12 8.56
C LYS A 819 78.91 20.87 8.35
N GLY A 820 79.25 19.61 8.09
CA GLY A 820 80.62 19.22 7.83
C GLY A 820 81.42 18.76 9.03
N LEU A 821 80.76 18.37 10.11
CA LEU A 821 81.45 17.90 11.31
C LEU A 821 81.22 16.43 11.62
N GLY A 822 80.43 15.72 10.81
CA GLY A 822 80.24 14.29 10.98
C GLY A 822 78.96 13.89 11.69
N LEU A 823 78.07 14.82 11.99
CA LEU A 823 76.85 14.49 12.72
C LEU A 823 75.95 13.57 11.91
N GLY A 824 75.77 13.87 10.63
CA GLY A 824 74.85 13.08 9.82
C GLY A 824 75.25 11.63 9.71
N ARG A 825 76.53 11.36 9.48
CA ARG A 825 76.99 9.98 9.35
C ARG A 825 76.76 9.21 10.64
N ARG A 826 77.08 9.80 11.78
CA ARG A 826 76.89 9.12 13.06
C ARG A 826 75.41 8.85 13.32
N LEU A 827 74.55 9.82 13.03
CA LEU A 827 73.12 9.63 13.24
C LEU A 827 72.59 8.50 12.35
N MET A 828 72.99 8.49 11.08
CA MET A 828 72.54 7.45 10.16
C MET A 828 73.06 6.08 10.60
N GLU A 829 74.30 6.00 11.06
CA GLU A 829 74.85 4.73 11.51
C GLU A 829 74.09 4.20 12.72
N LYS A 830 73.80 5.07 13.69
CA LYS A 830 73.00 4.65 14.84
C LYS A 830 71.63 4.17 14.42
N LEU A 831 70.99 4.88 13.49
CA LEU A 831 69.68 4.46 13.01
C LEU A 831 69.76 3.09 12.35
N ILE A 832 70.79 2.85 11.53
CA ILE A 832 70.93 1.57 10.84
C ILE A 832 71.09 0.45 11.86
N THR A 833 71.96 0.67 12.85
CA THR A 833 72.18 -0.37 13.86
C THR A 833 70.88 -0.68 14.61
N TYR A 834 70.16 0.36 15.04
CA TYR A 834 68.92 0.12 15.76
C TYR A 834 67.92 -0.64 14.90
N THR A 835 67.74 -0.21 13.65
CA THR A 835 66.73 -0.83 12.80
C THR A 835 67.09 -2.29 12.54
N ARG A 836 68.36 -2.60 12.32
CA ARG A 836 68.74 -3.99 12.14
C ARG A 836 68.47 -4.80 13.40
N ASP A 837 68.79 -4.24 14.57
CA ASP A 837 68.53 -4.97 15.81
C ASP A 837 67.03 -5.13 16.07
N HIS A 838 66.20 -4.22 15.54
CA HIS A 838 64.77 -4.29 15.81
C HIS A 838 64.10 -5.41 15.02
N GLY A 839 64.66 -5.80 13.88
CA GLY A 839 64.11 -6.89 13.10
C GLY A 839 63.56 -6.48 11.74
N LEU A 840 63.80 -5.22 11.34
CA LEU A 840 63.34 -4.77 10.03
C LEU A 840 64.19 -5.39 8.92
N GLN A 841 63.65 -5.32 7.70
CA GLN A 841 64.28 -5.93 6.54
C GLN A 841 64.71 -4.95 5.46
N ARG A 842 64.27 -3.69 5.51
CA ARG A 842 64.57 -2.77 4.43
C ARG A 842 64.35 -1.32 4.86
N LEU A 843 65.14 -0.42 4.28
CA LEU A 843 64.98 1.02 4.46
C LEU A 843 64.80 1.67 3.09
N ASN A 844 63.88 2.64 3.01
CA ASN A 844 63.59 3.34 1.77
C ASN A 844 63.54 4.84 2.02
N GLY A 845 63.88 5.61 0.99
CA GLY A 845 63.85 7.06 1.06
C GLY A 845 63.75 7.65 -0.32
N ILE A 846 63.36 8.92 -0.37
CA ILE A 846 63.16 9.65 -1.62
C ILE A 846 63.76 11.04 -1.46
N THR A 847 64.48 11.49 -2.49
CA THR A 847 65.00 12.84 -2.55
C THR A 847 64.99 13.29 -4.01
N MET A 848 65.64 14.42 -4.28
CA MET A 848 65.67 14.99 -5.62
C MET A 848 67.10 15.17 -6.10
N PRO A 849 67.33 15.21 -7.42
CA PRO A 849 68.66 15.58 -7.92
C PRO A 849 69.01 17.01 -7.52
N ASN A 850 70.29 17.34 -7.51
CA ASN A 850 70.87 18.58 -7.00
C ASN A 850 71.01 18.55 -5.48
N ASN A 851 70.58 17.48 -4.81
CA ASN A 851 70.89 17.27 -3.41
C ASN A 851 72.12 16.37 -3.31
N ARG A 852 73.27 16.97 -3.64
CA ARG A 852 74.50 16.18 -3.82
C ARG A 852 74.96 15.55 -2.51
N GLY A 853 74.85 16.28 -1.40
CA GLY A 853 75.36 15.78 -0.14
C GLY A 853 74.67 14.50 0.30
N MET A 854 73.34 14.47 0.21
CA MET A 854 72.60 13.27 0.60
C MET A 854 72.97 12.08 -0.27
N VAL A 855 73.08 12.30 -1.59
CA VAL A 855 73.41 11.20 -2.49
C VAL A 855 74.82 10.67 -2.18
N ALA A 856 75.77 11.57 -1.95
CA ALA A 856 77.13 11.15 -1.64
C ALA A 856 77.16 10.37 -0.33
N LEU A 857 76.46 10.84 0.70
CA LEU A 857 76.44 10.13 1.98
C LEU A 857 75.79 8.76 1.83
N ALA A 858 74.69 8.67 1.07
CA ALA A 858 74.03 7.39 0.86
C ALA A 858 74.96 6.42 0.14
N ARG A 859 75.70 6.90 -0.86
CA ARG A 859 76.68 6.05 -1.53
C ARG A 859 77.76 5.60 -0.55
N LYS A 860 78.19 6.50 0.34
CA LYS A 860 79.19 6.12 1.35
C LYS A 860 78.66 5.02 2.26
N LEU A 861 77.37 5.06 2.59
CA LEU A 861 76.79 4.12 3.53
C LEU A 861 76.33 2.82 2.89
N GLY A 862 76.49 2.66 1.58
CA GLY A 862 76.16 1.42 0.92
C GLY A 862 74.76 1.33 0.33
N PHE A 863 74.06 2.44 0.18
CA PHE A 863 72.73 2.42 -0.40
C PHE A 863 72.79 2.15 -1.90
N ASN A 864 71.70 1.63 -2.44
CA ASN A 864 71.53 1.49 -3.88
C ASN A 864 70.80 2.72 -4.39
N VAL A 865 71.38 3.39 -5.40
CA VAL A 865 70.91 4.68 -5.87
C VAL A 865 70.44 4.56 -7.30
N ASP A 866 69.22 5.02 -7.56
CA ASP A 866 68.69 5.11 -8.91
C ASP A 866 68.22 6.53 -9.17
N ILE A 867 68.63 7.08 -10.31
CA ILE A 867 68.31 8.45 -10.68
C ILE A 867 67.36 8.41 -11.86
N GLN A 868 66.16 8.94 -11.66
CA GLN A 868 65.14 8.99 -12.71
C GLN A 868 64.99 10.43 -13.16
N LEU A 869 65.83 10.85 -14.10
CA LEU A 869 65.67 12.15 -14.70
C LEU A 869 64.46 12.13 -15.64
N GLU A 870 63.95 13.32 -15.94
CA GLU A 870 62.69 13.57 -16.62
C GLU A 870 61.52 13.46 -15.63
N GLU A 871 61.78 13.10 -14.37
CA GLU A 871 60.76 13.13 -13.34
C GLU A 871 61.33 13.83 -12.10
N GLY A 872 62.64 14.03 -12.03
CA GLY A 872 63.24 14.73 -10.91
C GLY A 872 63.13 13.99 -9.60
N ILE A 873 63.41 12.69 -9.62
CA ILE A 873 63.32 11.85 -8.42
C ILE A 873 64.55 10.96 -8.35
N VAL A 874 65.04 10.74 -7.12
CA VAL A 874 66.12 9.81 -6.84
C VAL A 874 65.64 8.83 -5.78
N GLY A 875 65.81 7.54 -6.02
CA GLY A 875 65.41 6.50 -5.08
C GLY A 875 66.61 5.92 -4.36
N LEU A 876 66.42 5.60 -3.09
CA LEU A 876 67.47 5.03 -2.24
C LEU A 876 66.90 3.86 -1.46
N THR A 877 67.64 2.75 -1.43
CA THR A 877 67.20 1.56 -0.72
C THR A 877 68.41 0.82 -0.18
N LEU A 878 68.37 0.47 1.11
CA LEU A 878 69.41 -0.31 1.76
C LEU A 878 68.80 -1.65 2.19
N ASN A 879 69.50 -2.75 1.84
CA ASN A 879 68.85 -4.04 1.88
C ASN A 879 68.71 -4.58 3.30
N LEU A 880 69.84 -4.86 3.97
CA LEU A 880 69.80 -5.70 5.16
C LEU A 880 69.24 -4.98 6.38
N ALA A 881 69.43 -3.66 6.47
CA ALA A 881 68.91 -2.89 7.59
C ALA A 881 67.45 -2.51 7.35
N MET B 1 -14.52 24.81 45.77
CA MET B 1 -14.61 23.58 44.93
C MET B 1 -15.88 22.78 45.23
N SER B 2 -16.33 22.03 44.22
CA SER B 2 -17.52 21.20 44.36
C SER B 2 -17.54 20.14 43.26
N GLN B 3 -17.50 18.86 43.64
CA GLN B 3 -17.60 17.80 42.64
C GLN B 3 -18.86 17.95 41.81
N ARG B 4 -19.93 18.50 42.38
CA ARG B 4 -21.04 18.99 41.58
C ARG B 4 -20.60 20.21 40.78
N GLY B 5 -20.96 20.21 39.50
CA GLY B 5 -20.54 21.25 38.56
C GLY B 5 -19.47 20.79 37.59
N LEU B 6 -18.70 19.77 37.93
CA LEU B 6 -17.82 19.14 36.97
C LEU B 6 -18.59 18.25 36.00
N GLU B 7 -19.81 17.84 36.36
CA GLU B 7 -20.61 17.01 35.48
C GLU B 7 -20.94 17.75 34.19
N ALA B 8 -21.21 19.05 34.27
CA ALA B 8 -21.48 19.83 33.07
C ALA B 8 -20.26 19.84 32.15
N LEU B 9 -19.06 19.98 32.71
CA LEU B 9 -17.86 20.01 31.89
C LEU B 9 -17.59 18.64 31.26
N LEU B 10 -17.70 17.57 32.05
CA LEU B 10 -17.24 16.26 31.61
C LEU B 10 -18.34 15.40 31.00
N ARG B 11 -19.61 15.67 31.31
CA ARG B 11 -20.73 14.94 30.72
C ARG B 11 -21.81 15.92 30.29
N PRO B 12 -21.52 16.79 29.34
CA PRO B 12 -22.50 17.78 28.89
C PRO B 12 -23.58 17.17 28.00
N LYS B 13 -24.74 17.83 27.99
CA LYS B 13 -25.82 17.46 27.09
C LYS B 13 -25.93 18.36 25.87
N SER B 14 -25.31 19.53 25.88
CA SER B 14 -25.35 20.44 24.74
C SER B 14 -24.16 21.39 24.82
N ILE B 15 -23.72 21.87 23.65
CA ILE B 15 -22.52 22.70 23.55
C ILE B 15 -22.80 23.86 22.60
N ALA B 16 -22.27 25.03 22.94
CA ALA B 16 -22.33 26.23 22.10
C ALA B 16 -20.92 26.66 21.72
N VAL B 17 -20.72 26.91 20.43
CA VAL B 17 -19.42 27.31 19.89
C VAL B 17 -19.50 28.79 19.54
N ILE B 18 -18.86 29.63 20.34
CA ILE B 18 -18.87 31.07 20.13
C ILE B 18 -17.74 31.42 19.16
N GLY B 19 -18.09 32.01 18.02
CA GLY B 19 -17.12 32.38 17.02
C GLY B 19 -16.85 31.34 15.95
N ALA B 20 -17.78 30.44 15.67
CA ALA B 20 -17.61 29.48 14.59
C ALA B 20 -17.52 30.20 13.25
N SER B 21 -16.83 29.58 12.29
CA SER B 21 -16.54 30.25 11.03
C SER B 21 -16.43 29.22 9.91
N MET B 22 -16.63 29.69 8.68
CA MET B 22 -16.50 28.89 7.47
C MET B 22 -15.10 28.92 6.87
N LYS B 23 -14.25 29.85 7.29
CA LYS B 23 -12.92 29.96 6.69
C LYS B 23 -12.05 28.81 7.16
N PRO B 24 -11.46 28.01 6.26
CA PRO B 24 -10.82 26.75 6.70
C PRO B 24 -9.66 26.93 7.66
N ASN B 25 -9.05 28.10 7.74
CA ASN B 25 -7.87 28.31 8.58
C ASN B 25 -8.20 28.92 9.94
N ARG B 26 -9.49 29.00 10.31
CA ARG B 26 -9.88 29.60 11.57
C ARG B 26 -9.99 28.53 12.67
N ALA B 27 -9.83 28.97 13.92
CA ALA B 27 -9.92 28.06 15.05
C ALA B 27 -11.34 27.52 15.22
N GLY B 28 -12.35 28.38 15.01
CA GLY B 28 -13.73 27.94 15.13
C GLY B 28 -14.09 26.88 14.10
N TYR B 29 -13.53 27.01 12.89
CA TYR B 29 -13.71 25.98 11.88
C TYR B 29 -13.23 24.63 12.39
N LEU B 30 -12.02 24.58 12.94
CA LEU B 30 -11.47 23.33 13.44
C LEU B 30 -12.30 22.78 14.59
N MET B 31 -12.73 23.65 15.52
CA MET B 31 -13.55 23.20 16.64
C MET B 31 -14.86 22.59 16.14
N MET B 32 -15.53 23.25 15.21
CA MET B 32 -16.78 22.74 14.67
C MET B 32 -16.57 21.39 13.97
N ARG B 33 -15.50 21.29 13.17
CA ARG B 33 -15.26 20.06 12.42
C ARG B 33 -15.00 18.89 13.37
N ASN B 34 -14.17 19.12 14.39
CA ASN B 34 -13.90 18.08 15.38
C ASN B 34 -15.18 17.67 16.12
N LEU B 35 -15.95 18.66 16.58
CA LEU B 35 -17.16 18.35 17.35
C LEU B 35 -18.14 17.56 16.50
N LEU B 36 -18.33 17.94 15.24
CA LEU B 36 -19.27 17.23 14.39
C LEU B 36 -18.78 15.83 14.06
N ALA B 37 -17.46 15.62 13.98
CA ALA B 37 -16.93 14.29 13.73
C ALA B 37 -16.85 13.42 14.99
N GLY B 38 -17.07 13.98 16.18
CA GLY B 38 -16.84 13.22 17.40
C GLY B 38 -17.78 12.04 17.57
N GLY B 39 -19.06 12.21 17.26
CA GLY B 39 -20.05 11.18 17.52
C GLY B 39 -20.97 11.56 18.67
N PHE B 40 -21.19 12.87 18.84
CA PHE B 40 -21.90 13.38 19.99
C PHE B 40 -23.41 13.12 19.86
N ASN B 41 -24.05 12.83 20.99
CA ASN B 41 -25.48 12.54 21.03
C ASN B 41 -26.34 13.78 21.28
N GLY B 42 -25.74 14.96 21.41
CA GLY B 42 -26.47 16.19 21.64
C GLY B 42 -26.34 17.18 20.50
N PRO B 43 -26.94 18.36 20.65
CA PRO B 43 -26.83 19.39 19.63
C PRO B 43 -25.57 20.25 19.77
N VAL B 44 -25.06 20.69 18.63
CA VAL B 44 -23.92 21.59 18.56
C VAL B 44 -24.43 22.89 17.95
N LEU B 45 -24.42 23.97 18.73
CA LEU B 45 -25.08 25.22 18.35
C LEU B 45 -24.03 26.28 17.99
N PRO B 46 -23.89 26.66 16.72
CA PRO B 46 -22.93 27.72 16.38
C PRO B 46 -23.50 29.12 16.56
N VAL B 47 -22.67 30.02 17.08
CA VAL B 47 -23.03 31.42 17.31
C VAL B 47 -22.03 32.30 16.59
N THR B 48 -22.52 33.13 15.66
CA THR B 48 -21.67 34.04 14.90
C THR B 48 -22.52 35.05 14.13
N PRO B 49 -22.07 36.31 14.01
CA PRO B 49 -22.82 37.29 13.22
C PRO B 49 -22.45 37.36 11.74
N ALA B 50 -21.49 36.56 11.28
CA ALA B 50 -20.96 36.69 9.92
C ALA B 50 -21.41 35.59 8.97
N TRP B 51 -22.17 34.61 9.45
CA TRP B 51 -22.58 33.48 8.62
C TRP B 51 -24.00 33.05 8.99
N LYS B 52 -24.75 32.62 7.99
CA LYS B 52 -26.09 32.10 8.21
C LYS B 52 -26.09 30.61 8.53
N ALA B 53 -25.08 29.88 8.05
CA ALA B 53 -24.92 28.47 8.40
C ALA B 53 -23.43 28.14 8.36
N VAL B 54 -23.02 27.16 9.17
CA VAL B 54 -21.62 26.76 9.26
C VAL B 54 -21.54 25.25 9.13
N LEU B 55 -20.87 24.79 8.07
CA LEU B 55 -20.70 23.36 7.81
C LEU B 55 -22.05 22.64 7.81
N GLY B 56 -23.06 23.29 7.25
CA GLY B 56 -24.39 22.70 7.13
C GLY B 56 -25.28 22.85 8.34
N VAL B 57 -24.87 23.58 9.37
CA VAL B 57 -25.62 23.73 10.61
C VAL B 57 -26.14 25.16 10.69
N LEU B 58 -27.44 25.31 10.85
CA LEU B 58 -28.03 26.63 11.05
C LEU B 58 -27.39 27.34 12.24
N ALA B 59 -27.07 28.62 12.06
CA ALA B 59 -26.41 29.43 13.07
C ALA B 59 -27.38 30.41 13.71
N TRP B 60 -26.95 31.02 14.81
CA TRP B 60 -27.70 32.03 15.52
C TRP B 60 -26.88 33.30 15.66
N PRO B 61 -27.54 34.47 15.72
CA PRO B 61 -26.77 35.72 15.65
C PRO B 61 -26.03 36.06 16.93
N ASP B 62 -26.58 35.73 18.09
CA ASP B 62 -25.94 36.08 19.35
C ASP B 62 -26.40 35.13 20.45
N ILE B 63 -25.77 35.26 21.62
CA ILE B 63 -26.05 34.36 22.73
C ILE B 63 -27.50 34.48 23.18
N ALA B 64 -28.02 35.71 23.27
CA ALA B 64 -29.38 35.91 23.74
C ALA B 64 -30.41 35.23 22.85
N SER B 65 -30.07 34.96 21.59
CA SER B 65 -31.02 34.37 20.64
C SER B 65 -31.13 32.85 20.74
N LEU B 66 -30.32 32.21 21.58
CA LEU B 66 -30.34 30.75 21.63
C LEU B 66 -31.67 30.24 22.14
N PRO B 67 -32.15 29.09 21.65
CA PRO B 67 -33.48 28.61 22.06
C PRO B 67 -33.54 28.05 23.47
N PHE B 68 -32.41 27.70 24.08
CA PHE B 68 -32.40 27.23 25.46
C PHE B 68 -30.99 27.39 26.02
N THR B 69 -30.81 27.00 27.28
CA THR B 69 -29.57 27.24 28.00
C THR B 69 -28.58 26.13 27.69
N PRO B 70 -27.44 26.42 27.05
CA PRO B 70 -26.45 25.36 26.81
C PRO B 70 -25.75 24.92 28.09
N ASP B 71 -25.34 23.65 28.10
CA ASP B 71 -24.59 23.14 29.25
C ASP B 71 -23.16 23.64 29.25
N LEU B 72 -22.53 23.74 28.08
CA LEU B 72 -21.11 24.08 27.97
C LEU B 72 -20.91 25.02 26.79
N ALA B 73 -19.94 25.94 26.94
CA ALA B 73 -19.62 26.92 25.91
C ALA B 73 -18.12 26.99 25.68
N VAL B 74 -17.74 27.38 24.46
CA VAL B 74 -16.34 27.52 24.06
C VAL B 74 -16.16 28.87 23.36
N LEU B 75 -15.16 29.63 23.81
CA LEU B 75 -14.83 30.92 23.22
C LEU B 75 -13.66 30.78 22.26
N CYS B 76 -13.87 31.16 21.00
CA CYS B 76 -12.84 31.12 19.97
C CYS B 76 -12.58 32.51 19.39
N THR B 77 -12.51 33.52 20.26
CA THR B 77 -12.49 34.92 19.84
C THR B 77 -11.29 35.63 20.46
N ASN B 78 -11.06 36.87 20.00
CA ASN B 78 -9.99 37.69 20.52
C ASN B 78 -10.22 37.99 22.01
N ALA B 79 -9.12 38.10 22.75
CA ALA B 79 -9.20 38.26 24.20
C ALA B 79 -9.92 39.53 24.62
N SER B 80 -10.02 40.53 23.73
CA SER B 80 -10.64 41.80 24.09
C SER B 80 -12.14 41.71 24.30
N ARG B 81 -12.79 40.62 23.87
CA ARG B 81 -14.23 40.43 24.06
C ARG B 81 -14.55 39.49 25.21
N ASN B 82 -13.54 39.01 25.93
CA ASN B 82 -13.73 37.94 26.91
C ASN B 82 -14.75 38.34 27.96
N LEU B 83 -14.57 39.50 28.58
CA LEU B 83 -15.40 39.86 29.74
C LEU B 83 -16.85 40.07 29.34
N ALA B 84 -17.08 40.76 28.22
CA ALA B 84 -18.45 40.99 27.78
C ALA B 84 -19.14 39.68 27.40
N LEU B 85 -18.44 38.79 26.68
CA LEU B 85 -19.05 37.52 26.32
C LEU B 85 -19.34 36.69 27.56
N LEU B 86 -18.42 36.71 28.54
CA LEU B 86 -18.65 35.96 29.77
C LEU B 86 -19.84 36.51 30.55
N GLU B 87 -20.01 37.83 30.57
CA GLU B 87 -21.17 38.41 31.23
C GLU B 87 -22.45 37.98 30.54
N GLU B 88 -22.47 37.98 29.20
CA GLU B 88 -23.66 37.53 28.49
C GLU B 88 -23.96 36.06 28.81
N LEU B 89 -22.92 35.22 28.83
CA LEU B 89 -23.13 33.81 29.15
C LEU B 89 -23.69 33.65 30.57
N GLY B 90 -23.14 34.40 31.53
CA GLY B 90 -23.67 34.34 32.88
C GLY B 90 -25.12 34.78 32.96
N GLU B 91 -25.49 35.80 32.17
CA GLU B 91 -26.88 36.22 32.13
C GLU B 91 -27.77 35.10 31.59
N LYS B 92 -27.32 34.42 30.52
CA LYS B 92 -28.16 33.38 29.93
C LYS B 92 -28.37 32.20 30.87
N GLY B 93 -27.40 31.93 31.73
CA GLY B 93 -27.50 30.81 32.67
C GLY B 93 -26.48 29.72 32.49
N CYS B 94 -25.54 29.85 31.55
CA CYS B 94 -24.50 28.84 31.38
C CYS B 94 -23.58 28.80 32.60
N LYS B 95 -23.05 27.61 32.90
CA LYS B 95 -22.27 27.40 34.11
C LYS B 95 -20.86 26.84 33.86
N THR B 96 -20.43 26.69 32.61
CA THR B 96 -19.09 26.20 32.33
C THR B 96 -18.63 26.75 30.97
N CYS B 97 -17.36 27.14 30.90
CA CYS B 97 -16.81 27.76 29.70
C CYS B 97 -15.36 27.37 29.51
N ILE B 98 -14.94 27.31 28.24
CA ILE B 98 -13.55 27.08 27.86
C ILE B 98 -13.06 28.31 27.10
N ILE B 99 -11.86 28.77 27.43
CA ILE B 99 -11.34 30.05 26.93
C ILE B 99 -10.04 29.78 26.17
N LEU B 100 -9.96 30.29 24.95
CA LEU B 100 -8.80 30.01 24.09
C LEU B 100 -7.61 30.90 24.39
N SER B 101 -7.83 32.19 24.65
CA SER B 101 -6.73 33.15 24.73
C SER B 101 -7.01 34.21 25.79
N ALA B 102 -5.96 34.56 26.55
CA ALA B 102 -6.04 35.65 27.52
C ALA B 102 -4.66 36.00 28.06
N PRO B 103 -4.34 37.28 28.23
CA PRO B 103 -3.08 37.66 28.89
C PRO B 103 -3.22 37.60 30.41
N ALA B 104 -2.08 37.75 31.08
CA ALA B 104 -2.03 37.59 32.53
C ALA B 104 -2.74 38.72 33.27
N SER B 105 -2.85 39.90 32.67
CA SER B 105 -3.47 41.05 33.34
C SER B 105 -4.97 40.91 33.50
N GLN B 106 -5.59 39.90 32.90
CA GLN B 106 -7.03 39.73 32.91
C GLN B 106 -7.53 38.80 34.01
N HIS B 107 -6.62 38.16 34.76
CA HIS B 107 -7.00 37.04 35.61
C HIS B 107 -7.95 37.46 36.73
N GLU B 108 -7.66 38.57 37.40
CA GLU B 108 -8.48 38.99 38.54
C GLU B 108 -9.93 39.25 38.12
N ASP B 109 -10.11 39.96 37.00
CA ASP B 109 -11.46 40.26 36.53
C ASP B 109 -12.20 38.98 36.13
N LEU B 110 -11.49 38.05 35.48
CA LEU B 110 -12.11 36.77 35.13
C LEU B 110 -12.57 36.03 36.37
N ARG B 111 -11.72 35.98 37.40
CA ARG B 111 -12.11 35.31 38.64
C ARG B 111 -13.32 35.98 39.28
N ALA B 112 -13.35 37.30 39.32
CA ALA B 112 -14.48 38.00 39.93
C ALA B 112 -15.76 37.73 39.16
N CYS B 113 -15.70 37.82 37.83
CA CYS B 113 -16.88 37.55 37.01
C CYS B 113 -17.39 36.13 37.20
N ALA B 114 -16.47 35.16 37.23
CA ALA B 114 -16.88 33.77 37.45
C ALA B 114 -17.52 33.60 38.82
N LEU B 115 -16.96 34.24 39.84
CA LEU B 115 -17.51 34.12 41.18
C LEU B 115 -18.93 34.69 41.23
N ARG B 116 -19.15 35.83 40.58
CA ARG B 116 -20.46 36.48 40.66
C ARG B 116 -21.57 35.56 40.14
N HIS B 117 -21.31 34.83 39.06
CA HIS B 117 -22.32 33.99 38.43
C HIS B 117 -22.21 32.52 38.80
N ASN B 118 -21.25 32.15 39.66
CA ASN B 118 -21.07 30.75 40.06
C ASN B 118 -20.82 29.86 38.86
N MET B 119 -19.80 30.21 38.06
CA MET B 119 -19.42 29.46 36.88
C MET B 119 -18.00 28.94 37.04
N ARG B 120 -17.74 27.79 36.44
CA ARG B 120 -16.39 27.20 36.41
C ARG B 120 -15.75 27.45 35.05
N LEU B 121 -14.45 27.70 35.05
CA LEU B 121 -13.70 27.99 33.84
C LEU B 121 -12.54 27.02 33.71
N LEU B 122 -12.39 26.43 32.53
CA LEU B 122 -11.20 25.65 32.23
C LEU B 122 -10.09 26.56 31.74
N GLY B 123 -8.90 26.40 32.31
CA GLY B 123 -7.84 27.38 32.24
C GLY B 123 -7.71 28.07 30.90
N PRO B 124 -7.45 29.39 30.90
CA PRO B 124 -7.23 30.09 29.63
C PRO B 124 -5.97 29.57 28.94
N ASN B 125 -5.94 29.73 27.62
CA ASN B 125 -4.87 29.18 26.80
C ASN B 125 -4.84 27.65 26.91
N SER B 126 -6.02 27.04 26.91
CA SER B 126 -6.17 25.60 27.03
C SER B 126 -6.43 24.97 25.67
N LEU B 127 -5.91 23.76 25.48
CA LEU B 127 -6.14 23.05 24.23
C LEU B 127 -7.52 22.40 24.18
N GLY B 128 -8.18 22.22 25.32
CA GLY B 128 -9.50 21.60 25.36
C GLY B 128 -9.53 20.27 26.08
N LEU B 129 -10.50 19.41 25.74
CA LEU B 129 -10.62 18.11 26.37
C LEU B 129 -11.26 17.12 25.41
N LEU B 130 -11.04 15.84 25.66
CA LEU B 130 -11.57 14.75 24.83
C LEU B 130 -12.06 13.63 25.74
N ALA B 131 -13.28 13.14 25.47
CA ALA B 131 -13.90 12.05 26.24
C ALA B 131 -14.44 11.00 25.26
N PRO B 132 -13.62 10.03 24.87
CA PRO B 132 -14.04 9.12 23.78
C PRO B 132 -15.31 8.34 24.07
N TRP B 133 -15.56 7.93 25.32
CA TRP B 133 -16.72 7.11 25.60
C TRP B 133 -18.04 7.85 25.46
N GLN B 134 -18.01 9.19 25.35
CA GLN B 134 -19.20 9.99 25.13
C GLN B 134 -19.24 10.60 23.73
N GLY B 135 -18.27 10.28 22.88
CA GLY B 135 -18.23 10.85 21.54
C GLY B 135 -18.06 12.36 21.54
N LEU B 136 -17.24 12.88 22.45
CA LEU B 136 -17.03 14.32 22.60
C LEU B 136 -15.58 14.66 22.31
N ASN B 137 -15.35 15.48 21.27
CA ASN B 137 -14.02 16.01 20.95
C ASN B 137 -14.13 17.53 20.89
N ALA B 138 -14.04 18.17 22.05
CA ALA B 138 -14.06 19.62 22.16
C ALA B 138 -12.63 20.13 22.36
N SER B 139 -11.87 20.15 21.27
CA SER B 139 -10.46 20.52 21.35
C SER B 139 -10.01 21.10 20.02
N PHE B 140 -8.87 21.78 20.07
CA PHE B 140 -8.22 22.35 18.89
C PHE B 140 -7.06 21.47 18.40
N SER B 141 -7.09 20.18 18.69
CA SER B 141 -5.98 19.30 18.32
C SER B 141 -6.22 18.68 16.94
N PRO B 142 -5.18 18.53 16.12
CA PRO B 142 -5.35 17.88 14.82
C PRO B 142 -5.15 16.37 14.80
N VAL B 143 -5.06 15.71 15.95
CA VAL B 143 -4.77 14.28 16.05
C VAL B 143 -6.02 13.56 16.54
N PRO B 144 -6.43 12.46 15.92
CA PRO B 144 -7.62 11.73 16.39
C PRO B 144 -7.33 10.88 17.62
N ILE B 145 -8.40 10.30 18.19
CA ILE B 145 -8.35 9.57 19.44
C ILE B 145 -9.35 8.42 19.41
N LYS B 146 -9.16 7.45 20.31
CA LYS B 146 -10.07 6.32 20.41
C LYS B 146 -10.19 5.87 21.87
N ARG B 147 -11.15 4.97 22.11
CA ARG B 147 -11.53 4.59 23.46
C ARG B 147 -10.45 3.76 24.14
N GLY B 148 -10.39 3.88 25.47
CA GLY B 148 -9.42 3.12 26.23
C GLY B 148 -9.69 3.19 27.72
N LYS B 149 -8.69 2.82 28.51
CA LYS B 149 -8.80 2.77 29.97
C LYS B 149 -7.85 3.70 30.70
N LEU B 150 -6.96 4.40 30.01
CA LEU B 150 -5.97 5.25 30.65
C LEU B 150 -6.38 6.71 30.56
N ALA B 151 -6.12 7.46 31.62
CA ALA B 151 -6.43 8.89 31.70
C ALA B 151 -5.14 9.70 31.78
N PHE B 152 -5.16 10.90 31.17
CA PHE B 152 -3.97 11.73 31.03
C PHE B 152 -4.32 13.19 31.31
N ILE B 153 -3.48 13.86 32.11
CA ILE B 153 -3.64 15.27 32.45
C ILE B 153 -2.31 15.97 32.16
N SER B 154 -2.38 17.12 31.47
CA SER B 154 -1.17 17.80 31.00
C SER B 154 -1.29 19.31 31.17
N GLN B 155 -0.15 19.94 31.41
CA GLN B 155 -0.03 21.40 31.42
C GLN B 155 0.74 21.92 30.21
N SER B 156 0.78 21.15 29.12
CA SER B 156 1.49 21.56 27.90
C SER B 156 0.78 21.01 26.67
N ALA B 157 0.56 21.88 25.68
CA ALA B 157 -0.13 21.49 24.45
C ALA B 157 0.74 20.59 23.57
N ALA B 158 2.02 20.94 23.41
CA ALA B 158 2.88 20.17 22.52
C ALA B 158 3.05 18.73 23.02
N VAL B 159 3.19 18.57 24.35
CA VAL B 159 3.30 17.23 24.91
C VAL B 159 2.01 16.44 24.65
N SER B 160 0.87 17.09 24.82
CA SER B 160 -0.41 16.42 24.56
C SER B 160 -0.49 15.93 23.13
N ASN B 161 -0.14 16.79 22.16
CA ASN B 161 -0.19 16.38 20.77
C ASN B 161 0.78 15.23 20.50
N THR B 162 1.99 15.30 21.07
CA THR B 162 2.97 14.23 20.86
C THR B 162 2.46 12.90 21.41
N ILE B 163 1.88 12.91 22.61
CA ILE B 163 1.37 11.68 23.19
C ILE B 163 0.21 11.12 22.36
N LEU B 164 -0.67 12.00 21.88
CA LEU B 164 -1.76 11.53 21.03
C LEU B 164 -1.24 10.87 19.77
N ASP B 165 -0.23 11.49 19.13
CA ASP B 165 0.34 10.88 17.93
C ASP B 165 0.98 9.52 18.24
N TRP B 166 1.72 9.43 19.34
CA TRP B 166 2.33 8.17 19.72
C TRP B 166 1.27 7.09 19.91
N ALA B 167 0.19 7.42 20.62
CA ALA B 167 -0.90 6.46 20.80
C ALA B 167 -1.50 6.06 19.47
N GLN B 168 -1.65 7.01 18.54
CA GLN B 168 -2.16 6.68 17.22
C GLN B 168 -1.27 5.65 16.55
N GLN B 169 0.05 5.77 16.71
CA GLN B 169 0.95 4.81 16.08
C GLN B 169 0.71 3.40 16.61
N ARG B 170 0.48 3.26 17.91
CA ARG B 170 0.42 1.95 18.56
C ARG B 170 -1.00 1.39 18.68
N LYS B 171 -2.02 2.09 18.19
CA LYS B 171 -3.40 1.60 18.23
C LYS B 171 -3.90 1.44 19.68
N MET B 172 -3.76 2.50 20.46
CA MET B 172 -4.13 2.50 21.87
C MET B 172 -4.99 3.72 22.16
N GLY B 173 -5.86 3.60 23.16
CA GLY B 173 -6.86 4.60 23.46
C GLY B 173 -6.79 5.13 24.88
N PHE B 174 -7.77 5.99 25.19
CA PHE B 174 -7.83 6.68 26.47
C PHE B 174 -9.26 6.72 26.98
N SER B 175 -9.41 6.94 28.29
CA SER B 175 -10.70 7.23 28.89
C SER B 175 -10.97 8.71 29.06
N TYR B 176 -9.94 9.52 29.31
CA TYR B 176 -10.07 10.96 29.42
C TYR B 176 -8.74 11.61 29.05
N PHE B 177 -8.82 12.77 28.40
CA PHE B 177 -7.63 13.53 28.01
C PHE B 177 -7.93 15.01 28.21
N ILE B 178 -7.29 15.64 29.19
CA ILE B 178 -7.63 17.00 29.62
C ILE B 178 -6.36 17.85 29.65
N ALA B 179 -6.44 19.02 29.03
CA ALA B 179 -5.37 20.03 29.07
C ALA B 179 -5.81 21.20 29.95
N LEU B 180 -4.94 21.60 30.88
CA LEU B 180 -5.32 22.54 31.93
C LEU B 180 -5.01 24.00 31.60
N GLY B 181 -4.12 24.26 30.66
CA GLY B 181 -3.75 25.65 30.38
C GLY B 181 -3.14 26.29 31.61
N ASP B 182 -3.60 27.50 31.94
CA ASP B 182 -3.04 28.25 33.06
C ASP B 182 -3.58 27.82 34.42
N SER B 183 -4.60 26.97 34.46
CA SER B 183 -5.15 26.46 35.72
C SER B 183 -5.65 27.58 36.62
N LEU B 184 -6.38 28.53 36.04
CA LEU B 184 -6.87 29.67 36.83
C LEU B 184 -7.93 29.22 37.83
N ASP B 185 -8.92 28.46 37.39
CA ASP B 185 -10.03 28.03 38.25
C ASP B 185 -10.03 26.53 38.50
N ILE B 186 -10.06 25.72 37.45
CA ILE B 186 -10.04 24.26 37.58
C ILE B 186 -8.58 23.80 37.61
N ASP B 187 -8.24 22.93 38.56
CA ASP B 187 -6.86 22.52 38.78
C ASP B 187 -6.80 21.01 39.02
N VAL B 188 -5.59 20.53 39.32
CA VAL B 188 -5.29 19.10 39.22
C VAL B 188 -6.00 18.31 40.33
N ASP B 189 -6.05 18.86 41.55
CA ASP B 189 -6.56 18.07 42.67
C ASP B 189 -8.03 17.70 42.49
N GLU B 190 -8.84 18.64 41.98
CA GLU B 190 -10.24 18.34 41.73
C GLU B 190 -10.40 17.24 40.69
N LEU B 191 -9.59 17.29 39.63
CA LEU B 191 -9.64 16.26 38.61
C LEU B 191 -9.24 14.90 39.16
N LEU B 192 -8.23 14.88 40.04
CA LEU B 192 -7.84 13.63 40.68
C LEU B 192 -9.00 13.08 41.52
N ASP B 193 -9.66 13.94 42.28
CA ASP B 193 -10.80 13.50 43.08
C ASP B 193 -11.90 12.93 42.19
N TYR B 194 -12.19 13.59 41.08
CA TYR B 194 -13.22 13.10 40.17
C TYR B 194 -12.83 11.75 39.57
N LEU B 195 -11.59 11.64 39.10
CA LEU B 195 -11.16 10.43 38.40
C LEU B 195 -11.04 9.24 39.35
N ALA B 196 -10.83 9.48 40.65
CA ALA B 196 -10.75 8.37 41.59
C ALA B 196 -12.02 7.52 41.60
N ARG B 197 -13.16 8.09 41.20
CA ARG B 197 -14.44 7.40 41.25
C ARG B 197 -14.97 7.00 39.88
N ASP B 198 -14.20 7.21 38.81
CA ASP B 198 -14.67 6.88 37.47
C ASP B 198 -14.47 5.39 37.20
N SER B 199 -15.54 4.72 36.77
CA SER B 199 -15.49 3.27 36.64
C SER B 199 -14.67 2.84 35.42
N LYS B 200 -14.60 3.67 34.38
CA LYS B 200 -13.87 3.30 33.17
C LYS B 200 -12.36 3.53 33.28
N THR B 201 -11.89 4.23 34.30
CA THR B 201 -10.49 4.57 34.44
C THR B 201 -9.80 3.60 35.39
N SER B 202 -8.65 3.06 34.96
CA SER B 202 -7.88 2.15 35.78
C SER B 202 -6.46 2.63 36.08
N ALA B 203 -6.01 3.71 35.47
CA ALA B 203 -4.67 4.26 35.75
C ALA B 203 -4.63 5.71 35.30
N ILE B 204 -3.67 6.46 35.86
CA ILE B 204 -3.57 7.89 35.64
C ILE B 204 -2.11 8.27 35.37
N LEU B 205 -1.90 9.18 34.42
CA LEU B 205 -0.58 9.69 34.05
C LEU B 205 -0.63 11.21 33.97
N LEU B 206 0.41 11.88 34.47
CA LEU B 206 0.42 13.33 34.57
C LEU B 206 1.74 13.92 34.09
N TYR B 207 1.64 15.10 33.47
CA TYR B 207 2.79 15.96 33.19
C TYR B 207 2.54 17.32 33.82
N LEU B 208 3.45 17.77 34.68
CA LEU B 208 3.24 18.95 35.51
C LEU B 208 4.43 19.89 35.42
N GLU B 209 4.15 21.17 35.70
CA GLU B 209 5.20 22.19 35.71
C GLU B 209 5.21 23.00 37.00
N GLN B 210 4.05 23.19 37.63
CA GLN B 210 3.98 23.94 38.87
C GLN B 210 2.67 23.66 39.58
N LEU B 211 2.63 24.03 40.87
CA LEU B 211 1.48 23.84 41.73
C LEU B 211 1.18 25.13 42.49
N SER B 212 -0.03 25.21 43.06
CA SER B 212 -0.45 26.35 43.85
C SER B 212 -1.00 26.00 45.23
N ASP B 213 -1.41 24.75 45.46
CA ASP B 213 -1.94 24.33 46.76
C ASP B 213 -1.42 22.92 47.05
N ALA B 214 -0.41 22.83 47.91
CA ALA B 214 0.28 21.55 48.13
C ALA B 214 -0.53 20.60 49.00
N ARG B 215 -1.17 21.11 50.06
CA ARG B 215 -1.90 20.24 50.98
C ARG B 215 -2.98 19.46 50.24
N ARG B 216 -3.79 20.16 49.44
CA ARG B 216 -4.86 19.51 48.69
C ARG B 216 -4.31 18.49 47.71
N PHE B 217 -3.24 18.83 47.01
CA PHE B 217 -2.65 17.89 46.05
C PHE B 217 -2.19 16.62 46.75
N VAL B 218 -1.48 16.77 47.87
CA VAL B 218 -0.99 15.60 48.58
C VAL B 218 -2.15 14.73 49.06
N SER B 219 -3.17 15.35 49.65
CA SER B 219 -4.30 14.57 50.15
C SER B 219 -5.02 13.85 49.02
N ALA B 220 -5.29 14.56 47.91
CA ALA B 220 -6.02 13.95 46.80
C ALA B 220 -5.23 12.81 46.18
N ALA B 221 -3.93 12.99 45.98
CA ALA B 221 -3.11 11.93 45.41
C ALA B 221 -3.03 10.73 46.34
N ARG B 222 -2.88 10.98 47.65
CA ARG B 222 -2.89 9.88 48.61
C ARG B 222 -4.17 9.08 48.52
N SER B 223 -5.31 9.76 48.49
CA SER B 223 -6.59 9.06 48.40
C SER B 223 -6.72 8.31 47.08
N ALA B 224 -6.31 8.92 45.97
CA ALA B 224 -6.52 8.32 44.66
C ALA B 224 -5.63 7.09 44.45
N SER B 225 -4.38 7.13 44.91
CA SER B 225 -3.44 6.05 44.63
C SER B 225 -3.71 4.80 45.47
N ARG B 226 -4.76 4.80 46.30
CA ARG B 226 -5.06 3.61 47.09
C ARG B 226 -5.45 2.43 46.21
N ASN B 227 -6.17 2.68 45.12
CA ASN B 227 -6.69 1.61 44.29
C ASN B 227 -6.25 1.69 42.83
N LYS B 228 -5.53 2.74 42.42
CA LYS B 228 -5.06 2.86 41.04
C LYS B 228 -3.61 3.34 41.01
N PRO B 229 -2.79 2.83 40.09
CA PRO B 229 -1.43 3.35 39.96
C PRO B 229 -1.41 4.75 39.34
N ILE B 230 -0.45 5.56 39.78
CA ILE B 230 -0.30 6.93 39.28
C ILE B 230 1.18 7.22 39.11
N LEU B 231 1.55 7.77 37.94
CA LEU B 231 2.91 8.17 37.64
C LEU B 231 2.93 9.62 37.16
N VAL B 232 4.08 10.29 37.35
CA VAL B 232 4.20 11.72 37.06
C VAL B 232 5.57 12.02 36.48
N ILE B 233 5.63 13.02 35.60
CA ILE B 233 6.87 13.59 35.11
C ILE B 233 6.80 15.11 35.28
N LYS B 234 7.90 15.70 35.74
CA LYS B 234 7.95 17.13 36.08
C LYS B 234 9.24 17.72 35.52
N SER B 235 9.10 18.71 34.64
CA SER B 235 10.24 19.35 34.01
C SER B 235 10.66 20.61 34.77
N GLY B 236 11.79 21.17 34.36
CA GLY B 236 12.30 22.40 34.95
C GLY B 236 13.25 22.17 36.11
N ARG B 237 14.28 21.36 35.89
CA ARG B 237 15.22 21.03 36.95
C ARG B 237 16.48 21.89 36.93
N SER B 238 16.73 22.64 35.86
CA SER B 238 17.94 23.44 35.72
C SER B 238 17.60 24.94 35.66
N PRO B 239 18.56 25.80 35.98
CA PRO B 239 18.27 27.25 36.00
C PRO B 239 17.76 27.79 34.68
N ALA B 240 18.36 27.37 33.56
CA ALA B 240 17.94 27.89 32.26
C ALA B 240 16.51 27.48 31.95
N ALA B 241 16.15 26.22 32.22
CA ALA B 241 14.78 25.78 32.00
C ALA B 241 13.80 26.53 32.89
N GLN B 242 14.18 26.76 34.15
CA GLN B 242 13.32 27.50 35.06
C GLN B 242 13.09 28.93 34.56
N ARG B 243 14.15 29.57 34.07
CA ARG B 243 13.98 30.90 33.48
C ARG B 243 13.05 30.84 32.28
N LEU B 244 13.22 29.82 31.43
CA LEU B 244 12.38 29.71 30.24
C LEU B 244 10.91 29.55 30.61
N LEU B 245 10.62 28.74 31.64
CA LEU B 245 9.25 28.44 32.01
C LEU B 245 8.66 29.41 33.03
N ASN B 246 9.46 30.34 33.56
CA ASN B 246 9.00 31.29 34.58
C ASN B 246 8.55 30.56 35.84
N THR B 247 9.41 29.68 36.35
CA THR B 247 9.17 28.95 37.58
C THR B 247 10.42 28.93 38.45
N THR B 248 11.08 30.08 38.56
CA THR B 248 12.35 30.15 39.29
C THR B 248 12.17 29.81 40.77
N ALA B 249 10.99 30.09 41.33
CA ALA B 249 10.77 29.83 42.74
C ALA B 249 10.51 28.36 43.01
N GLY B 250 11.10 27.84 44.08
CA GLY B 250 10.88 26.48 44.52
C GLY B 250 12.15 25.64 44.45
N MET B 251 12.01 24.40 44.93
CA MET B 251 13.12 23.46 44.98
C MET B 251 12.65 22.09 44.50
N ASP B 252 13.43 21.50 43.59
CA ASP B 252 13.17 20.19 43.00
C ASP B 252 13.20 19.06 44.03
N PRO B 253 14.16 19.05 44.96
CA PRO B 253 14.11 18.02 46.01
C PRO B 253 12.83 18.05 46.82
N ALA B 254 12.23 19.23 47.01
CA ALA B 254 10.92 19.28 47.65
C ALA B 254 9.88 18.53 46.83
N TRP B 255 9.93 18.66 45.51
CA TRP B 255 9.04 17.88 44.64
C TRP B 255 9.30 16.39 44.83
N ASP B 256 10.57 15.99 44.89
CA ASP B 256 10.89 14.57 45.10
C ASP B 256 10.26 14.07 46.39
N ALA B 257 10.46 14.81 47.48
CA ALA B 257 9.91 14.38 48.77
C ALA B 257 8.39 14.32 48.75
N ALA B 258 7.75 15.34 48.17
CA ALA B 258 6.29 15.37 48.13
C ALA B 258 5.74 14.22 47.30
N ILE B 259 6.36 13.94 46.16
CA ILE B 259 5.91 12.84 45.32
C ILE B 259 6.05 11.51 46.06
N GLN B 260 7.17 11.31 46.74
CA GLN B 260 7.35 10.05 47.47
C GLN B 260 6.34 9.92 48.60
N ARG B 261 6.09 11.00 49.33
CA ARG B 261 5.21 10.91 50.50
C ARG B 261 3.78 10.57 50.11
N ALA B 262 3.34 10.96 48.91
CA ALA B 262 1.98 10.69 48.48
C ALA B 262 1.80 9.30 47.89
N GLY B 263 2.87 8.52 47.75
CA GLY B 263 2.77 7.18 47.21
C GLY B 263 2.87 7.07 45.70
N LEU B 264 3.34 8.10 45.01
CA LEU B 264 3.50 8.09 43.57
C LEU B 264 4.95 7.78 43.21
N LEU B 265 5.23 7.74 41.90
CA LEU B 265 6.57 7.51 41.39
C LEU B 265 6.85 8.49 40.25
N ARG B 266 8.09 8.96 40.20
CA ARG B 266 8.53 9.96 39.23
C ARG B 266 9.36 9.31 38.14
N VAL B 267 8.99 9.56 36.88
CA VAL B 267 9.76 9.11 35.72
C VAL B 267 10.64 10.27 35.25
N GLN B 268 11.70 9.92 34.52
CA GLN B 268 12.82 10.83 34.30
C GLN B 268 12.79 11.59 32.97
N ASP B 269 12.43 10.95 31.86
CA ASP B 269 12.57 11.60 30.55
C ASP B 269 11.53 11.05 29.58
N THR B 270 11.61 11.51 28.33
CA THR B 270 10.57 11.24 27.35
C THR B 270 10.43 9.74 27.05
N HIS B 271 11.54 9.02 26.90
CA HIS B 271 11.46 7.60 26.58
C HIS B 271 10.70 6.84 27.66
N GLU B 272 11.02 7.12 28.93
CA GLU B 272 10.34 6.47 30.03
C GLU B 272 8.85 6.81 30.04
N LEU B 273 8.47 7.97 29.52
CA LEU B 273 7.05 8.31 29.45
C LEU B 273 6.30 7.39 28.48
N PHE B 274 6.89 7.17 27.29
CA PHE B 274 6.29 6.24 26.34
C PHE B 274 6.21 4.84 26.93
N SER B 275 7.30 4.39 27.58
CA SER B 275 7.28 3.07 28.19
C SER B 275 6.22 2.99 29.29
N ALA B 276 6.02 4.08 30.02
CA ALA B 276 4.99 4.12 31.06
C ALA B 276 3.61 3.97 30.46
N VAL B 277 3.35 4.65 29.34
CA VAL B 277 2.07 4.49 28.65
C VAL B 277 1.84 3.02 28.32
N GLU B 278 2.84 2.40 27.70
CA GLU B 278 2.71 0.98 27.32
C GLU B 278 2.44 0.10 28.54
N THR B 279 3.24 0.28 29.60
CA THR B 279 3.16 -0.59 30.75
C THR B 279 1.84 -0.44 31.49
N LEU B 280 1.41 0.81 31.73
CA LEU B 280 0.13 1.00 32.39
C LEU B 280 -1.02 0.51 31.54
N SER B 281 -0.86 0.51 30.21
CA SER B 281 -1.95 0.05 29.36
C SER B 281 -2.10 -1.47 29.36
N HIS B 282 -0.99 -2.22 29.25
CA HIS B 282 -1.11 -3.62 28.89
C HIS B 282 -0.61 -4.63 29.93
N MET B 283 0.28 -4.27 30.84
CA MET B 283 0.90 -5.27 31.70
C MET B 283 -0.03 -5.67 32.86
N ARG B 284 -0.02 -6.98 33.18
CA ARG B 284 -0.76 -7.52 34.32
C ARG B 284 -0.07 -7.16 35.63
N PRO B 285 -0.82 -6.82 36.69
CA PRO B 285 -0.19 -6.44 37.95
C PRO B 285 0.68 -7.56 38.53
N LEU B 286 1.78 -7.16 39.15
CA LEU B 286 2.77 -8.10 39.69
C LEU B 286 2.29 -8.71 41.01
N ARG B 287 2.79 -9.92 41.27
CA ARG B 287 2.65 -10.57 42.57
C ARG B 287 3.99 -10.91 43.18
N GLY B 288 5.09 -10.38 42.67
CA GLY B 288 6.40 -10.69 43.19
C GLY B 288 7.47 -10.00 42.37
N ASP B 289 8.73 -10.38 42.62
CA ASP B 289 9.87 -9.71 41.99
C ASP B 289 10.92 -10.69 41.49
N ARG B 290 10.53 -11.93 41.19
CA ARG B 290 11.45 -12.92 40.63
C ARG B 290 11.30 -12.98 39.11
N LEU B 291 12.41 -12.89 38.39
CA LEU B 291 12.41 -12.73 36.94
C LEU B 291 13.02 -13.95 36.24
N MET B 292 12.43 -14.29 35.10
CA MET B 292 12.86 -15.41 34.24
C MET B 292 13.12 -14.89 32.84
N ILE B 293 14.21 -15.35 32.22
CA ILE B 293 14.64 -14.85 30.91
C ILE B 293 14.94 -16.02 29.98
N ILE B 294 14.53 -15.89 28.71
CA ILE B 294 14.88 -16.84 27.66
C ILE B 294 15.14 -16.07 26.37
N SER B 295 16.10 -16.55 25.57
CA SER B 295 16.49 -15.83 24.36
C SER B 295 17.09 -16.81 23.35
N ASN B 296 16.97 -16.44 22.07
CA ASN B 296 17.66 -17.17 21.00
C ASN B 296 18.98 -16.48 20.67
N GLY B 297 19.82 -16.34 21.70
CA GLY B 297 21.07 -15.62 21.58
C GLY B 297 21.59 -15.15 22.92
N ALA B 298 22.91 -14.98 23.05
CA ALA B 298 23.53 -14.68 24.33
C ALA B 298 23.69 -13.19 24.59
N ALA B 299 24.13 -12.42 23.59
CA ALA B 299 24.49 -11.02 23.83
C ALA B 299 23.31 -10.18 24.31
N PRO B 300 22.12 -10.25 23.70
CA PRO B 300 20.99 -9.47 24.24
C PRO B 300 20.67 -9.82 25.69
N ALA B 301 20.78 -11.09 26.05
CA ALA B 301 20.54 -11.49 27.44
C ALA B 301 21.63 -10.93 28.35
N ALA B 302 22.88 -10.89 27.88
CA ALA B 302 23.94 -10.30 28.68
C ALA B 302 23.68 -8.82 28.92
N LEU B 303 23.24 -8.10 27.88
CA LEU B 303 22.91 -6.69 28.05
C LEU B 303 21.77 -6.51 29.05
N ALA B 304 20.75 -7.36 28.97
CA ALA B 304 19.67 -7.32 29.94
C ALA B 304 20.18 -7.58 31.35
N LEU B 305 21.09 -8.53 31.51
CA LEU B 305 21.65 -8.82 32.83
C LEU B 305 22.42 -7.63 33.38
N ASP B 306 23.20 -6.96 32.54
CA ASP B 306 23.89 -5.75 32.99
C ASP B 306 22.88 -4.69 33.45
N ALA B 307 21.83 -4.48 32.66
CA ALA B 307 20.82 -3.50 33.04
C ALA B 307 20.16 -3.87 34.38
N LEU B 308 19.89 -5.16 34.58
CA LEU B 308 19.25 -5.59 35.83
C LEU B 308 20.19 -5.40 37.01
N TRP B 309 21.48 -5.72 36.82
CA TRP B 309 22.45 -5.54 37.89
C TRP B 309 22.57 -4.08 38.29
N SER B 310 22.46 -3.18 37.31
CA SER B 310 22.59 -1.75 37.62
C SER B 310 21.46 -1.26 38.53
N ARG B 311 20.35 -1.99 38.64
CA ARG B 311 19.20 -1.55 39.41
C ARG B 311 18.84 -2.45 40.58
N ASN B 312 19.69 -3.41 40.94
CA ASN B 312 19.48 -4.26 42.12
C ASN B 312 18.21 -5.10 41.98
N GLY B 313 18.08 -5.80 40.84
CA GLY B 313 17.01 -6.74 40.64
C GLY B 313 17.39 -8.15 41.10
N LYS B 314 16.43 -9.06 40.99
CA LYS B 314 16.58 -10.42 41.49
C LYS B 314 16.25 -11.42 40.40
N LEU B 315 17.16 -12.38 40.18
CA LEU B 315 16.95 -13.46 39.23
C LEU B 315 16.30 -14.66 39.92
N ALA B 316 15.42 -15.34 39.20
CA ALA B 316 14.78 -16.54 39.72
C ALA B 316 15.70 -17.75 39.61
N THR B 317 15.39 -18.77 40.40
CA THR B 317 16.14 -20.03 40.42
C THR B 317 15.20 -21.18 40.10
N LEU B 318 15.59 -22.02 39.13
CA LEU B 318 14.79 -23.17 38.76
C LEU B 318 14.93 -24.28 39.81
N SER B 319 13.91 -25.14 39.88
CA SER B 319 13.93 -26.24 40.84
C SER B 319 13.02 -27.35 40.33
N GLU B 320 13.64 -28.43 39.84
CA GLU B 320 13.04 -29.69 39.41
C GLU B 320 12.30 -29.54 38.08
N GLU B 321 12.12 -28.33 37.56
CA GLU B 321 11.73 -28.18 36.17
C GLU B 321 12.90 -28.39 35.24
N THR B 322 14.13 -28.32 35.77
CA THR B 322 15.31 -28.57 34.95
C THR B 322 15.28 -29.96 34.35
N CYS B 323 14.84 -30.95 35.15
CA CYS B 323 14.74 -32.31 34.64
C CYS B 323 13.88 -32.36 33.38
N GLN B 324 12.70 -31.76 33.42
CA GLN B 324 11.80 -31.81 32.28
C GLN B 324 12.37 -31.07 31.08
N LYS B 325 13.10 -29.98 31.32
CA LYS B 325 13.69 -29.22 30.22
C LYS B 325 14.69 -30.07 29.46
N LEU B 326 15.54 -30.81 30.18
CA LEU B 326 16.65 -31.52 29.54
C LEU B 326 16.17 -32.77 28.80
N ARG B 327 15.23 -33.51 29.37
CA ARG B 327 14.86 -34.82 28.87
C ARG B 327 14.00 -34.68 27.62
N ASP B 328 14.59 -34.89 26.45
CA ASP B 328 13.90 -35.06 25.18
C ASP B 328 13.05 -33.86 24.79
N ALA B 329 13.15 -32.74 25.50
CA ALA B 329 12.43 -31.52 25.16
C ALA B 329 13.30 -30.52 24.43
N LEU B 330 14.59 -30.47 24.72
CA LEU B 330 15.52 -29.57 24.07
C LEU B 330 16.78 -30.34 23.66
N PRO B 331 17.48 -29.89 22.61
CA PRO B 331 18.70 -30.59 22.19
C PRO B 331 19.76 -30.59 23.27
N GLU B 332 20.75 -31.47 23.08
CA GLU B 332 21.78 -31.72 24.09
C GLU B 332 22.79 -30.59 24.22
N HIS B 333 22.86 -29.66 23.26
CA HIS B 333 23.82 -28.58 23.33
C HIS B 333 23.29 -27.35 24.05
N VAL B 334 22.07 -27.40 24.57
CA VAL B 334 21.49 -26.29 25.32
C VAL B 334 21.73 -26.53 26.81
N ALA B 335 22.36 -25.56 27.46
CA ALA B 335 22.61 -25.62 28.89
C ALA B 335 21.36 -25.15 29.65
N ILE B 336 20.98 -25.89 30.68
CA ILE B 336 19.75 -25.61 31.43
C ILE B 336 20.12 -24.72 32.60
N SER B 337 19.80 -23.43 32.49
CA SER B 337 20.11 -22.46 33.52
C SER B 337 19.13 -21.30 33.43
N ASN B 338 19.16 -20.43 34.45
CA ASN B 338 18.12 -19.42 34.63
C ASN B 338 18.11 -18.45 33.45
N PRO B 339 19.23 -17.90 33.00
CA PRO B 339 19.25 -17.31 31.65
C PRO B 339 19.37 -18.43 30.62
N LEU B 340 18.27 -18.75 29.94
CA LEU B 340 18.23 -19.91 29.06
C LEU B 340 18.48 -19.47 27.63
N ASP B 341 19.63 -19.86 27.09
CA ASP B 341 20.01 -19.53 25.71
C ASP B 341 19.63 -20.70 24.80
N LEU B 342 18.62 -20.49 23.97
CA LEU B 342 18.20 -21.51 23.02
C LEU B 342 19.05 -21.56 21.76
N ARG B 343 19.99 -20.61 21.60
CA ARG B 343 20.95 -20.60 20.49
C ARG B 343 20.36 -20.02 19.22
N ASP B 344 21.21 -19.67 18.26
CA ASP B 344 20.77 -18.94 17.07
C ASP B 344 19.84 -19.76 16.20
N ASP B 345 19.97 -21.09 16.21
CA ASP B 345 19.21 -21.97 15.32
C ASP B 345 17.97 -22.54 15.99
N ALA B 346 17.42 -21.87 17.00
CA ALA B 346 16.21 -22.34 17.66
C ALA B 346 15.00 -22.15 16.74
N SER B 347 14.09 -23.12 16.80
CA SER B 347 12.84 -23.09 16.05
C SER B 347 11.68 -22.68 16.96
N SER B 348 10.52 -22.44 16.34
CA SER B 348 9.34 -22.03 17.10
C SER B 348 8.87 -23.14 18.03
N GLU B 349 9.01 -24.40 17.61
CA GLU B 349 8.57 -25.52 18.44
C GLU B 349 9.33 -25.54 19.76
N HIS B 350 10.63 -25.23 19.72
CA HIS B 350 11.40 -25.13 20.96
C HIS B 350 10.81 -24.07 21.87
N TYR B 351 10.47 -22.91 21.31
CA TYR B 351 9.83 -21.86 22.09
C TYR B 351 8.56 -22.38 22.76
N ILE B 352 7.72 -23.07 22.00
CA ILE B 352 6.43 -23.51 22.54
C ILE B 352 6.63 -24.52 23.66
N LYS B 353 7.51 -25.50 23.46
CA LYS B 353 7.76 -26.50 24.49
C LYS B 353 8.30 -25.85 25.76
N THR B 354 9.29 -24.95 25.60
CA THR B 354 9.85 -24.27 26.76
C THR B 354 8.79 -23.47 27.50
N LEU B 355 7.95 -22.75 26.75
CA LEU B 355 6.91 -21.94 27.38
C LEU B 355 5.93 -22.79 28.17
N ASP B 356 5.50 -23.92 27.59
CA ASP B 356 4.59 -24.80 28.32
C ASP B 356 5.22 -25.28 29.62
N ILE B 357 6.44 -25.82 29.54
CA ILE B 357 7.08 -26.36 30.74
C ILE B 357 7.25 -25.27 31.79
N LEU B 358 7.71 -24.09 31.38
CA LEU B 358 7.93 -23.01 32.34
C LEU B 358 6.61 -22.55 32.98
N LEU B 359 5.55 -22.41 32.18
CA LEU B 359 4.29 -21.93 32.74
C LEU B 359 3.68 -22.93 33.71
N HIS B 360 3.95 -24.23 33.52
CA HIS B 360 3.37 -25.17 34.49
C HIS B 360 4.09 -25.18 35.85
N SER B 361 5.08 -24.32 36.08
CA SER B 361 5.79 -24.27 37.35
C SER B 361 5.41 -23.01 38.13
N GLN B 362 5.99 -22.88 39.32
CA GLN B 362 5.73 -21.75 40.22
C GLN B 362 7.04 -21.17 40.75
N ASP B 363 8.05 -21.06 39.90
CA ASP B 363 9.38 -20.62 40.32
C ASP B 363 9.65 -19.15 40.04
N PHE B 364 8.72 -18.41 39.45
CA PHE B 364 8.98 -17.04 39.06
C PHE B 364 7.68 -16.24 39.05
N ASP B 365 7.83 -14.92 39.03
CA ASP B 365 6.69 -14.01 38.99
C ASP B 365 6.54 -13.28 37.66
N ALA B 366 7.57 -13.27 36.81
CA ALA B 366 7.51 -12.60 35.53
C ALA B 366 8.44 -13.30 34.55
N LEU B 367 8.06 -13.29 33.26
CA LEU B 367 8.79 -13.98 32.21
C LEU B 367 9.06 -13.03 31.05
N MET B 368 10.32 -12.95 30.62
CA MET B 368 10.75 -12.08 29.54
C MET B 368 11.24 -12.92 28.37
N VAL B 369 10.75 -12.62 27.17
CA VAL B 369 11.00 -13.41 25.97
C VAL B 369 11.66 -12.52 24.93
N ILE B 370 12.87 -12.89 24.49
CA ILE B 370 13.67 -12.14 23.53
C ILE B 370 13.73 -12.92 22.23
N HIS B 371 13.58 -12.21 21.09
CA HIS B 371 13.68 -12.83 19.77
C HIS B 371 14.46 -11.92 18.83
N SER B 372 15.50 -12.47 18.21
CA SER B 372 16.30 -11.79 17.21
C SER B 372 16.09 -12.38 15.82
N PRO B 373 16.36 -11.63 14.75
CA PRO B 373 16.09 -12.14 13.41
C PRO B 373 16.85 -13.42 13.12
N SER B 374 16.17 -14.38 12.49
CA SER B 374 16.76 -15.67 12.19
C SER B 374 15.97 -16.33 11.07
N ALA B 375 16.66 -17.23 10.35
CA ALA B 375 16.01 -17.99 9.30
C ALA B 375 15.15 -19.12 9.84
N ALA B 376 15.56 -19.73 10.96
CA ALA B 376 14.83 -20.88 11.49
C ALA B 376 13.52 -20.48 12.16
N ALA B 377 13.41 -19.26 12.67
CA ALA B 377 12.23 -18.80 13.39
C ALA B 377 11.80 -17.42 12.88
N PRO B 378 11.01 -17.36 11.82
CA PRO B 378 10.52 -16.06 11.34
C PRO B 378 9.68 -15.36 12.39
N ALA B 379 9.72 -14.03 12.37
CA ALA B 379 9.16 -13.23 13.45
C ALA B 379 7.65 -13.42 13.57
N THR B 380 6.91 -13.27 12.46
CA THR B 380 5.45 -13.27 12.53
C THR B 380 4.92 -14.61 13.03
N GLU B 381 5.44 -15.71 12.48
CA GLU B 381 4.99 -17.04 12.90
C GLU B 381 5.29 -17.28 14.37
N SER B 382 6.49 -16.88 14.82
CA SER B 382 6.84 -17.04 16.23
C SER B 382 5.87 -16.26 17.12
N ALA B 383 5.56 -15.02 16.75
CA ALA B 383 4.61 -14.24 17.55
C ALA B 383 3.24 -14.91 17.59
N GLN B 384 2.77 -15.42 16.45
CA GLN B 384 1.46 -16.05 16.41
C GLN B 384 1.41 -17.27 17.31
N VAL B 385 2.44 -18.12 17.24
CA VAL B 385 2.44 -19.33 18.06
C VAL B 385 2.54 -18.98 19.54
N LEU B 386 3.33 -17.95 19.87
CA LEU B 386 3.40 -17.51 21.27
C LEU B 386 2.04 -17.05 21.75
N ILE B 387 1.34 -16.25 20.95
CA ILE B 387 0.04 -15.73 21.36
C ILE B 387 -0.93 -16.88 21.62
N GLU B 388 -0.98 -17.84 20.70
CA GLU B 388 -1.90 -18.97 20.89
C GLU B 388 -1.53 -19.77 22.15
N ALA B 389 -0.24 -20.05 22.33
CA ALA B 389 0.19 -20.84 23.48
C ALA B 389 -0.16 -20.15 24.79
N VAL B 390 0.02 -18.82 24.85
CA VAL B 390 -0.35 -18.10 26.07
C VAL B 390 -1.86 -18.11 26.25
N LYS B 391 -2.61 -18.02 25.15
CA LYS B 391 -4.07 -18.01 25.27
C LYS B 391 -4.60 -19.30 25.86
N HIS B 392 -4.06 -20.44 25.45
CA HIS B 392 -4.65 -21.73 25.81
C HIS B 392 -4.13 -22.32 27.11
N HIS B 393 -3.23 -21.64 27.84
CA HIS B 393 -2.64 -22.29 29.01
C HIS B 393 -3.49 -22.05 30.25
N PRO B 394 -3.74 -23.09 31.07
CA PRO B 394 -4.59 -22.89 32.27
C PRO B 394 -4.05 -21.88 33.25
N ARG B 395 -2.73 -21.83 33.47
CA ARG B 395 -2.13 -21.00 34.50
C ARG B 395 -1.56 -19.69 33.96
N SER B 396 -2.10 -19.19 32.85
CA SER B 396 -1.55 -17.98 32.24
C SER B 396 -1.68 -16.78 33.16
N LYS B 397 -2.81 -16.63 33.85
CA LYS B 397 -3.09 -15.40 34.57
C LYS B 397 -2.54 -15.39 36.00
N TYR B 398 -1.52 -16.20 36.30
CA TYR B 398 -0.77 -16.08 37.55
C TYR B 398 0.55 -15.33 37.40
N VAL B 399 1.01 -15.07 36.17
CA VAL B 399 2.30 -14.45 35.94
C VAL B 399 2.16 -13.34 34.91
N SER B 400 3.16 -12.44 34.90
CA SER B 400 3.20 -11.31 33.98
C SER B 400 4.16 -11.60 32.84
N LEU B 401 3.73 -11.31 31.61
CA LEU B 401 4.50 -11.59 30.41
C LEU B 401 5.08 -10.30 29.83
N LEU B 402 6.26 -10.42 29.23
CA LEU B 402 6.93 -9.30 28.57
C LEU B 402 7.64 -9.82 27.33
N THR B 403 7.50 -9.09 26.22
CA THR B 403 8.09 -9.48 24.95
C THR B 403 9.00 -8.39 24.41
N ASN B 404 10.08 -8.79 23.72
CA ASN B 404 11.03 -7.86 23.10
C ASN B 404 11.47 -8.46 21.76
N TRP B 405 10.78 -8.08 20.69
CA TRP B 405 11.11 -8.54 19.34
C TRP B 405 12.08 -7.54 18.72
N CYS B 406 13.36 -7.91 18.67
CA CYS B 406 14.38 -7.01 18.13
C CYS B 406 14.39 -7.07 16.61
N GLY B 407 14.66 -5.92 15.98
CA GLY B 407 14.65 -5.79 14.54
C GLY B 407 13.53 -4.90 14.06
N GLU B 408 13.85 -3.64 13.75
CA GLU B 408 12.81 -2.65 13.50
C GLU B 408 11.99 -2.98 12.25
N HIS B 409 12.66 -3.33 11.16
CA HIS B 409 11.95 -3.47 9.88
C HIS B 409 11.06 -4.70 9.86
N SER B 410 11.56 -5.83 10.36
CA SER B 410 10.88 -7.12 10.21
C SER B 410 9.92 -7.44 11.35
N SER B 411 9.80 -6.60 12.37
CA SER B 411 8.98 -6.89 13.54
C SER B 411 7.68 -6.09 13.58
N GLN B 412 7.37 -5.34 12.53
CA GLN B 412 6.21 -4.45 12.55
C GLN B 412 4.92 -5.24 12.74
N GLU B 413 4.71 -6.26 11.92
CA GLU B 413 3.48 -7.06 12.00
C GLU B 413 3.40 -7.81 13.33
N ALA B 414 4.53 -8.31 13.82
CA ALA B 414 4.53 -9.00 15.10
C ALA B 414 4.10 -8.08 16.23
N ARG B 415 4.62 -6.85 16.24
CA ARG B 415 4.23 -5.90 17.27
C ARG B 415 2.76 -5.53 17.14
N ARG B 416 2.26 -5.37 15.91
CA ARG B 416 0.84 -5.11 15.73
C ARG B 416 0.00 -6.24 16.32
N LEU B 417 0.39 -7.49 16.05
CA LEU B 417 -0.34 -8.62 16.59
C LEU B 417 -0.30 -8.65 18.12
N PHE B 418 0.87 -8.34 18.70
CA PHE B 418 0.97 -8.30 20.15
C PHE B 418 0.02 -7.26 20.73
N SER B 419 -0.06 -6.09 20.10
CA SER B 419 -0.96 -5.05 20.60
C SER B 419 -2.41 -5.51 20.56
N GLU B 420 -2.80 -6.20 19.48
CA GLU B 420 -4.19 -6.65 19.37
C GLU B 420 -4.56 -7.66 20.45
N ALA B 421 -3.59 -8.46 20.92
CA ALA B 421 -3.85 -9.49 21.91
C ALA B 421 -3.63 -9.01 23.35
N GLY B 422 -3.27 -7.74 23.54
CA GLY B 422 -3.14 -7.20 24.88
C GLY B 422 -1.87 -7.54 25.62
N LEU B 423 -0.78 -7.88 24.91
CA LEU B 423 0.49 -8.19 25.56
C LEU B 423 1.48 -7.04 25.41
N PRO B 424 2.22 -6.69 26.47
CA PRO B 424 3.19 -5.59 26.34
C PRO B 424 4.36 -5.97 25.44
N THR B 425 4.93 -4.96 24.77
CA THR B 425 6.03 -5.16 23.85
C THR B 425 6.91 -3.92 23.85
N TYR B 426 8.23 -4.13 23.75
CA TYR B 426 9.21 -3.05 23.85
C TYR B 426 10.30 -3.24 22.80
N ARG B 427 11.07 -2.16 22.58
CA ARG B 427 12.03 -2.09 21.48
C ARG B 427 13.38 -2.68 21.83
N THR B 428 13.89 -2.43 23.03
CA THR B 428 15.22 -2.89 23.43
C THR B 428 15.16 -3.60 24.77
N PRO B 429 16.11 -4.50 25.04
CA PRO B 429 16.06 -5.24 26.33
C PRO B 429 16.21 -4.34 27.56
N GLU B 430 17.08 -3.32 27.47
CA GLU B 430 17.28 -2.43 28.61
C GLU B 430 15.99 -1.70 28.97
N GLY B 431 15.25 -1.24 27.94
CA GLY B 431 13.97 -0.61 28.20
C GLY B 431 12.98 -1.55 28.87
N THR B 432 13.00 -2.83 28.47
CA THR B 432 12.15 -3.82 29.11
C THR B 432 12.49 -3.96 30.58
N ILE B 433 13.78 -4.06 30.89
CA ILE B 433 14.21 -4.14 32.29
C ILE B 433 13.74 -2.91 33.06
N THR B 434 13.91 -1.72 32.46
CA THR B 434 13.49 -0.49 33.13
C THR B 434 11.99 -0.50 33.41
N ALA B 435 11.19 -0.93 32.44
CA ALA B 435 9.74 -0.99 32.64
C ALA B 435 9.38 -1.89 33.80
N PHE B 436 10.01 -3.08 33.85
CA PHE B 436 9.72 -4.01 34.95
C PHE B 436 10.11 -3.41 36.30
N MET B 437 11.29 -2.78 36.36
CA MET B 437 11.78 -2.26 37.62
C MET B 437 10.96 -1.08 38.12
N HIS B 438 10.34 -0.31 37.21
CA HIS B 438 9.46 0.77 37.64
C HIS B 438 8.35 0.25 38.54
N MET B 439 7.65 -0.80 38.09
CA MET B 439 6.56 -1.35 38.89
C MET B 439 7.08 -2.02 40.16
N VAL B 440 8.22 -2.71 40.07
CA VAL B 440 8.80 -3.28 41.29
C VAL B 440 9.00 -2.19 42.34
N GLU B 441 9.61 -1.07 41.93
CA GLU B 441 9.89 0.01 42.87
C GLU B 441 8.60 0.65 43.41
N TYR B 442 7.59 0.83 42.55
CA TYR B 442 6.32 1.37 43.01
C TYR B 442 5.74 0.52 44.13
N ARG B 443 5.68 -0.80 43.90
CA ARG B 443 5.14 -1.68 44.95
C ARG B 443 5.99 -1.62 46.22
N ARG B 444 7.31 -1.58 46.07
CA ARG B 444 8.18 -1.54 47.24
C ARG B 444 7.91 -0.28 48.08
N ASN B 445 7.80 0.87 47.43
CA ASN B 445 7.56 2.11 48.17
C ASN B 445 6.20 2.06 48.89
N GLN B 446 5.16 1.60 48.20
CA GLN B 446 3.86 1.53 48.84
C GLN B 446 3.89 0.59 50.06
N LYS B 447 4.56 -0.56 49.92
CA LYS B 447 4.66 -1.47 51.05
C LYS B 447 5.44 -0.86 52.21
N GLN B 448 6.54 -0.18 51.91
CA GLN B 448 7.38 0.38 52.96
C GLN B 448 6.68 1.47 53.74
N LEU B 449 5.81 2.25 53.07
CA LEU B 449 5.16 3.35 53.77
C LEU B 449 4.20 2.91 54.87
N ARG B 450 3.86 1.62 54.96
CA ARG B 450 2.74 1.18 55.78
C ARG B 450 3.10 0.20 56.89
N GLU B 451 4.38 0.00 57.18
CA GLU B 451 4.73 -0.88 58.29
C GLU B 451 4.43 -0.19 59.63
N THR B 452 4.36 -1.00 60.68
CA THR B 452 3.94 -0.50 61.99
C THR B 452 5.09 0.25 62.65
N PRO B 453 4.90 1.52 63.03
CA PRO B 453 5.96 2.23 63.76
C PRO B 453 6.12 1.71 65.19
N ALA B 454 7.33 1.88 65.71
CA ALA B 454 7.61 1.52 67.09
C ALA B 454 7.35 2.71 68.02
N LEU B 455 7.07 2.40 69.28
CA LEU B 455 6.81 3.45 70.25
C LEU B 455 8.07 4.24 70.54
N PRO B 456 7.99 5.55 70.72
CA PRO B 456 9.20 6.33 71.02
C PRO B 456 9.58 6.22 72.49
N SER B 457 10.77 6.76 72.79
CA SER B 457 11.29 6.70 74.15
C SER B 457 10.71 7.77 75.06
N ASN B 458 9.86 8.66 74.54
CA ASN B 458 9.19 9.68 75.35
C ASN B 458 10.21 10.64 75.98
N LEU B 459 11.01 11.27 75.12
CA LEU B 459 11.96 12.27 75.58
C LEU B 459 11.23 13.57 75.93
N THR B 460 11.94 14.47 76.58
CA THR B 460 11.36 15.72 77.04
C THR B 460 10.97 16.61 75.88
N SER B 461 9.82 17.28 76.02
CA SER B 461 9.37 18.33 75.10
C SER B 461 8.87 19.47 75.96
N ASN B 462 9.79 20.35 76.38
CA ASN B 462 9.45 21.49 77.23
C ASN B 462 9.19 22.69 76.32
N THR B 463 7.98 22.72 75.78
CA THR B 463 7.62 23.73 74.78
C THR B 463 7.66 25.13 75.37
N ALA B 464 7.15 25.30 76.59
CA ALA B 464 7.02 26.63 77.17
C ALA B 464 8.38 27.29 77.35
N GLU B 465 9.37 26.54 77.83
CA GLU B 465 10.70 27.12 78.01
C GLU B 465 11.30 27.55 76.68
N ALA B 466 11.11 26.75 75.64
CA ALA B 466 11.61 27.11 74.32
C ALA B 466 10.97 28.40 73.82
N HIS B 467 9.64 28.51 73.94
CA HIS B 467 8.99 29.76 73.54
C HIS B 467 9.48 30.93 74.36
N LEU B 468 9.66 30.75 75.67
CA LEU B 468 10.12 31.86 76.50
C LEU B 468 11.51 32.32 76.06
N LEU B 469 12.43 31.38 75.83
CA LEU B 469 13.77 31.76 75.41
C LEU B 469 13.74 32.45 74.05
N LEU B 470 12.96 31.93 73.10
CA LEU B 470 12.91 32.55 71.78
C LEU B 470 12.30 33.95 71.84
N GLN B 471 11.26 34.13 72.67
CA GLN B 471 10.66 35.45 72.81
C GLN B 471 11.61 36.43 73.47
N GLN B 472 12.36 35.99 74.47
CA GLN B 472 13.37 36.85 75.07
C GLN B 472 14.42 37.22 74.03
N ALA B 473 14.84 36.27 73.20
CA ALA B 473 15.85 36.56 72.18
C ALA B 473 15.33 37.59 71.18
N ILE B 474 14.09 37.43 70.72
CA ILE B 474 13.55 38.36 69.73
C ILE B 474 13.15 39.69 70.37
N ALA B 475 13.07 39.75 71.70
CA ALA B 475 12.78 41.03 72.35
C ALA B 475 13.81 42.08 71.99
N GLU B 476 15.09 41.70 71.99
CA GLU B 476 16.14 42.56 71.45
C GLU B 476 16.20 42.39 69.94
N GLY B 477 17.08 43.17 69.30
CA GLY B 477 17.25 43.09 67.86
C GLY B 477 18.13 41.94 67.45
N ALA B 478 17.67 40.71 67.69
CA ALA B 478 18.43 39.50 67.39
C ALA B 478 17.75 38.78 66.23
N THR B 479 18.52 38.45 65.20
CA THR B 479 18.03 37.68 64.07
C THR B 479 18.77 36.36 63.89
N SER B 480 19.74 36.04 64.74
CA SER B 480 20.46 34.79 64.66
C SER B 480 21.03 34.47 66.03
N LEU B 481 21.35 33.18 66.23
CA LEU B 481 21.88 32.72 67.50
C LEU B 481 22.95 31.67 67.24
N ASP B 482 23.98 31.66 68.07
CA ASP B 482 25.10 30.75 67.93
C ASP B 482 24.98 29.61 68.95
N THR B 483 26.01 28.76 69.01
CA THR B 483 25.93 27.54 69.81
C THR B 483 25.62 27.83 71.27
N HIS B 484 26.32 28.81 71.86
CA HIS B 484 26.18 29.05 73.28
C HIS B 484 24.75 29.44 73.64
N GLU B 485 24.11 30.27 72.80
CA GLU B 485 22.75 30.70 73.09
C GLU B 485 21.72 29.62 72.79
N VAL B 486 21.99 28.76 71.79
CA VAL B 486 21.01 27.74 71.41
C VAL B 486 21.10 26.49 72.26
N GLN B 487 22.17 26.32 73.05
CA GLN B 487 22.30 25.11 73.86
C GLN B 487 21.07 24.81 74.72
N PRO B 488 20.54 25.74 75.51
CA PRO B 488 19.37 25.40 76.33
C PRO B 488 18.14 25.03 75.52
N ILE B 489 17.94 25.69 74.36
CA ILE B 489 16.77 25.39 73.53
C ILE B 489 16.83 23.96 73.04
N LEU B 490 17.99 23.52 72.56
CA LEU B 490 18.16 22.13 72.15
C LEU B 490 18.00 21.19 73.33
N GLN B 491 18.54 21.57 74.49
CA GLN B 491 18.41 20.72 75.68
C GLN B 491 16.96 20.51 76.05
N ALA B 492 16.12 21.54 75.87
CA ALA B 492 14.72 21.42 76.24
C ALA B 492 14.01 20.31 75.50
N TYR B 493 14.51 19.92 74.31
CA TYR B 493 13.92 18.84 73.53
C TYR B 493 14.74 17.56 73.57
N GLY B 494 15.78 17.50 74.41
CA GLY B 494 16.49 16.26 74.63
C GLY B 494 17.71 16.01 73.79
N MET B 495 18.33 17.06 73.24
CA MET B 495 19.52 16.93 72.41
C MET B 495 20.72 17.57 73.11
N ASN B 496 21.84 16.86 73.12
CA ASN B 496 23.06 17.34 73.76
C ASN B 496 23.91 18.12 72.77
N THR B 497 24.65 19.10 73.30
CA THR B 497 25.57 19.89 72.51
C THR B 497 26.87 20.07 73.28
N LEU B 498 27.97 20.23 72.55
CA LEU B 498 29.27 20.34 73.18
C LEU B 498 29.38 21.68 73.92
N PRO B 499 29.98 21.70 75.12
CA PRO B 499 30.12 22.99 75.82
C PRO B 499 31.14 23.88 75.14
N THR B 500 30.72 25.11 74.84
CA THR B 500 31.59 26.11 74.23
C THR B 500 32.13 27.13 75.22
N TRP B 501 31.79 27.00 76.50
CA TRP B 501 32.31 27.87 77.57
C TRP B 501 31.91 29.31 77.23
N ILE B 502 32.83 30.28 77.23
CA ILE B 502 32.48 31.69 77.27
C ILE B 502 33.14 32.40 76.10
N ALA B 503 32.55 33.54 75.72
CA ALA B 503 33.11 34.42 74.69
C ALA B 503 34.29 35.17 75.28
N SER B 504 35.39 34.44 75.48
CA SER B 504 36.55 34.99 76.15
C SER B 504 37.32 35.94 75.23
N ASP B 505 38.13 36.79 75.86
CA ASP B 505 39.04 37.67 75.15
C ASP B 505 40.42 37.01 75.06
N SER B 506 41.43 37.78 74.64
CA SER B 506 42.75 37.21 74.44
C SER B 506 43.33 36.67 75.74
N THR B 507 43.12 37.37 76.85
CA THR B 507 43.81 37.01 78.09
C THR B 507 43.19 35.77 78.74
N GLU B 508 41.87 35.64 78.70
CA GLU B 508 41.23 34.48 79.33
C GLU B 508 41.28 33.24 78.44
N ALA B 509 41.51 33.42 77.13
CA ALA B 509 41.56 32.28 76.22
C ALA B 509 42.67 31.32 76.59
N VAL B 510 43.84 31.86 76.95
CA VAL B 510 44.97 31.00 77.33
C VAL B 510 44.63 30.21 78.59
N HIS B 511 44.02 30.86 79.57
CA HIS B 511 43.65 30.16 80.80
C HIS B 511 42.67 29.03 80.52
N ILE B 512 41.64 29.31 79.72
CA ILE B 512 40.66 28.26 79.41
C ILE B 512 41.33 27.12 78.65
N ALA B 513 42.16 27.46 77.66
CA ALA B 513 42.79 26.43 76.84
C ALA B 513 43.70 25.54 77.68
N GLU B 514 44.53 26.13 78.53
CA GLU B 514 45.40 25.31 79.37
C GLU B 514 44.61 24.54 80.41
N GLN B 515 43.46 25.07 80.85
CA GLN B 515 42.60 24.32 81.75
C GLN B 515 42.07 23.06 81.08
N ILE B 516 41.62 23.17 79.83
CA ILE B 516 41.07 22.03 79.11
C ILE B 516 42.14 21.49 78.16
N GLY B 517 42.76 20.38 78.54
CA GLY B 517 43.81 19.80 77.73
C GLY B 517 43.31 19.28 76.40
N TYR B 518 43.61 20.02 75.33
CA TYR B 518 43.22 19.64 73.98
C TYR B 518 43.84 20.62 72.99
N PRO B 519 43.75 20.35 71.69
CA PRO B 519 44.21 21.36 70.71
C PRO B 519 43.47 22.68 70.84
N VAL B 520 42.19 22.63 71.19
CA VAL B 520 41.37 23.83 71.41
C VAL B 520 41.04 24.49 70.09
N ALA B 521 39.95 25.26 70.06
CA ALA B 521 39.49 25.95 68.85
C ALA B 521 38.95 27.31 69.25
N LEU B 522 38.89 28.21 68.26
CA LEU B 522 38.50 29.59 68.50
C LEU B 522 37.48 30.04 67.47
N LYS B 523 36.62 30.98 67.86
CA LYS B 523 35.54 31.46 67.02
C LYS B 523 35.19 32.89 67.43
N LEU B 524 34.82 33.69 66.43
CA LEU B 524 34.45 35.08 66.65
C LEU B 524 32.95 35.19 66.95
N ARG B 525 32.56 36.34 67.50
CA ARG B 525 31.18 36.60 67.91
C ARG B 525 30.60 37.79 67.16
N SER B 526 30.84 37.86 65.85
CA SER B 526 30.25 38.92 65.05
C SER B 526 28.79 38.60 64.76
N PRO B 527 27.95 39.62 64.59
CA PRO B 527 26.55 39.37 64.25
C PRO B 527 26.37 38.95 62.80
N ASP B 528 25.13 38.81 62.35
CA ASP B 528 24.83 38.41 60.98
C ASP B 528 25.18 36.92 60.84
N ILE B 529 25.39 36.44 59.62
CA ILE B 529 25.75 35.04 59.40
C ILE B 529 27.11 34.79 60.03
N PRO B 530 27.30 33.71 60.79
CA PRO B 530 28.60 33.48 61.45
C PRO B 530 29.73 33.25 60.45
N HIS B 531 29.38 32.90 59.22
CA HIS B 531 30.36 32.71 58.16
C HIS B 531 29.99 33.59 56.97
N LYS B 532 31.02 34.00 56.23
CA LYS B 532 30.88 34.73 54.97
C LYS B 532 30.25 36.11 55.14
N SER B 533 30.17 36.62 56.36
CA SER B 533 29.73 38.00 56.53
C SER B 533 30.77 38.92 55.89
N GLU B 534 32.01 38.85 56.36
CA GLU B 534 33.12 39.52 55.70
C GLU B 534 34.35 38.62 55.62
N VAL B 535 34.43 37.61 56.49
CA VAL B 535 35.64 36.79 56.58
C VAL B 535 35.63 35.65 55.57
N GLN B 536 34.46 35.07 55.30
CA GLN B 536 34.35 33.99 54.31
C GLN B 536 35.29 32.83 54.64
N GLY B 537 35.25 32.39 55.90
CA GLY B 537 36.05 31.26 56.33
C GLY B 537 36.56 31.41 57.75
N VAL B 538 36.39 30.37 58.56
CA VAL B 538 36.82 30.37 59.95
C VAL B 538 37.65 29.13 60.20
N MET B 539 38.77 29.29 60.90
CA MET B 539 39.68 28.20 61.15
C MET B 539 39.39 27.53 62.49
N LEU B 540 39.87 26.28 62.62
CA LEU B 540 39.81 25.54 63.86
C LEU B 540 41.10 24.72 63.97
N TYR B 541 41.17 23.84 64.97
CA TYR B 541 42.35 23.02 65.22
C TYR B 541 43.59 23.88 65.46
N LEU B 542 43.54 24.64 66.55
CA LEU B 542 44.73 25.30 67.08
C LEU B 542 45.40 24.43 68.13
N ARG B 543 46.41 24.97 68.80
CA ARG B 543 47.09 24.29 69.88
C ARG B 543 46.88 25.04 71.19
N THR B 544 47.27 24.38 72.28
CA THR B 544 47.17 24.98 73.61
C THR B 544 48.39 25.81 73.97
N ALA B 545 49.41 25.86 73.11
CA ALA B 545 50.69 26.50 73.43
C ALA B 545 50.92 27.69 72.48
N ASN B 546 50.44 28.86 72.89
CA ASN B 546 50.72 30.16 72.28
C ASN B 546 50.12 30.32 70.89
N GLU B 547 49.59 29.22 70.33
CA GLU B 547 48.83 29.35 69.11
C GLU B 547 47.53 30.10 69.35
N VAL B 548 46.98 29.98 70.56
CA VAL B 548 45.78 30.74 70.89
C VAL B 548 46.09 32.24 70.85
N GLN B 549 47.20 32.66 71.46
CA GLN B 549 47.56 34.07 71.40
C GLN B 549 47.78 34.53 69.96
N GLN B 550 48.59 33.79 69.20
CA GLN B 550 48.89 34.22 67.84
C GLN B 550 47.61 34.31 67.00
N ALA B 551 46.75 33.29 67.08
CA ALA B 551 45.53 33.29 66.28
C ALA B 551 44.57 34.39 66.74
N ALA B 552 44.48 34.64 68.05
CA ALA B 552 43.60 35.70 68.52
C ALA B 552 44.04 37.06 68.02
N ASN B 553 45.35 37.34 68.11
CA ASN B 553 45.84 38.62 67.60
C ASN B 553 45.63 38.73 66.10
N ALA B 554 45.89 37.65 65.35
CA ALA B 554 45.67 37.69 63.91
C ALA B 554 44.21 37.94 63.58
N ILE B 555 43.29 37.27 64.28
CA ILE B 555 41.87 37.44 64.02
C ILE B 555 41.46 38.87 64.31
N PHE B 556 41.87 39.40 65.46
CA PHE B 556 41.52 40.78 65.80
C PHE B 556 42.03 41.75 64.74
N ASP B 557 43.29 41.61 64.34
CA ASP B 557 43.86 42.53 63.37
C ASP B 557 43.11 42.45 62.04
N ARG B 558 42.89 41.24 61.53
CA ARG B 558 42.33 41.12 60.18
C ARG B 558 40.85 41.47 60.17
N VAL B 559 40.15 41.29 61.30
CA VAL B 559 38.74 41.68 61.34
C VAL B 559 38.61 43.19 61.47
N LYS B 560 39.51 43.83 62.23
CA LYS B 560 39.45 45.28 62.32
C LYS B 560 39.84 45.94 61.00
N MET B 561 40.78 45.34 60.27
CA MET B 561 41.06 45.83 58.91
C MET B 561 39.91 45.52 57.96
N ALA B 562 39.26 44.37 58.13
CA ALA B 562 38.23 43.94 57.19
C ALA B 562 36.85 44.44 57.57
N TRP B 563 36.43 44.22 58.82
CA TRP B 563 35.09 44.58 59.30
C TRP B 563 35.23 45.43 60.54
N PRO B 564 35.69 46.68 60.40
CA PRO B 564 35.98 47.50 61.58
C PRO B 564 34.77 47.76 62.47
N GLN B 565 33.59 47.95 61.86
CA GLN B 565 32.43 48.44 62.61
C GLN B 565 31.68 47.34 63.35
N ALA B 566 32.06 46.08 63.18
CA ALA B 566 31.31 44.98 63.78
C ALA B 566 31.29 45.11 65.30
N ARG B 567 30.15 44.75 65.90
CA ARG B 567 30.02 44.66 67.35
C ARG B 567 30.78 43.41 67.80
N VAL B 568 31.77 43.61 68.67
CA VAL B 568 32.66 42.54 69.10
C VAL B 568 32.27 42.15 70.53
N HIS B 569 31.83 40.91 70.69
CA HIS B 569 31.48 40.40 72.01
C HIS B 569 32.65 39.65 72.64
N GLY B 570 33.37 38.87 71.85
CA GLY B 570 34.51 38.12 72.35
C GLY B 570 34.79 36.93 71.44
N LEU B 571 35.49 35.95 72.00
CA LEU B 571 35.85 34.73 71.29
C LEU B 571 35.39 33.53 72.08
N LEU B 572 34.73 32.60 71.38
CA LEU B 572 34.27 31.35 71.98
C LEU B 572 35.41 30.34 71.96
N VAL B 573 35.74 29.81 73.12
CA VAL B 573 36.83 28.86 73.28
C VAL B 573 36.23 27.49 73.57
N GLN B 574 36.62 26.50 72.77
CA GLN B 574 36.04 25.16 72.85
C GLN B 574 37.15 24.13 72.79
N SER B 575 36.95 23.01 73.48
CA SER B 575 37.89 21.90 73.47
C SER B 575 37.40 20.83 72.51
N MET B 576 38.35 20.19 71.82
CA MET B 576 38.03 19.25 70.75
C MET B 576 37.74 17.88 71.39
N ALA B 577 36.47 17.53 71.47
CA ALA B 577 36.04 16.32 72.18
C ALA B 577 36.19 15.10 71.27
N ASN B 578 37.44 14.67 71.12
CA ASN B 578 37.80 13.48 70.36
C ASN B 578 36.96 13.35 69.09
N ARG B 579 36.95 14.42 68.30
CA ARG B 579 36.20 14.42 67.06
C ARG B 579 36.72 13.33 66.12
N ALA B 580 38.04 13.21 66.01
CA ALA B 580 38.62 12.16 65.18
C ALA B 580 38.26 10.79 65.74
N GLY B 581 37.93 9.87 64.84
CA GLY B 581 37.45 8.57 65.21
C GLY B 581 35.94 8.42 65.25
N ALA B 582 35.20 9.41 64.74
CA ALA B 582 33.75 9.36 64.69
C ALA B 582 33.28 9.95 63.36
N GLN B 583 32.13 9.46 62.90
CA GLN B 583 31.57 9.96 61.65
C GLN B 583 30.98 11.35 61.85
N GLU B 584 31.03 12.15 60.79
CA GLU B 584 30.52 13.51 60.79
C GLU B 584 29.34 13.61 59.83
N LEU B 585 28.24 14.18 60.31
CA LEU B 585 27.01 14.29 59.53
C LEU B 585 26.53 15.73 59.56
N ARG B 586 25.58 16.04 58.67
CA ARG B 586 25.01 17.38 58.56
C ARG B 586 23.50 17.28 58.47
N VAL B 587 22.82 18.17 59.18
CA VAL B 587 21.36 18.26 59.18
C VAL B 587 20.96 19.71 58.95
N VAL B 588 20.03 19.94 58.03
CA VAL B 588 19.60 21.28 57.66
C VAL B 588 18.08 21.29 57.50
N VAL B 589 17.45 22.37 57.96
CA VAL B 589 16.01 22.58 57.80
C VAL B 589 15.80 23.94 57.15
N GLU B 590 15.07 23.98 56.04
CA GLU B 590 14.80 25.20 55.30
C GLU B 590 13.33 25.28 54.94
N HIS B 591 12.89 26.50 54.65
CA HIS B 591 11.49 26.78 54.30
C HIS B 591 11.34 26.89 52.79
N ASP B 592 10.45 26.08 52.22
CA ASP B 592 10.18 26.14 50.79
C ASP B 592 8.96 27.02 50.52
N PRO B 593 8.98 27.86 49.48
CA PRO B 593 7.83 28.75 49.26
C PRO B 593 6.51 28.02 49.05
N VAL B 594 6.53 26.85 48.43
CA VAL B 594 5.30 26.16 48.05
C VAL B 594 4.99 25.00 48.99
N PHE B 595 6.00 24.19 49.33
CA PHE B 595 5.79 22.99 50.13
C PHE B 595 6.02 23.19 51.62
N GLY B 596 6.65 24.29 52.03
CA GLY B 596 6.88 24.55 53.44
C GLY B 596 8.21 24.02 53.92
N PRO B 597 8.38 23.86 55.23
CA PRO B 597 9.67 23.42 55.77
C PRO B 597 10.05 22.03 55.28
N LEU B 598 11.37 21.83 55.14
CA LEU B 598 11.91 20.59 54.59
C LEU B 598 13.14 20.19 55.39
N ILE B 599 13.34 18.88 55.55
CA ILE B 599 14.42 18.32 56.35
C ILE B 599 15.39 17.59 55.43
N MET B 600 16.68 17.91 55.56
CA MET B 600 17.72 17.36 54.70
C MET B 600 18.82 16.74 55.54
N LEU B 601 19.31 15.58 55.10
CA LEU B 601 20.38 14.85 55.77
C LEU B 601 21.52 14.60 54.78
N GLY B 602 22.74 14.61 55.29
CA GLY B 602 23.89 14.42 54.42
C GLY B 602 25.17 14.23 55.20
N GLU B 603 26.28 14.41 54.50
CA GLU B 603 27.60 14.23 55.07
C GLU B 603 28.20 15.56 55.48
N GLY B 604 28.84 15.59 56.65
CA GLY B 604 29.46 16.78 57.16
C GLY B 604 30.93 16.87 56.80
N GLY B 605 31.48 18.07 56.95
CA GLY B 605 32.87 18.32 56.64
C GLY B 605 33.19 18.53 55.19
N VAL B 606 32.18 18.64 54.33
CA VAL B 606 32.39 18.81 52.89
C VAL B 606 31.50 19.96 52.42
N GLU B 607 31.69 20.34 51.15
CA GLU B 607 30.87 21.38 50.55
C GLU B 607 29.42 20.91 50.46
N TRP B 608 28.50 21.86 50.56
CA TRP B 608 27.07 21.57 50.67
C TRP B 608 26.37 21.93 49.37
N ARG B 609 25.68 20.95 48.79
CA ARG B 609 24.83 21.18 47.61
C ARG B 609 23.76 20.09 47.62
N PRO B 610 22.59 20.38 48.19
CA PRO B 610 21.61 19.29 48.42
C PRO B 610 21.13 18.62 47.15
N GLU B 611 21.26 19.27 46.00
CA GLU B 611 20.67 18.73 44.78
C GLU B 611 21.22 17.35 44.43
N ASP B 612 22.42 17.01 44.90
CA ASP B 612 23.07 15.76 44.53
C ASP B 612 23.66 14.96 45.67
N GLN B 613 23.73 15.51 46.90
CA GLN B 613 24.38 14.80 48.00
C GLN B 613 23.52 14.86 49.27
N ALA B 614 22.20 14.74 49.12
CA ALA B 614 21.33 14.76 50.29
C ALA B 614 20.07 13.97 50.01
N VAL B 615 19.46 13.48 51.08
CA VAL B 615 18.14 12.85 51.05
C VAL B 615 17.19 13.72 51.84
N VAL B 616 15.92 13.74 51.42
CA VAL B 616 14.96 14.72 51.89
C VAL B 616 13.68 14.04 52.37
N ALA B 617 12.94 14.74 53.24
CA ALA B 617 11.68 14.24 53.77
C ALA B 617 10.87 15.41 54.30
N LEU B 618 9.55 15.23 54.35
CA LEU B 618 8.63 16.24 54.87
C LEU B 618 8.22 15.91 56.30
N PRO B 619 8.13 16.91 57.18
CA PRO B 619 7.62 16.65 58.54
C PRO B 619 6.09 16.59 58.53
N PRO B 620 5.49 16.06 59.60
CA PRO B 620 6.10 15.48 60.80
C PRO B 620 6.66 14.08 60.54
N LEU B 621 7.59 13.62 61.36
CA LEU B 621 8.28 12.36 61.13
C LEU B 621 7.91 11.33 62.19
N ASN B 622 7.81 10.08 61.76
CA ASN B 622 7.66 8.94 62.65
C ASN B 622 8.99 8.21 62.77
N MET B 623 9.05 7.25 63.71
CA MET B 623 10.23 6.40 63.78
C MET B 623 10.38 5.59 62.49
N ASN B 624 9.27 5.11 61.94
CA ASN B 624 9.31 4.36 60.69
C ASN B 624 9.81 5.24 59.55
N LEU B 625 9.28 6.46 59.44
CA LEU B 625 9.68 7.35 58.35
C LEU B 625 11.14 7.78 58.50
N ALA B 626 11.59 8.04 59.72
CA ALA B 626 12.98 8.41 59.94
C ALA B 626 13.91 7.24 59.59
N ARG B 627 13.54 6.03 59.99
CA ARG B 627 14.31 4.85 59.59
C ARG B 627 14.36 4.73 58.07
N TYR B 628 13.24 4.97 57.41
CA TYR B 628 13.19 4.90 55.95
C TYR B 628 14.14 5.92 55.33
N LEU B 629 14.16 7.14 55.88
CA LEU B 629 15.07 8.16 55.38
C LEU B 629 16.52 7.72 55.55
N VAL B 630 16.88 7.20 56.72
CA VAL B 630 18.26 6.81 56.98
C VAL B 630 18.67 5.67 56.04
N ILE B 631 17.78 4.70 55.84
CA ILE B 631 18.12 3.56 55.00
C ILE B 631 18.22 3.98 53.53
N GLN B 632 17.36 4.89 53.09
CA GLN B 632 17.54 5.48 51.77
C GLN B 632 18.90 6.14 51.64
N GLY B 633 19.30 6.92 52.64
CA GLY B 633 20.60 7.55 52.61
C GLY B 633 21.72 6.55 52.48
N ILE B 634 21.65 5.45 53.23
CA ILE B 634 22.70 4.43 53.15
C ILE B 634 22.72 3.77 51.79
N LYS B 635 21.54 3.41 51.26
CA LYS B 635 21.51 2.61 50.03
C LYS B 635 22.02 3.42 48.83
N SER B 636 21.75 4.72 48.81
CA SER B 636 22.15 5.55 47.68
C SER B 636 23.63 5.92 47.70
N LYS B 637 24.39 5.45 48.69
CA LYS B 637 25.81 5.71 48.86
C LYS B 637 26.10 7.17 49.22
N LYS B 638 25.08 7.94 49.59
CA LYS B 638 25.31 9.29 50.09
C LYS B 638 25.76 9.30 51.55
N ILE B 639 25.58 8.18 52.26
CA ILE B 639 26.05 8.02 53.63
C ILE B 639 26.72 6.66 53.74
N ARG B 640 27.76 6.62 54.56
CA ARG B 640 28.55 5.41 54.76
C ARG B 640 28.00 4.63 55.96
N ALA B 641 27.81 3.32 55.78
CA ALA B 641 27.30 2.49 56.86
C ALA B 641 28.27 2.39 58.02
N ARG B 642 29.52 2.79 57.82
CA ARG B 642 30.55 2.75 58.86
C ARG B 642 30.59 4.09 59.58
N SER B 643 30.49 4.05 60.91
CA SER B 643 30.61 5.23 61.76
C SER B 643 32.02 5.18 62.35
N ALA B 644 32.98 5.74 61.62
CA ALA B 644 34.39 5.49 61.93
C ALA B 644 34.59 3.98 61.81
N LEU B 645 35.43 3.39 62.67
CA LEU B 645 35.58 1.94 62.67
C LEU B 645 34.29 1.27 63.11
N ARG B 646 33.62 1.85 64.10
CA ARG B 646 32.39 1.27 64.65
C ARG B 646 31.23 1.45 63.68
N PRO B 647 30.33 0.47 63.59
CA PRO B 647 29.18 0.62 62.69
C PRO B 647 28.17 1.65 63.19
N LEU B 648 27.43 2.21 62.24
CA LEU B 648 26.45 3.24 62.54
C LEU B 648 25.22 2.64 63.24
N ASP B 649 24.68 3.38 64.21
CA ASP B 649 23.49 2.97 64.94
C ASP B 649 22.29 3.68 64.33
N VAL B 650 21.40 2.91 63.70
CA VAL B 650 20.27 3.49 62.98
C VAL B 650 19.23 4.06 63.95
N ALA B 651 18.95 3.33 65.03
CA ALA B 651 17.84 3.71 65.90
C ALA B 651 18.07 5.06 66.56
N GLY B 652 19.28 5.30 67.06
CA GLY B 652 19.56 6.59 67.69
C GLY B 652 19.44 7.75 66.72
N LEU B 653 19.92 7.56 65.49
CA LEU B 653 19.78 8.61 64.48
C LEU B 653 18.32 8.87 64.17
N SER B 654 17.51 7.81 64.08
CA SER B 654 16.07 8.00 63.88
C SER B 654 15.45 8.79 65.02
N GLN B 655 15.83 8.47 66.26
CA GLN B 655 15.31 9.19 67.41
C GLN B 655 15.68 10.67 67.34
N LEU B 656 16.94 10.96 66.99
CA LEU B 656 17.37 12.35 66.89
C LEU B 656 16.58 13.08 65.81
N LEU B 657 16.36 12.43 64.66
CA LEU B 657 15.58 13.07 63.60
C LEU B 657 14.16 13.34 64.07
N VAL B 658 13.56 12.41 64.81
CA VAL B 658 12.22 12.63 65.35
C VAL B 658 12.21 13.85 66.28
N GLN B 659 13.24 13.96 67.13
CA GLN B 659 13.33 15.10 68.04
C GLN B 659 13.43 16.42 67.26
N VAL B 660 14.27 16.44 66.22
CA VAL B 660 14.40 17.65 65.41
C VAL B 660 13.07 18.01 64.77
N SER B 661 12.34 17.01 64.25
CA SER B 661 11.04 17.27 63.66
C SER B 661 10.07 17.86 64.69
N ASN B 662 10.08 17.30 65.90
CA ASN B 662 9.23 17.86 66.97
C ASN B 662 9.55 19.32 67.21
N LEU B 663 10.85 19.65 67.35
CA LEU B 663 11.23 21.02 67.60
C LEU B 663 10.77 21.94 66.48
N ILE B 664 10.97 21.52 65.22
CA ILE B 664 10.58 22.36 64.09
C ILE B 664 9.06 22.57 64.07
N VAL B 665 8.29 21.51 64.32
CA VAL B 665 6.84 21.63 64.26
C VAL B 665 6.33 22.55 65.37
N ASP B 666 6.93 22.47 66.56
CA ASP B 666 6.37 23.19 67.70
C ASP B 666 6.62 24.69 67.61
N CYS B 667 7.78 25.11 67.11
CA CYS B 667 8.18 26.51 67.15
C CYS B 667 8.16 27.13 65.74
N PRO B 668 7.18 27.96 65.40
CA PRO B 668 7.18 28.60 64.08
C PRO B 668 8.12 29.79 63.94
N GLU B 669 8.69 30.29 65.04
CA GLU B 669 9.60 31.42 64.94
C GLU B 669 10.89 31.08 64.21
N ILE B 670 11.23 29.79 64.11
CA ILE B 670 12.48 29.37 63.50
C ILE B 670 12.29 29.31 61.98
N GLN B 671 13.19 29.97 61.24
CA GLN B 671 13.16 29.96 59.79
C GLN B 671 14.18 29.01 59.18
N ARG B 672 15.31 28.80 59.84
CA ARG B 672 16.35 27.90 59.33
C ARG B 672 17.13 27.32 60.50
N LEU B 673 17.57 26.08 60.32
CA LEU B 673 18.34 25.36 61.34
C LEU B 673 19.48 24.61 60.66
N ASP B 674 20.67 24.68 61.25
CA ASP B 674 21.86 24.06 60.67
C ASP B 674 22.71 23.47 61.78
N ILE B 675 22.98 22.17 61.69
CA ILE B 675 23.87 21.47 62.61
C ILE B 675 25.04 20.99 61.75
N HIS B 676 26.22 21.58 61.97
CA HIS B 676 27.37 21.37 61.10
C HIS B 676 28.65 21.35 61.95
N PRO B 677 29.17 20.16 62.29
CA PRO B 677 28.68 18.80 62.02
C PRO B 677 27.92 18.16 63.18
N LEU B 678 27.39 16.96 62.96
CA LEU B 678 26.81 16.13 64.00
C LEU B 678 27.70 14.90 64.18
N LEU B 679 28.14 14.65 65.40
CA LEU B 679 29.08 13.58 65.69
C LEU B 679 28.31 12.34 66.14
N ALA B 680 28.60 11.22 65.50
CA ALA B 680 27.99 9.94 65.83
C ALA B 680 29.08 8.99 66.31
N SER B 681 28.92 8.48 67.53
CA SER B 681 29.87 7.52 68.11
C SER B 681 29.05 6.47 68.86
N GLY B 682 28.81 5.34 68.20
CA GLY B 682 27.96 4.32 68.80
C GLY B 682 26.57 4.86 69.02
N SER B 683 26.09 4.75 70.25
CA SER B 683 24.77 5.24 70.63
C SER B 683 24.78 6.68 71.13
N GLU B 684 25.91 7.38 70.97
CA GLU B 684 26.04 8.76 71.42
C GLU B 684 26.03 9.69 70.22
N PHE B 685 25.18 10.71 70.26
CA PHE B 685 25.10 11.72 69.22
C PHE B 685 25.20 13.08 69.87
N THR B 686 26.08 13.93 69.34
CA THR B 686 26.35 15.26 69.91
C THR B 686 26.47 16.28 68.79
N ALA B 687 26.02 17.50 69.09
CA ALA B 687 26.11 18.62 68.15
C ALA B 687 27.30 19.48 68.52
N LEU B 688 28.12 19.82 67.51
CA LEU B 688 29.30 20.63 67.72
C LEU B 688 29.01 22.12 67.50
N ASP B 689 28.55 22.47 66.30
CA ASP B 689 28.21 23.85 65.96
C ASP B 689 26.76 23.89 65.49
N VAL B 690 26.04 24.90 65.96
CA VAL B 690 24.61 25.04 65.64
C VAL B 690 24.32 26.52 65.39
N THR B 691 23.49 26.79 64.39
CA THR B 691 23.06 28.14 64.05
C THR B 691 21.55 28.16 63.86
N LEU B 692 20.92 29.25 64.28
CA LEU B 692 19.50 29.45 64.14
C LEU B 692 19.22 30.86 63.62
N ASP B 693 18.25 30.99 62.74
CA ASP B 693 17.73 32.26 62.28
C ASP B 693 16.25 32.35 62.63
N ILE B 694 15.85 33.46 63.25
CA ILE B 694 14.53 33.61 63.84
C ILE B 694 13.89 34.90 63.34
N SER B 695 12.56 34.94 63.41
CA SER B 695 11.80 36.11 63.02
C SER B 695 10.40 36.00 63.62
N PRO B 696 9.68 37.13 63.74
CA PRO B 696 8.33 37.07 64.29
C PRO B 696 7.38 36.31 63.37
N PHE B 697 6.34 35.73 63.98
CA PHE B 697 5.33 34.97 63.27
C PHE B 697 3.94 35.43 63.70
N GLU B 698 3.02 35.51 62.74
CA GLU B 698 1.66 35.98 63.01
C GLU B 698 0.62 35.15 62.29
N GLY B 699 0.87 33.87 62.10
CA GLY B 699 -0.04 32.96 61.42
C GLY B 699 -0.78 32.05 62.37
N ASP B 700 -1.20 30.89 61.85
CA ASP B 700 -1.91 29.90 62.63
C ASP B 700 -1.03 28.73 63.06
N ASN B 701 0.10 28.52 62.40
CA ASN B 701 1.14 27.55 62.71
C ASN B 701 0.72 26.12 62.32
N GLU B 702 -0.52 25.88 61.89
CA GLU B 702 -0.93 24.57 61.40
C GLU B 702 -1.08 24.51 59.89
N SER B 703 -1.25 25.65 59.22
CA SER B 703 -1.45 25.69 57.79
C SER B 703 -0.15 25.84 57.00
N ARG B 704 1.00 25.82 57.66
CA ARG B 704 2.28 25.95 56.98
C ARG B 704 2.85 24.62 56.53
N LEU B 705 2.23 23.50 56.89
CA LEU B 705 2.70 22.17 56.55
C LEU B 705 1.83 21.56 55.44
N ALA B 706 2.46 20.71 54.62
CA ALA B 706 1.73 20.00 53.58
C ALA B 706 0.97 18.79 54.12
N VAL B 707 1.27 18.35 55.33
CA VAL B 707 0.58 17.24 55.97
C VAL B 707 0.15 17.69 57.37
N ARG B 708 -1.13 17.52 57.68
CA ARG B 708 -1.64 18.00 58.97
C ARG B 708 -1.05 17.14 60.09
N PRO B 709 -0.46 17.74 61.13
CA PRO B 709 0.12 16.94 62.22
C PRO B 709 -0.96 16.49 63.20
N TYR B 710 -0.49 15.77 64.22
CA TYR B 710 -1.40 15.19 65.21
C TYR B 710 -2.08 16.30 66.01
N PRO B 711 -3.43 16.33 66.08
CA PRO B 711 -4.10 17.41 66.81
C PRO B 711 -4.14 17.18 68.32
N HIS B 712 -3.06 17.56 69.02
CA HIS B 712 -2.98 17.30 70.46
C HIS B 712 -4.04 18.05 71.26
N GLN B 713 -4.67 19.07 70.70
CA GLN B 713 -5.60 19.88 71.47
C GLN B 713 -6.97 19.22 71.65
N LEU B 714 -7.22 18.09 71.00
CA LEU B 714 -8.50 17.41 71.10
C LEU B 714 -8.56 16.39 72.24
N GLU B 715 -7.50 16.25 73.02
CA GLU B 715 -7.52 15.34 74.15
C GLU B 715 -8.34 15.93 75.30
N GLU B 716 -9.02 15.05 76.04
CA GLU B 716 -9.83 15.48 77.17
C GLU B 716 -10.10 14.28 78.08
N TRP B 717 -10.29 14.57 79.37
CA TRP B 717 -10.56 13.57 80.39
C TRP B 717 -12.06 13.51 80.67
N VAL B 718 -12.60 12.30 80.76
CA VAL B 718 -14.00 12.09 81.07
C VAL B 718 -14.11 11.05 82.18
N GLU B 719 -15.19 11.14 82.95
CA GLU B 719 -15.49 10.18 84.01
C GLU B 719 -16.91 9.65 83.80
N LEU B 720 -17.08 8.35 84.03
CA LEU B 720 -18.32 7.67 83.72
C LEU B 720 -19.25 7.64 84.93
N LYS B 721 -20.38 6.95 84.78
CA LYS B 721 -21.35 6.87 85.87
C LYS B 721 -20.76 6.17 87.09
N ASN B 722 -20.05 5.06 86.87
CA ASN B 722 -19.51 4.29 87.98
C ASN B 722 -18.30 4.95 88.63
N GLY B 723 -17.79 6.04 88.06
CA GLY B 723 -16.70 6.79 88.65
C GLY B 723 -15.35 6.59 87.99
N GLU B 724 -15.21 5.61 87.11
CA GLU B 724 -13.93 5.38 86.46
C GLU B 724 -13.58 6.55 85.53
N ARG B 725 -12.28 6.83 85.43
CA ARG B 725 -11.76 7.90 84.60
C ARG B 725 -11.00 7.32 83.42
N CYS B 726 -11.14 7.96 82.26
CA CYS B 726 -10.44 7.51 81.05
C CYS B 726 -10.13 8.73 80.18
N LEU B 727 -9.36 8.50 79.13
CA LEU B 727 -8.89 9.55 78.23
C LEU B 727 -9.44 9.31 76.84
N PHE B 728 -10.00 10.37 76.25
CA PHE B 728 -10.44 10.36 74.85
C PHE B 728 -9.42 11.12 74.01
N ARG B 729 -8.93 10.51 72.95
CA ARG B 729 -7.90 11.14 72.12
C ARG B 729 -7.96 10.54 70.73
N PRO B 730 -7.38 11.20 69.73
CA PRO B 730 -7.34 10.63 68.38
C PRO B 730 -6.46 9.39 68.30
N ILE B 731 -6.75 8.56 67.29
CA ILE B 731 -6.00 7.31 67.12
C ILE B 731 -4.62 7.60 66.52
N LEU B 732 -3.70 6.67 66.75
CA LEU B 732 -2.32 6.80 66.33
C LEU B 732 -1.88 5.54 65.57
N PRO B 733 -0.91 5.67 64.67
CA PRO B 733 -0.38 4.48 63.99
C PRO B 733 0.21 3.44 64.94
N GLU B 734 0.75 3.88 66.08
CA GLU B 734 1.38 2.98 67.04
C GLU B 734 0.37 2.15 67.83
N ASP B 735 -0.93 2.32 67.59
CA ASP B 735 -1.97 1.66 68.35
C ASP B 735 -2.37 0.29 67.78
N GLU B 736 -1.68 -0.20 66.76
CA GLU B 736 -2.16 -1.38 66.04
C GLU B 736 -2.30 -2.61 66.93
N PRO B 737 -1.30 -3.00 67.73
CA PRO B 737 -1.47 -4.22 68.55
C PRO B 737 -2.62 -4.14 69.53
N GLN B 738 -2.79 -2.98 70.17
CA GLN B 738 -3.90 -2.81 71.11
C GLN B 738 -5.24 -2.89 70.38
N LEU B 739 -5.31 -2.36 69.16
CA LEU B 739 -6.52 -2.49 68.36
C LEU B 739 -6.79 -3.96 68.03
N GLN B 740 -5.74 -4.72 67.73
CA GLN B 740 -5.92 -6.14 67.47
C GLN B 740 -6.49 -6.86 68.69
N GLN B 741 -5.95 -6.56 69.88
CA GLN B 741 -6.49 -7.15 71.10
C GLN B 741 -7.95 -6.76 71.30
N PHE B 742 -8.25 -5.47 71.15
CA PHE B 742 -9.62 -4.99 71.31
C PHE B 742 -10.57 -5.75 70.39
N ILE B 743 -10.20 -5.89 69.12
CA ILE B 743 -11.03 -6.65 68.18
C ILE B 743 -11.15 -8.10 68.65
N SER B 744 -10.08 -8.65 69.21
CA SER B 744 -10.12 -10.01 69.72
C SER B 744 -11.15 -10.16 70.84
N ARG B 745 -11.40 -9.11 71.63
CA ARG B 745 -12.35 -9.19 72.72
C ARG B 745 -13.77 -8.76 72.34
N VAL B 746 -14.18 -8.94 71.08
CA VAL B 746 -15.53 -8.63 70.66
C VAL B 746 -16.19 -9.90 70.14
N THR B 747 -17.49 -10.04 70.44
CA THR B 747 -18.25 -11.22 70.05
C THR B 747 -18.60 -11.18 68.57
N LYS B 748 -19.27 -12.23 68.10
CA LYS B 748 -19.56 -12.35 66.68
C LYS B 748 -20.80 -11.55 66.30
N GLU B 749 -21.81 -11.51 67.18
CA GLU B 749 -23.02 -10.75 66.88
C GLU B 749 -22.72 -9.26 66.82
N ASP B 750 -21.89 -8.77 67.75
CA ASP B 750 -21.53 -7.35 67.72
C ASP B 750 -20.74 -7.01 66.47
N LEU B 751 -19.83 -7.90 66.06
CA LEU B 751 -19.08 -7.67 64.82
C LEU B 751 -20.01 -7.66 63.62
N TYR B 752 -21.01 -8.56 63.60
CA TYR B 752 -21.98 -8.54 62.52
C TYR B 752 -22.75 -7.22 62.50
N TYR B 753 -23.16 -6.73 63.67
CA TYR B 753 -23.87 -5.46 63.72
C TYR B 753 -22.99 -4.32 63.22
N ARG B 754 -21.71 -4.32 63.59
CA ARG B 754 -20.83 -3.21 63.22
C ARG B 754 -20.48 -3.23 61.74
N TYR B 755 -20.15 -4.42 61.20
CA TYR B 755 -19.62 -4.53 59.85
C TYR B 755 -20.61 -5.10 58.85
N PHE B 756 -21.83 -5.41 59.29
CA PHE B 756 -22.90 -5.83 58.36
C PHE B 756 -22.49 -7.05 57.56
N SER B 757 -21.71 -7.93 58.18
CA SER B 757 -21.27 -9.16 57.53
C SER B 757 -20.54 -10.06 58.52
N GLU B 758 -20.14 -11.25 58.06
CA GLU B 758 -19.39 -12.20 58.89
C GLU B 758 -17.92 -12.10 58.51
N ILE B 759 -17.08 -11.75 59.48
CA ILE B 759 -15.65 -11.56 59.27
C ILE B 759 -14.91 -12.46 60.24
N ASN B 760 -13.93 -13.21 59.73
CA ASN B 760 -13.15 -14.13 60.54
C ASN B 760 -11.80 -13.58 60.97
N GLU B 761 -11.15 -12.77 60.15
CA GLU B 761 -9.84 -12.24 60.49
C GLU B 761 -9.62 -10.91 59.79
N PHE B 762 -8.78 -10.08 60.40
CA PHE B 762 -8.32 -8.82 59.83
C PHE B 762 -6.83 -8.93 59.59
N THR B 763 -6.40 -8.65 58.35
CA THR B 763 -5.00 -8.75 58.01
C THR B 763 -4.25 -7.49 58.44
N HIS B 764 -2.93 -7.49 58.27
CA HIS B 764 -2.14 -6.31 58.58
C HIS B 764 -2.56 -5.12 57.73
N GLU B 765 -3.04 -5.37 56.51
CA GLU B 765 -3.42 -4.28 55.62
C GLU B 765 -4.69 -3.60 56.12
N ASP B 766 -5.67 -4.38 56.60
CA ASP B 766 -6.89 -3.79 57.15
C ASP B 766 -6.58 -2.96 58.38
N LEU B 767 -5.74 -3.48 59.27
CA LEU B 767 -5.37 -2.74 60.47
C LEU B 767 -4.64 -1.45 60.12
N ALA B 768 -3.74 -1.52 59.12
CA ALA B 768 -3.07 -0.31 58.66
C ALA B 768 -4.06 0.69 58.10
N ASN B 769 -5.05 0.22 57.33
CA ASN B 769 -6.10 1.10 56.87
C ASN B 769 -6.81 1.78 58.04
N MET B 770 -7.00 1.03 59.13
CA MET B 770 -7.73 1.57 60.27
C MET B 770 -6.91 2.60 61.04
N THR B 771 -5.61 2.38 61.17
CA THR B 771 -4.80 3.15 62.12
C THR B 771 -4.01 4.29 61.49
N GLN B 772 -3.77 4.25 60.18
CA GLN B 772 -2.98 5.27 59.49
C GLN B 772 -3.92 6.08 58.61
N ILE B 773 -4.34 7.25 59.10
CA ILE B 773 -5.38 8.06 58.46
C ILE B 773 -4.84 9.45 58.17
N ASP B 774 -5.52 10.13 57.25
CA ASP B 774 -5.25 11.53 56.96
C ASP B 774 -6.19 12.38 57.81
N TYR B 775 -5.62 13.16 58.72
CA TYR B 775 -6.44 13.90 59.69
C TYR B 775 -7.28 14.99 59.05
N ASP B 776 -6.93 15.44 57.84
CA ASP B 776 -7.70 16.49 57.19
C ASP B 776 -8.99 15.97 56.58
N ARG B 777 -9.09 14.68 56.30
CA ARG B 777 -10.28 14.10 55.67
C ARG B 777 -10.94 13.01 56.50
N GLU B 778 -10.32 12.56 57.59
CA GLU B 778 -10.87 11.50 58.40
C GLU B 778 -10.47 11.73 59.86
N MET B 779 -11.31 11.26 60.78
CA MET B 779 -11.06 11.42 62.20
C MET B 779 -11.61 10.23 62.95
N ALA B 780 -10.88 9.79 63.98
CA ALA B 780 -11.29 8.67 64.81
C ALA B 780 -10.81 8.88 66.23
N PHE B 781 -11.67 8.58 67.20
CA PHE B 781 -11.37 8.74 68.62
C PHE B 781 -11.42 7.39 69.32
N VAL B 782 -10.49 7.18 70.25
CA VAL B 782 -10.47 5.99 71.07
C VAL B 782 -10.49 6.41 72.54
N ALA B 783 -11.08 5.56 73.38
CA ALA B 783 -11.10 5.75 74.83
C ALA B 783 -10.14 4.75 75.45
N VAL B 784 -9.17 5.24 76.21
CA VAL B 784 -8.08 4.42 76.72
C VAL B 784 -7.93 4.63 78.22
N ARG B 785 -7.61 3.56 78.94
CA ARG B 785 -7.25 3.62 80.35
C ARG B 785 -5.90 2.95 80.54
N ARG B 786 -5.08 3.54 81.41
CA ARG B 786 -3.70 3.09 81.61
C ARG B 786 -3.61 2.26 82.88
N ILE B 787 -3.10 1.04 82.75
CA ILE B 787 -2.83 0.16 83.89
C ILE B 787 -1.42 -0.40 83.74
N ASP B 788 -0.56 -0.07 84.71
CA ASP B 788 0.79 -0.63 84.77
C ASP B 788 1.56 -0.36 83.48
N GLN B 789 1.64 0.92 83.10
CA GLN B 789 2.40 1.39 81.94
C GLN B 789 1.92 0.79 80.62
N THR B 790 0.77 0.11 80.63
CA THR B 790 0.22 -0.53 79.44
C THR B 790 -1.19 -0.03 79.21
N GLU B 791 -1.46 0.45 78.00
CA GLU B 791 -2.76 1.02 77.68
C GLU B 791 -3.74 -0.07 77.25
N GLU B 792 -5.01 0.31 77.17
CA GLU B 792 -6.08 -0.60 76.78
C GLU B 792 -7.22 0.22 76.18
N ILE B 793 -7.77 -0.25 75.07
CA ILE B 793 -8.76 0.49 74.30
C ILE B 793 -10.15 0.04 74.71
N LEU B 794 -11.04 1.00 74.96
CA LEU B 794 -12.44 0.72 75.30
C LEU B 794 -13.32 1.51 74.34
N GLY B 795 -13.62 0.92 73.18
CA GLY B 795 -14.51 1.54 72.22
C GLY B 795 -13.78 2.47 71.26
N VAL B 796 -14.43 2.72 70.12
CA VAL B 796 -13.86 3.59 69.08
C VAL B 796 -15.01 4.14 68.26
N THR B 797 -14.81 5.33 67.70
CA THR B 797 -15.78 5.97 66.82
C THR B 797 -15.04 6.62 65.66
N ARG B 798 -15.73 6.78 64.54
CA ARG B 798 -15.08 7.21 63.30
C ARG B 798 -16.04 8.03 62.45
N ALA B 799 -15.47 8.92 61.64
CA ALA B 799 -16.24 9.71 60.67
C ALA B 799 -15.38 9.93 59.43
N ILE B 800 -15.92 9.57 58.26
CA ILE B 800 -15.23 9.71 56.98
C ILE B 800 -16.01 10.69 56.13
N SER B 801 -15.35 11.73 55.64
CA SER B 801 -15.99 12.81 54.92
C SER B 801 -15.63 12.76 53.43
N ASP B 802 -16.48 13.39 52.63
CA ASP B 802 -16.25 13.53 51.20
C ASP B 802 -15.30 14.69 50.91
N PRO B 803 -14.70 14.71 49.72
CA PRO B 803 -13.70 15.78 49.44
C PRO B 803 -14.26 17.18 49.53
N ASP B 804 -15.57 17.36 49.34
CA ASP B 804 -16.17 18.69 49.41
C ASP B 804 -16.45 19.15 50.83
N ASN B 805 -16.37 18.26 51.83
CA ASN B 805 -16.59 18.61 53.23
C ASN B 805 -18.04 19.03 53.47
N ILE B 806 -18.97 18.22 52.95
CA ILE B 806 -20.40 18.45 53.14
C ILE B 806 -21.06 17.28 53.87
N ASP B 807 -20.74 16.06 53.49
CA ASP B 807 -21.36 14.86 54.05
C ASP B 807 -20.29 13.93 54.60
N ALA B 808 -20.64 13.21 55.66
CA ALA B 808 -19.74 12.24 56.27
C ALA B 808 -20.53 11.03 56.75
N GLU B 809 -19.87 9.87 56.73
CA GLU B 809 -20.43 8.62 57.22
C GLU B 809 -19.81 8.29 58.57
N PHE B 810 -20.63 7.79 59.50
CA PHE B 810 -20.21 7.58 60.88
C PHE B 810 -20.43 6.14 61.31
N ALA B 811 -19.70 5.73 62.35
CA ALA B 811 -19.84 4.40 62.92
C ALA B 811 -19.31 4.43 64.35
N VAL B 812 -19.68 3.42 65.13
CA VAL B 812 -19.28 3.33 66.54
C VAL B 812 -19.29 1.87 66.96
N LEU B 813 -18.42 1.55 67.92
CA LEU B 813 -18.33 0.19 68.46
C LEU B 813 -17.77 0.25 69.87
N VAL B 814 -18.31 -0.59 70.75
CA VAL B 814 -17.92 -0.65 72.16
C VAL B 814 -17.62 -2.09 72.53
N ARG B 815 -16.65 -2.29 73.43
CA ARG B 815 -16.29 -3.64 73.84
C ARG B 815 -17.47 -4.33 74.49
N SER B 816 -17.57 -5.65 74.26
CA SER B 816 -18.80 -6.37 74.60
C SER B 816 -19.09 -6.32 76.10
N ASP B 817 -18.07 -6.46 76.94
CA ASP B 817 -18.27 -6.59 78.37
C ASP B 817 -18.40 -5.26 79.10
N LEU B 818 -18.59 -4.16 78.38
CA LEU B 818 -18.68 -2.84 78.99
C LEU B 818 -19.81 -2.01 78.37
N LYS B 819 -20.91 -2.66 78.00
CA LYS B 819 -21.91 -1.99 77.17
C LYS B 819 -22.76 -1.01 77.97
N GLY B 820 -23.12 -1.36 79.20
CA GLY B 820 -24.07 -0.59 79.97
C GLY B 820 -23.50 0.55 80.79
N LEU B 821 -22.26 0.96 80.54
CA LEU B 821 -21.64 1.96 81.40
C LEU B 821 -21.88 3.38 80.90
N GLY B 822 -22.08 3.55 79.58
CA GLY B 822 -22.51 4.83 79.06
C GLY B 822 -21.47 5.59 78.27
N LEU B 823 -20.50 4.90 77.67
CA LEU B 823 -19.47 5.58 76.90
C LEU B 823 -19.80 5.68 75.42
N GLY B 824 -20.76 4.91 74.92
CA GLY B 824 -21.23 5.10 73.56
C GLY B 824 -21.81 6.48 73.35
N ARG B 825 -22.66 6.93 74.29
CA ARG B 825 -23.23 8.27 74.19
C ARG B 825 -22.15 9.34 74.23
N ARG B 826 -21.18 9.19 75.12
CA ARG B 826 -20.12 10.19 75.22
C ARG B 826 -19.28 10.24 73.95
N LEU B 827 -18.96 9.07 73.39
CA LEU B 827 -18.20 9.03 72.15
C LEU B 827 -18.96 9.70 71.01
N MET B 828 -20.26 9.39 70.88
CA MET B 828 -21.06 10.01 69.83
C MET B 828 -21.18 11.51 70.02
N GLU B 829 -21.32 11.97 71.27
CA GLU B 829 -21.42 13.40 71.52
C GLU B 829 -20.12 14.12 71.15
N LYS B 830 -18.98 13.52 71.49
CA LYS B 830 -17.71 14.12 71.10
C LYS B 830 -17.57 14.16 69.58
N LEU B 831 -17.98 13.09 68.90
CA LEU B 831 -17.92 13.08 67.45
C LEU B 831 -18.79 14.18 66.85
N ILE B 832 -20.00 14.34 67.38
CA ILE B 832 -20.92 15.37 66.87
C ILE B 832 -20.31 16.75 67.06
N THR B 833 -19.76 17.01 68.24
CA THR B 833 -19.16 18.31 68.50
C THR B 833 -18.00 18.59 67.54
N TYR B 834 -17.11 17.60 67.37
CA TYR B 834 -15.96 17.80 66.48
C TYR B 834 -16.42 18.04 65.06
N THR B 835 -17.37 17.24 64.57
CA THR B 835 -17.81 17.39 63.19
C THR B 835 -18.47 18.73 62.96
N ARG B 836 -19.29 19.20 63.91
CA ARG B 836 -19.88 20.53 63.75
C ARG B 836 -18.81 21.61 63.73
N ASP B 837 -17.82 21.51 64.62
CA ASP B 837 -16.76 22.52 64.64
C ASP B 837 -15.94 22.48 63.35
N HIS B 838 -15.78 21.28 62.76
CA HIS B 838 -14.96 21.17 61.56
C HIS B 838 -15.60 21.84 60.36
N GLY B 839 -16.93 21.95 60.34
CA GLY B 839 -17.62 22.63 59.25
C GLY B 839 -18.48 21.72 58.40
N LEU B 840 -18.69 20.48 58.83
CA LEU B 840 -19.54 19.56 58.09
C LEU B 840 -21.01 19.94 58.25
N GLN B 841 -21.82 19.52 57.27
CA GLN B 841 -23.22 19.88 57.21
C GLN B 841 -24.19 18.72 57.43
N ARG B 842 -23.71 17.49 57.58
CA ARG B 842 -24.62 16.36 57.72
C ARG B 842 -23.84 15.09 58.09
N LEU B 843 -24.54 14.18 58.77
CA LEU B 843 -24.03 12.85 59.08
C LEU B 843 -25.03 11.81 58.64
N ASN B 844 -24.53 10.68 58.12
CA ASN B 844 -25.37 9.60 57.60
C ASN B 844 -24.89 8.26 58.13
N GLY B 845 -25.83 7.32 58.23
CA GLY B 845 -25.51 5.98 58.70
C GLY B 845 -26.55 4.99 58.24
N ILE B 846 -26.20 3.70 58.38
CA ILE B 846 -27.05 2.60 57.97
C ILE B 846 -26.95 1.49 59.00
N THR B 847 -28.06 0.80 59.25
CA THR B 847 -28.09 -0.33 60.15
C THR B 847 -29.30 -1.19 59.82
N MET B 848 -29.53 -2.22 60.64
CA MET B 848 -30.60 -3.18 60.42
C MET B 848 -31.67 -3.07 61.49
N PRO B 849 -32.92 -3.43 61.18
CA PRO B 849 -34.02 -3.19 62.13
C PRO B 849 -33.90 -3.95 63.43
N ASN B 850 -33.12 -5.04 63.48
CA ASN B 850 -32.97 -5.81 64.70
C ASN B 850 -31.96 -5.21 65.66
N ASN B 851 -31.27 -4.12 65.27
CA ASN B 851 -30.30 -3.44 66.12
C ASN B 851 -31.04 -2.38 66.94
N ARG B 852 -31.63 -2.82 68.04
CA ARG B 852 -32.51 -1.96 68.83
C ARG B 852 -31.73 -0.90 69.61
N GLY B 853 -30.58 -1.25 70.17
CA GLY B 853 -29.83 -0.29 70.96
C GLY B 853 -29.38 0.92 70.16
N MET B 854 -28.87 0.67 68.94
CA MET B 854 -28.45 1.77 68.09
C MET B 854 -29.62 2.67 67.74
N VAL B 855 -30.79 2.10 67.44
CA VAL B 855 -31.95 2.91 67.11
C VAL B 855 -32.36 3.77 68.30
N ALA B 856 -32.39 3.17 69.49
CA ALA B 856 -32.76 3.93 70.69
C ALA B 856 -31.78 5.07 70.95
N LEU B 857 -30.49 4.79 70.83
CA LEU B 857 -29.48 5.84 71.07
C LEU B 857 -29.60 6.95 70.03
N ALA B 858 -29.80 6.59 68.76
CA ALA B 858 -29.93 7.59 67.71
C ALA B 858 -31.15 8.46 67.95
N ARG B 859 -32.27 7.85 68.36
CA ARG B 859 -33.44 8.65 68.71
C ARG B 859 -33.14 9.58 69.88
N LYS B 860 -32.41 9.10 70.87
CA LYS B 860 -32.03 9.96 71.99
C LYS B 860 -31.15 11.12 71.54
N LEU B 861 -30.33 10.93 70.52
CA LEU B 861 -29.39 11.96 70.10
C LEU B 861 -29.98 12.95 69.08
N GLY B 862 -31.23 12.76 68.66
CA GLY B 862 -31.88 13.66 67.75
C GLY B 862 -31.85 13.26 66.29
N PHE B 863 -31.41 12.05 65.97
CA PHE B 863 -31.38 11.61 64.59
C PHE B 863 -32.79 11.41 64.05
N ASN B 864 -32.94 11.59 62.73
CA ASN B 864 -34.16 11.23 62.04
C ASN B 864 -34.06 9.78 61.58
N VAL B 865 -35.08 8.99 61.87
CA VAL B 865 -35.05 7.55 61.69
C VAL B 865 -36.14 7.15 60.71
N ASP B 866 -35.76 6.37 59.70
CA ASP B 866 -36.70 5.81 58.73
C ASP B 866 -36.44 4.32 58.61
N ILE B 867 -37.49 3.52 58.77
CA ILE B 867 -37.39 2.06 58.75
C ILE B 867 -38.03 1.57 57.46
N GLN B 868 -37.25 0.84 56.66
CA GLN B 868 -37.72 0.28 55.40
C GLN B 868 -37.81 -1.24 55.55
N LEU B 869 -38.93 -1.72 56.06
CA LEU B 869 -39.18 -3.15 56.11
C LEU B 869 -39.51 -3.66 54.71
N GLU B 870 -39.32 -4.96 54.51
CA GLU B 870 -39.35 -5.65 53.22
C GLU B 870 -38.03 -5.44 52.49
N GLU B 871 -37.11 -4.63 53.04
CA GLU B 871 -35.77 -4.49 52.51
C GLU B 871 -34.70 -4.64 53.58
N GLY B 872 -35.07 -4.66 54.86
CA GLY B 872 -34.12 -4.88 55.95
C GLY B 872 -33.09 -3.79 56.09
N ILE B 873 -33.51 -2.53 56.04
CA ILE B 873 -32.60 -1.38 56.16
C ILE B 873 -33.25 -0.31 57.02
N VAL B 874 -32.43 0.36 57.83
CA VAL B 874 -32.84 1.52 58.60
C VAL B 874 -31.86 2.65 58.29
N GLY B 875 -32.40 3.81 57.91
CA GLY B 875 -31.59 4.97 57.60
C GLY B 875 -31.55 5.95 58.78
N LEU B 876 -30.39 6.58 58.97
CA LEU B 876 -30.18 7.55 60.03
C LEU B 876 -29.50 8.78 59.45
N THR B 877 -29.97 9.97 59.84
CA THR B 877 -29.41 11.22 59.34
C THR B 877 -29.62 12.32 60.36
N LEU B 878 -28.54 13.02 60.70
CA LEU B 878 -28.57 14.18 61.57
C LEU B 878 -28.14 15.41 60.79
N ASN B 879 -28.82 16.53 61.01
CA ASN B 879 -28.73 17.67 60.10
C ASN B 879 -27.52 18.56 60.31
N LEU B 880 -27.39 19.21 61.46
CA LEU B 880 -26.41 20.30 61.54
C LEU B 880 -25.02 19.84 61.93
N ALA B 881 -24.83 18.54 62.16
CA ALA B 881 -23.50 18.02 62.48
C ALA B 881 -22.93 17.27 61.30
N MET C 1 9.65 -34.55 -37.77
CA MET C 1 8.45 -35.44 -37.87
C MET C 1 8.25 -36.24 -36.58
N SER C 2 9.23 -37.08 -36.26
CA SER C 2 9.10 -38.00 -35.14
C SER C 2 8.76 -37.26 -33.85
N GLN C 3 7.74 -37.74 -33.15
CA GLN C 3 7.43 -37.21 -31.83
C GLN C 3 8.60 -37.40 -30.88
N ARG C 4 9.44 -38.40 -31.12
CA ARG C 4 10.76 -38.45 -30.50
C ARG C 4 11.62 -37.32 -31.08
N GLY C 5 12.24 -36.55 -30.18
CA GLY C 5 12.97 -35.35 -30.53
C GLY C 5 12.39 -34.09 -29.93
N LEU C 6 11.06 -34.05 -29.76
CA LEU C 6 10.45 -32.95 -29.03
C LEU C 6 10.72 -33.05 -27.54
N GLU C 7 11.14 -34.22 -27.06
CA GLU C 7 11.43 -34.39 -25.63
C GLU C 7 12.57 -33.47 -25.21
N ALA C 8 13.60 -33.35 -26.04
CA ALA C 8 14.72 -32.48 -25.71
C ALA C 8 14.28 -31.03 -25.62
N LEU C 9 13.35 -30.62 -26.48
CA LEU C 9 12.87 -29.23 -26.45
C LEU C 9 11.99 -28.97 -25.25
N LEU C 10 11.06 -29.88 -24.95
CA LEU C 10 10.05 -29.62 -23.93
C LEU C 10 10.44 -30.11 -22.55
N ARG C 11 11.33 -31.09 -22.45
CA ARG C 11 11.81 -31.59 -21.16
C ARG C 11 13.33 -31.76 -21.22
N PRO C 12 14.06 -30.65 -21.36
CA PRO C 12 15.52 -30.74 -21.42
C PRO C 12 16.14 -31.03 -20.06
N LYS C 13 17.32 -31.65 -20.10
CA LYS C 13 18.10 -31.90 -18.90
C LYS C 13 19.29 -30.94 -18.76
N SER C 14 19.63 -30.19 -19.80
CA SER C 14 20.69 -29.20 -19.73
C SER C 14 20.55 -28.24 -20.90
N ILE C 15 20.96 -26.99 -20.70
CA ILE C 15 20.80 -25.93 -21.68
C ILE C 15 22.08 -25.11 -21.78
N ALA C 16 22.46 -24.75 -23.00
CA ALA C 16 23.59 -23.88 -23.27
C ALA C 16 23.13 -22.57 -23.88
N VAL C 17 23.74 -21.47 -23.46
CA VAL C 17 23.38 -20.13 -23.92
C VAL C 17 24.57 -19.57 -24.69
N ILE C 18 24.42 -19.40 -25.99
CA ILE C 18 25.46 -18.87 -26.85
C ILE C 18 25.29 -17.35 -26.93
N GLY C 19 26.33 -16.61 -26.55
CA GLY C 19 26.27 -15.16 -26.53
C GLY C 19 25.83 -14.54 -25.23
N ALA C 20 25.90 -15.28 -24.11
CA ALA C 20 25.58 -14.69 -22.81
C ALA C 20 26.48 -13.50 -22.54
N SER C 21 25.92 -12.48 -21.86
CA SER C 21 26.61 -11.22 -21.70
C SER C 21 26.30 -10.61 -20.34
N MET C 22 27.25 -9.81 -19.84
CA MET C 22 27.08 -9.07 -18.59
C MET C 22 26.42 -7.72 -18.77
N LYS C 23 26.27 -7.24 -20.00
CA LYS C 23 25.71 -5.92 -20.25
C LYS C 23 24.19 -5.94 -20.02
N PRO C 24 23.65 -5.09 -19.14
CA PRO C 24 22.23 -5.24 -18.77
C PRO C 24 21.25 -5.10 -19.93
N ASN C 25 21.65 -4.46 -21.03
CA ASN C 25 20.73 -4.19 -22.14
C ASN C 25 20.78 -5.27 -23.22
N ARG C 26 21.53 -6.35 -23.01
CA ARG C 26 21.72 -7.37 -24.04
C ARG C 26 20.67 -8.47 -23.91
N ALA C 27 20.39 -9.12 -25.05
CA ALA C 27 19.43 -10.22 -25.05
C ALA C 27 19.96 -11.42 -24.26
N GLY C 28 21.25 -11.72 -24.40
CA GLY C 28 21.83 -12.81 -23.63
C GLY C 28 21.72 -12.59 -22.13
N TYR C 29 21.89 -11.35 -21.69
CA TYR C 29 21.73 -11.02 -20.27
C TYR C 29 20.33 -11.37 -19.80
N LEU C 30 19.31 -10.94 -20.54
CA LEU C 30 17.93 -11.19 -20.15
C LEU C 30 17.62 -12.69 -20.13
N MET C 31 18.09 -13.41 -21.15
CA MET C 31 17.83 -14.86 -21.19
C MET C 31 18.50 -15.56 -20.01
N MET C 32 19.75 -15.18 -19.70
CA MET C 32 20.45 -15.78 -18.57
C MET C 32 19.70 -15.50 -17.26
N ARG C 33 19.25 -14.25 -17.07
CA ARG C 33 18.53 -13.90 -15.85
C ARG C 33 17.25 -14.71 -15.72
N ASN C 34 16.48 -14.81 -16.82
CA ASN C 34 15.23 -15.56 -16.77
C ASN C 34 15.50 -17.03 -16.44
N LEU C 35 16.46 -17.64 -17.12
CA LEU C 35 16.76 -19.05 -16.85
C LEU C 35 17.18 -19.26 -15.41
N LEU C 36 18.05 -18.40 -14.88
CA LEU C 36 18.50 -18.57 -13.51
C LEU C 36 17.38 -18.39 -12.51
N ALA C 37 16.42 -17.49 -12.80
CA ALA C 37 15.29 -17.29 -11.89
C ALA C 37 14.19 -18.34 -12.06
N GLY C 38 14.24 -19.14 -13.12
CA GLY C 38 13.13 -20.05 -13.40
C GLY C 38 12.91 -21.09 -12.31
N GLY C 39 13.98 -21.69 -11.80
CA GLY C 39 13.84 -22.79 -10.86
C GLY C 39 14.23 -24.12 -11.47
N PHE C 40 15.18 -24.08 -12.41
CA PHE C 40 15.56 -25.25 -13.18
C PHE C 40 16.38 -26.22 -12.34
N ASN C 41 16.23 -27.52 -12.62
CA ASN C 41 16.93 -28.57 -11.90
C ASN C 41 18.22 -29.01 -12.58
N GLY C 42 18.56 -28.46 -13.74
CA GLY C 42 19.77 -28.81 -14.44
C GLY C 42 20.76 -27.67 -14.50
N PRO C 43 21.89 -27.88 -15.18
CA PRO C 43 22.89 -26.81 -15.33
C PRO C 43 22.61 -25.88 -16.50
N VAL C 44 23.00 -24.62 -16.31
CA VAL C 44 22.89 -23.58 -17.33
C VAL C 44 24.32 -23.16 -17.70
N LEU C 45 24.70 -23.43 -18.95
CA LEU C 45 26.09 -23.29 -19.38
C LEU C 45 26.25 -22.08 -20.29
N PRO C 46 26.91 -21.00 -19.85
CA PRO C 46 27.13 -19.85 -20.75
C PRO C 46 28.35 -20.05 -21.64
N VAL C 47 28.26 -19.55 -22.87
CA VAL C 47 29.34 -19.65 -23.85
C VAL C 47 29.56 -18.27 -24.45
N THR C 48 30.78 -17.74 -24.30
CA THR C 48 31.14 -16.44 -24.83
C THR C 48 32.64 -16.19 -24.74
N PRO C 49 33.25 -15.49 -25.71
CA PRO C 49 34.68 -15.19 -25.62
C PRO C 49 35.02 -13.88 -24.90
N ALA C 50 34.03 -13.13 -24.42
CA ALA C 50 34.26 -11.80 -23.88
C ALA C 50 34.18 -11.72 -22.37
N TRP C 51 33.81 -12.79 -21.68
CA TRP C 51 33.66 -12.76 -20.23
C TRP C 51 34.12 -14.08 -19.64
N LYS C 52 34.75 -14.02 -18.47
CA LYS C 52 35.12 -15.23 -17.74
C LYS C 52 33.97 -15.79 -16.92
N ALA C 53 32.98 -14.95 -16.59
CA ALA C 53 31.83 -15.40 -15.83
C ALA C 53 30.66 -14.46 -16.12
N VAL C 54 29.44 -15.00 -16.03
CA VAL C 54 28.23 -14.24 -16.29
C VAL C 54 27.26 -14.46 -15.13
N LEU C 55 26.90 -13.37 -14.45
CA LEU C 55 25.97 -13.42 -13.33
C LEU C 55 26.38 -14.48 -12.31
N GLY C 56 27.69 -14.59 -12.08
CA GLY C 56 28.22 -15.50 -11.08
C GLY C 56 28.44 -16.92 -11.56
N VAL C 57 28.26 -17.21 -12.84
CA VAL C 57 28.39 -18.56 -13.38
C VAL C 57 29.63 -18.62 -14.26
N LEU C 58 30.50 -19.59 -13.99
CA LEU C 58 31.69 -19.78 -14.80
C LEU C 58 31.32 -20.02 -16.27
N ALA C 59 32.06 -19.39 -17.17
CA ALA C 59 31.81 -19.44 -18.60
C ALA C 59 32.85 -20.30 -19.30
N TRP C 60 32.54 -20.64 -20.56
CA TRP C 60 33.43 -21.39 -21.43
C TRP C 60 33.70 -20.63 -22.72
N PRO C 61 34.91 -20.71 -23.27
CA PRO C 61 35.26 -19.82 -24.40
C PRO C 61 34.53 -20.16 -25.70
N ASP C 62 34.25 -21.43 -25.96
CA ASP C 62 33.61 -21.80 -27.22
C ASP C 62 32.88 -23.12 -27.06
N ILE C 63 32.15 -23.50 -28.11
CA ILE C 63 31.27 -24.66 -28.04
C ILE C 63 32.09 -25.94 -27.82
N ALA C 64 33.18 -26.10 -28.56
CA ALA C 64 33.97 -27.33 -28.46
C ALA C 64 34.53 -27.55 -27.07
N SER C 65 34.64 -26.50 -26.25
CA SER C 65 35.21 -26.61 -24.92
C SER C 65 34.23 -27.14 -23.87
N LEU C 66 32.95 -27.31 -24.22
CA LEU C 66 31.96 -27.68 -23.23
C LEU C 66 32.28 -29.05 -22.64
N PRO C 67 32.01 -29.27 -21.34
CA PRO C 67 32.37 -30.56 -20.74
C PRO C 67 31.57 -31.74 -21.26
N PHE C 68 30.37 -31.53 -21.78
CA PHE C 68 29.56 -32.62 -22.34
C PHE C 68 28.55 -32.02 -23.31
N THR C 69 27.69 -32.88 -23.86
CA THR C 69 26.77 -32.49 -24.93
C THR C 69 25.49 -31.91 -24.33
N PRO C 70 25.17 -30.63 -24.58
CA PRO C 70 23.91 -30.09 -24.05
C PRO C 70 22.70 -30.62 -24.79
N ASP C 71 21.57 -30.67 -24.08
CA ASP C 71 20.32 -31.09 -24.71
C ASP C 71 19.76 -30.00 -25.61
N LEU C 72 19.77 -28.75 -25.16
CA LEU C 72 19.13 -27.64 -25.84
C LEU C 72 20.07 -26.43 -25.86
N ALA C 73 20.04 -25.67 -26.96
CA ALA C 73 20.90 -24.51 -27.14
C ALA C 73 20.08 -23.31 -27.63
N VAL C 74 20.55 -22.11 -27.29
CA VAL C 74 19.91 -20.86 -27.68
C VAL C 74 20.96 -19.95 -28.31
N LEU C 75 20.65 -19.41 -29.48
CA LEU C 75 21.51 -18.45 -30.17
C LEU C 75 21.02 -17.04 -29.90
N CYS C 76 21.92 -16.19 -29.39
CA CYS C 76 21.62 -14.81 -29.06
C CYS C 76 22.57 -13.86 -29.78
N THR C 77 22.87 -14.15 -31.04
CA THR C 77 23.94 -13.47 -31.77
C THR C 77 23.42 -12.95 -33.11
N ASN C 78 24.28 -12.22 -33.81
CA ASN C 78 23.94 -11.66 -35.11
C ASN C 78 23.69 -12.76 -36.14
N ALA C 79 22.79 -12.49 -37.08
CA ALA C 79 22.39 -13.49 -38.05
C ALA C 79 23.54 -13.98 -38.92
N SER C 80 24.62 -13.21 -39.03
CA SER C 80 25.73 -13.57 -39.91
C SER C 80 26.58 -14.72 -39.37
N ARG C 81 26.40 -15.13 -38.12
CA ARG C 81 27.13 -16.25 -37.54
C ARG C 81 26.28 -17.53 -37.47
N ASN C 82 25.05 -17.46 -37.96
CA ASN C 82 24.09 -18.54 -37.75
C ASN C 82 24.62 -19.87 -38.28
N LEU C 83 25.06 -19.90 -39.54
CA LEU C 83 25.41 -21.17 -40.18
C LEU C 83 26.63 -21.80 -39.53
N ALA C 84 27.66 -20.99 -39.25
CA ALA C 84 28.86 -21.53 -38.61
C ALA C 84 28.56 -22.07 -37.22
N LEU C 85 27.79 -21.31 -36.42
CA LEU C 85 27.47 -21.79 -35.09
C LEU C 85 26.62 -23.06 -35.15
N LEU C 86 25.68 -23.13 -36.09
CA LEU C 86 24.86 -24.31 -36.24
C LEU C 86 25.70 -25.52 -36.62
N GLU C 87 26.67 -25.33 -37.52
CA GLU C 87 27.55 -26.44 -37.89
C GLU C 87 28.35 -26.93 -36.68
N GLU C 88 28.87 -26.00 -35.88
CA GLU C 88 29.62 -26.40 -34.69
C GLU C 88 28.71 -27.18 -33.72
N LEU C 89 27.49 -26.70 -33.51
CA LEU C 89 26.56 -27.40 -32.64
C LEU C 89 26.26 -28.80 -33.17
N GLY C 90 26.03 -28.93 -34.47
CA GLY C 90 25.80 -30.23 -35.06
C GLY C 90 26.97 -31.17 -34.84
N GLU C 91 28.19 -30.67 -35.00
CA GLU C 91 29.37 -31.50 -34.75
C GLU C 91 29.44 -31.93 -33.29
N LYS C 92 29.11 -31.03 -32.36
CA LYS C 92 29.17 -31.39 -30.95
C LYS C 92 28.19 -32.51 -30.61
N GLY C 93 26.99 -32.47 -31.19
CA GLY C 93 25.97 -33.49 -30.94
C GLY C 93 24.65 -32.96 -30.43
N CYS C 94 24.45 -31.65 -30.31
CA CYS C 94 23.17 -31.11 -29.88
C CYS C 94 22.11 -31.36 -30.95
N LYS C 95 20.85 -31.50 -30.50
CA LYS C 95 19.75 -31.89 -31.38
C LYS C 95 18.60 -30.90 -31.40
N THR C 96 18.67 -29.79 -30.67
CA THR C 96 17.60 -28.80 -30.67
C THR C 96 18.19 -27.42 -30.46
N CYS C 97 17.63 -26.42 -31.14
CA CYS C 97 18.17 -25.08 -31.09
C CYS C 97 17.07 -24.04 -31.28
N ILE C 98 17.22 -22.91 -30.60
CA ILE C 98 16.32 -21.76 -30.74
C ILE C 98 17.12 -20.61 -31.33
N ILE C 99 16.56 -19.95 -32.35
CA ILE C 99 17.27 -18.93 -33.13
C ILE C 99 16.55 -17.60 -32.97
N LEU C 100 17.31 -16.57 -32.59
CA LEU C 100 16.73 -15.26 -32.29
C LEU C 100 16.38 -14.46 -33.53
N SER C 101 17.24 -14.46 -34.56
CA SER C 101 17.03 -13.61 -35.72
C SER C 101 17.59 -14.26 -36.97
N ALA C 102 16.96 -13.97 -38.12
CA ALA C 102 17.43 -14.45 -39.42
C ALA C 102 16.64 -13.79 -40.55
N PRO C 103 17.29 -13.44 -41.67
CA PRO C 103 16.53 -12.96 -42.84
C PRO C 103 15.87 -14.12 -43.59
N ALA C 104 14.98 -13.74 -44.50
CA ALA C 104 14.22 -14.74 -45.26
C ALA C 104 15.06 -15.47 -46.29
N SER C 105 16.17 -14.88 -46.74
CA SER C 105 17.04 -15.50 -47.73
C SER C 105 17.95 -16.59 -47.15
N GLN C 106 17.78 -16.93 -45.87
CA GLN C 106 18.60 -17.92 -45.20
C GLN C 106 17.90 -19.27 -45.03
N HIS C 107 16.61 -19.35 -45.34
CA HIS C 107 15.82 -20.49 -44.92
C HIS C 107 16.32 -21.80 -45.53
N GLU C 108 16.65 -21.79 -46.82
CA GLU C 108 17.05 -23.01 -47.50
C GLU C 108 18.33 -23.59 -46.88
N ASP C 109 19.33 -22.74 -46.64
CA ASP C 109 20.57 -23.21 -46.05
C ASP C 109 20.35 -23.76 -44.65
N LEU C 110 19.53 -23.07 -43.85
CA LEU C 110 19.23 -23.54 -42.51
C LEU C 110 18.57 -24.91 -42.54
N ARG C 111 17.59 -25.08 -43.43
CA ARG C 111 16.91 -26.36 -43.54
C ARG C 111 17.88 -27.47 -43.95
N ALA C 112 18.74 -27.19 -44.93
CA ALA C 112 19.69 -28.20 -45.37
C ALA C 112 20.64 -28.59 -44.23
N CYS C 113 21.17 -27.58 -43.52
CA CYS C 113 22.08 -27.87 -42.42
C CYS C 113 21.39 -28.67 -41.32
N ALA C 114 20.14 -28.32 -41.00
CA ALA C 114 19.41 -29.05 -39.97
C ALA C 114 19.19 -30.50 -40.41
N LEU C 115 18.84 -30.71 -41.67
CA LEU C 115 18.63 -32.07 -42.15
C LEU C 115 19.93 -32.88 -42.07
N ARG C 116 21.05 -32.26 -42.42
CA ARG C 116 22.32 -32.99 -42.42
C ARG C 116 22.61 -33.62 -41.06
N HIS C 117 22.30 -32.91 -39.98
CA HIS C 117 22.66 -33.35 -38.64
C HIS C 117 21.50 -33.92 -37.84
N ASN C 118 20.30 -34.01 -38.43
CA ASN C 118 19.14 -34.54 -37.72
C ASN C 118 18.80 -33.68 -36.51
N MET C 119 18.65 -32.38 -36.75
CA MET C 119 18.37 -31.40 -35.70
C MET C 119 17.02 -30.74 -35.95
N ARG C 120 16.35 -30.39 -34.85
CA ARG C 120 15.11 -29.64 -34.91
C ARG C 120 15.35 -28.20 -34.49
N LEU C 121 14.65 -27.27 -35.14
CA LEU C 121 14.80 -25.85 -34.88
C LEU C 121 13.45 -25.23 -34.55
N LEU C 122 13.43 -24.41 -33.51
CA LEU C 122 12.26 -23.60 -33.20
C LEU C 122 12.34 -22.28 -33.96
N GLY C 123 11.25 -21.93 -34.62
CA GLY C 123 11.22 -20.92 -35.65
C GLY C 123 12.12 -19.73 -35.38
N PRO C 124 12.84 -19.26 -36.41
CA PRO C 124 13.62 -18.04 -36.25
C PRO C 124 12.72 -16.85 -35.96
N ASN C 125 13.28 -15.86 -35.25
CA ASN C 125 12.51 -14.73 -34.75
C ASN C 125 11.46 -15.19 -33.74
N SER C 126 11.77 -16.22 -32.97
CA SER C 126 10.87 -16.74 -31.95
C SER C 126 11.13 -16.08 -30.61
N LEU C 127 10.06 -15.85 -29.85
CA LEU C 127 10.21 -15.28 -28.51
C LEU C 127 10.73 -16.30 -27.51
N GLY C 128 10.50 -17.60 -27.75
CA GLY C 128 10.95 -18.64 -26.83
C GLY C 128 9.82 -19.51 -26.33
N LEU C 129 10.00 -20.14 -25.16
CA LEU C 129 8.99 -21.01 -24.58
C LEU C 129 9.12 -21.01 -23.06
N LEU C 130 8.02 -21.35 -22.39
CA LEU C 130 7.97 -21.44 -20.93
C LEU C 130 7.21 -22.69 -20.51
N ALA C 131 7.74 -23.41 -19.52
CA ALA C 131 7.14 -24.64 -19.01
C ALA C 131 7.18 -24.61 -17.48
N PRO C 132 6.15 -24.05 -16.85
CA PRO C 132 6.23 -23.84 -15.38
C PRO C 132 6.42 -25.10 -14.56
N TRP C 133 5.83 -26.23 -14.97
CA TRP C 133 5.93 -27.43 -14.14
C TRP C 133 7.33 -28.00 -14.12
N GLN C 134 8.17 -27.68 -15.11
CA GLN C 134 9.58 -28.05 -15.09
C GLN C 134 10.48 -26.93 -14.58
N GLY C 135 9.90 -25.80 -14.17
CA GLY C 135 10.70 -24.68 -13.72
C GLY C 135 11.62 -24.13 -14.79
N LEU C 136 11.14 -24.03 -16.03
CA LEU C 136 11.95 -23.63 -17.17
C LEU C 136 11.36 -22.37 -17.79
N ASN C 137 12.17 -21.31 -17.89
CA ASN C 137 11.79 -20.05 -18.54
C ASN C 137 12.90 -19.69 -19.53
N ALA C 138 12.86 -20.30 -20.71
CA ALA C 138 13.82 -20.01 -21.78
C ALA C 138 13.17 -19.07 -22.80
N SER C 139 13.08 -17.79 -22.43
CA SER C 139 12.42 -16.82 -23.28
C SER C 139 13.04 -15.43 -23.07
N PHE C 140 12.78 -14.55 -24.03
CA PHE C 140 13.15 -13.15 -23.95
C PHE C 140 12.01 -12.27 -23.47
N SER C 141 11.04 -12.83 -22.75
CA SER C 141 9.88 -12.04 -22.34
C SER C 141 10.11 -11.39 -20.98
N PRO C 142 9.65 -10.16 -20.77
CA PRO C 142 9.79 -9.52 -19.44
C PRO C 142 8.66 -9.78 -18.45
N VAL C 143 7.75 -10.71 -18.73
CA VAL C 143 6.57 -10.95 -17.89
C VAL C 143 6.72 -12.31 -17.22
N PRO C 144 6.51 -12.42 -15.91
CA PRO C 144 6.60 -13.72 -15.24
C PRO C 144 5.35 -14.57 -15.45
N ILE C 145 5.44 -15.83 -15.01
CA ILE C 145 4.41 -16.84 -15.27
C ILE C 145 4.23 -17.72 -14.03
N LYS C 146 3.09 -18.41 -13.98
CA LYS C 146 2.74 -19.32 -12.88
C LYS C 146 2.17 -20.61 -13.45
N ARG C 147 2.11 -21.63 -12.60
CA ARG C 147 1.65 -22.96 -13.01
C ARG C 147 0.15 -22.98 -13.23
N GLY C 148 -0.29 -23.78 -14.20
CA GLY C 148 -1.70 -23.91 -14.48
C GLY C 148 -1.97 -25.12 -15.34
N LYS C 149 -3.19 -25.16 -15.90
CA LYS C 149 -3.64 -26.28 -16.72
C LYS C 149 -4.00 -25.91 -18.14
N LEU C 150 -3.79 -24.66 -18.56
CA LEU C 150 -4.13 -24.20 -19.90
C LEU C 150 -2.86 -24.01 -20.72
N ALA C 151 -2.90 -24.44 -21.98
CA ALA C 151 -1.79 -24.30 -22.91
C ALA C 151 -2.13 -23.29 -24.00
N PHE C 152 -1.13 -22.51 -24.42
CA PHE C 152 -1.31 -21.43 -25.39
C PHE C 152 -0.21 -21.50 -26.45
N ILE C 153 -0.60 -21.39 -27.72
CA ILE C 153 0.33 -21.40 -28.85
C ILE C 153 0.08 -20.15 -29.68
N SER C 154 1.14 -19.41 -30.00
CA SER C 154 1.02 -18.11 -30.65
C SER C 154 2.04 -17.96 -31.77
N GLN C 155 1.64 -17.25 -32.83
CA GLN C 155 2.54 -16.83 -33.90
C GLN C 155 2.87 -15.34 -33.83
N SER C 156 2.70 -14.71 -32.66
CA SER C 156 2.98 -13.28 -32.51
C SER C 156 3.49 -12.99 -31.10
N ALA C 157 4.65 -12.31 -31.03
CA ALA C 157 5.26 -12.01 -29.74
C ALA C 157 4.43 -11.02 -28.92
N ALA C 158 3.90 -9.97 -29.58
CA ALA C 158 3.15 -8.96 -28.85
C ALA C 158 1.91 -9.55 -28.20
N VAL C 159 1.19 -10.42 -28.91
CA VAL C 159 0.01 -11.06 -28.32
C VAL C 159 0.42 -11.92 -27.14
N SER C 160 1.56 -12.61 -27.25
CA SER C 160 2.05 -13.44 -26.15
C SER C 160 2.29 -12.60 -24.90
N ASN C 161 3.00 -11.48 -25.04
CA ASN C 161 3.26 -10.62 -23.89
C ASN C 161 1.96 -10.08 -23.32
N THR C 162 1.03 -9.68 -24.17
CA THR C 162 -0.26 -9.15 -23.70
C THR C 162 -1.01 -10.20 -22.87
N ILE C 163 -1.06 -11.44 -23.37
CA ILE C 163 -1.80 -12.48 -22.67
C ILE C 163 -1.12 -12.81 -21.35
N LEU C 164 0.22 -12.84 -21.33
CA LEU C 164 0.92 -13.08 -20.07
C LEU C 164 0.61 -11.99 -19.05
N ASP C 165 0.57 -10.73 -19.48
CA ASP C 165 0.25 -9.65 -18.55
C ASP C 165 -1.17 -9.78 -18.03
N TRP C 166 -2.11 -10.13 -18.91
CA TRP C 166 -3.49 -10.33 -18.46
C TRP C 166 -3.57 -11.44 -17.42
N ALA C 167 -2.87 -12.56 -17.67
CA ALA C 167 -2.85 -13.64 -16.69
C ALA C 167 -2.25 -13.17 -15.37
N GLN C 168 -1.22 -12.35 -15.42
CA GLN C 168 -0.63 -11.83 -14.19
C GLN C 168 -1.66 -11.02 -13.41
N GLN C 169 -2.48 -10.22 -14.10
CA GLN C 169 -3.48 -9.43 -13.39
C GLN C 169 -4.46 -10.32 -12.63
N ARG C 170 -4.90 -11.41 -13.24
CA ARG C 170 -5.98 -12.23 -12.69
C ARG C 170 -5.50 -13.40 -11.84
N LYS C 171 -4.19 -13.53 -11.60
CA LYS C 171 -3.63 -14.62 -10.79
C LYS C 171 -3.99 -15.98 -11.37
N MET C 172 -3.59 -16.19 -12.63
CA MET C 172 -3.88 -17.42 -13.35
C MET C 172 -2.61 -17.92 -14.03
N GLY C 173 -2.54 -19.24 -14.24
CA GLY C 173 -1.35 -19.89 -14.73
C GLY C 173 -1.58 -20.73 -15.98
N PHE C 174 -0.50 -21.36 -16.43
CA PHE C 174 -0.48 -22.16 -17.66
C PHE C 174 0.26 -23.47 -17.41
N SER C 175 0.12 -24.39 -18.38
CA SER C 175 0.93 -25.61 -18.41
C SER C 175 2.01 -25.57 -19.49
N TYR C 176 1.79 -24.84 -20.58
CA TYR C 176 2.79 -24.66 -21.62
C TYR C 176 2.51 -23.36 -22.35
N PHE C 177 3.58 -22.68 -22.78
CA PHE C 177 3.47 -21.42 -23.51
C PHE C 177 4.58 -21.39 -24.56
N ILE C 178 4.20 -21.46 -25.83
CA ILE C 178 5.16 -21.66 -26.92
C ILE C 178 4.90 -20.63 -28.01
N ALA C 179 5.97 -19.95 -28.44
CA ALA C 179 5.92 -19.02 -29.57
C ALA C 179 6.62 -19.63 -30.78
N LEU C 180 5.97 -19.58 -31.93
CA LEU C 180 6.42 -20.31 -33.11
C LEU C 180 7.36 -19.50 -34.02
N GLY C 181 7.30 -18.18 -33.99
CA GLY C 181 8.10 -17.40 -34.91
C GLY C 181 7.68 -17.66 -36.35
N ASP C 182 8.66 -17.93 -37.21
CA ASP C 182 8.38 -18.14 -38.63
C ASP C 182 7.96 -19.57 -38.96
N SER C 183 8.00 -20.49 -38.00
CA SER C 183 7.53 -21.87 -38.19
C SER C 183 8.27 -22.56 -39.34
N LEU C 184 9.60 -22.43 -39.37
CA LEU C 184 10.36 -23.02 -40.47
C LEU C 184 10.39 -24.55 -40.37
N ASP C 185 10.67 -25.08 -39.18
CA ASP C 185 10.76 -26.53 -38.99
C ASP C 185 9.67 -27.07 -38.08
N ILE C 186 9.54 -26.56 -36.85
CA ILE C 186 8.51 -27.01 -35.92
C ILE C 186 7.26 -26.19 -36.17
N ASP C 187 6.11 -26.86 -36.23
CA ASP C 187 4.85 -26.23 -36.62
C ASP C 187 3.72 -26.69 -35.71
N VAL C 188 2.51 -26.21 -36.00
CA VAL C 188 1.39 -26.30 -35.06
C VAL C 188 0.90 -27.74 -34.91
N ASP C 189 0.86 -28.51 -36.01
CA ASP C 189 0.25 -29.84 -35.94
C ASP C 189 1.04 -30.77 -35.03
N GLU C 190 2.39 -30.71 -35.07
CA GLU C 190 3.19 -31.54 -34.18
C GLU C 190 2.94 -31.18 -32.73
N LEU C 191 2.83 -29.89 -32.42
CA LEU C 191 2.57 -29.47 -31.05
C LEU C 191 1.18 -29.91 -30.58
N LEU C 192 0.19 -29.87 -31.48
CA LEU C 192 -1.13 -30.39 -31.13
C LEU C 192 -1.07 -31.87 -30.81
N ASP C 193 -0.35 -32.64 -31.63
CA ASP C 193 -0.18 -34.06 -31.36
C ASP C 193 0.47 -34.28 -30.00
N TYR C 194 1.50 -33.51 -29.68
CA TYR C 194 2.18 -33.67 -28.40
C TYR C 194 1.23 -33.33 -27.24
N LEU C 195 0.53 -32.20 -27.35
CA LEU C 195 -0.32 -31.75 -26.24
C LEU C 195 -1.54 -32.65 -26.03
N ALA C 196 -1.98 -33.35 -27.07
CA ALA C 196 -3.11 -34.25 -26.89
C ALA C 196 -2.84 -35.34 -25.85
N ARG C 197 -1.56 -35.62 -25.58
CA ARG C 197 -1.19 -36.71 -24.68
C ARG C 197 -0.60 -36.23 -23.36
N ASP C 198 -0.49 -34.91 -23.15
CA ASP C 198 0.07 -34.38 -21.92
C ASP C 198 -0.96 -34.42 -20.80
N SER C 199 -0.59 -34.99 -19.66
CA SER C 199 -1.53 -35.22 -18.58
C SER C 199 -1.87 -33.95 -17.80
N LYS C 200 -1.02 -32.93 -17.84
CA LYS C 200 -1.27 -31.69 -17.11
C LYS C 200 -2.10 -30.69 -17.89
N THR C 201 -2.39 -30.94 -19.16
CA THR C 201 -3.13 -30.02 -20.03
C THR C 201 -4.57 -30.48 -20.16
N SER C 202 -5.51 -29.55 -20.00
CA SER C 202 -6.93 -29.85 -20.14
C SER C 202 -7.65 -28.97 -21.16
N ALA C 203 -6.97 -27.98 -21.75
CA ALA C 203 -7.59 -27.13 -22.76
C ALA C 203 -6.48 -26.40 -23.52
N ILE C 204 -6.80 -25.98 -24.75
CA ILE C 204 -5.81 -25.39 -25.66
C ILE C 204 -6.40 -24.15 -26.32
N LEU C 205 -5.58 -23.10 -26.44
CA LEU C 205 -5.96 -21.84 -27.06
C LEU C 205 -4.88 -21.44 -28.07
N LEU C 206 -5.30 -20.95 -29.25
CA LEU C 206 -4.37 -20.66 -30.34
C LEU C 206 -4.64 -19.30 -30.98
N TYR C 207 -3.57 -18.63 -31.39
CA TYR C 207 -3.63 -17.45 -32.25
C TYR C 207 -2.78 -17.72 -33.50
N LEU C 208 -3.40 -17.65 -34.68
CA LEU C 208 -2.78 -18.08 -35.92
C LEU C 208 -2.92 -17.00 -36.99
N GLU C 209 -1.96 -17.01 -37.93
CA GLU C 209 -1.98 -16.10 -39.08
C GLU C 209 -1.92 -16.83 -40.42
N GLN C 210 -1.25 -17.98 -40.47
CA GLN C 210 -1.16 -18.72 -41.73
C GLN C 210 -0.74 -20.16 -41.46
N LEU C 211 -0.95 -21.00 -42.48
CA LEU C 211 -0.68 -22.43 -42.42
C LEU C 211 0.08 -22.87 -43.66
N SER C 212 0.74 -24.02 -43.55
CA SER C 212 1.50 -24.59 -44.66
C SER C 212 1.04 -25.98 -45.08
N ASP C 213 0.44 -26.77 -44.19
CA ASP C 213 -0.01 -28.13 -44.52
C ASP C 213 -1.41 -28.32 -43.93
N ALA C 214 -2.42 -28.28 -44.78
CA ALA C 214 -3.81 -28.24 -44.30
C ALA C 214 -4.28 -29.61 -43.78
N ARG C 215 -3.99 -30.69 -44.51
CA ARG C 215 -4.54 -31.98 -44.12
C ARG C 215 -4.01 -32.41 -42.75
N ARG C 216 -2.70 -32.24 -42.51
CA ARG C 216 -2.14 -32.63 -41.23
C ARG C 216 -2.75 -31.82 -40.11
N PHE C 217 -2.95 -30.51 -40.33
CA PHE C 217 -3.58 -29.67 -39.32
C PHE C 217 -4.98 -30.17 -39.00
N VAL C 218 -5.78 -30.47 -40.04
CA VAL C 218 -7.15 -30.90 -39.82
C VAL C 218 -7.18 -32.21 -39.05
N SER C 219 -6.35 -33.18 -39.46
CA SER C 219 -6.34 -34.47 -38.79
C SER C 219 -5.90 -34.34 -37.33
N ALA C 220 -4.84 -33.55 -37.08
CA ALA C 220 -4.35 -33.40 -35.72
C ALA C 220 -5.40 -32.72 -34.84
N ALA C 221 -6.05 -31.67 -35.34
CA ALA C 221 -7.06 -30.99 -34.54
C ALA C 221 -8.25 -31.89 -34.27
N ARG C 222 -8.71 -32.64 -35.28
CA ARG C 222 -9.82 -33.55 -35.07
C ARG C 222 -9.49 -34.60 -34.02
N SER C 223 -8.28 -35.18 -34.09
CA SER C 223 -7.88 -36.18 -33.10
C SER C 223 -7.78 -35.57 -31.71
N ALA C 224 -7.21 -34.36 -31.60
CA ALA C 224 -6.96 -33.78 -30.29
C ALA C 224 -8.25 -33.29 -29.62
N SER C 225 -9.23 -32.83 -30.40
CA SER C 225 -10.43 -32.23 -29.81
C SER C 225 -11.44 -33.28 -29.34
N ARG C 226 -11.15 -34.57 -29.52
CA ARG C 226 -12.08 -35.59 -29.05
C ARG C 226 -12.26 -35.54 -27.54
N ASN C 227 -11.21 -35.17 -26.80
CA ASN C 227 -11.24 -35.20 -25.35
C ASN C 227 -10.92 -33.86 -24.68
N LYS C 228 -10.48 -32.84 -25.43
CA LYS C 228 -10.17 -31.53 -24.87
C LYS C 228 -10.74 -30.43 -25.75
N PRO C 229 -11.28 -29.36 -25.17
CA PRO C 229 -11.81 -28.25 -25.98
C PRO C 229 -10.70 -27.37 -26.52
N ILE C 230 -10.90 -26.85 -27.74
CA ILE C 230 -9.90 -26.04 -28.43
C ILE C 230 -10.60 -24.85 -29.09
N LEU C 231 -10.06 -23.65 -28.87
CA LEU C 231 -10.55 -22.42 -29.49
C LEU C 231 -9.43 -21.73 -30.26
N VAL C 232 -9.81 -20.94 -31.27
CA VAL C 232 -8.86 -20.31 -32.18
C VAL C 232 -9.33 -18.90 -32.53
N ILE C 233 -8.37 -17.96 -32.60
CA ILE C 233 -8.59 -16.63 -33.17
C ILE C 233 -7.62 -16.46 -34.33
N LYS C 234 -8.12 -15.92 -35.45
CA LYS C 234 -7.35 -15.77 -36.68
C LYS C 234 -7.56 -14.38 -37.24
N SER C 235 -6.47 -13.64 -37.44
CA SER C 235 -6.53 -12.26 -37.88
C SER C 235 -6.20 -12.15 -39.37
N GLY C 236 -6.43 -10.96 -39.92
CA GLY C 236 -6.15 -10.69 -41.32
C GLY C 236 -7.33 -10.95 -42.24
N ARG C 237 -8.48 -10.36 -41.93
CA ARG C 237 -9.69 -10.55 -42.71
C ARG C 237 -9.90 -9.49 -43.78
N SER C 238 -9.07 -8.46 -43.82
CA SER C 238 -9.26 -7.32 -44.72
C SER C 238 -8.04 -7.12 -45.60
N PRO C 239 -8.21 -6.51 -46.78
CA PRO C 239 -7.07 -6.37 -47.71
C PRO C 239 -5.88 -5.64 -47.11
N ALA C 240 -6.12 -4.56 -46.35
CA ALA C 240 -5.01 -3.80 -45.78
C ALA C 240 -4.25 -4.63 -44.76
N ALA C 241 -4.96 -5.38 -43.92
CA ALA C 241 -4.30 -6.25 -42.95
C ALA C 241 -3.51 -7.35 -43.65
N GLN C 242 -4.08 -7.94 -44.71
CA GLN C 242 -3.37 -8.96 -45.46
C GLN C 242 -2.09 -8.41 -46.07
N ARG C 243 -2.15 -7.19 -46.62
CA ARG C 243 -0.93 -6.57 -47.14
C ARG C 243 0.08 -6.35 -46.03
N LEU C 244 -0.38 -5.88 -44.86
CA LEU C 244 0.53 -5.63 -43.75
C LEU C 244 1.23 -6.91 -43.30
N LEU C 245 0.50 -8.01 -43.25
CA LEU C 245 1.04 -9.28 -42.75
C LEU C 245 1.67 -10.14 -43.85
N ASN C 246 1.56 -9.74 -45.11
CA ASN C 246 2.07 -10.53 -46.24
C ASN C 246 1.43 -11.92 -46.27
N THR C 247 0.10 -11.94 -46.24
CA THR C 247 -0.69 -13.15 -46.37
C THR C 247 -1.83 -12.95 -47.35
N THR C 248 -1.55 -12.28 -48.47
CA THR C 248 -2.59 -11.94 -49.42
C THR C 248 -3.21 -13.17 -50.07
N ALA C 249 -2.49 -14.29 -50.10
CA ALA C 249 -2.99 -15.50 -50.73
C ALA C 249 -3.92 -16.24 -49.77
N GLY C 250 -5.06 -16.68 -50.29
CA GLY C 250 -6.04 -17.42 -49.51
C GLY C 250 -7.34 -16.66 -49.38
N MET C 251 -8.32 -17.36 -48.80
CA MET C 251 -9.66 -16.82 -48.62
C MET C 251 -10.17 -17.22 -47.25
N ASP C 252 -10.87 -16.31 -46.56
CA ASP C 252 -11.24 -16.46 -45.16
C ASP C 252 -12.40 -17.43 -44.93
N PRO C 253 -13.39 -17.49 -45.81
CA PRO C 253 -14.42 -18.53 -45.67
C PRO C 253 -13.86 -19.94 -45.70
N ALA C 254 -12.75 -20.16 -46.41
CA ALA C 254 -12.08 -21.45 -46.35
C ALA C 254 -11.60 -21.75 -44.93
N TRP C 255 -11.05 -20.74 -44.26
CA TRP C 255 -10.69 -20.91 -42.85
C TRP C 255 -11.91 -21.24 -42.01
N ASP C 256 -13.01 -20.54 -42.23
CA ASP C 256 -14.23 -20.84 -41.48
C ASP C 256 -14.65 -22.30 -41.66
N ALA C 257 -14.68 -22.77 -42.92
CA ALA C 257 -15.11 -24.13 -43.19
C ALA C 257 -14.15 -25.15 -42.57
N ALA C 258 -12.84 -24.91 -42.72
CA ALA C 258 -11.86 -25.85 -42.17
C ALA C 258 -11.97 -25.92 -40.65
N ILE C 259 -12.11 -24.76 -39.99
CA ILE C 259 -12.23 -24.76 -38.53
C ILE C 259 -13.48 -25.52 -38.10
N GLN C 260 -14.60 -25.30 -38.79
CA GLN C 260 -15.82 -26.00 -38.41
C GLN C 260 -15.68 -27.50 -38.61
N ARG C 261 -15.08 -27.92 -39.72
CA ARG C 261 -15.03 -29.35 -40.03
C ARG C 261 -14.19 -30.13 -39.02
N ALA C 262 -13.23 -29.49 -38.37
CA ALA C 262 -12.35 -30.16 -37.42
C ALA C 262 -12.90 -30.18 -36.00
N GLY C 263 -14.07 -29.59 -35.77
CA GLY C 263 -14.67 -29.58 -34.45
C GLY C 263 -14.22 -28.45 -33.54
N LEU C 264 -13.62 -27.40 -34.07
CA LEU C 264 -13.17 -26.26 -33.29
C LEU C 264 -14.19 -25.12 -33.40
N LEU C 265 -13.91 -24.01 -32.70
CA LEU C 265 -14.74 -22.83 -32.75
C LEU C 265 -13.87 -21.58 -32.84
N ARG C 266 -14.32 -20.59 -33.60
CA ARG C 266 -13.58 -19.36 -33.85
C ARG C 266 -14.14 -18.22 -33.01
N VAL C 267 -13.25 -17.50 -32.32
CA VAL C 267 -13.63 -16.30 -31.58
C VAL C 267 -13.25 -15.08 -32.42
N GLN C 268 -13.90 -13.96 -32.14
CA GLN C 268 -13.94 -12.84 -33.08
C GLN C 268 -12.93 -11.73 -32.77
N ASP C 269 -12.73 -11.35 -31.51
CA ASP C 269 -11.93 -10.17 -31.20
C ASP C 269 -11.22 -10.35 -29.86
N THR C 270 -10.50 -9.29 -29.46
CA THR C 270 -9.64 -9.37 -28.27
C THR C 270 -10.44 -9.62 -27.01
N HIS C 271 -11.58 -8.95 -26.85
CA HIS C 271 -12.38 -9.13 -25.63
C HIS C 271 -12.79 -10.59 -25.47
N GLU C 272 -13.26 -11.20 -26.56
CA GLU C 272 -13.67 -12.59 -26.51
C GLU C 272 -12.50 -13.50 -26.19
N LEU C 273 -11.27 -13.11 -26.55
CA LEU C 273 -10.10 -13.92 -26.21
C LEU C 273 -9.86 -13.95 -24.70
N PHE C 274 -9.94 -12.78 -24.04
CA PHE C 274 -9.80 -12.73 -22.59
C PHE C 274 -10.91 -13.53 -21.92
N SER C 275 -12.15 -13.35 -22.40
CA SER C 275 -13.25 -14.14 -21.86
C SER C 275 -13.03 -15.63 -22.04
N ALA C 276 -12.44 -16.02 -23.18
CA ALA C 276 -12.14 -17.44 -23.41
C ALA C 276 -11.10 -17.95 -22.44
N VAL C 277 -10.08 -17.15 -22.15
CA VAL C 277 -9.09 -17.55 -21.14
C VAL C 277 -9.80 -17.84 -19.83
N GLU C 278 -10.64 -16.91 -19.37
CA GLU C 278 -11.34 -17.09 -18.11
C GLU C 278 -12.21 -18.36 -18.14
N THR C 279 -13.01 -18.51 -19.19
CA THR C 279 -13.97 -19.61 -19.26
C THR C 279 -13.26 -20.96 -19.31
N LEU C 280 -12.25 -21.10 -20.18
CA LEU C 280 -11.53 -22.36 -20.25
C LEU C 280 -10.81 -22.66 -18.95
N SER C 281 -10.37 -21.63 -18.22
CA SER C 281 -9.65 -21.88 -16.98
C SER C 281 -10.59 -22.36 -15.86
N HIS C 282 -11.75 -21.73 -15.68
CA HIS C 282 -12.49 -21.91 -14.44
C HIS C 282 -13.86 -22.57 -14.56
N MET C 283 -14.54 -22.48 -15.71
CA MET C 283 -15.93 -22.94 -15.77
C MET C 283 -16.03 -24.46 -15.82
N ARG C 284 -17.04 -25.01 -15.13
CA ARG C 284 -17.32 -26.44 -15.15
C ARG C 284 -18.02 -26.83 -16.47
N PRO C 285 -17.71 -28.00 -17.03
CA PRO C 285 -18.35 -28.39 -18.30
C PRO C 285 -19.87 -28.47 -18.18
N LEU C 286 -20.55 -28.11 -19.27
CA LEU C 286 -22.00 -28.06 -19.31
C LEU C 286 -22.61 -29.44 -19.48
N ARG C 287 -23.84 -29.59 -18.98
CA ARG C 287 -24.66 -30.77 -19.23
C ARG C 287 -25.97 -30.41 -19.92
N GLY C 288 -26.15 -29.15 -20.32
CA GLY C 288 -27.39 -28.74 -20.96
C GLY C 288 -27.31 -27.27 -21.34
N ASP C 289 -28.45 -26.73 -21.78
CA ASP C 289 -28.51 -25.37 -22.29
C ASP C 289 -29.68 -24.58 -21.70
N ARG C 290 -30.03 -24.84 -20.44
CA ARG C 290 -31.09 -24.10 -19.74
C ARG C 290 -30.46 -23.15 -18.73
N LEU C 291 -30.85 -21.88 -18.78
CA LEU C 291 -30.22 -20.82 -18.00
C LEU C 291 -31.19 -20.21 -17.00
N MET C 292 -30.69 -19.95 -15.79
CA MET C 292 -31.44 -19.28 -14.74
C MET C 292 -30.69 -18.03 -14.30
N ILE C 293 -31.43 -16.96 -14.01
CA ILE C 293 -30.85 -15.65 -13.70
C ILE C 293 -31.50 -15.08 -12.43
N ILE C 294 -30.67 -14.53 -11.54
CA ILE C 294 -31.15 -13.79 -10.38
C ILE C 294 -30.31 -12.52 -10.24
N SER C 295 -30.94 -11.47 -9.73
CA SER C 295 -30.29 -10.15 -9.65
C SER C 295 -30.92 -9.32 -8.54
N ASN C 296 -30.17 -8.32 -8.08
CA ASN C 296 -30.70 -7.30 -7.18
C ASN C 296 -31.06 -6.03 -7.94
N GLY C 297 -31.57 -6.19 -9.16
CA GLY C 297 -31.98 -5.05 -9.97
C GLY C 297 -32.50 -5.56 -11.30
N ALA C 298 -33.33 -4.71 -11.93
CA ALA C 298 -34.05 -5.10 -13.13
C ALA C 298 -33.26 -4.82 -14.41
N ALA C 299 -32.70 -3.61 -14.54
CA ALA C 299 -32.09 -3.22 -15.81
C ALA C 299 -30.93 -4.11 -16.23
N PRO C 300 -29.99 -4.48 -15.35
CA PRO C 300 -28.93 -5.41 -15.79
C PRO C 300 -29.48 -6.73 -16.31
N ALA C 301 -30.51 -7.27 -15.67
CA ALA C 301 -31.13 -8.50 -16.15
C ALA C 301 -31.79 -8.29 -17.50
N ALA C 302 -32.40 -7.11 -17.72
CA ALA C 302 -32.98 -6.82 -19.03
C ALA C 302 -31.90 -6.78 -20.10
N LEU C 303 -30.75 -6.17 -19.81
CA LEU C 303 -29.66 -6.16 -20.77
C LEU C 303 -29.19 -7.59 -21.07
N ALA C 304 -29.10 -8.43 -20.04
CA ALA C 304 -28.73 -9.82 -20.25
C ALA C 304 -29.74 -10.54 -21.13
N LEU C 305 -31.04 -10.27 -20.91
CA LEU C 305 -32.07 -10.92 -21.72
C LEU C 305 -31.98 -10.47 -23.18
N ASP C 306 -31.70 -9.19 -23.42
CA ASP C 306 -31.52 -8.73 -24.80
C ASP C 306 -30.34 -9.43 -25.46
N ALA C 307 -29.22 -9.54 -24.73
CA ALA C 307 -28.06 -10.25 -25.26
C ALA C 307 -28.40 -11.71 -25.57
N LEU C 308 -29.13 -12.37 -24.67
CA LEU C 308 -29.48 -13.76 -24.88
C LEU C 308 -30.40 -13.94 -26.09
N TRP C 309 -31.38 -13.03 -26.23
CA TRP C 309 -32.29 -13.12 -27.37
C TRP C 309 -31.54 -12.95 -28.68
N SER C 310 -30.55 -12.06 -28.71
CA SER C 310 -29.79 -11.85 -29.94
C SER C 310 -29.07 -13.11 -30.41
N ARG C 311 -28.78 -14.07 -29.51
CA ARG C 311 -28.02 -15.27 -29.85
C ARG C 311 -28.85 -16.55 -29.79
N ASN C 312 -30.18 -16.45 -29.70
CA ASN C 312 -31.06 -17.62 -29.72
C ASN C 312 -30.75 -18.58 -28.58
N GLY C 313 -30.68 -18.05 -27.36
CA GLY C 313 -30.56 -18.88 -26.17
C GLY C 313 -31.91 -19.27 -25.61
N LYS C 314 -31.87 -20.08 -24.55
CA LYS C 314 -33.08 -20.68 -23.97
C LYS C 314 -33.14 -20.40 -22.48
N LEU C 315 -34.26 -19.84 -22.02
CA LEU C 315 -34.51 -19.60 -20.60
C LEU C 315 -35.13 -20.83 -19.95
N ALA C 316 -34.74 -21.08 -18.70
CA ALA C 316 -35.30 -22.16 -17.92
C ALA C 316 -36.67 -21.78 -17.34
N THR C 317 -37.49 -22.79 -17.08
CA THR C 317 -38.81 -22.62 -16.50
C THR C 317 -38.87 -23.27 -15.13
N LEU C 318 -39.34 -22.53 -14.15
CA LEU C 318 -39.45 -23.03 -12.78
C LEU C 318 -40.64 -23.98 -12.65
N SER C 319 -40.48 -24.97 -11.79
CA SER C 319 -41.56 -25.92 -11.49
C SER C 319 -42.44 -25.36 -10.38
N GLU C 320 -43.62 -25.97 -10.23
CA GLU C 320 -44.57 -25.49 -9.23
C GLU C 320 -44.05 -25.72 -7.82
N GLU C 321 -43.37 -26.85 -7.60
CA GLU C 321 -42.87 -27.15 -6.25
C GLU C 321 -41.77 -26.18 -5.85
N THR C 322 -40.82 -25.92 -6.76
CA THR C 322 -39.75 -24.97 -6.46
C THR C 322 -40.28 -23.57 -6.17
N CYS C 323 -41.44 -23.23 -6.73
CA CYS C 323 -42.01 -21.90 -6.52
C CYS C 323 -42.37 -21.61 -5.06
N GLN C 324 -42.12 -22.54 -4.14
CA GLN C 324 -42.36 -22.27 -2.71
C GLN C 324 -41.37 -21.27 -2.15
N LYS C 325 -40.53 -20.64 -2.97
CA LYS C 325 -39.72 -19.52 -2.50
C LYS C 325 -40.61 -18.36 -2.08
N LEU C 326 -41.87 -18.33 -2.56
CA LEU C 326 -42.80 -17.28 -2.18
C LEU C 326 -43.27 -17.45 -0.75
N ARG C 327 -43.68 -18.67 -0.40
CA ARG C 327 -44.42 -18.96 0.82
C ARG C 327 -43.81 -18.28 2.04
N ASP C 328 -42.57 -18.62 2.39
CA ASP C 328 -41.95 -18.09 3.60
C ASP C 328 -40.65 -17.38 3.32
N ALA C 329 -39.85 -17.90 2.39
CA ALA C 329 -38.46 -17.47 2.28
C ALA C 329 -38.34 -15.97 2.02
N LEU C 330 -39.03 -15.46 1.00
CA LEU C 330 -38.80 -14.09 0.53
C LEU C 330 -39.99 -13.19 0.85
N PRO C 331 -39.75 -11.88 0.96
CA PRO C 331 -40.86 -10.96 1.25
C PRO C 331 -41.87 -10.90 0.11
N GLU C 332 -43.03 -10.34 0.42
CA GLU C 332 -44.19 -10.45 -0.46
C GLU C 332 -44.13 -9.52 -1.67
N HIS C 333 -43.20 -8.57 -1.70
CA HIS C 333 -43.12 -7.67 -2.85
C HIS C 333 -42.23 -8.21 -3.96
N VAL C 334 -41.66 -9.41 -3.80
CA VAL C 334 -40.82 -10.02 -4.82
C VAL C 334 -41.68 -10.96 -5.67
N ALA C 335 -41.70 -10.74 -6.97
CA ALA C 335 -42.40 -11.63 -7.89
C ALA C 335 -41.54 -12.86 -8.17
N ILE C 336 -42.18 -14.02 -8.22
CA ILE C 336 -41.48 -15.30 -8.32
C ILE C 336 -41.55 -15.76 -9.77
N SER C 337 -40.44 -15.61 -10.49
CA SER C 337 -40.32 -16.08 -11.87
C SER C 337 -38.85 -15.95 -12.29
N ASN C 338 -38.58 -16.30 -13.55
CA ASN C 338 -37.23 -16.25 -14.11
C ASN C 338 -37.18 -15.18 -15.20
N PRO C 339 -36.34 -14.15 -15.09
CA PRO C 339 -35.33 -13.88 -14.04
C PRO C 339 -35.97 -13.42 -12.73
N LEU C 340 -35.31 -13.72 -11.61
CA LEU C 340 -35.80 -13.37 -10.28
C LEU C 340 -35.16 -12.05 -9.83
N ASP C 341 -35.98 -11.01 -9.69
CA ASP C 341 -35.49 -9.70 -9.26
C ASP C 341 -35.70 -9.58 -7.75
N LEU C 342 -34.60 -9.56 -7.01
CA LEU C 342 -34.65 -9.44 -5.55
C LEU C 342 -34.75 -7.99 -5.07
N ARG C 343 -34.70 -7.02 -5.98
CA ARG C 343 -34.90 -5.60 -5.66
C ARG C 343 -33.65 -4.95 -5.09
N ASP C 344 -33.62 -3.62 -5.07
CA ASP C 344 -32.40 -2.89 -4.71
C ASP C 344 -32.01 -3.10 -3.26
N ASP C 345 -32.97 -3.37 -2.37
CA ASP C 345 -32.71 -3.46 -0.94
C ASP C 345 -32.52 -4.90 -0.46
N ALA C 346 -32.16 -5.82 -1.35
CA ALA C 346 -31.91 -7.20 -0.94
C ALA C 346 -30.66 -7.30 -0.10
N SER C 347 -30.71 -8.17 0.92
CA SER C 347 -29.57 -8.45 1.78
C SER C 347 -28.94 -9.79 1.42
N SER C 348 -27.80 -10.08 2.04
CA SER C 348 -27.06 -11.30 1.75
C SER C 348 -27.87 -12.54 2.13
N GLU C 349 -28.61 -12.48 3.24
CA GLU C 349 -29.38 -13.63 3.68
C GLU C 349 -30.39 -14.06 2.63
N HIS C 350 -31.01 -13.09 1.94
CA HIS C 350 -31.91 -13.40 0.84
C HIS C 350 -31.17 -14.19 -0.24
N TYR C 351 -29.95 -13.74 -0.58
CA TYR C 351 -29.14 -14.44 -1.56
C TYR C 351 -28.90 -15.89 -1.14
N ILE C 352 -28.56 -16.10 0.13
CA ILE C 352 -28.23 -17.46 0.58
C ILE C 352 -29.46 -18.36 0.54
N LYS C 353 -30.59 -17.86 1.04
CA LYS C 353 -31.82 -18.66 1.01
C LYS C 353 -32.19 -19.03 -0.42
N THR C 354 -32.16 -18.04 -1.32
CA THR C 354 -32.50 -18.30 -2.72
C THR C 354 -31.55 -19.31 -3.33
N LEU C 355 -30.25 -19.17 -3.06
CA LEU C 355 -29.27 -20.09 -3.65
C LEU C 355 -29.51 -21.52 -3.16
N ASP C 356 -29.76 -21.69 -1.86
CA ASP C 356 -30.02 -23.04 -1.35
C ASP C 356 -31.24 -23.65 -2.02
N ILE C 357 -32.35 -22.91 -2.05
CA ILE C 357 -33.57 -23.46 -2.63
C ILE C 357 -33.37 -23.81 -4.09
N LEU C 358 -32.72 -22.93 -4.85
CA LEU C 358 -32.49 -23.18 -6.27
C LEU C 358 -31.58 -24.39 -6.49
N LEU C 359 -30.52 -24.52 -5.68
CA LEU C 359 -29.60 -25.63 -5.88
C LEU C 359 -30.25 -26.97 -5.54
N HIS C 360 -31.24 -26.98 -4.64
CA HIS C 360 -31.88 -28.26 -4.35
C HIS C 360 -32.90 -28.69 -5.42
N SER C 361 -32.94 -28.06 -6.59
CA SER C 361 -33.86 -28.42 -7.66
C SER C 361 -33.09 -28.90 -8.89
N GLN C 362 -33.83 -29.29 -9.93
CA GLN C 362 -33.25 -29.81 -11.17
C GLN C 362 -33.89 -29.14 -12.38
N ASP C 363 -34.17 -27.85 -12.30
CA ASP C 363 -34.88 -27.14 -13.35
C ASP C 363 -33.96 -26.45 -14.36
N PHE C 364 -32.65 -26.45 -14.14
CA PHE C 364 -31.74 -25.68 -14.97
C PHE C 364 -30.37 -26.36 -15.02
N ASP C 365 -29.56 -25.92 -15.98
CA ASP C 365 -28.21 -26.43 -16.16
C ASP C 365 -27.12 -25.43 -15.79
N ALA C 366 -27.43 -24.14 -15.74
CA ALA C 366 -26.45 -23.12 -15.36
C ALA C 366 -27.16 -21.98 -14.65
N LEU C 367 -26.42 -21.28 -13.79
CA LEU C 367 -26.97 -20.22 -12.95
C LEU C 367 -26.11 -18.97 -13.03
N MET C 368 -26.75 -17.83 -13.28
CA MET C 368 -26.09 -16.53 -13.40
C MET C 368 -26.50 -15.64 -12.23
N VAL C 369 -25.52 -15.12 -11.49
CA VAL C 369 -25.77 -14.32 -10.29
C VAL C 369 -25.20 -12.93 -10.53
N ILE C 370 -26.07 -11.91 -10.43
CA ILE C 370 -25.70 -10.52 -10.69
C ILE C 370 -25.78 -9.73 -9.39
N HIS C 371 -24.78 -8.87 -9.15
CA HIS C 371 -24.75 -8.01 -7.97
C HIS C 371 -24.31 -6.60 -8.35
N SER C 372 -25.11 -5.61 -7.98
CA SER C 372 -24.79 -4.20 -8.17
C SER C 372 -24.52 -3.52 -6.83
N PRO C 373 -23.78 -2.41 -6.83
CA PRO C 373 -23.43 -1.76 -5.55
C PRO C 373 -24.68 -1.37 -4.76
N SER C 374 -24.61 -1.59 -3.45
CA SER C 374 -25.76 -1.34 -2.58
C SER C 374 -25.29 -1.26 -1.14
N ALA C 375 -26.05 -0.50 -0.34
CA ALA C 375 -25.77 -0.39 1.09
C ALA C 375 -26.24 -1.63 1.86
N ALA C 376 -27.35 -2.25 1.44
CA ALA C 376 -27.89 -3.39 2.16
C ALA C 376 -27.08 -4.65 1.96
N ALA C 377 -26.20 -4.71 0.97
CA ALA C 377 -25.41 -5.91 0.69
C ALA C 377 -24.04 -5.48 0.17
N PRO C 378 -23.08 -5.26 1.07
CA PRO C 378 -21.73 -4.90 0.61
C PRO C 378 -21.09 -6.03 -0.19
N ALA C 379 -20.23 -5.65 -1.14
CA ALA C 379 -19.74 -6.61 -2.12
C ALA C 379 -18.95 -7.74 -1.48
N THR C 380 -17.98 -7.41 -0.63
CA THR C 380 -17.06 -8.44 -0.13
C THR C 380 -17.79 -9.48 0.70
N GLU C 381 -18.66 -9.03 1.61
CA GLU C 381 -19.39 -9.97 2.47
C GLU C 381 -20.30 -10.89 1.65
N SER C 382 -21.01 -10.31 0.67
CA SER C 382 -21.88 -11.13 -0.17
C SER C 382 -21.08 -12.16 -0.95
N ALA C 383 -19.92 -11.76 -1.48
CA ALA C 383 -19.09 -12.72 -2.20
C ALA C 383 -18.63 -13.85 -1.28
N GLN C 384 -18.20 -13.50 -0.06
CA GLN C 384 -17.73 -14.53 0.88
C GLN C 384 -18.85 -15.52 1.21
N VAL C 385 -20.05 -15.02 1.49
CA VAL C 385 -21.14 -15.90 1.85
C VAL C 385 -21.54 -16.77 0.66
N LEU C 386 -21.52 -16.21 -0.56
CA LEU C 386 -21.79 -17.02 -1.74
C LEU C 386 -20.77 -18.15 -1.86
N ILE C 387 -19.49 -17.84 -1.66
CA ILE C 387 -18.45 -18.87 -1.80
C ILE C 387 -18.68 -19.99 -0.80
N GLU C 388 -18.94 -19.63 0.46
CA GLU C 388 -19.16 -20.66 1.48
C GLU C 388 -20.39 -21.50 1.16
N ALA C 389 -21.49 -20.85 0.77
CA ALA C 389 -22.72 -21.58 0.47
C ALA C 389 -22.53 -22.55 -0.68
N VAL C 390 -21.81 -22.12 -1.73
CA VAL C 390 -21.54 -23.02 -2.85
C VAL C 390 -20.65 -24.16 -2.41
N LYS C 391 -19.67 -23.89 -1.54
CA LYS C 391 -18.77 -24.94 -1.10
C LYS C 391 -19.51 -26.03 -0.34
N HIS C 392 -20.45 -25.65 0.52
CA HIS C 392 -21.07 -26.62 1.42
C HIS C 392 -22.30 -27.32 0.85
N HIS C 393 -22.70 -27.03 -0.40
CA HIS C 393 -23.93 -27.64 -0.91
C HIS C 393 -23.64 -29.01 -1.51
N PRO C 394 -24.42 -30.05 -1.19
CA PRO C 394 -24.14 -31.39 -1.73
C PRO C 394 -24.27 -31.48 -3.25
N ARG C 395 -25.19 -30.75 -3.86
CA ARG C 395 -25.51 -30.90 -5.27
C ARG C 395 -24.84 -29.84 -6.14
N SER C 396 -23.87 -29.11 -5.61
CA SER C 396 -23.25 -28.03 -6.37
C SER C 396 -22.47 -28.53 -7.59
N LYS C 397 -22.06 -29.79 -7.60
CA LYS C 397 -21.23 -30.32 -8.68
C LYS C 397 -22.03 -30.74 -9.90
N TYR C 398 -23.35 -30.48 -9.93
CA TYR C 398 -24.21 -30.85 -11.04
C TYR C 398 -24.53 -29.69 -11.97
N VAL C 399 -24.19 -28.45 -11.59
CA VAL C 399 -24.51 -27.26 -12.39
C VAL C 399 -23.28 -26.37 -12.49
N SER C 400 -23.32 -25.46 -13.46
CA SER C 400 -22.23 -24.53 -13.72
C SER C 400 -22.62 -23.15 -13.22
N LEU C 401 -21.72 -22.52 -12.46
CA LEU C 401 -21.95 -21.21 -11.86
C LEU C 401 -21.22 -20.12 -12.63
N LEU C 402 -21.86 -18.96 -12.73
CA LEU C 402 -21.27 -17.78 -13.36
C LEU C 402 -21.62 -16.56 -12.52
N THR C 403 -20.63 -15.69 -12.28
CA THR C 403 -20.80 -14.51 -11.45
C THR C 403 -20.48 -13.26 -12.25
N ASN C 404 -21.24 -12.18 -11.99
CA ASN C 404 -21.09 -10.90 -12.69
C ASN C 404 -21.30 -9.80 -11.65
N TRP C 405 -20.20 -9.28 -11.12
CA TRP C 405 -20.24 -8.28 -10.05
C TRP C 405 -19.85 -6.92 -10.63
N CYS C 406 -20.85 -6.07 -10.83
CA CYS C 406 -20.64 -4.79 -11.48
C CYS C 406 -20.16 -3.73 -10.49
N GLY C 407 -19.35 -2.81 -10.99
CA GLY C 407 -18.73 -1.79 -10.17
C GLY C 407 -17.22 -2.01 -10.08
N GLU C 408 -16.47 -1.24 -10.88
CA GLU C 408 -15.05 -1.54 -11.05
C GLU C 408 -14.27 -1.30 -9.75
N HIS C 409 -14.53 -0.18 -9.08
CA HIS C 409 -13.70 0.19 -7.93
C HIS C 409 -13.97 -0.70 -6.71
N SER C 410 -15.24 -1.01 -6.44
CA SER C 410 -15.63 -1.66 -5.19
C SER C 410 -15.66 -3.19 -5.27
N SER C 411 -15.39 -3.79 -6.44
CA SER C 411 -15.48 -5.24 -6.61
C SER C 411 -14.12 -5.93 -6.74
N GLN C 412 -13.02 -5.20 -6.52
CA GLN C 412 -11.69 -5.77 -6.73
C GLN C 412 -11.45 -6.96 -5.81
N GLU C 413 -11.69 -6.77 -4.50
CA GLU C 413 -11.46 -7.84 -3.55
C GLU C 413 -12.39 -9.02 -3.79
N ALA C 414 -13.64 -8.74 -4.15
CA ALA C 414 -14.58 -9.83 -4.45
C ALA C 414 -14.10 -10.65 -5.63
N ARG C 415 -13.63 -10.01 -6.70
CA ARG C 415 -13.12 -10.75 -7.84
C ARG C 415 -11.88 -11.57 -7.47
N ARG C 416 -10.98 -10.97 -6.67
CA ARG C 416 -9.82 -11.72 -6.21
C ARG C 416 -10.24 -12.98 -5.47
N LEU C 417 -11.22 -12.85 -4.55
CA LEU C 417 -11.68 -14.00 -3.79
C LEU C 417 -12.32 -15.05 -4.70
N PHE C 418 -13.10 -14.61 -5.69
CA PHE C 418 -13.68 -15.56 -6.64
C PHE C 418 -12.59 -16.33 -7.37
N SER C 419 -11.51 -15.65 -7.76
CA SER C 419 -10.46 -16.32 -8.52
C SER C 419 -9.81 -17.44 -7.70
N GLU C 420 -9.51 -17.18 -6.43
CA GLU C 420 -8.82 -18.18 -5.62
C GLU C 420 -9.72 -19.38 -5.29
N ALA C 421 -11.04 -19.21 -5.38
CA ALA C 421 -11.97 -20.30 -5.14
C ALA C 421 -12.36 -21.04 -6.43
N GLY C 422 -11.82 -20.63 -7.58
CA GLY C 422 -12.08 -21.34 -8.82
C GLY C 422 -13.41 -21.09 -9.48
N LEU C 423 -14.09 -19.95 -9.17
CA LEU C 423 -15.36 -19.64 -9.80
C LEU C 423 -15.18 -18.54 -10.83
N PRO C 424 -15.69 -18.70 -12.05
CA PRO C 424 -15.50 -17.66 -13.07
C PRO C 424 -16.26 -16.38 -12.76
N THR C 425 -15.70 -15.25 -13.21
CA THR C 425 -16.28 -13.94 -12.97
C THR C 425 -16.04 -13.05 -14.18
N TYR C 426 -17.00 -12.16 -14.47
CA TYR C 426 -16.97 -11.35 -15.68
C TYR C 426 -17.37 -9.91 -15.36
N ARG C 427 -16.99 -9.00 -16.25
CA ARG C 427 -17.13 -7.57 -15.99
C ARG C 427 -18.55 -7.06 -16.28
N THR C 428 -19.17 -7.54 -17.36
CA THR C 428 -20.49 -7.04 -17.76
C THR C 428 -21.42 -8.20 -18.11
N PRO C 429 -22.74 -8.00 -17.93
CA PRO C 429 -23.67 -9.12 -18.18
C PRO C 429 -23.66 -9.61 -19.62
N GLU C 430 -23.51 -8.72 -20.60
CA GLU C 430 -23.47 -9.15 -21.99
C GLU C 430 -22.28 -10.08 -22.23
N GLY C 431 -21.13 -9.76 -21.63
CA GLY C 431 -19.98 -10.65 -21.76
C GLY C 431 -20.24 -12.01 -21.13
N THR C 432 -20.94 -12.05 -20.00
CA THR C 432 -21.30 -13.32 -19.38
C THR C 432 -22.15 -14.16 -20.33
N ILE C 433 -23.17 -13.55 -20.93
CA ILE C 433 -24.02 -14.26 -21.86
C ILE C 433 -23.21 -14.78 -23.05
N THR C 434 -22.30 -13.95 -23.57
CA THR C 434 -21.47 -14.36 -24.70
C THR C 434 -20.59 -15.54 -24.35
N ALA C 435 -19.97 -15.50 -23.17
CA ALA C 435 -19.12 -16.62 -22.73
C ALA C 435 -19.93 -17.92 -22.65
N PHE C 436 -21.12 -17.85 -22.06
CA PHE C 436 -21.95 -19.05 -21.93
C PHE C 436 -22.34 -19.59 -23.31
N MET C 437 -22.76 -18.71 -24.21
CA MET C 437 -23.21 -19.14 -25.53
C MET C 437 -22.07 -19.73 -26.35
N HIS C 438 -20.83 -19.29 -26.11
CA HIS C 438 -19.70 -19.91 -26.83
C HIS C 438 -19.65 -21.41 -26.59
N MET C 439 -19.69 -21.83 -25.33
CA MET C 439 -19.65 -23.26 -25.02
C MET C 439 -20.90 -23.97 -25.51
N VAL C 440 -22.06 -23.32 -25.38
CA VAL C 440 -23.28 -23.93 -25.91
C VAL C 440 -23.11 -24.28 -27.38
N GLU C 441 -22.62 -23.32 -28.18
CA GLU C 441 -22.45 -23.54 -29.62
C GLU C 441 -21.39 -24.61 -29.89
N TYR C 442 -20.30 -24.60 -29.13
CA TYR C 442 -19.27 -25.62 -29.31
C TYR C 442 -19.85 -27.03 -29.17
N ARG C 443 -20.59 -27.26 -28.08
CA ARG C 443 -21.19 -28.58 -27.88
C ARG C 443 -22.18 -28.90 -28.98
N ARG C 444 -22.99 -27.92 -29.40
CA ARG C 444 -23.96 -28.17 -30.46
C ARG C 444 -23.27 -28.62 -31.75
N ASN C 445 -22.20 -27.95 -32.13
CA ASN C 445 -21.50 -28.32 -33.36
C ASN C 445 -20.92 -29.73 -33.25
N GLN C 446 -20.28 -30.05 -32.12
CA GLN C 446 -19.70 -31.38 -31.97
C GLN C 446 -20.77 -32.47 -32.05
N LYS C 447 -21.93 -32.25 -31.42
CA LYS C 447 -22.99 -33.24 -31.52
C LYS C 447 -23.50 -33.34 -32.95
N GLN C 448 -23.73 -32.20 -33.60
CA GLN C 448 -24.29 -32.23 -34.95
C GLN C 448 -23.39 -33.00 -35.92
N LEU C 449 -22.07 -32.94 -35.72
CA LEU C 449 -21.17 -33.59 -36.68
C LEU C 449 -21.30 -35.12 -36.68
N ARG C 450 -21.94 -35.73 -35.68
CA ARG C 450 -21.82 -37.17 -35.47
C ARG C 450 -23.13 -37.95 -35.62
N GLU C 451 -24.20 -37.33 -36.10
CA GLU C 451 -25.44 -38.09 -36.29
C GLU C 451 -25.30 -39.06 -37.47
N THR C 452 -26.15 -40.08 -37.46
CA THR C 452 -26.06 -41.16 -38.45
C THR C 452 -26.56 -40.69 -39.81
N PRO C 453 -25.75 -40.74 -40.87
CA PRO C 453 -26.25 -40.39 -42.20
C PRO C 453 -27.17 -41.46 -42.76
N ALA C 454 -28.04 -41.05 -43.68
CA ALA C 454 -28.92 -41.98 -44.38
C ALA C 454 -28.29 -42.38 -45.71
N LEU C 455 -28.78 -43.49 -46.26
CA LEU C 455 -28.30 -43.96 -47.55
C LEU C 455 -28.78 -43.04 -48.67
N PRO C 456 -28.00 -42.87 -49.73
CA PRO C 456 -28.46 -42.03 -50.84
C PRO C 456 -29.33 -42.80 -51.81
N SER C 457 -30.40 -42.15 -52.26
CA SER C 457 -31.35 -42.80 -53.16
C SER C 457 -30.72 -43.03 -54.53
N ASN C 458 -30.09 -42.00 -55.10
CA ASN C 458 -29.48 -42.12 -56.41
C ASN C 458 -28.08 -42.69 -56.31
N LEU C 459 -27.69 -43.48 -57.31
CA LEU C 459 -26.39 -44.14 -57.33
C LEU C 459 -25.78 -44.11 -58.73
N THR C 460 -26.03 -43.05 -59.49
CA THR C 460 -25.60 -42.96 -60.87
C THR C 460 -24.31 -42.15 -60.95
N SER C 461 -23.26 -42.75 -61.50
CA SER C 461 -22.00 -42.04 -61.72
C SER C 461 -21.27 -42.75 -62.86
N ASN C 462 -21.33 -42.18 -64.06
CA ASN C 462 -20.65 -42.73 -65.24
C ASN C 462 -19.35 -41.95 -65.43
N THR C 463 -18.33 -42.37 -64.69
CA THR C 463 -17.06 -41.65 -64.68
C THR C 463 -16.38 -41.65 -66.05
N ALA C 464 -16.38 -42.82 -66.72
CA ALA C 464 -15.63 -42.95 -67.96
C ALA C 464 -16.14 -42.00 -69.03
N GLU C 465 -17.47 -41.87 -69.14
CA GLU C 465 -18.03 -40.97 -70.14
C GLU C 465 -17.60 -39.53 -69.88
N ALA C 466 -17.62 -39.11 -68.61
CA ALA C 466 -17.21 -37.75 -68.28
C ALA C 466 -15.75 -37.51 -68.62
N HIS C 467 -14.87 -38.45 -68.26
CA HIS C 467 -13.46 -38.29 -68.64
C HIS C 467 -13.30 -38.25 -70.15
N LEU C 468 -14.01 -39.11 -70.87
CA LEU C 468 -13.90 -39.09 -72.33
C LEU C 468 -14.27 -37.73 -72.90
N LEU C 469 -15.43 -37.20 -72.48
CA LEU C 469 -15.88 -35.92 -73.01
C LEU C 469 -14.91 -34.80 -72.65
N LEU C 470 -14.44 -34.77 -71.40
CA LEU C 470 -13.51 -33.71 -71.01
C LEU C 470 -12.20 -33.82 -71.79
N GLN C 471 -11.72 -35.04 -72.03
CA GLN C 471 -10.50 -35.22 -72.82
C GLN C 471 -10.69 -34.73 -74.25
N GLN C 472 -11.84 -35.05 -74.86
CA GLN C 472 -12.09 -34.54 -76.21
C GLN C 472 -12.11 -33.01 -76.20
N ALA C 473 -12.75 -32.42 -75.18
CA ALA C 473 -12.81 -30.96 -75.11
C ALA C 473 -11.43 -30.34 -75.01
N ILE C 474 -10.58 -30.89 -74.15
CA ILE C 474 -9.24 -30.32 -73.98
C ILE C 474 -8.38 -30.57 -75.21
N ALA C 475 -8.66 -31.64 -75.96
CA ALA C 475 -7.83 -31.96 -77.13
C ALA C 475 -7.84 -30.83 -78.14
N GLU C 476 -9.00 -30.20 -78.36
CA GLU C 476 -9.12 -29.16 -79.37
C GLU C 476 -8.59 -27.82 -78.90
N GLY C 477 -8.18 -27.69 -77.64
CA GLY C 477 -7.70 -26.44 -77.11
C GLY C 477 -8.74 -25.61 -76.37
N ALA C 478 -9.94 -26.15 -76.18
CA ALA C 478 -10.97 -25.41 -75.46
C ALA C 478 -10.57 -25.23 -74.00
N THR C 479 -10.84 -24.04 -73.47
CA THR C 479 -10.55 -23.74 -72.07
C THR C 479 -11.80 -23.47 -71.24
N SER C 480 -12.97 -23.40 -71.87
CA SER C 480 -14.23 -23.24 -71.14
C SER C 480 -15.35 -23.83 -71.97
N LEU C 481 -16.46 -24.14 -71.29
CA LEU C 481 -17.61 -24.76 -71.93
C LEU C 481 -18.88 -24.11 -71.40
N ASP C 482 -19.94 -24.16 -72.22
CA ASP C 482 -21.22 -23.53 -71.92
C ASP C 482 -22.29 -24.59 -71.69
N THR C 483 -23.53 -24.14 -71.52
CA THR C 483 -24.62 -25.03 -71.15
C THR C 483 -24.78 -26.16 -72.16
N HIS C 484 -24.77 -25.82 -73.45
CA HIS C 484 -25.01 -26.82 -74.48
C HIS C 484 -23.97 -27.93 -74.42
N GLU C 485 -22.70 -27.57 -74.26
CA GLU C 485 -21.64 -28.56 -74.19
C GLU C 485 -21.59 -29.24 -72.83
N VAL C 486 -22.04 -28.56 -71.77
CA VAL C 486 -21.92 -29.12 -70.42
C VAL C 486 -23.07 -30.05 -70.08
N GLN C 487 -24.17 -30.02 -70.85
CA GLN C 487 -25.33 -30.84 -70.51
C GLN C 487 -25.01 -32.32 -70.37
N PRO C 488 -24.30 -32.97 -71.31
CA PRO C 488 -24.06 -34.41 -71.16
C PRO C 488 -23.23 -34.77 -69.94
N ILE C 489 -22.24 -33.94 -69.59
CA ILE C 489 -21.39 -34.22 -68.44
C ILE C 489 -22.22 -34.21 -67.16
N LEU C 490 -23.07 -33.19 -67.00
CA LEU C 490 -23.96 -33.16 -65.84
C LEU C 490 -24.92 -34.33 -65.84
N GLN C 491 -25.46 -34.67 -67.01
CA GLN C 491 -26.40 -35.79 -67.08
C GLN C 491 -25.73 -37.10 -66.67
N ALA C 492 -24.43 -37.24 -66.95
CA ALA C 492 -23.73 -38.48 -66.60
C ALA C 492 -23.76 -38.73 -65.10
N TYR C 493 -23.89 -37.67 -64.29
CA TYR C 493 -23.94 -37.79 -62.84
C TYR C 493 -25.33 -37.57 -62.27
N GLY C 494 -26.36 -37.53 -63.12
CA GLY C 494 -27.73 -37.50 -62.64
C GLY C 494 -28.34 -36.14 -62.43
N MET C 495 -27.85 -35.11 -63.11
CA MET C 495 -28.38 -33.76 -62.97
C MET C 495 -29.05 -33.30 -64.27
N ASN C 496 -30.20 -32.67 -64.12
CA ASN C 496 -30.98 -32.20 -65.26
C ASN C 496 -30.59 -30.77 -65.64
N THR C 497 -30.84 -30.43 -66.90
CA THR C 497 -30.52 -29.11 -67.43
C THR C 497 -31.62 -28.68 -68.39
N LEU C 498 -31.77 -27.37 -68.54
CA LEU C 498 -32.77 -26.84 -69.46
C LEU C 498 -32.29 -27.01 -70.90
N PRO C 499 -33.13 -27.53 -71.81
CA PRO C 499 -32.68 -27.68 -73.21
C PRO C 499 -32.39 -26.34 -73.86
N THR C 500 -31.43 -26.35 -74.79
CA THR C 500 -31.08 -25.18 -75.57
C THR C 500 -30.86 -25.59 -77.02
N TRP C 501 -30.77 -24.59 -77.89
CA TRP C 501 -30.57 -24.81 -79.31
C TRP C 501 -29.60 -23.78 -79.86
N ILE C 502 -28.99 -24.12 -80.99
CA ILE C 502 -27.96 -23.29 -81.62
C ILE C 502 -28.51 -22.70 -82.90
N ALA C 503 -28.34 -21.40 -83.07
CA ALA C 503 -28.78 -20.69 -84.27
C ALA C 503 -27.61 -19.93 -84.87
N SER C 504 -27.49 -20.00 -86.19
CA SER C 504 -26.41 -19.34 -86.91
C SER C 504 -26.76 -17.97 -87.44
N ASP C 505 -28.04 -17.60 -87.47
CA ASP C 505 -28.45 -16.29 -87.93
C ASP C 505 -29.81 -15.95 -87.30
N SER C 506 -30.22 -14.70 -87.46
CA SER C 506 -31.48 -14.26 -86.86
C SER C 506 -32.68 -15.00 -87.44
N THR C 507 -32.60 -15.40 -88.71
CA THR C 507 -33.73 -16.09 -89.34
C THR C 507 -33.99 -17.43 -88.66
N GLU C 508 -32.94 -18.23 -88.47
CA GLU C 508 -33.10 -19.51 -87.78
C GLU C 508 -33.55 -19.30 -86.34
N ALA C 509 -33.04 -18.25 -85.70
CA ALA C 509 -33.45 -17.95 -84.33
C ALA C 509 -34.95 -17.68 -84.26
N VAL C 510 -35.45 -16.87 -85.20
CA VAL C 510 -36.89 -16.59 -85.23
C VAL C 510 -37.69 -17.86 -85.52
N HIS C 511 -37.21 -18.67 -86.47
CA HIS C 511 -37.92 -19.90 -86.81
C HIS C 511 -38.06 -20.81 -85.60
N ILE C 512 -36.96 -21.06 -84.90
CA ILE C 512 -37.02 -21.94 -83.74
C ILE C 512 -37.81 -21.30 -82.61
N ALA C 513 -37.67 -19.98 -82.43
CA ALA C 513 -38.39 -19.29 -81.37
C ALA C 513 -39.89 -19.40 -81.56
N GLU C 514 -40.37 -19.26 -82.80
CA GLU C 514 -41.80 -19.43 -83.04
C GLU C 514 -42.20 -20.90 -83.00
N GLN C 515 -41.29 -21.80 -83.38
CA GLN C 515 -41.56 -23.23 -83.21
C GLN C 515 -41.74 -23.58 -81.74
N ILE C 516 -41.19 -22.77 -80.84
CA ILE C 516 -41.36 -22.96 -79.40
C ILE C 516 -42.01 -21.72 -78.81
N GLY C 517 -42.14 -21.68 -77.49
CA GLY C 517 -42.74 -20.52 -76.84
C GLY C 517 -42.01 -19.24 -77.16
N TYR C 518 -42.75 -18.20 -77.55
CA TYR C 518 -42.11 -16.93 -77.92
C TYR C 518 -41.30 -16.30 -76.80
N PRO C 519 -41.73 -16.32 -75.53
CA PRO C 519 -40.84 -15.81 -74.48
C PRO C 519 -39.59 -16.66 -74.39
N VAL C 520 -38.45 -16.08 -74.79
CA VAL C 520 -37.19 -16.80 -74.92
C VAL C 520 -36.05 -15.88 -74.51
N ALA C 521 -34.86 -16.47 -74.45
CA ALA C 521 -33.64 -15.74 -74.14
C ALA C 521 -32.61 -16.01 -75.23
N LEU C 522 -31.85 -14.99 -75.60
CA LEU C 522 -30.81 -15.09 -76.62
C LEU C 522 -29.45 -14.89 -75.97
N LYS C 523 -28.48 -15.70 -76.39
CA LYS C 523 -27.14 -15.67 -75.82
C LYS C 523 -26.11 -15.91 -76.91
N LEU C 524 -25.17 -14.97 -77.03
CA LEU C 524 -24.12 -15.08 -78.04
C LEU C 524 -23.11 -16.15 -77.61
N ARG C 525 -22.56 -16.84 -78.60
CA ARG C 525 -21.52 -17.84 -78.38
C ARG C 525 -20.19 -17.10 -78.42
N SER C 526 -19.70 -16.72 -77.25
CA SER C 526 -18.51 -15.88 -77.14
C SER C 526 -17.34 -16.69 -76.58
N PRO C 527 -16.42 -17.15 -77.43
CA PRO C 527 -15.24 -17.86 -76.94
C PRO C 527 -14.06 -16.98 -76.54
N ASP C 528 -14.12 -15.67 -76.83
CA ASP C 528 -13.05 -14.77 -76.43
C ASP C 528 -13.20 -14.36 -74.96
N ILE C 529 -14.32 -13.73 -74.63
CA ILE C 529 -14.64 -13.37 -73.24
C ILE C 529 -15.73 -14.31 -72.74
N PRO C 530 -15.42 -15.24 -71.82
CA PRO C 530 -16.49 -16.08 -71.27
C PRO C 530 -17.36 -15.37 -70.24
N HIS C 531 -16.98 -14.16 -69.85
CA HIS C 531 -17.66 -13.42 -68.78
C HIS C 531 -18.97 -12.88 -69.33
N LYS C 532 -20.07 -13.18 -68.62
CA LYS C 532 -21.37 -12.63 -68.99
C LYS C 532 -21.43 -11.12 -68.82
N SER C 533 -20.87 -10.59 -67.72
CA SER C 533 -21.04 -9.18 -67.41
C SER C 533 -20.17 -8.28 -68.28
N GLU C 534 -19.05 -8.80 -68.79
CA GLU C 534 -18.13 -7.97 -69.56
C GLU C 534 -18.84 -7.29 -70.72
N VAL C 535 -19.40 -8.08 -71.64
CA VAL C 535 -20.11 -7.49 -72.78
C VAL C 535 -21.60 -7.38 -72.50
N GLN C 536 -22.08 -7.96 -71.40
CA GLN C 536 -23.51 -7.97 -71.07
C GLN C 536 -24.31 -8.74 -72.12
N GLY C 537 -23.84 -9.94 -72.46
CA GLY C 537 -24.36 -10.70 -73.58
C GLY C 537 -25.59 -11.54 -73.29
N VAL C 538 -26.18 -11.45 -72.11
CA VAL C 538 -27.38 -12.22 -71.78
C VAL C 538 -28.56 -11.25 -71.67
N MET C 539 -29.57 -11.45 -72.51
CA MET C 539 -30.84 -10.73 -72.39
C MET C 539 -31.96 -11.74 -72.54
N LEU C 540 -33.10 -11.44 -71.92
CA LEU C 540 -34.16 -12.41 -71.76
C LEU C 540 -35.52 -11.71 -71.73
N TYR C 541 -36.57 -12.52 -71.65
CA TYR C 541 -37.96 -12.03 -71.62
C TYR C 541 -38.28 -11.22 -72.88
N LEU C 542 -38.25 -11.93 -74.01
CA LEU C 542 -38.65 -11.38 -75.32
C LEU C 542 -39.94 -12.05 -75.73
N ARG C 543 -41.06 -11.32 -75.66
CA ARG C 543 -42.39 -11.87 -75.90
C ARG C 543 -42.77 -11.96 -77.37
N THR C 544 -42.05 -11.26 -78.26
CA THR C 544 -42.49 -11.11 -79.63
C THR C 544 -41.32 -11.37 -80.58
N ALA C 545 -41.65 -11.86 -81.78
CA ALA C 545 -40.62 -12.15 -82.77
C ALA C 545 -39.88 -10.87 -83.18
N ASN C 546 -40.61 -9.79 -83.43
CA ASN C 546 -39.97 -8.52 -83.78
C ASN C 546 -38.90 -8.16 -82.76
N GLU C 547 -39.20 -8.33 -81.47
CA GLU C 547 -38.21 -8.11 -80.44
C GLU C 547 -37.00 -9.02 -80.65
N VAL C 548 -37.24 -10.27 -81.08
CA VAL C 548 -36.14 -11.21 -81.28
C VAL C 548 -35.23 -10.73 -82.39
N GLN C 549 -35.80 -10.32 -83.53
CA GLN C 549 -34.98 -9.81 -84.61
C GLN C 549 -34.21 -8.57 -84.19
N GLN C 550 -34.88 -7.64 -83.50
CA GLN C 550 -34.20 -6.42 -83.07
C GLN C 550 -33.04 -6.74 -82.14
N ALA C 551 -33.26 -7.63 -81.18
CA ALA C 551 -32.20 -7.98 -80.23
C ALA C 551 -31.05 -8.67 -80.94
N ALA C 552 -31.35 -9.61 -81.85
CA ALA C 552 -30.27 -10.31 -82.55
C ALA C 552 -29.44 -9.35 -83.39
N ASN C 553 -30.11 -8.45 -84.12
CA ASN C 553 -29.37 -7.48 -84.92
C ASN C 553 -28.56 -6.55 -84.03
N ALA C 554 -29.11 -6.16 -82.88
CA ALA C 554 -28.36 -5.32 -81.95
C ALA C 554 -27.10 -6.02 -81.46
N ILE C 555 -27.23 -7.30 -81.09
CA ILE C 555 -26.06 -8.04 -80.63
C ILE C 555 -25.01 -8.12 -81.72
N PHE C 556 -25.43 -8.50 -82.94
CA PHE C 556 -24.47 -8.63 -84.03
C PHE C 556 -23.79 -7.30 -84.32
N ASP C 557 -24.55 -6.21 -84.37
CA ASP C 557 -23.98 -4.90 -84.68
C ASP C 557 -23.01 -4.46 -83.59
N ARG C 558 -23.44 -4.52 -82.34
CA ARG C 558 -22.56 -4.10 -81.25
C ARG C 558 -21.30 -4.97 -81.20
N VAL C 559 -21.41 -6.23 -81.63
CA VAL C 559 -20.23 -7.09 -81.66
C VAL C 559 -19.28 -6.64 -82.76
N LYS C 560 -19.80 -6.40 -83.97
CA LYS C 560 -18.90 -6.08 -85.08
C LYS C 560 -18.28 -4.70 -84.91
N MET C 561 -18.99 -3.78 -84.25
CA MET C 561 -18.40 -2.48 -83.97
C MET C 561 -17.48 -2.55 -82.75
N ALA C 562 -17.94 -3.18 -81.67
CA ALA C 562 -17.17 -3.18 -80.44
C ALA C 562 -15.97 -4.13 -80.53
N TRP C 563 -16.16 -5.32 -81.07
CA TRP C 563 -15.13 -6.36 -81.04
C TRP C 563 -15.37 -7.34 -82.18
N PRO C 564 -15.24 -6.88 -83.43
CA PRO C 564 -15.51 -7.76 -84.58
C PRO C 564 -14.56 -8.95 -84.68
N GLN C 565 -13.30 -8.80 -84.24
CA GLN C 565 -12.30 -9.83 -84.51
C GLN C 565 -12.62 -11.14 -83.81
N ALA C 566 -13.46 -11.11 -82.78
CA ALA C 566 -13.73 -12.32 -82.02
C ALA C 566 -14.40 -13.38 -82.89
N ARG C 567 -14.12 -14.65 -82.60
CA ARG C 567 -14.68 -15.78 -83.32
C ARG C 567 -16.12 -15.99 -82.89
N VAL C 568 -17.01 -16.19 -83.86
CA VAL C 568 -18.44 -16.33 -83.62
C VAL C 568 -18.88 -17.71 -84.08
N HIS C 569 -19.50 -18.46 -83.16
CA HIS C 569 -20.11 -19.74 -83.50
C HIS C 569 -21.61 -19.66 -83.68
N GLY C 570 -22.23 -18.55 -83.29
CA GLY C 570 -23.66 -18.37 -83.43
C GLY C 570 -24.29 -17.91 -82.12
N LEU C 571 -25.61 -18.10 -82.04
CA LEU C 571 -26.38 -17.74 -80.87
C LEU C 571 -26.91 -19.00 -80.17
N LEU C 572 -27.43 -18.80 -78.96
CA LEU C 572 -28.05 -19.86 -78.19
C LEU C 572 -29.45 -19.41 -77.77
N VAL C 573 -30.46 -20.17 -78.16
CA VAL C 573 -31.85 -19.82 -77.93
C VAL C 573 -32.49 -20.86 -77.02
N GLN C 574 -33.23 -20.39 -76.02
CA GLN C 574 -33.92 -21.26 -75.09
C GLN C 574 -35.22 -20.59 -74.67
N SER C 575 -36.28 -21.40 -74.57
CA SER C 575 -37.55 -20.88 -74.09
C SER C 575 -37.48 -20.64 -72.59
N MET C 576 -37.76 -19.41 -72.18
CA MET C 576 -37.91 -19.07 -70.77
C MET C 576 -39.36 -18.58 -70.61
N ALA C 577 -40.20 -19.44 -70.03
CA ALA C 577 -41.51 -19.01 -69.61
C ALA C 577 -41.37 -18.16 -68.35
N ASN C 578 -42.33 -17.27 -68.14
CA ASN C 578 -42.25 -16.38 -66.99
C ASN C 578 -42.17 -17.18 -65.69
N ARG C 579 -41.01 -17.15 -65.04
CA ARG C 579 -40.87 -17.80 -63.73
C ARG C 579 -39.79 -17.10 -62.94
N ALA C 580 -40.18 -16.45 -61.84
CA ALA C 580 -39.25 -16.00 -60.83
C ALA C 580 -39.79 -16.36 -59.45
N GLY C 581 -41.10 -16.60 -59.37
CA GLY C 581 -41.68 -17.11 -58.14
C GLY C 581 -41.07 -18.40 -57.67
N ALA C 582 -40.62 -19.24 -58.59
CA ALA C 582 -39.80 -20.39 -58.20
C ALA C 582 -38.47 -19.89 -57.66
N GLN C 583 -38.04 -20.46 -56.55
CA GLN C 583 -36.85 -19.97 -55.86
C GLN C 583 -35.61 -20.17 -56.72
N GLU C 584 -34.73 -19.17 -56.71
CA GLU C 584 -33.50 -19.19 -57.48
C GLU C 584 -32.30 -19.24 -56.54
N LEU C 585 -31.35 -20.10 -56.87
CA LEU C 585 -30.17 -20.32 -56.04
C LEU C 585 -28.92 -20.34 -56.91
N ARG C 586 -27.77 -20.17 -56.26
CA ARG C 586 -26.48 -20.18 -56.92
C ARG C 586 -25.55 -21.16 -56.22
N VAL C 587 -24.79 -21.91 -57.01
CA VAL C 587 -23.81 -22.87 -56.51
C VAL C 587 -22.49 -22.65 -57.26
N VAL C 588 -21.40 -22.49 -56.51
CA VAL C 588 -20.09 -22.24 -57.10
C VAL C 588 -19.07 -23.15 -56.43
N VAL C 589 -18.08 -23.60 -57.21
CA VAL C 589 -16.95 -24.38 -56.72
C VAL C 589 -15.67 -23.71 -57.20
N GLU C 590 -14.73 -23.47 -56.29
CA GLU C 590 -13.49 -22.80 -56.60
C GLU C 590 -12.34 -23.49 -55.89
N HIS C 591 -11.12 -23.22 -56.36
CA HIS C 591 -9.91 -23.83 -55.83
C HIS C 591 -9.17 -22.84 -54.95
N ASP C 592 -8.95 -23.23 -53.68
CA ASP C 592 -8.21 -22.40 -52.73
C ASP C 592 -6.75 -22.82 -52.71
N PRO C 593 -5.78 -21.89 -52.76
CA PRO C 593 -4.38 -22.31 -52.74
C PRO C 593 -3.99 -23.08 -51.49
N VAL C 594 -4.66 -22.86 -50.38
CA VAL C 594 -4.31 -23.50 -49.12
C VAL C 594 -5.10 -24.78 -48.92
N PHE C 595 -6.43 -24.66 -48.87
CA PHE C 595 -7.29 -25.75 -48.46
C PHE C 595 -7.85 -26.56 -49.62
N GLY C 596 -7.60 -26.17 -50.86
CA GLY C 596 -8.09 -26.91 -52.01
C GLY C 596 -9.48 -26.48 -52.44
N PRO C 597 -10.21 -27.37 -53.13
CA PRO C 597 -11.53 -26.99 -53.64
C PRO C 597 -12.50 -26.67 -52.51
N LEU C 598 -13.43 -25.75 -52.81
CA LEU C 598 -14.41 -25.28 -51.84
C LEU C 598 -15.77 -25.17 -52.51
N ILE C 599 -16.83 -25.40 -51.74
CA ILE C 599 -18.20 -25.41 -52.24
C ILE C 599 -18.99 -24.34 -51.51
N MET C 600 -19.71 -23.50 -52.26
CA MET C 600 -20.46 -22.38 -51.72
C MET C 600 -21.89 -22.39 -52.23
N LEU C 601 -22.81 -21.93 -51.38
CA LEU C 601 -24.23 -21.89 -51.68
C LEU C 601 -24.79 -20.52 -51.33
N GLY C 602 -25.69 -20.02 -52.17
CA GLY C 602 -26.24 -18.70 -51.93
C GLY C 602 -27.47 -18.43 -52.79
N GLU C 603 -27.84 -17.16 -52.85
CA GLU C 603 -28.99 -16.72 -53.62
C GLU C 603 -28.58 -16.34 -55.03
N GLY C 604 -29.48 -16.57 -55.98
CA GLY C 604 -29.15 -16.47 -57.40
C GLY C 604 -29.15 -15.08 -57.99
N GLY C 605 -30.29 -14.40 -57.94
CA GLY C 605 -30.44 -13.16 -58.69
C GLY C 605 -29.49 -12.07 -58.21
N VAL C 606 -29.29 -11.96 -56.90
CA VAL C 606 -28.52 -10.84 -56.35
C VAL C 606 -27.07 -10.94 -56.79
N GLU C 607 -26.35 -9.83 -56.62
CA GLU C 607 -24.93 -9.78 -56.94
C GLU C 607 -24.15 -10.71 -56.02
N TRP C 608 -23.02 -11.21 -56.53
CA TRP C 608 -22.26 -12.26 -55.86
C TRP C 608 -21.10 -11.64 -55.09
N ARG C 609 -21.05 -11.91 -53.79
CA ARG C 609 -19.90 -11.57 -52.95
C ARG C 609 -19.89 -12.58 -51.79
N PRO C 610 -19.12 -13.66 -51.90
CA PRO C 610 -19.25 -14.76 -50.92
C PRO C 610 -18.90 -14.36 -49.49
N GLU C 611 -18.13 -13.30 -49.29
CA GLU C 611 -17.68 -12.97 -47.94
C GLU C 611 -18.84 -12.67 -47.01
N ASP C 612 -20.00 -12.30 -47.54
CA ASP C 612 -21.12 -11.86 -46.71
C ASP C 612 -22.44 -12.59 -46.97
N GLN C 613 -22.61 -13.27 -48.10
CA GLN C 613 -23.88 -13.90 -48.44
C GLN C 613 -23.68 -15.30 -48.99
N ALA C 614 -22.87 -16.11 -48.33
CA ALA C 614 -22.66 -17.49 -48.74
C ALA C 614 -22.25 -18.34 -47.55
N VAL C 615 -22.69 -19.59 -47.56
CA VAL C 615 -22.25 -20.61 -46.61
C VAL C 615 -21.35 -21.59 -47.37
N VAL C 616 -20.39 -22.17 -46.64
CA VAL C 616 -19.31 -22.93 -47.26
C VAL C 616 -19.13 -24.27 -46.56
N ALA C 617 -18.52 -25.21 -47.27
CA ALA C 617 -18.22 -26.53 -46.73
C ALA C 617 -17.09 -27.15 -47.56
N LEU C 618 -16.42 -28.16 -46.94
CA LEU C 618 -15.33 -28.88 -47.59
C LEU C 618 -15.81 -30.23 -48.10
N PRO C 619 -15.47 -30.63 -49.32
CA PRO C 619 -15.81 -31.99 -49.77
C PRO C 619 -14.85 -33.00 -49.18
N PRO C 620 -15.19 -34.30 -49.25
CA PRO C 620 -16.42 -34.89 -49.81
C PRO C 620 -17.62 -34.73 -48.88
N LEU C 621 -18.83 -34.75 -49.42
CA LEU C 621 -20.07 -34.59 -48.66
C LEU C 621 -20.88 -35.86 -48.69
N ASN C 622 -21.56 -36.15 -47.59
CA ASN C 622 -22.63 -37.14 -47.55
C ASN C 622 -23.92 -36.42 -47.16
N MET C 623 -24.99 -37.19 -46.97
CA MET C 623 -26.30 -36.58 -46.77
C MET C 623 -26.33 -35.73 -45.52
N ASN C 624 -25.68 -36.19 -44.43
CA ASN C 624 -25.72 -35.46 -43.17
C ASN C 624 -25.05 -34.10 -43.31
N LEU C 625 -23.86 -34.05 -43.90
CA LEU C 625 -23.14 -32.79 -44.02
C LEU C 625 -23.85 -31.82 -44.95
N ALA C 626 -24.43 -32.32 -46.04
CA ALA C 626 -25.18 -31.45 -46.94
C ALA C 626 -26.43 -30.88 -46.25
N ARG C 627 -27.13 -31.72 -45.47
CA ARG C 627 -28.25 -31.23 -44.69
C ARG C 627 -27.80 -30.15 -43.71
N TYR C 628 -26.66 -30.37 -43.05
CA TYR C 628 -26.15 -29.39 -42.12
C TYR C 628 -25.85 -28.07 -42.83
N LEU C 629 -25.26 -28.13 -44.02
CA LEU C 629 -24.98 -26.91 -44.79
C LEU C 629 -26.27 -26.18 -45.12
N VAL C 630 -27.29 -26.91 -45.59
CA VAL C 630 -28.55 -26.27 -45.96
C VAL C 630 -29.21 -25.62 -44.75
N ILE C 631 -29.20 -26.32 -43.61
CA ILE C 631 -29.85 -25.78 -42.42
C ILE C 631 -29.10 -24.57 -41.89
N GLN C 632 -27.77 -24.59 -41.96
CA GLN C 632 -27.01 -23.38 -41.63
C GLN C 632 -27.41 -22.23 -42.54
N GLY C 633 -27.53 -22.50 -43.84
CA GLY C 633 -27.95 -21.45 -44.76
C GLY C 633 -29.29 -20.86 -44.39
N ILE C 634 -30.25 -21.72 -44.02
CA ILE C 634 -31.57 -21.21 -43.66
C ILE C 634 -31.52 -20.41 -42.36
N LYS C 635 -30.80 -20.91 -41.35
CA LYS C 635 -30.82 -20.27 -40.04
C LYS C 635 -30.22 -18.86 -40.09
N SER C 636 -29.16 -18.67 -40.87
CA SER C 636 -28.46 -17.40 -40.90
C SER C 636 -29.17 -16.34 -41.74
N LYS C 637 -30.32 -16.67 -42.33
CA LYS C 637 -31.14 -15.76 -43.12
C LYS C 637 -30.49 -15.42 -44.46
N LYS C 638 -29.43 -16.13 -44.87
CA LYS C 638 -28.86 -15.93 -46.20
C LYS C 638 -29.64 -16.68 -47.27
N ILE C 639 -30.48 -17.63 -46.88
CA ILE C 639 -31.37 -18.35 -47.80
C ILE C 639 -32.77 -18.30 -47.22
N ARG C 640 -33.71 -17.81 -48.02
CA ARG C 640 -35.09 -17.61 -47.55
C ARG C 640 -35.85 -18.93 -47.67
N ALA C 641 -36.34 -19.44 -46.53
CA ALA C 641 -37.18 -20.61 -46.56
C ALA C 641 -38.54 -20.26 -47.14
N ARG C 642 -39.00 -21.08 -48.09
CA ARG C 642 -40.26 -20.85 -48.78
C ARG C 642 -40.31 -19.45 -49.38
N SER C 643 -39.21 -19.07 -50.03
CA SER C 643 -39.22 -17.82 -50.80
C SER C 643 -40.26 -17.88 -51.89
N ALA C 644 -40.36 -19.02 -52.57
CA ALA C 644 -41.47 -19.29 -53.46
C ALA C 644 -42.73 -19.57 -52.64
N LEU C 645 -43.85 -19.82 -53.33
CA LEU C 645 -45.06 -20.19 -52.61
C LEU C 645 -44.89 -21.54 -51.93
N ARG C 646 -44.24 -22.48 -52.60
CA ARG C 646 -44.05 -23.82 -52.03
C ARG C 646 -42.89 -23.80 -51.03
N PRO C 647 -42.99 -24.55 -49.93
CA PRO C 647 -41.83 -24.67 -49.03
C PRO C 647 -40.67 -25.36 -49.71
N LEU C 648 -39.46 -24.96 -49.31
CA LEU C 648 -38.25 -25.54 -49.87
C LEU C 648 -38.08 -26.99 -49.41
N ASP C 649 -37.68 -27.85 -50.35
CA ASP C 649 -37.44 -29.26 -50.05
C ASP C 649 -35.95 -29.44 -49.72
N VAL C 650 -35.66 -29.83 -48.47
CA VAL C 650 -34.28 -29.93 -48.02
C VAL C 650 -33.60 -31.18 -48.60
N ALA C 651 -34.32 -32.30 -48.63
CA ALA C 651 -33.70 -33.57 -49.01
C ALA C 651 -33.21 -33.55 -50.45
N GLY C 652 -34.01 -33.02 -51.37
CA GLY C 652 -33.59 -32.97 -52.76
C GLY C 652 -32.36 -32.10 -52.96
N LEU C 653 -32.31 -30.95 -52.29
CA LEU C 653 -31.15 -30.08 -52.39
C LEU C 653 -29.91 -30.76 -51.81
N SER C 654 -30.06 -31.50 -50.71
CA SER C 654 -28.95 -32.26 -50.16
C SER C 654 -28.45 -33.30 -51.16
N GLN C 655 -29.38 -34.00 -51.82
CA GLN C 655 -28.98 -34.99 -52.81
C GLN C 655 -28.23 -34.35 -53.96
N LEU C 656 -28.71 -33.20 -54.43
CA LEU C 656 -28.03 -32.50 -55.52
C LEU C 656 -26.63 -32.06 -55.10
N LEU C 657 -26.48 -31.57 -53.87
CA LEU C 657 -25.16 -31.17 -53.39
C LEU C 657 -24.22 -32.37 -53.32
N VAL C 658 -24.75 -33.52 -52.88
CA VAL C 658 -23.93 -34.74 -52.86
C VAL C 658 -23.47 -35.10 -54.27
N GLN C 659 -24.38 -34.99 -55.25
CA GLN C 659 -24.00 -35.28 -56.63
C GLN C 659 -22.91 -34.35 -57.12
N VAL C 660 -23.04 -33.05 -56.83
CA VAL C 660 -22.03 -32.08 -57.23
C VAL C 660 -20.68 -32.43 -56.59
N SER C 661 -20.70 -32.80 -55.31
CA SER C 661 -19.46 -33.18 -54.63
C SER C 661 -18.82 -34.39 -55.30
N ASN C 662 -19.63 -35.39 -55.66
CA ASN C 662 -19.10 -36.56 -56.36
C ASN C 662 -18.44 -36.14 -57.67
N LEU C 663 -19.12 -35.31 -58.46
CA LEU C 663 -18.54 -34.89 -59.74
C LEU C 663 -17.22 -34.17 -59.53
N ILE C 664 -17.17 -33.26 -58.55
CA ILE C 664 -15.93 -32.50 -58.33
C ILE C 664 -14.81 -33.42 -57.89
N VAL C 665 -15.11 -34.38 -57.01
CA VAL C 665 -14.06 -35.25 -56.50
C VAL C 665 -13.52 -36.15 -57.61
N ASP C 666 -14.39 -36.63 -58.50
CA ASP C 666 -13.96 -37.63 -59.48
C ASP C 666 -13.06 -37.02 -60.55
N CYS C 667 -13.37 -35.82 -61.03
CA CYS C 667 -12.69 -35.25 -62.19
C CYS C 667 -11.76 -34.12 -61.78
N PRO C 668 -10.43 -34.32 -61.79
CA PRO C 668 -9.53 -33.22 -61.43
C PRO C 668 -9.31 -32.18 -62.52
N GLU C 669 -9.76 -32.43 -63.75
CA GLU C 669 -9.57 -31.47 -64.82
C GLU C 669 -10.37 -30.20 -64.61
N ILE C 670 -11.44 -30.25 -63.82
CA ILE C 670 -12.32 -29.09 -63.63
C ILE C 670 -11.69 -28.17 -62.59
N GLN C 671 -11.53 -26.89 -62.97
CA GLN C 671 -10.98 -25.88 -62.07
C GLN C 671 -12.05 -25.02 -61.43
N ARG C 672 -13.17 -24.77 -62.10
CA ARG C 672 -14.23 -23.94 -61.56
C ARG C 672 -15.57 -24.38 -62.11
N LEU C 673 -16.61 -24.28 -61.28
CA LEU C 673 -17.97 -24.63 -61.66
C LEU C 673 -18.91 -23.55 -61.17
N ASP C 674 -19.92 -23.22 -61.99
CA ASP C 674 -20.84 -22.13 -61.66
C ASP C 674 -22.21 -22.46 -62.23
N ILE C 675 -23.20 -22.58 -61.35
CA ILE C 675 -24.59 -22.77 -61.75
C ILE C 675 -25.35 -21.51 -61.34
N HIS C 676 -25.76 -20.72 -62.33
CA HIS C 676 -26.36 -19.40 -62.09
C HIS C 676 -27.52 -19.20 -63.07
N PRO C 677 -28.78 -19.41 -62.64
CA PRO C 677 -29.25 -19.87 -61.32
C PRO C 677 -29.64 -21.34 -61.30
N LEU C 678 -29.94 -21.86 -60.12
CA LEU C 678 -30.50 -23.19 -59.94
C LEU C 678 -31.96 -23.05 -59.54
N LEU C 679 -32.86 -23.65 -60.31
CA LEU C 679 -34.29 -23.50 -60.10
C LEU C 679 -34.77 -24.59 -59.14
N ALA C 680 -35.39 -24.17 -58.04
CA ALA C 680 -35.98 -25.08 -57.07
C ALA C 680 -37.50 -24.96 -57.16
N SER C 681 -38.17 -26.07 -57.44
CA SER C 681 -39.62 -26.11 -57.57
C SER C 681 -40.10 -27.42 -56.94
N GLY C 682 -40.48 -27.36 -55.68
CA GLY C 682 -40.89 -28.58 -54.99
C GLY C 682 -39.73 -29.56 -54.94
N SER C 683 -39.96 -30.76 -55.45
CA SER C 683 -38.93 -31.80 -55.50
C SER C 683 -38.20 -31.84 -56.83
N GLU C 684 -38.33 -30.79 -57.65
CA GLU C 684 -37.69 -30.70 -58.95
C GLU C 684 -36.61 -29.62 -58.92
N PHE C 685 -35.40 -30.00 -59.30
CA PHE C 685 -34.27 -29.08 -59.39
C PHE C 685 -33.68 -29.18 -60.79
N THR C 686 -33.48 -28.02 -61.43
CA THR C 686 -32.97 -27.96 -62.79
C THR C 686 -31.97 -26.81 -62.92
N ALA C 687 -30.98 -26.99 -63.77
CA ALA C 687 -29.97 -25.97 -64.01
C ALA C 687 -30.32 -25.19 -65.28
N LEU C 688 -30.20 -23.86 -65.19
CA LEU C 688 -30.50 -22.96 -66.28
C LEU C 688 -29.27 -22.58 -67.10
N ASP C 689 -28.26 -22.00 -66.45
CA ASP C 689 -27.00 -21.65 -67.09
C ASP C 689 -25.86 -22.21 -66.26
N VAL C 690 -24.87 -22.78 -66.93
CA VAL C 690 -23.74 -23.44 -66.27
C VAL C 690 -22.48 -23.22 -67.09
N THR C 691 -21.36 -23.01 -66.40
CA THR C 691 -20.07 -22.79 -67.04
C THR C 691 -19.01 -23.63 -66.35
N LEU C 692 -18.03 -24.08 -67.12
CA LEU C 692 -16.91 -24.87 -66.61
C LEU C 692 -15.60 -24.32 -67.16
N ASP C 693 -14.59 -24.27 -66.30
CA ASP C 693 -13.22 -23.96 -66.69
C ASP C 693 -12.36 -25.20 -66.48
N ILE C 694 -11.63 -25.60 -67.51
CA ILE C 694 -10.91 -26.87 -67.53
C ILE C 694 -9.45 -26.62 -67.89
N SER C 695 -8.58 -27.54 -67.46
CA SER C 695 -7.16 -27.45 -67.75
C SER C 695 -6.55 -28.83 -67.55
N PRO C 696 -5.41 -29.12 -68.19
CA PRO C 696 -4.75 -30.40 -67.98
C PRO C 696 -4.27 -30.54 -66.54
N PHE C 697 -4.22 -31.78 -66.07
CA PHE C 697 -3.83 -32.08 -64.70
C PHE C 697 -2.77 -33.19 -64.68
N GLU C 698 -1.82 -33.06 -63.76
CA GLU C 698 -0.79 -34.07 -63.56
C GLU C 698 -0.57 -34.20 -62.06
N GLY C 699 -0.93 -35.36 -61.50
CA GLY C 699 -0.81 -35.57 -60.08
C GLY C 699 -1.45 -36.88 -59.68
N ASP C 700 -1.68 -37.02 -58.36
CA ASP C 700 -2.28 -38.22 -57.82
C ASP C 700 -3.79 -38.12 -57.66
N ASN C 701 -4.32 -36.90 -57.55
CA ASN C 701 -5.74 -36.57 -57.46
C ASN C 701 -6.32 -36.89 -56.08
N GLU C 702 -5.57 -37.54 -55.18
CA GLU C 702 -6.01 -37.77 -53.82
C GLU C 702 -5.42 -36.80 -52.82
N SER C 703 -4.21 -36.30 -53.07
CA SER C 703 -3.59 -35.29 -52.22
C SER C 703 -4.17 -33.89 -52.45
N ARG C 704 -5.12 -33.77 -53.37
CA ARG C 704 -5.72 -32.46 -53.64
C ARG C 704 -6.52 -31.95 -52.46
N LEU C 705 -7.21 -32.82 -51.75
CA LEU C 705 -8.18 -32.44 -50.73
C LEU C 705 -7.54 -32.39 -49.34
N ALA C 706 -8.20 -31.65 -48.44
CA ALA C 706 -7.78 -31.60 -47.05
C ALA C 706 -8.29 -32.78 -46.24
N VAL C 707 -9.27 -33.53 -46.75
CA VAL C 707 -9.81 -34.72 -46.09
C VAL C 707 -9.76 -35.85 -47.08
N ARG C 708 -9.13 -36.96 -46.71
CA ARG C 708 -9.01 -38.09 -47.62
C ARG C 708 -10.38 -38.69 -47.90
N PRO C 709 -10.75 -38.89 -49.16
CA PRO C 709 -12.06 -39.48 -49.47
C PRO C 709 -12.05 -40.99 -49.32
N TYR C 710 -13.20 -41.60 -49.59
CA TYR C 710 -13.36 -43.04 -49.45
C TYR C 710 -12.51 -43.78 -50.46
N PRO C 711 -11.62 -44.70 -50.04
CA PRO C 711 -10.74 -45.39 -51.02
C PRO C 711 -11.43 -46.53 -51.74
N HIS C 712 -12.13 -46.21 -52.84
CA HIS C 712 -12.89 -47.21 -53.57
C HIS C 712 -12.01 -48.30 -54.19
N GLN C 713 -10.71 -48.06 -54.33
CA GLN C 713 -9.84 -49.02 -55.01
C GLN C 713 -9.49 -50.22 -54.15
N LEU C 714 -9.87 -50.24 -52.87
CA LEU C 714 -9.53 -51.33 -51.97
C LEU C 714 -10.60 -52.42 -51.92
N GLU C 715 -11.69 -52.28 -52.67
CA GLU C 715 -12.71 -53.31 -52.71
C GLU C 715 -12.20 -54.56 -53.44
N GLU C 716 -12.68 -55.72 -53.01
CA GLU C 716 -12.20 -56.98 -53.55
C GLU C 716 -13.20 -58.09 -53.24
N TRP C 717 -13.38 -58.99 -54.20
CA TRP C 717 -14.24 -60.16 -54.03
C TRP C 717 -13.39 -61.36 -53.60
N VAL C 718 -13.93 -62.15 -52.67
CA VAL C 718 -13.23 -63.32 -52.15
C VAL C 718 -14.17 -64.52 -52.19
N GLU C 719 -13.58 -65.71 -52.24
CA GLU C 719 -14.31 -66.96 -52.22
C GLU C 719 -13.81 -67.81 -51.05
N LEU C 720 -14.76 -68.35 -50.28
CA LEU C 720 -14.41 -69.16 -49.12
C LEU C 720 -14.31 -70.63 -49.49
N LYS C 721 -13.95 -71.46 -48.51
CA LYS C 721 -13.76 -72.87 -48.76
C LYS C 721 -15.06 -73.54 -49.18
N ASN C 722 -16.17 -73.20 -48.53
CA ASN C 722 -17.45 -73.81 -48.83
C ASN C 722 -18.05 -73.33 -50.15
N GLY C 723 -17.45 -72.33 -50.79
CA GLY C 723 -17.92 -71.83 -52.06
C GLY C 723 -18.65 -70.51 -52.00
N GLU C 724 -18.97 -70.01 -50.81
CA GLU C 724 -19.69 -68.75 -50.70
C GLU C 724 -18.82 -67.59 -51.15
N ARG C 725 -19.47 -66.58 -51.75
CA ARG C 725 -18.80 -65.38 -52.22
C ARG C 725 -19.26 -64.18 -51.39
N CYS C 726 -18.32 -63.30 -51.08
CA CYS C 726 -18.62 -62.10 -50.31
C CYS C 726 -17.68 -60.99 -50.72
N LEU C 727 -17.95 -59.79 -50.21
CA LEU C 727 -17.22 -58.58 -50.58
C LEU C 727 -16.48 -58.03 -49.37
N PHE C 728 -15.20 -57.72 -49.55
CA PHE C 728 -14.39 -57.04 -48.54
C PHE C 728 -14.21 -55.58 -48.97
N ARG C 729 -14.54 -54.66 -48.08
CA ARG C 729 -14.45 -53.24 -48.41
C ARG C 729 -14.31 -52.45 -47.11
N PRO C 730 -13.86 -51.19 -47.19
CA PRO C 730 -13.77 -50.37 -45.98
C PRO C 730 -15.13 -50.03 -45.42
N ILE C 731 -15.15 -49.68 -44.13
CA ILE C 731 -16.39 -49.39 -43.42
C ILE C 731 -16.86 -47.99 -43.76
N LEU C 732 -18.17 -47.77 -43.63
CA LEU C 732 -18.81 -46.51 -43.97
C LEU C 732 -19.63 -46.01 -42.79
N PRO C 733 -19.84 -44.69 -42.69
CA PRO C 733 -20.71 -44.18 -41.62
C PRO C 733 -22.14 -44.69 -41.70
N GLU C 734 -22.60 -45.06 -42.89
CA GLU C 734 -23.98 -45.53 -43.07
C GLU C 734 -24.21 -46.93 -42.51
N ASP C 735 -23.17 -47.61 -42.05
CA ASP C 735 -23.24 -49.00 -41.66
C ASP C 735 -23.68 -49.21 -40.21
N GLU C 736 -24.04 -48.14 -39.49
CA GLU C 736 -24.25 -48.26 -38.05
C GLU C 736 -25.33 -49.28 -37.67
N PRO C 737 -26.52 -49.28 -38.27
CA PRO C 737 -27.53 -50.26 -37.84
C PRO C 737 -27.11 -51.72 -38.06
N GLN C 738 -26.47 -52.00 -39.20
CA GLN C 738 -26.01 -53.36 -39.46
C GLN C 738 -24.93 -53.76 -38.46
N LEU C 739 -24.08 -52.81 -38.07
CA LEU C 739 -23.11 -53.10 -37.01
C LEU C 739 -23.80 -53.39 -35.69
N GLN C 740 -24.89 -52.67 -35.40
CA GLN C 740 -25.66 -52.94 -34.19
C GLN C 740 -26.19 -54.37 -34.20
N GLN C 741 -26.75 -54.80 -35.33
CA GLN C 741 -27.22 -56.17 -35.44
C GLN C 741 -26.08 -57.17 -35.27
N PHE C 742 -24.94 -56.91 -35.94
CA PHE C 742 -23.80 -57.81 -35.85
C PHE C 742 -23.35 -57.97 -34.41
N ILE C 743 -23.23 -56.87 -33.67
CA ILE C 743 -22.90 -56.95 -32.26
C ILE C 743 -23.97 -57.73 -31.50
N SER C 744 -25.23 -57.54 -31.88
CA SER C 744 -26.30 -58.28 -31.21
C SER C 744 -26.15 -59.78 -31.39
N ARG C 745 -25.55 -60.23 -32.49
CA ARG C 745 -25.41 -61.65 -32.78
C ARG C 745 -24.06 -62.23 -32.36
N VAL C 746 -23.42 -61.67 -31.34
CA VAL C 746 -22.16 -62.20 -30.80
C VAL C 746 -22.39 -62.61 -29.35
N THR C 747 -21.79 -63.73 -28.96
CA THR C 747 -21.95 -64.27 -27.62
C THR C 747 -21.12 -63.46 -26.62
N LYS C 748 -21.34 -63.76 -25.33
CA LYS C 748 -20.72 -62.99 -24.26
C LYS C 748 -19.24 -63.33 -24.13
N GLU C 749 -18.88 -64.61 -24.28
CA GLU C 749 -17.48 -65.00 -24.15
C GLU C 749 -16.63 -64.39 -25.27
N ASP C 750 -17.17 -64.37 -26.50
CA ASP C 750 -16.43 -63.77 -27.60
C ASP C 750 -16.26 -62.26 -27.40
N LEU C 751 -17.28 -61.61 -26.84
CA LEU C 751 -17.15 -60.19 -26.54
C LEU C 751 -16.10 -59.95 -25.45
N TYR C 752 -16.03 -60.85 -24.47
CA TYR C 752 -14.99 -60.73 -23.45
C TYR C 752 -13.61 -60.90 -24.07
N TYR C 753 -13.45 -61.86 -24.97
CA TYR C 753 -12.15 -62.05 -25.62
C TYR C 753 -11.79 -60.83 -26.46
N ARG C 754 -12.76 -60.25 -27.17
CA ARG C 754 -12.45 -59.13 -28.06
C ARG C 754 -12.11 -57.87 -27.28
N TYR C 755 -12.91 -57.52 -26.27
CA TYR C 755 -12.79 -56.25 -25.59
C TYR C 755 -12.15 -56.35 -24.20
N PHE C 756 -11.72 -57.54 -23.80
CA PHE C 756 -10.98 -57.71 -22.54
C PHE C 756 -11.78 -57.23 -21.35
N SER C 757 -13.11 -57.34 -21.43
CA SER C 757 -13.98 -56.95 -20.33
C SER C 757 -15.41 -57.38 -20.59
N GLU C 758 -16.33 -57.04 -19.68
CA GLU C 758 -17.74 -57.35 -19.84
C GLU C 758 -18.47 -56.10 -20.32
N ILE C 759 -19.26 -56.25 -21.38
CA ILE C 759 -19.91 -55.13 -22.05
C ILE C 759 -21.39 -55.47 -22.18
N ASN C 760 -22.25 -54.66 -21.55
CA ASN C 760 -23.68 -54.89 -21.58
C ASN C 760 -24.42 -54.01 -22.58
N GLU C 761 -23.82 -52.94 -23.07
CA GLU C 761 -24.44 -52.09 -24.07
C GLU C 761 -23.40 -51.21 -24.75
N PHE C 762 -23.69 -50.85 -26.01
CA PHE C 762 -22.93 -49.87 -26.77
C PHE C 762 -23.87 -48.74 -27.13
N THR C 763 -23.53 -47.52 -26.71
CA THR C 763 -24.37 -46.37 -26.98
C THR C 763 -24.16 -45.87 -28.40
N HIS C 764 -24.92 -44.83 -28.78
CA HIS C 764 -24.74 -44.24 -30.09
C HIS C 764 -23.35 -43.64 -30.26
N GLU C 765 -22.76 -43.16 -29.16
CA GLU C 765 -21.44 -42.52 -29.25
C GLU C 765 -20.35 -43.55 -29.56
N ASP C 766 -20.41 -44.72 -28.92
CA ASP C 766 -19.43 -45.76 -29.23
C ASP C 766 -19.56 -46.23 -30.68
N LEU C 767 -20.79 -46.41 -31.15
CA LEU C 767 -21.00 -46.83 -32.53
C LEU C 767 -20.47 -45.78 -33.50
N ALA C 768 -20.72 -44.50 -33.20
CA ALA C 768 -20.19 -43.43 -34.04
C ALA C 768 -18.67 -43.44 -34.04
N ASN C 769 -18.06 -43.66 -32.88
CA ASN C 769 -16.60 -43.80 -32.82
C ASN C 769 -16.14 -44.94 -33.72
N MET C 770 -16.90 -46.03 -33.75
CA MET C 770 -16.50 -47.20 -34.56
C MET C 770 -16.65 -46.96 -36.05
N THR C 771 -17.68 -46.21 -36.47
CA THR C 771 -18.03 -46.14 -37.88
C THR C 771 -17.54 -44.89 -38.59
N GLN C 772 -17.23 -43.82 -37.87
CA GLN C 772 -16.81 -42.54 -38.47
C GLN C 772 -15.33 -42.35 -38.17
N ILE C 773 -14.48 -42.67 -39.15
CA ILE C 773 -13.03 -42.71 -38.96
C ILE C 773 -12.34 -41.80 -39.97
N ASP C 774 -11.11 -41.43 -39.65
CA ASP C 774 -10.24 -40.68 -40.55
C ASP C 774 -9.35 -41.69 -41.28
N TYR C 775 -9.53 -41.78 -42.60
CA TYR C 775 -8.85 -42.82 -43.37
C TYR C 775 -7.34 -42.63 -43.45
N ASP C 776 -6.82 -41.44 -43.12
CA ASP C 776 -5.39 -41.22 -43.11
C ASP C 776 -4.70 -41.89 -41.93
N ARG C 777 -5.39 -42.02 -40.79
CA ARG C 777 -4.79 -42.52 -39.57
C ARG C 777 -5.43 -43.81 -39.07
N GLU C 778 -6.49 -44.30 -39.72
CA GLU C 778 -7.19 -45.48 -39.27
C GLU C 778 -7.84 -46.18 -40.46
N MET C 779 -7.88 -47.51 -40.41
CA MET C 779 -8.45 -48.32 -41.47
C MET C 779 -9.22 -49.48 -40.86
N ALA C 780 -10.36 -49.82 -41.47
CA ALA C 780 -11.18 -50.93 -41.02
C ALA C 780 -11.91 -51.54 -42.20
N PHE C 781 -11.87 -52.86 -42.30
CA PHE C 781 -12.52 -53.61 -43.37
C PHE C 781 -13.65 -54.45 -42.81
N VAL C 782 -14.71 -54.62 -43.60
CA VAL C 782 -15.84 -55.46 -43.23
C VAL C 782 -16.12 -56.43 -44.38
N ALA C 783 -16.66 -57.60 -44.03
CA ALA C 783 -17.08 -58.60 -44.99
C ALA C 783 -18.60 -58.65 -45.02
N VAL C 784 -19.19 -58.48 -46.20
CA VAL C 784 -20.63 -58.32 -46.34
C VAL C 784 -21.15 -59.23 -47.44
N ARG C 785 -22.43 -59.57 -47.34
CA ARG C 785 -23.15 -60.28 -48.39
C ARG C 785 -24.58 -59.77 -48.44
N ARG C 786 -25.17 -59.81 -49.62
CA ARG C 786 -26.47 -59.21 -49.88
C ARG C 786 -27.56 -60.28 -49.85
N ILE C 787 -28.67 -59.97 -49.18
CA ILE C 787 -29.84 -60.84 -49.16
C ILE C 787 -31.07 -59.98 -49.41
N ASP C 788 -31.67 -60.13 -50.58
CA ASP C 788 -32.91 -59.42 -50.94
C ASP C 788 -32.75 -57.92 -50.73
N GLN C 789 -31.71 -57.34 -51.33
CA GLN C 789 -31.43 -55.91 -51.29
C GLN C 789 -31.08 -55.40 -49.90
N THR C 790 -30.73 -56.29 -48.97
CA THR C 790 -30.31 -55.90 -47.62
C THR C 790 -28.98 -56.56 -47.31
N GLU C 791 -28.02 -55.75 -46.86
CA GLU C 791 -26.68 -56.24 -46.57
C GLU C 791 -26.63 -56.87 -45.18
N GLU C 792 -25.53 -57.54 -44.90
CA GLU C 792 -25.33 -58.22 -43.63
C GLU C 792 -23.83 -58.38 -43.39
N ILE C 793 -23.38 -58.03 -42.19
CA ILE C 793 -21.96 -58.02 -41.85
C ILE C 793 -21.60 -59.36 -41.22
N LEU C 794 -20.49 -59.96 -41.70
CA LEU C 794 -20.02 -61.23 -41.19
C LEU C 794 -18.76 -61.12 -40.33
N GLY C 795 -18.05 -60.01 -40.38
CA GLY C 795 -16.82 -59.86 -39.61
C GLY C 795 -16.21 -58.50 -39.87
N VAL C 796 -15.22 -58.17 -39.05
CA VAL C 796 -14.58 -56.84 -39.09
C VAL C 796 -13.17 -56.96 -38.53
N THR C 797 -12.27 -56.14 -39.05
CA THR C 797 -10.90 -56.03 -38.56
C THR C 797 -10.47 -54.56 -38.61
N ARG C 798 -9.49 -54.20 -37.79
CA ARG C 798 -9.16 -52.79 -37.59
C ARG C 798 -7.67 -52.64 -37.30
N ALA C 799 -7.15 -51.45 -37.63
CA ALA C 799 -5.77 -51.10 -37.33
C ALA C 799 -5.69 -49.60 -37.07
N ILE C 800 -5.14 -49.21 -35.93
CA ILE C 800 -5.02 -47.81 -35.52
C ILE C 800 -3.54 -47.49 -35.38
N SER C 801 -3.07 -46.47 -36.09
CA SER C 801 -1.67 -46.11 -36.14
C SER C 801 -1.41 -44.84 -35.33
N ASP C 802 -0.12 -44.61 -35.05
CA ASP C 802 0.36 -43.43 -34.34
C ASP C 802 0.61 -42.29 -35.32
N PRO C 803 0.69 -41.05 -34.84
CA PRO C 803 0.85 -39.91 -35.77
C PRO C 803 2.10 -39.99 -36.61
N ASP C 804 3.15 -40.68 -36.16
CA ASP C 804 4.39 -40.79 -36.93
C ASP C 804 4.36 -41.90 -37.97
N ASN C 805 3.35 -42.77 -37.95
CA ASN C 805 3.20 -43.83 -38.94
C ASN C 805 4.32 -44.87 -38.82
N ILE C 806 4.58 -45.31 -37.59
CA ILE C 806 5.57 -46.34 -37.31
C ILE C 806 4.94 -47.59 -36.72
N ASP C 807 4.08 -47.44 -35.71
CA ASP C 807 3.46 -48.56 -35.02
C ASP C 807 1.94 -48.44 -35.12
N ALA C 808 1.28 -49.60 -35.14
CA ALA C 808 -0.17 -49.68 -35.19
C ALA C 808 -0.67 -50.85 -34.37
N GLU C 809 -1.86 -50.68 -33.79
CA GLU C 809 -2.51 -51.72 -32.99
C GLU C 809 -3.66 -52.32 -33.79
N PHE C 810 -3.81 -53.64 -33.69
CA PHE C 810 -4.76 -54.37 -34.53
C PHE C 810 -5.74 -55.16 -33.68
N ALA C 811 -6.85 -55.56 -34.31
CA ALA C 811 -7.89 -56.37 -33.67
C ALA C 811 -8.70 -57.04 -34.76
N VAL C 812 -9.49 -58.04 -34.36
CA VAL C 812 -10.30 -58.80 -35.32
C VAL C 812 -11.44 -59.48 -34.55
N LEU C 813 -12.56 -59.71 -35.24
CA LEU C 813 -13.72 -60.34 -34.63
C LEU C 813 -14.58 -60.95 -35.73
N VAL C 814 -15.12 -62.14 -35.48
CA VAL C 814 -15.95 -62.88 -36.43
C VAL C 814 -17.23 -63.30 -35.73
N ARG C 815 -18.33 -63.34 -36.49
CA ARG C 815 -19.61 -63.73 -35.90
C ARG C 815 -19.54 -65.14 -35.34
N SER C 816 -20.25 -65.36 -34.23
CA SER C 816 -20.07 -66.58 -33.46
C SER C 816 -20.43 -67.83 -34.27
N ASP C 817 -21.48 -67.75 -35.08
CA ASP C 817 -21.99 -68.93 -35.77
C ASP C 817 -21.28 -69.21 -37.10
N LEU C 818 -20.23 -68.45 -37.44
CA LEU C 818 -19.51 -68.62 -38.70
C LEU C 818 -18.00 -68.78 -38.45
N LYS C 819 -17.63 -69.68 -37.54
CA LYS C 819 -16.27 -69.69 -37.01
C LYS C 819 -15.25 -70.38 -37.91
N GLY C 820 -15.54 -71.60 -38.37
CA GLY C 820 -14.51 -72.40 -39.02
C GLY C 820 -14.57 -72.41 -40.53
N LEU C 821 -14.71 -71.24 -41.15
CA LEU C 821 -14.79 -71.13 -42.60
C LEU C 821 -13.62 -70.39 -43.23
N GLY C 822 -12.71 -69.85 -42.43
CA GLY C 822 -11.54 -69.18 -42.95
C GLY C 822 -11.65 -67.67 -43.05
N LEU C 823 -12.68 -67.07 -42.47
CA LEU C 823 -12.88 -65.62 -42.58
C LEU C 823 -11.76 -64.86 -41.88
N GLY C 824 -11.37 -65.29 -40.68
CA GLY C 824 -10.39 -64.55 -39.92
C GLY C 824 -9.04 -64.47 -40.60
N ARG C 825 -8.58 -65.59 -41.18
CA ARG C 825 -7.29 -65.58 -41.86
C ARG C 825 -7.29 -64.63 -43.04
N ARG C 826 -8.36 -64.65 -43.85
CA ARG C 826 -8.43 -63.76 -45.00
C ARG C 826 -8.46 -62.30 -44.56
N LEU C 827 -9.24 -61.98 -43.53
CA LEU C 827 -9.29 -60.61 -43.04
C LEU C 827 -7.92 -60.15 -42.57
N MET C 828 -7.23 -61.00 -41.80
CA MET C 828 -5.92 -60.63 -41.27
C MET C 828 -4.91 -60.46 -42.40
N GLU C 829 -4.96 -61.34 -43.42
CA GLU C 829 -4.03 -61.22 -44.53
C GLU C 829 -4.26 -59.93 -45.31
N LYS C 830 -5.52 -59.56 -45.55
CA LYS C 830 -5.80 -58.29 -46.21
C LYS C 830 -5.29 -57.12 -45.39
N LEU C 831 -5.49 -57.16 -44.06
CA LEU C 831 -4.98 -56.09 -43.21
C LEU C 831 -3.47 -55.99 -43.30
N ILE C 832 -2.77 -57.14 -43.28
CA ILE C 832 -1.31 -57.15 -43.34
C ILE C 832 -0.84 -56.51 -44.65
N THR C 833 -1.47 -56.91 -45.76
CA THR C 833 -1.07 -56.36 -47.05
C THR C 833 -1.29 -54.85 -47.09
N TYR C 834 -2.46 -54.38 -46.63
CA TYR C 834 -2.72 -52.95 -46.65
C TYR C 834 -1.73 -52.20 -45.80
N THR C 835 -1.47 -52.68 -44.58
CA THR C 835 -0.58 -51.95 -43.68
C THR C 835 0.84 -51.91 -44.24
N ARG C 836 1.31 -53.01 -44.84
CA ARG C 836 2.64 -52.97 -45.43
C ARG C 836 2.69 -51.97 -46.59
N ASP C 837 1.65 -51.95 -47.43
CA ASP C 837 1.65 -51.01 -48.54
C ASP C 837 1.54 -49.57 -48.06
N HIS C 838 0.97 -49.35 -46.87
CA HIS C 838 0.78 -47.99 -46.39
C HIS C 838 2.08 -47.38 -45.89
N GLY C 839 3.03 -48.20 -45.43
CA GLY C 839 4.32 -47.72 -44.99
C GLY C 839 4.59 -47.93 -43.51
N LEU C 840 3.77 -48.72 -42.83
CA LEU C 840 3.98 -48.99 -41.41
C LEU C 840 5.11 -50.00 -41.22
N GLN C 841 5.68 -50.00 -40.02
CA GLN C 841 6.84 -50.82 -39.70
C GLN C 841 6.58 -51.92 -38.68
N ARG C 842 5.40 -51.94 -38.04
CA ARG C 842 5.15 -52.95 -37.01
C ARG C 842 3.66 -52.99 -36.67
N LEU C 843 3.22 -54.19 -36.26
CA LEU C 843 1.88 -54.40 -35.71
C LEU C 843 2.00 -55.01 -34.32
N ASN C 844 1.17 -54.54 -33.40
CA ASN C 844 1.18 -55.01 -32.02
C ASN C 844 -0.23 -55.36 -31.56
N GLY C 845 -0.31 -56.34 -30.67
CA GLY C 845 -1.59 -56.76 -30.12
C GLY C 845 -1.41 -57.38 -28.76
N ILE C 846 -2.52 -57.48 -28.03
CA ILE C 846 -2.53 -58.04 -26.69
C ILE C 846 -3.75 -58.94 -26.54
N THR C 847 -3.56 -60.11 -25.92
CA THR C 847 -4.65 -61.00 -25.60
C THR C 847 -4.29 -61.74 -24.32
N MET C 848 -5.12 -62.72 -23.96
CA MET C 848 -4.91 -63.47 -22.73
C MET C 848 -4.70 -64.95 -23.03
N PRO C 849 -4.02 -65.69 -22.15
CA PRO C 849 -3.98 -67.14 -22.29
C PRO C 849 -5.38 -67.72 -22.15
N ASN C 850 -5.55 -68.92 -22.71
CA ASN C 850 -6.83 -69.61 -22.90
C ASN C 850 -7.57 -69.10 -24.13
N ASN C 851 -7.04 -68.12 -24.84
CA ASN C 851 -7.55 -67.76 -26.17
C ASN C 851 -6.73 -68.48 -27.23
N ARG C 852 -6.97 -69.79 -27.32
CA ARG C 852 -6.10 -70.65 -28.10
C ARG C 852 -6.20 -70.36 -29.59
N GLY C 853 -7.40 -70.04 -30.08
CA GLY C 853 -7.58 -69.83 -31.50
C GLY C 853 -6.75 -68.66 -32.02
N MET C 854 -6.79 -67.54 -31.31
CA MET C 854 -6.02 -66.38 -31.74
C MET C 854 -4.53 -66.66 -31.71
N VAL C 855 -4.05 -67.36 -30.67
CA VAL C 855 -2.62 -67.66 -30.58
C VAL C 855 -2.20 -68.55 -31.74
N ALA C 856 -3.01 -69.58 -32.04
CA ALA C 856 -2.67 -70.48 -33.14
C ALA C 856 -2.67 -69.74 -34.48
N LEU C 857 -3.67 -68.88 -34.70
CA LEU C 857 -3.72 -68.13 -35.96
C LEU C 857 -2.52 -67.19 -36.08
N ALA C 858 -2.16 -66.51 -34.99
CA ALA C 858 -1.02 -65.61 -35.03
C ALA C 858 0.27 -66.36 -35.31
N ARG C 859 0.42 -67.56 -34.73
CA ARG C 859 1.58 -68.38 -35.04
C ARG C 859 1.59 -68.78 -36.51
N LYS C 860 0.41 -69.12 -37.06
CA LYS C 860 0.32 -69.44 -38.48
C LYS C 860 0.71 -68.25 -39.36
N LEU C 861 0.41 -67.03 -38.92
CA LEU C 861 0.68 -65.84 -39.72
C LEU C 861 2.08 -65.28 -39.53
N GLY C 862 2.91 -65.91 -38.69
CA GLY C 862 4.28 -65.49 -38.53
C GLY C 862 4.56 -64.53 -37.40
N PHE C 863 3.63 -64.35 -36.47
CA PHE C 863 3.84 -63.43 -35.36
C PHE C 863 4.84 -64.02 -34.36
N ASN C 864 5.43 -63.13 -33.57
CA ASN C 864 6.26 -63.51 -32.43
C ASN C 864 5.41 -63.50 -31.18
N VAL C 865 5.40 -64.60 -30.45
CA VAL C 865 4.48 -64.82 -29.33
C VAL C 865 5.26 -64.78 -28.03
N ASP C 866 4.79 -63.96 -27.09
CA ASP C 866 5.43 -63.80 -25.78
C ASP C 866 4.37 -64.05 -24.71
N ILE C 867 4.38 -65.24 -24.13
CA ILE C 867 3.44 -65.64 -23.09
C ILE C 867 4.06 -65.32 -21.73
N GLN C 868 3.43 -64.40 -21.00
CA GLN C 868 3.90 -63.98 -19.68
C GLN C 868 2.90 -64.49 -18.65
N LEU C 869 3.12 -65.70 -18.16
CA LEU C 869 2.30 -66.22 -17.08
C LEU C 869 2.65 -65.51 -15.77
N GLU C 870 1.75 -65.61 -14.80
CA GLU C 870 1.75 -64.90 -13.54
C GLU C 870 1.25 -63.46 -13.71
N GLU C 871 0.96 -63.02 -14.94
CA GLU C 871 0.29 -61.75 -15.18
C GLU C 871 -0.89 -61.97 -16.12
N GLY C 872 -1.00 -63.14 -16.73
CA GLY C 872 -2.13 -63.43 -17.59
C GLY C 872 -2.19 -62.58 -18.84
N ILE C 873 -1.06 -62.45 -19.53
CA ILE C 873 -0.96 -61.59 -20.70
C ILE C 873 -0.11 -62.29 -21.75
N VAL C 874 -0.50 -62.15 -23.02
CA VAL C 874 0.25 -62.66 -24.15
C VAL C 874 0.48 -61.52 -25.13
N GLY C 875 1.74 -61.33 -25.53
CA GLY C 875 2.11 -60.28 -26.47
C GLY C 875 2.36 -60.85 -27.86
N LEU C 876 1.96 -60.07 -28.87
CA LEU C 876 2.11 -60.46 -30.27
C LEU C 876 2.67 -59.29 -31.06
N THR C 877 3.68 -59.56 -31.89
CA THR C 877 4.31 -58.52 -32.70
C THR C 877 4.74 -59.11 -34.05
N LEU C 878 4.48 -58.38 -35.12
CA LEU C 878 4.88 -58.76 -36.47
C LEU C 878 5.73 -57.63 -37.05
N ASN C 879 6.86 -57.99 -37.67
CA ASN C 879 7.89 -57.00 -37.96
C ASN C 879 7.62 -56.19 -39.23
N LEU C 880 7.59 -56.84 -40.40
CA LEU C 880 7.72 -56.08 -41.64
C LEU C 880 6.40 -55.43 -42.05
N ALA C 881 5.30 -55.71 -41.37
CA ALA C 881 4.03 -55.07 -41.68
C ALA C 881 3.75 -53.96 -40.67
N MET D 1 -42.94 23.19 -19.37
CA MET D 1 -44.01 23.51 -18.39
C MET D 1 -43.76 24.87 -17.76
N SER D 2 -42.70 24.97 -16.96
CA SER D 2 -42.22 26.24 -16.43
C SER D 2 -40.77 26.06 -16.01
N GLN D 3 -39.85 26.69 -16.75
CA GLN D 3 -38.44 26.58 -16.41
C GLN D 3 -38.09 27.32 -15.13
N ARG D 4 -38.94 28.27 -14.70
CA ARG D 4 -38.66 29.03 -13.49
C ARG D 4 -38.63 28.15 -12.25
N GLY D 5 -39.51 27.15 -12.19
CA GLY D 5 -39.67 26.37 -10.97
C GLY D 5 -38.59 25.34 -10.70
N LEU D 6 -37.68 25.12 -11.65
CA LEU D 6 -36.62 24.14 -11.44
C LEU D 6 -35.44 24.70 -10.65
N GLU D 7 -35.39 26.01 -10.43
CA GLU D 7 -34.28 26.62 -9.71
C GLU D 7 -34.21 26.12 -8.27
N ALA D 8 -35.38 25.94 -7.64
CA ALA D 8 -35.39 25.44 -6.27
C ALA D 8 -34.81 24.03 -6.20
N LEU D 9 -35.14 23.18 -7.17
CA LEU D 9 -34.60 21.82 -7.18
C LEU D 9 -33.10 21.82 -7.42
N LEU D 10 -32.65 22.53 -8.45
CA LEU D 10 -31.26 22.40 -8.88
C LEU D 10 -30.29 23.34 -8.17
N ARG D 11 -30.77 24.48 -7.64
CA ARG D 11 -29.92 25.40 -6.88
C ARG D 11 -30.62 25.82 -5.60
N PRO D 12 -30.89 24.88 -4.70
CA PRO D 12 -31.59 25.22 -3.46
C PRO D 12 -30.73 26.03 -2.51
N LYS D 13 -31.40 26.82 -1.67
CA LYS D 13 -30.73 27.56 -0.60
C LYS D 13 -30.89 26.90 0.77
N SER D 14 -31.84 26.00 0.94
CA SER D 14 -32.03 25.29 2.21
C SER D 14 -32.85 24.03 1.94
N ILE D 15 -32.63 23.01 2.78
CA ILE D 15 -33.24 21.70 2.58
C ILE D 15 -33.72 21.16 3.92
N ALA D 16 -34.86 20.46 3.90
CA ALA D 16 -35.43 19.81 5.08
C ALA D 16 -35.55 18.30 4.83
N VAL D 17 -35.14 17.51 5.82
CA VAL D 17 -35.09 16.06 5.72
C VAL D 17 -36.16 15.49 6.65
N ILE D 18 -37.28 15.05 6.07
CA ILE D 18 -38.38 14.49 6.84
C ILE D 18 -38.09 13.02 7.12
N GLY D 19 -38.06 12.66 8.41
CA GLY D 19 -37.75 11.30 8.81
C GLY D 19 -36.29 10.99 9.06
N ALA D 20 -35.47 12.00 9.37
CA ALA D 20 -34.09 11.72 9.74
C ALA D 20 -34.01 10.89 11.01
N SER D 21 -32.97 10.05 11.12
CA SER D 21 -32.88 9.09 12.21
C SER D 21 -31.41 8.83 12.54
N MET D 22 -31.20 8.36 13.78
CA MET D 22 -29.87 8.04 14.29
C MET D 22 -29.50 6.56 14.14
N LYS D 23 -30.38 5.74 13.57
CA LYS D 23 -30.07 4.33 13.40
C LYS D 23 -29.24 4.11 12.13
N PRO D 24 -28.06 3.52 12.21
CA PRO D 24 -27.16 3.49 11.04
C PRO D 24 -27.76 2.78 9.83
N ASN D 25 -28.79 1.96 10.00
CA ASN D 25 -29.34 1.20 8.88
C ASN D 25 -30.55 1.86 8.24
N ARG D 26 -30.90 3.09 8.63
CA ARG D 26 -32.08 3.76 8.14
C ARG D 26 -31.75 4.67 6.96
N ALA D 27 -32.74 4.88 6.09
CA ALA D 27 -32.53 5.69 4.89
C ALA D 27 -32.28 7.15 5.24
N GLY D 28 -33.01 7.69 6.21
CA GLY D 28 -32.79 9.06 6.65
C GLY D 28 -31.40 9.29 7.18
N TYR D 29 -30.85 8.31 7.90
CA TYR D 29 -29.47 8.40 8.38
C TYR D 29 -28.50 8.58 7.22
N LEU D 30 -28.65 7.76 6.17
CA LEU D 30 -27.75 7.85 5.03
C LEU D 30 -27.90 9.19 4.31
N MET D 31 -29.14 9.65 4.12
CA MET D 31 -29.34 10.94 3.45
C MET D 31 -28.71 12.07 4.25
N MET D 32 -28.90 12.06 5.58
CA MET D 32 -28.31 13.09 6.43
C MET D 32 -26.78 13.07 6.34
N ARG D 33 -26.18 11.88 6.38
CA ARG D 33 -24.72 11.78 6.32
C ARG D 33 -24.20 12.31 4.99
N ASN D 34 -24.84 11.92 3.88
CA ASN D 34 -24.44 12.42 2.57
C ASN D 34 -24.52 13.95 2.53
N LEU D 35 -25.66 14.51 2.96
CA LEU D 35 -25.85 15.95 2.87
C LEU D 35 -24.82 16.70 3.72
N LEU D 36 -24.54 16.21 4.93
CA LEU D 36 -23.55 16.90 5.76
C LEU D 36 -22.14 16.76 5.19
N ALA D 37 -21.84 15.67 4.50
CA ALA D 37 -20.51 15.49 3.93
C ALA D 37 -20.33 16.16 2.57
N GLY D 38 -21.41 16.65 1.96
CA GLY D 38 -21.31 17.16 0.59
C GLY D 38 -20.62 18.49 0.44
N GLY D 39 -20.59 19.33 1.47
CA GLY D 39 -20.00 20.64 1.36
C GLY D 39 -20.98 21.76 1.05
N PHE D 40 -22.21 21.66 1.55
CA PHE D 40 -23.27 22.61 1.23
C PHE D 40 -23.03 23.93 1.96
N ASN D 41 -23.45 25.03 1.32
CA ASN D 41 -23.31 26.36 1.90
C ASN D 41 -24.52 26.80 2.72
N GLY D 42 -25.61 26.03 2.72
CA GLY D 42 -26.81 26.39 3.45
C GLY D 42 -27.06 25.51 4.65
N PRO D 43 -28.22 25.67 5.29
CA PRO D 43 -28.60 24.83 6.43
C PRO D 43 -29.36 23.58 6.05
N VAL D 44 -29.14 22.53 6.85
CA VAL D 44 -29.83 21.24 6.71
C VAL D 44 -30.66 21.01 7.96
N LEU D 45 -31.97 20.87 7.80
CA LEU D 45 -32.91 20.87 8.92
C LEU D 45 -33.58 19.51 9.10
N PRO D 46 -33.25 18.75 10.14
CA PRO D 46 -33.94 17.46 10.36
C PRO D 46 -35.28 17.62 11.06
N VAL D 47 -36.26 16.82 10.63
CA VAL D 47 -37.60 16.83 11.20
C VAL D 47 -37.97 15.41 11.60
N THR D 48 -38.24 15.20 12.89
CA THR D 48 -38.62 13.88 13.40
C THR D 48 -39.14 13.97 14.83
N PRO D 49 -40.11 13.14 15.21
CA PRO D 49 -40.60 13.15 16.61
C PRO D 49 -39.86 12.22 17.56
N ALA D 50 -38.84 11.49 17.11
CA ALA D 50 -38.21 10.45 17.92
C ALA D 50 -36.79 10.79 18.35
N TRP D 51 -36.26 11.96 17.98
CA TRP D 51 -34.91 12.33 18.39
C TRP D 51 -34.84 13.84 18.63
N LYS D 52 -34.08 14.23 19.65
CA LYS D 52 -33.83 15.65 19.90
C LYS D 52 -32.75 16.20 18.98
N ALA D 53 -31.84 15.35 18.50
CA ALA D 53 -30.78 15.78 17.60
C ALA D 53 -30.35 14.57 16.76
N VAL D 54 -29.83 14.85 15.57
CA VAL D 54 -29.37 13.82 14.65
C VAL D 54 -27.97 14.20 14.17
N LEU D 55 -26.99 13.32 14.43
CA LEU D 55 -25.61 13.52 13.98
C LEU D 55 -25.11 14.92 14.36
N GLY D 56 -25.44 15.35 15.59
CA GLY D 56 -24.98 16.62 16.11
C GLY D 56 -25.78 17.84 15.70
N VAL D 57 -26.89 17.65 14.98
CA VAL D 57 -27.72 18.76 14.48
C VAL D 57 -29.03 18.77 15.26
N LEU D 58 -29.39 19.93 15.79
CA LEU D 58 -30.66 20.06 16.53
C LEU D 58 -31.83 19.79 15.60
N ALA D 59 -32.86 19.11 16.12
CA ALA D 59 -34.01 18.68 15.35
C ALA D 59 -35.27 19.43 15.77
N TRP D 60 -36.29 19.37 14.92
CA TRP D 60 -37.59 19.97 15.16
C TRP D 60 -38.69 18.92 15.14
N PRO D 61 -39.72 19.05 15.99
CA PRO D 61 -40.69 17.96 16.12
C PRO D 61 -41.61 17.78 14.91
N ASP D 62 -41.88 18.83 14.13
CA ASP D 62 -42.78 18.69 13.00
C ASP D 62 -42.56 19.84 12.01
N ILE D 63 -43.23 19.72 10.86
CA ILE D 63 -43.05 20.68 9.77
C ILE D 63 -43.48 22.08 10.22
N ALA D 64 -44.62 22.18 10.91
CA ALA D 64 -45.12 23.49 11.31
C ALA D 64 -44.16 24.24 12.21
N SER D 65 -43.25 23.54 12.89
CA SER D 65 -42.34 24.17 13.84
C SER D 65 -41.11 24.79 13.18
N LEU D 66 -40.90 24.61 11.89
CA LEU D 66 -39.69 25.10 11.26
C LEU D 66 -39.63 26.63 11.34
N PRO D 67 -38.44 27.22 11.51
CA PRO D 67 -38.38 28.68 11.66
C PRO D 67 -38.57 29.46 10.36
N PHE D 68 -38.54 28.79 9.21
CA PHE D 68 -38.76 29.48 7.93
C PHE D 68 -39.06 28.45 6.86
N THR D 69 -39.50 28.93 5.71
CA THR D 69 -39.92 28.05 4.62
C THR D 69 -38.69 27.47 3.91
N PRO D 70 -38.58 26.15 3.78
CA PRO D 70 -37.45 25.58 3.05
C PRO D 70 -37.68 25.53 1.55
N ASP D 71 -36.58 25.63 0.80
CA ASP D 71 -36.64 25.55 -0.65
C ASP D 71 -37.01 24.15 -1.13
N LEU D 72 -36.39 23.13 -0.55
CA LEU D 72 -36.51 21.75 -1.01
C LEU D 72 -36.67 20.82 0.18
N ALA D 73 -37.46 19.75 -0.01
CA ALA D 73 -37.73 18.77 1.05
C ALA D 73 -37.59 17.35 0.51
N VAL D 74 -37.25 16.42 1.40
CA VAL D 74 -37.05 15.01 1.07
C VAL D 74 -37.86 14.14 2.04
N LEU D 75 -38.62 13.18 1.50
CA LEU D 75 -39.45 12.28 2.29
C LEU D 75 -38.76 10.92 2.42
N CYS D 76 -38.46 10.52 3.66
CA CYS D 76 -37.79 9.26 3.95
C CYS D 76 -38.68 8.31 4.75
N THR D 77 -39.99 8.33 4.52
CA THR D 77 -40.95 7.64 5.38
C THR D 77 -41.83 6.69 4.57
N ASN D 78 -42.65 5.93 5.29
CA ASN D 78 -43.54 4.96 4.67
C ASN D 78 -44.55 5.64 3.75
N ALA D 79 -44.90 4.96 2.66
CA ALA D 79 -45.77 5.55 1.65
C ALA D 79 -47.16 5.90 2.19
N SER D 80 -47.56 5.33 3.32
CA SER D 80 -48.89 5.59 3.85
C SER D 80 -49.03 6.99 4.46
N ARG D 81 -47.93 7.70 4.70
CA ARG D 81 -47.96 9.05 5.24
C ARG D 81 -47.81 10.12 4.15
N ASN D 82 -47.70 9.70 2.89
CA ASN D 82 -47.29 10.60 1.81
C ASN D 82 -48.25 11.78 1.68
N LEU D 83 -49.55 11.50 1.58
CA LEU D 83 -50.51 12.56 1.26
C LEU D 83 -50.60 13.59 2.38
N ALA D 84 -50.66 13.12 3.64
CA ALA D 84 -50.72 14.05 4.76
C ALA D 84 -49.46 14.91 4.83
N LEU D 85 -48.29 14.29 4.67
CA LEU D 85 -47.05 15.06 4.74
C LEU D 85 -46.99 16.08 3.61
N LEU D 86 -47.40 15.68 2.40
CA LEU D 86 -47.41 16.60 1.27
C LEU D 86 -48.35 17.77 1.51
N GLU D 87 -49.53 17.49 2.08
CA GLU D 87 -50.46 18.58 2.40
C GLU D 87 -49.84 19.55 3.39
N GLU D 88 -49.18 19.04 4.42
CA GLU D 88 -48.53 19.92 5.39
C GLU D 88 -47.45 20.77 4.72
N LEU D 89 -46.64 20.15 3.85
CA LEU D 89 -45.61 20.90 3.14
C LEU D 89 -46.23 22.00 2.27
N GLY D 90 -47.30 21.67 1.54
CA GLY D 90 -47.98 22.68 0.76
C GLY D 90 -48.51 23.82 1.61
N GLU D 91 -49.01 23.50 2.80
CA GLU D 91 -49.44 24.55 3.72
C GLU D 91 -48.28 25.45 4.11
N LYS D 92 -47.12 24.86 4.41
CA LYS D 92 -45.98 25.66 4.85
C LYS D 92 -45.48 26.60 3.75
N GLY D 93 -45.60 26.19 2.48
CA GLY D 93 -45.14 26.99 1.37
C GLY D 93 -43.96 26.42 0.59
N CYS D 94 -43.53 25.20 0.89
CA CYS D 94 -42.48 24.56 0.11
C CYS D 94 -42.97 24.25 -1.30
N LYS D 95 -42.06 24.33 -2.27
CA LYS D 95 -42.42 24.22 -3.68
C LYS D 95 -41.72 23.07 -4.42
N THR D 96 -40.98 22.21 -3.74
CA THR D 96 -40.33 21.08 -4.39
C THR D 96 -40.11 19.95 -3.40
N CYS D 97 -40.28 18.71 -3.84
CA CYS D 97 -40.21 17.55 -2.96
C CYS D 97 -39.67 16.32 -3.70
N ILE D 98 -38.84 15.55 -3.02
CA ILE D 98 -38.36 14.25 -3.51
C ILE D 98 -39.02 13.16 -2.67
N ILE D 99 -39.53 12.12 -3.34
CA ILE D 99 -40.33 11.07 -2.70
C ILE D 99 -39.63 9.73 -2.88
N LEU D 100 -39.37 9.04 -1.77
CA LEU D 100 -38.61 7.78 -1.79
C LEU D 100 -39.46 6.60 -2.27
N SER D 101 -40.71 6.47 -1.81
CA SER D 101 -41.48 5.25 -2.01
C SER D 101 -42.96 5.57 -2.22
N ALA D 102 -43.58 4.89 -3.20
CA ALA D 102 -45.02 4.99 -3.44
C ALA D 102 -45.51 3.93 -4.42
N PRO D 103 -46.68 3.33 -4.20
CA PRO D 103 -47.24 2.40 -5.19
C PRO D 103 -47.96 3.14 -6.32
N ALA D 104 -48.31 2.37 -7.36
CA ALA D 104 -48.87 2.94 -8.57
C ALA D 104 -50.30 3.46 -8.37
N SER D 105 -51.02 2.96 -7.37
CA SER D 105 -52.40 3.40 -7.15
C SER D 105 -52.50 4.79 -6.56
N GLN D 106 -51.39 5.40 -6.17
CA GLN D 106 -51.38 6.72 -5.54
C GLN D 106 -51.19 7.86 -6.52
N HIS D 107 -50.91 7.57 -7.79
CA HIS D 107 -50.41 8.60 -8.70
C HIS D 107 -51.41 9.73 -8.89
N GLU D 108 -52.69 9.40 -9.08
CA GLU D 108 -53.69 10.43 -9.36
C GLU D 108 -53.82 11.42 -8.21
N ASP D 109 -53.87 10.90 -6.97
CA ASP D 109 -53.99 11.78 -5.81
C ASP D 109 -52.76 12.65 -5.66
N LEU D 110 -51.57 12.08 -5.88
CA LEU D 110 -50.35 12.88 -5.81
C LEU D 110 -50.37 14.01 -6.83
N ARG D 111 -50.77 13.69 -8.06
CA ARG D 111 -50.84 14.73 -9.10
C ARG D 111 -51.81 15.83 -8.70
N ALA D 112 -52.99 15.46 -8.20
CA ALA D 112 -53.98 16.45 -7.81
C ALA D 112 -53.45 17.33 -6.68
N CYS D 113 -52.86 16.72 -5.66
CA CYS D 113 -52.33 17.50 -4.55
C CYS D 113 -51.23 18.45 -5.01
N ALA D 114 -50.33 17.97 -5.88
CA ALA D 114 -49.27 18.82 -6.38
C ALA D 114 -49.83 20.00 -7.18
N LEU D 115 -50.84 19.73 -8.01
CA LEU D 115 -51.46 20.81 -8.78
C LEU D 115 -52.09 21.85 -7.85
N ARG D 116 -52.74 21.39 -6.78
CA ARG D 116 -53.44 22.32 -5.90
C ARG D 116 -52.50 23.37 -5.32
N HIS D 117 -51.27 22.99 -5.00
CA HIS D 117 -50.32 23.88 -4.32
C HIS D 117 -49.24 24.44 -5.23
N ASN D 118 -49.28 24.15 -6.53
CA ASN D 118 -48.25 24.61 -7.46
C ASN D 118 -46.87 24.09 -7.05
N MET D 119 -46.78 22.77 -6.86
CA MET D 119 -45.57 22.12 -6.41
C MET D 119 -45.08 21.14 -7.47
N ARG D 120 -43.76 21.02 -7.58
CA ARG D 120 -43.13 20.04 -8.47
C ARG D 120 -42.59 18.87 -7.65
N LEU D 121 -42.64 17.68 -8.25
CA LEU D 121 -42.22 16.45 -7.59
C LEU D 121 -41.22 15.71 -8.44
N LEU D 122 -40.20 15.13 -7.79
CA LEU D 122 -39.24 14.24 -8.42
C LEU D 122 -39.49 12.81 -7.95
N GLY D 123 -39.65 11.90 -8.91
CA GLY D 123 -39.91 10.51 -8.59
C GLY D 123 -41.34 10.13 -8.90
N PRO D 124 -41.98 9.33 -8.03
CA PRO D 124 -41.46 8.68 -6.81
C PRO D 124 -40.54 7.51 -7.11
N ASN D 125 -40.03 6.83 -6.07
CA ASN D 125 -39.04 5.76 -6.24
C ASN D 125 -37.78 6.28 -6.94
N SER D 126 -37.30 7.43 -6.47
CA SER D 126 -36.16 8.11 -7.06
C SER D 126 -34.93 8.01 -6.16
N LEU D 127 -33.77 7.77 -6.77
CA LEU D 127 -32.52 7.73 -6.02
C LEU D 127 -32.06 9.12 -5.58
N GLY D 128 -32.53 10.19 -6.23
CA GLY D 128 -32.15 11.54 -5.87
C GLY D 128 -31.33 12.26 -6.92
N LEU D 129 -30.47 13.18 -6.50
CA LEU D 129 -29.70 14.01 -7.43
C LEU D 129 -28.44 14.53 -6.75
N LEU D 130 -27.40 14.78 -7.56
CA LEU D 130 -26.11 15.27 -7.09
C LEU D 130 -25.64 16.40 -7.99
N ALA D 131 -25.18 17.50 -7.38
CA ALA D 131 -24.68 18.68 -8.11
C ALA D 131 -23.36 19.13 -7.50
N PRO D 132 -22.24 18.57 -7.98
CA PRO D 132 -20.95 18.81 -7.29
C PRO D 132 -20.55 20.28 -7.20
N TRP D 133 -20.80 21.09 -8.22
CA TRP D 133 -20.35 22.47 -8.19
C TRP D 133 -21.06 23.29 -7.11
N GLN D 134 -22.27 22.89 -6.70
CA GLN D 134 -22.93 23.50 -5.56
C GLN D 134 -22.62 22.79 -4.25
N GLY D 135 -21.80 21.74 -4.28
CA GLY D 135 -21.55 20.96 -3.08
C GLY D 135 -22.79 20.32 -2.50
N LEU D 136 -23.66 19.78 -3.35
CA LEU D 136 -24.94 19.22 -2.93
C LEU D 136 -24.98 17.74 -3.30
N ASN D 137 -25.20 16.88 -2.30
CA ASN D 137 -25.41 15.45 -2.51
C ASN D 137 -26.69 15.04 -1.78
N ALA D 138 -27.83 15.23 -2.43
CA ALA D 138 -29.14 14.85 -1.87
C ALA D 138 -29.59 13.53 -2.52
N SER D 139 -28.99 12.44 -2.06
CA SER D 139 -29.27 11.14 -2.69
C SER D 139 -29.02 10.01 -1.70
N PHE D 140 -29.59 8.85 -2.01
CA PHE D 140 -29.42 7.63 -1.22
C PHE D 140 -28.33 6.73 -1.79
N SER D 141 -27.32 7.29 -2.45
CA SER D 141 -26.29 6.48 -3.09
C SER D 141 -25.08 6.31 -2.18
N PRO D 142 -24.46 5.12 -2.15
CA PRO D 142 -23.24 4.92 -1.35
C PRO D 142 -21.93 5.21 -2.07
N VAL D 143 -21.96 5.79 -3.27
CA VAL D 143 -20.75 6.02 -4.08
C VAL D 143 -20.47 7.52 -4.09
N PRO D 144 -19.22 7.95 -3.88
CA PRO D 144 -18.91 9.39 -3.93
C PRO D 144 -18.83 9.91 -5.37
N ILE D 145 -18.69 11.24 -5.48
CA ILE D 145 -18.70 11.93 -6.77
C ILE D 145 -17.71 13.09 -6.75
N LYS D 146 -17.33 13.54 -7.95
CA LYS D 146 -16.38 14.63 -8.14
C LYS D 146 -16.86 15.57 -9.24
N ARG D 147 -16.32 16.80 -9.22
CA ARG D 147 -16.70 17.82 -10.18
C ARG D 147 -16.23 17.48 -11.59
N GLY D 148 -17.00 17.92 -12.58
CA GLY D 148 -16.67 17.67 -13.96
C GLY D 148 -17.52 18.51 -14.90
N LYS D 149 -17.52 18.10 -16.17
CA LYS D 149 -18.27 18.81 -17.21
C LYS D 149 -19.33 17.96 -17.91
N LEU D 150 -19.39 16.65 -17.64
CA LEU D 150 -20.39 15.78 -18.25
C LEU D 150 -21.62 15.68 -17.36
N ALA D 151 -22.80 15.63 -18.00
CA ALA D 151 -24.07 15.48 -17.31
C ALA D 151 -24.73 14.16 -17.70
N PHE D 152 -25.45 13.54 -16.74
CA PHE D 152 -26.03 12.22 -16.92
C PHE D 152 -27.45 12.17 -16.38
N ILE D 153 -28.35 11.54 -17.15
CA ILE D 153 -29.76 11.35 -16.78
C ILE D 153 -30.10 9.88 -16.93
N SER D 154 -30.72 9.29 -15.90
CA SER D 154 -30.96 7.85 -15.87
C SER D 154 -32.36 7.55 -15.36
N GLN D 155 -32.95 6.47 -15.88
CA GLN D 155 -34.20 5.92 -15.38
C GLN D 155 -33.99 4.61 -14.63
N SER D 156 -32.80 4.40 -14.07
CA SER D 156 -32.48 3.17 -13.35
C SER D 156 -31.43 3.42 -12.27
N ALA D 157 -31.72 2.96 -11.04
CA ALA D 157 -30.82 3.18 -9.92
C ALA D 157 -29.55 2.35 -10.03
N ALA D 158 -29.67 1.07 -10.41
CA ALA D 158 -28.51 0.20 -10.49
C ALA D 158 -27.51 0.71 -11.52
N VAL D 159 -28.01 1.15 -12.69
CA VAL D 159 -27.12 1.70 -13.70
C VAL D 159 -26.43 2.96 -13.17
N SER D 160 -27.17 3.79 -12.43
CA SER D 160 -26.58 5.00 -11.86
C SER D 160 -25.42 4.67 -10.93
N ASN D 161 -25.64 3.72 -10.01
CA ASN D 161 -24.56 3.34 -9.09
C ASN D 161 -23.38 2.75 -9.84
N THR D 162 -23.63 1.91 -10.84
CA THR D 162 -22.54 1.31 -11.60
C THR D 162 -21.71 2.37 -12.32
N ILE D 163 -22.38 3.36 -12.92
CA ILE D 163 -21.66 4.41 -13.63
C ILE D 163 -20.85 5.26 -12.66
N LEU D 164 -21.41 5.55 -11.49
CA LEU D 164 -20.66 6.30 -10.48
C LEU D 164 -19.42 5.53 -10.05
N ASP D 165 -19.54 4.22 -9.85
CA ASP D 165 -18.37 3.43 -9.45
C ASP D 165 -17.31 3.42 -10.56
N TRP D 166 -17.75 3.28 -11.81
CA TRP D 166 -16.80 3.30 -12.92
C TRP D 166 -16.06 4.63 -12.98
N ALA D 167 -16.78 5.74 -12.81
CA ALA D 167 -16.14 7.05 -12.78
C ALA D 167 -15.16 7.15 -11.62
N GLN D 168 -15.52 6.59 -10.46
CA GLN D 168 -14.60 6.62 -9.33
C GLN D 168 -13.30 5.91 -9.67
N GLN D 169 -13.38 4.81 -10.41
CA GLN D 169 -12.15 4.10 -10.77
C GLN D 169 -11.25 4.97 -11.64
N ARG D 170 -11.82 5.72 -12.58
CA ARG D 170 -11.05 6.44 -13.58
C ARG D 170 -10.74 7.88 -13.21
N LYS D 171 -11.12 8.33 -12.01
CA LYS D 171 -10.84 9.70 -11.55
C LYS D 171 -11.45 10.75 -12.47
N MET D 172 -12.73 10.57 -12.79
CA MET D 172 -13.50 11.51 -13.60
C MET D 172 -14.72 12.00 -12.83
N GLY D 173 -15.25 13.16 -13.26
CA GLY D 173 -16.33 13.82 -12.55
C GLY D 173 -17.49 14.19 -13.48
N PHE D 174 -18.45 14.91 -12.89
CA PHE D 174 -19.69 15.28 -13.57
C PHE D 174 -20.09 16.70 -13.21
N SER D 175 -20.94 17.30 -14.05
CA SER D 175 -21.59 18.57 -13.74
C SER D 175 -22.95 18.38 -13.07
N TYR D 176 -23.75 17.43 -13.53
CA TYR D 176 -25.05 17.11 -12.94
C TYR D 176 -25.32 15.62 -13.08
N PHE D 177 -25.96 15.04 -12.07
CA PHE D 177 -26.32 13.62 -12.06
C PHE D 177 -27.71 13.50 -11.46
N ILE D 178 -28.69 13.07 -12.26
CA ILE D 178 -30.10 13.09 -11.86
C ILE D 178 -30.75 11.75 -12.20
N ALA D 179 -31.51 11.21 -11.26
CA ALA D 179 -32.30 10.00 -11.46
C ALA D 179 -33.79 10.35 -11.43
N LEU D 180 -34.54 9.83 -12.42
CA LEU D 180 -35.93 10.26 -12.63
C LEU D 180 -36.97 9.40 -11.94
N GLY D 181 -36.66 8.17 -11.56
CA GLY D 181 -37.67 7.31 -10.98
C GLY D 181 -38.82 7.09 -11.96
N ASP D 182 -40.05 7.27 -11.47
CA ASP D 182 -41.23 7.01 -12.30
C ASP D 182 -41.59 8.17 -13.23
N SER D 183 -40.94 9.32 -13.10
CA SER D 183 -41.17 10.47 -13.97
C SER D 183 -42.66 10.88 -13.97
N LEU D 184 -43.23 10.97 -12.77
CA LEU D 184 -44.64 11.34 -12.67
C LEU D 184 -44.86 12.80 -13.04
N ASP D 185 -44.02 13.71 -12.54
CA ASP D 185 -44.17 15.14 -12.79
C ASP D 185 -43.02 15.72 -13.60
N ILE D 186 -41.77 15.55 -13.15
CA ILE D 186 -40.60 16.04 -13.87
C ILE D 186 -40.14 14.95 -14.84
N ASP D 187 -39.80 15.34 -16.07
CA ASP D 187 -39.51 14.38 -17.11
C ASP D 187 -38.29 14.86 -17.92
N VAL D 188 -37.99 14.12 -19.01
CA VAL D 188 -36.72 14.27 -19.69
C VAL D 188 -36.63 15.58 -20.45
N ASP D 189 -37.72 15.99 -21.12
CA ASP D 189 -37.63 17.15 -22.01
C ASP D 189 -37.33 18.44 -21.24
N GLU D 190 -37.94 18.61 -20.06
CA GLU D 190 -37.66 19.79 -19.26
C GLU D 190 -36.20 19.84 -18.84
N LEU D 191 -35.64 18.69 -18.43
CA LEU D 191 -34.25 18.64 -18.03
C LEU D 191 -33.32 18.94 -19.20
N LEU D 192 -33.65 18.44 -20.40
CA LEU D 192 -32.85 18.78 -21.56
C LEU D 192 -32.89 20.28 -21.84
N ASP D 193 -34.08 20.88 -21.77
CA ASP D 193 -34.18 22.33 -21.94
C ASP D 193 -33.31 23.07 -20.93
N TYR D 194 -33.31 22.62 -19.67
CA TYR D 194 -32.51 23.30 -18.65
C TYR D 194 -31.01 23.13 -18.93
N LEU D 195 -30.58 21.91 -19.28
CA LEU D 195 -29.15 21.66 -19.46
C LEU D 195 -28.61 22.34 -20.71
N ALA D 196 -29.46 22.59 -21.71
CA ALA D 196 -28.99 23.25 -22.92
C ALA D 196 -28.40 24.63 -22.64
N ARG D 197 -28.75 25.25 -21.52
CA ARG D 197 -28.34 26.62 -21.20
C ARG D 197 -27.35 26.69 -20.04
N ASP D 198 -26.91 25.56 -19.51
CA ASP D 198 -26.03 25.54 -18.34
C ASP D 198 -24.58 25.71 -18.81
N SER D 199 -23.88 26.68 -18.21
CA SER D 199 -22.56 27.06 -18.71
C SER D 199 -21.49 26.01 -18.39
N LYS D 200 -21.66 25.25 -17.30
CA LYS D 200 -20.66 24.26 -16.91
C LYS D 200 -20.80 22.94 -17.68
N THR D 201 -21.90 22.72 -18.39
CA THR D 201 -22.16 21.45 -19.07
C THR D 201 -21.73 21.55 -20.53
N SER D 202 -20.99 20.54 -20.99
CA SER D 202 -20.53 20.48 -22.37
C SER D 202 -20.94 19.23 -23.14
N ALA D 203 -21.53 18.22 -22.47
CA ALA D 203 -22.02 17.03 -23.14
C ALA D 203 -23.05 16.35 -22.24
N ILE D 204 -23.90 15.53 -22.85
CA ILE D 204 -25.03 14.90 -22.14
C ILE D 204 -25.15 13.44 -22.55
N LEU D 205 -25.45 12.57 -21.57
CA LEU D 205 -25.58 11.13 -21.77
C LEU D 205 -26.82 10.62 -21.06
N LEU D 206 -27.60 9.76 -21.73
CA LEU D 206 -28.91 9.34 -21.25
C LEU D 206 -29.09 7.83 -21.28
N TYR D 207 -29.76 7.29 -20.26
CA TYR D 207 -30.26 5.91 -20.25
C TYR D 207 -31.78 5.96 -20.06
N LEU D 208 -32.51 5.39 -21.02
CA LEU D 208 -33.97 5.53 -21.08
C LEU D 208 -34.64 4.18 -21.23
N GLU D 209 -35.89 4.11 -20.76
CA GLU D 209 -36.70 2.89 -20.91
C GLU D 209 -38.06 3.17 -21.55
N GLN D 210 -38.60 4.37 -21.40
CA GLN D 210 -39.90 4.69 -21.99
C GLN D 210 -40.11 6.20 -21.97
N LEU D 211 -41.10 6.64 -22.75
CA LEU D 211 -41.45 8.05 -22.90
C LEU D 211 -42.95 8.22 -22.80
N SER D 212 -43.38 9.47 -22.57
CA SER D 212 -44.80 9.80 -22.51
C SER D 212 -45.24 10.90 -23.48
N ASP D 213 -44.33 11.74 -23.97
CA ASP D 213 -44.67 12.84 -24.88
C ASP D 213 -43.57 12.96 -25.93
N ALA D 214 -43.78 12.34 -27.09
CA ALA D 214 -42.73 12.26 -28.10
C ALA D 214 -42.46 13.62 -28.75
N ARG D 215 -43.49 14.40 -29.02
CA ARG D 215 -43.31 15.68 -29.71
C ARG D 215 -42.32 16.56 -28.96
N ARG D 216 -42.56 16.76 -27.66
CA ARG D 216 -41.71 17.65 -26.87
C ARG D 216 -40.30 17.08 -26.76
N PHE D 217 -40.17 15.75 -26.60
CA PHE D 217 -38.85 15.14 -26.52
C PHE D 217 -38.06 15.43 -27.80
N VAL D 218 -38.67 15.22 -28.96
CA VAL D 218 -37.97 15.42 -30.22
C VAL D 218 -37.56 16.88 -30.36
N SER D 219 -38.48 17.81 -30.09
CA SER D 219 -38.16 19.22 -30.23
C SER D 219 -37.03 19.64 -29.29
N ALA D 220 -37.10 19.21 -28.02
CA ALA D 220 -36.10 19.60 -27.04
C ALA D 220 -34.73 19.04 -27.41
N ALA D 221 -34.68 17.77 -27.82
CA ALA D 221 -33.39 17.19 -28.22
C ALA D 221 -32.84 17.90 -29.45
N ARG D 222 -33.70 18.17 -30.43
CA ARG D 222 -33.28 18.91 -31.62
C ARG D 222 -32.62 20.23 -31.21
N SER D 223 -33.29 20.99 -30.34
CA SER D 223 -32.74 22.28 -29.93
C SER D 223 -31.43 22.11 -29.16
N ALA D 224 -31.36 21.15 -28.25
CA ALA D 224 -30.20 21.02 -27.38
C ALA D 224 -28.97 20.55 -28.14
N SER D 225 -29.15 19.66 -29.12
CA SER D 225 -27.99 19.07 -29.81
C SER D 225 -27.37 20.03 -30.81
N ARG D 226 -27.95 21.20 -31.02
CA ARG D 226 -27.37 22.15 -31.97
C ARG D 226 -25.94 22.53 -31.57
N ASN D 227 -25.65 22.58 -30.27
CA ASN D 227 -24.35 23.04 -29.79
C ASN D 227 -23.62 22.06 -28.87
N LYS D 228 -24.25 20.97 -28.42
CA LYS D 228 -23.58 19.98 -27.57
C LYS D 228 -23.90 18.57 -28.05
N PRO D 229 -22.92 17.65 -28.01
CA PRO D 229 -23.20 16.27 -28.41
C PRO D 229 -24.02 15.54 -27.37
N ILE D 230 -24.86 14.59 -27.84
CA ILE D 230 -25.77 13.85 -26.98
C ILE D 230 -25.84 12.40 -27.47
N LEU D 231 -25.59 11.45 -26.56
CA LEU D 231 -25.69 10.02 -26.85
C LEU D 231 -26.76 9.37 -25.95
N VAL D 232 -27.29 8.24 -26.41
CA VAL D 232 -28.42 7.58 -25.74
C VAL D 232 -28.25 6.05 -25.82
N ILE D 233 -28.63 5.37 -24.74
CA ILE D 233 -28.79 3.91 -24.72
C ILE D 233 -30.19 3.58 -24.24
N LYS D 234 -30.84 2.63 -24.92
CA LYS D 234 -32.23 2.28 -24.66
C LYS D 234 -32.39 0.76 -24.66
N SER D 235 -32.82 0.21 -23.53
CA SER D 235 -32.92 -1.23 -23.36
C SER D 235 -34.36 -1.71 -23.59
N GLY D 236 -34.52 -3.03 -23.62
CA GLY D 236 -35.83 -3.63 -23.79
C GLY D 236 -36.18 -3.91 -25.25
N ARG D 237 -35.31 -4.63 -25.95
CA ARG D 237 -35.53 -4.92 -27.37
C ARG D 237 -36.16 -6.28 -27.62
N SER D 238 -36.35 -7.11 -26.60
CA SER D 238 -36.86 -8.46 -26.76
C SER D 238 -38.12 -8.67 -25.93
N PRO D 239 -38.98 -9.61 -26.33
CA PRO D 239 -40.26 -9.77 -25.60
C PRO D 239 -40.09 -10.09 -24.12
N ALA D 240 -39.10 -10.92 -23.76
CA ALA D 240 -38.90 -11.25 -22.34
C ALA D 240 -38.49 -10.01 -21.54
N ALA D 241 -37.58 -9.22 -22.09
CA ALA D 241 -37.17 -7.99 -21.41
C ALA D 241 -38.35 -7.02 -21.31
N GLN D 242 -39.15 -6.91 -22.37
CA GLN D 242 -40.32 -6.03 -22.32
C GLN D 242 -41.29 -6.47 -21.24
N ARG D 243 -41.53 -7.77 -21.13
CA ARG D 243 -42.38 -8.27 -20.06
C ARG D 243 -41.78 -7.94 -18.69
N LEU D 244 -40.46 -8.11 -18.55
CA LEU D 244 -39.82 -7.82 -17.27
C LEU D 244 -39.98 -6.35 -16.88
N LEU D 245 -39.86 -5.45 -17.86
CA LEU D 245 -39.91 -4.01 -17.59
C LEU D 245 -41.32 -3.42 -17.73
N ASN D 246 -42.30 -4.20 -18.17
CA ASN D 246 -43.66 -3.71 -18.37
C ASN D 246 -43.70 -2.58 -19.41
N THR D 247 -43.10 -2.83 -20.56
CA THR D 247 -43.05 -1.87 -21.66
C THR D 247 -43.28 -2.57 -22.99
N THR D 248 -44.30 -3.42 -23.05
CA THR D 248 -44.59 -4.20 -24.25
C THR D 248 -45.31 -3.39 -25.32
N ALA D 249 -45.71 -2.15 -25.03
CA ALA D 249 -46.57 -1.40 -25.96
C ALA D 249 -45.81 -0.85 -27.16
N GLY D 250 -44.54 -0.47 -26.99
CA GLY D 250 -43.82 0.24 -28.02
C GLY D 250 -43.25 -0.65 -29.11
N MET D 251 -42.49 -0.02 -30.01
CA MET D 251 -41.85 -0.71 -31.13
C MET D 251 -40.48 -0.09 -31.36
N ASP D 252 -39.43 -0.93 -31.30
CA ASP D 252 -38.06 -0.43 -31.28
C ASP D 252 -37.64 0.32 -32.55
N PRO D 253 -37.97 -0.13 -33.76
CA PRO D 253 -37.60 0.67 -34.94
C PRO D 253 -38.14 2.09 -34.90
N ALA D 254 -39.29 2.31 -34.26
CA ALA D 254 -39.76 3.68 -34.07
C ALA D 254 -38.79 4.49 -33.22
N TRP D 255 -38.23 3.87 -32.17
CA TRP D 255 -37.19 4.54 -31.41
C TRP D 255 -35.98 4.86 -32.29
N ASP D 256 -35.57 3.91 -33.13
CA ASP D 256 -34.44 4.15 -34.02
C ASP D 256 -34.70 5.38 -34.90
N ALA D 257 -35.88 5.44 -35.51
CA ALA D 257 -36.22 6.55 -36.40
C ALA D 257 -36.26 7.87 -35.62
N ALA D 258 -36.90 7.87 -34.45
CA ALA D 258 -37.02 9.10 -33.67
C ALA D 258 -35.64 9.61 -33.25
N ILE D 259 -34.78 8.70 -32.79
CA ILE D 259 -33.44 9.11 -32.37
C ILE D 259 -32.68 9.70 -33.55
N GLN D 260 -32.76 9.07 -34.72
CA GLN D 260 -32.05 9.62 -35.88
C GLN D 260 -32.59 10.99 -36.28
N ARG D 261 -33.92 11.15 -36.30
CA ARG D 261 -34.49 12.41 -36.78
C ARG D 261 -34.09 13.60 -35.90
N ALA D 262 -33.89 13.37 -34.61
CA ALA D 262 -33.56 14.45 -33.68
C ALA D 262 -32.08 14.79 -33.65
N GLY D 263 -31.24 14.07 -34.39
CA GLY D 263 -29.83 14.38 -34.46
C GLY D 263 -28.96 13.71 -33.41
N LEU D 264 -29.45 12.70 -32.70
CA LEU D 264 -28.69 11.99 -31.69
C LEU D 264 -28.12 10.70 -32.27
N LEU D 265 -27.41 9.94 -31.43
CA LEU D 265 -26.80 8.67 -31.83
C LEU D 265 -27.05 7.63 -30.75
N ARG D 266 -27.45 6.43 -31.17
CA ARG D 266 -27.78 5.34 -30.26
C ARG D 266 -26.56 4.43 -30.04
N VAL D 267 -26.31 4.09 -28.78
CA VAL D 267 -25.23 3.19 -28.38
C VAL D 267 -25.85 1.84 -28.01
N GLN D 268 -25.07 0.77 -28.20
CA GLN D 268 -25.63 -0.58 -28.27
C GLN D 268 -25.62 -1.33 -26.94
N ASP D 269 -24.51 -1.32 -26.19
CA ASP D 269 -24.39 -2.18 -25.03
C ASP D 269 -23.52 -1.51 -23.96
N THR D 270 -23.28 -2.26 -22.86
CA THR D 270 -22.64 -1.69 -21.69
C THR D 270 -21.22 -1.23 -21.97
N HIS D 271 -20.44 -2.01 -22.73
CA HIS D 271 -19.07 -1.62 -23.02
C HIS D 271 -19.03 -0.28 -23.76
N GLU D 272 -19.88 -0.15 -24.78
CA GLU D 272 -19.94 1.09 -25.53
C GLU D 272 -20.34 2.27 -24.66
N LEU D 273 -21.12 2.03 -23.59
CA LEU D 273 -21.48 3.11 -22.68
C LEU D 273 -20.25 3.64 -21.93
N PHE D 274 -19.42 2.74 -21.42
CA PHE D 274 -18.19 3.14 -20.73
C PHE D 274 -17.28 3.91 -21.70
N SER D 275 -17.12 3.37 -22.92
CA SER D 275 -16.29 4.06 -23.90
C SER D 275 -16.87 5.43 -24.24
N ALA D 276 -18.20 5.55 -24.25
CA ALA D 276 -18.82 6.84 -24.52
C ALA D 276 -18.51 7.83 -23.42
N VAL D 277 -18.54 7.39 -22.17
CA VAL D 277 -18.16 8.27 -21.07
C VAL D 277 -16.74 8.79 -21.28
N GLU D 278 -15.80 7.89 -21.57
CA GLU D 278 -14.41 8.30 -21.77
C GLU D 278 -14.29 9.29 -22.95
N THR D 279 -14.95 8.99 -24.07
CA THR D 279 -14.82 9.81 -25.27
C THR D 279 -15.42 11.19 -25.07
N LEU D 280 -16.65 11.27 -24.55
CA LEU D 280 -17.25 12.58 -24.31
C LEU D 280 -16.44 13.36 -23.29
N SER D 281 -15.80 12.69 -22.33
CA SER D 281 -15.05 13.43 -21.32
C SER D 281 -13.75 14.01 -21.84
N HIS D 282 -12.98 13.27 -22.65
CA HIS D 282 -11.60 13.67 -22.89
C HIS D 282 -11.24 14.03 -24.34
N MET D 283 -11.91 13.48 -25.35
CA MET D 283 -11.43 13.62 -26.72
C MET D 283 -11.73 15.00 -27.30
N ARG D 284 -10.76 15.53 -28.05
CA ARG D 284 -10.95 16.79 -28.76
C ARG D 284 -11.88 16.60 -29.96
N PRO D 285 -12.76 17.56 -30.25
CA PRO D 285 -13.67 17.40 -31.39
C PRO D 285 -12.95 17.23 -32.71
N LEU D 286 -13.51 16.38 -33.57
CA LEU D 286 -12.91 16.05 -34.85
C LEU D 286 -13.10 17.18 -35.87
N ARG D 287 -12.11 17.33 -36.74
CA ARG D 287 -12.20 18.18 -37.91
C ARG D 287 -12.14 17.39 -39.22
N GLY D 288 -12.21 16.06 -39.15
CA GLY D 288 -12.14 15.25 -40.36
C GLY D 288 -12.22 13.79 -39.99
N ASP D 289 -12.03 12.93 -41.00
CA ASP D 289 -12.20 11.49 -40.83
C ASP D 289 -11.01 10.69 -41.37
N ARG D 290 -9.82 11.27 -41.42
CA ARG D 290 -8.61 10.58 -41.85
C ARG D 290 -7.81 10.13 -40.63
N LEU D 291 -7.46 8.84 -40.58
CA LEU D 291 -6.84 8.23 -39.41
C LEU D 291 -5.42 7.77 -39.73
N MET D 292 -4.51 7.98 -38.76
CA MET D 292 -3.13 7.51 -38.83
C MET D 292 -2.86 6.61 -37.63
N ILE D 293 -2.05 5.56 -37.84
CA ILE D 293 -1.79 4.54 -36.82
C ILE D 293 -0.30 4.25 -36.74
N ILE D 294 0.25 4.19 -35.52
CA ILE D 294 1.60 3.70 -35.28
C ILE D 294 1.57 2.70 -34.12
N SER D 295 2.55 1.81 -34.11
CA SER D 295 2.57 0.71 -33.14
C SER D 295 3.98 0.17 -33.00
N ASN D 296 4.23 -0.52 -31.87
CA ASN D 296 5.47 -1.27 -31.67
C ASN D 296 5.24 -2.77 -31.86
N GLY D 297 4.40 -3.11 -32.84
CA GLY D 297 4.06 -4.49 -33.16
C GLY D 297 3.04 -4.58 -34.28
N ALA D 298 3.04 -5.69 -35.03
CA ALA D 298 2.21 -5.78 -36.23
C ALA D 298 0.80 -6.26 -35.94
N ALA D 299 0.67 -7.35 -35.17
CA ALA D 299 -0.65 -7.97 -34.98
C ALA D 299 -1.70 -7.04 -34.37
N PRO D 300 -1.39 -6.24 -33.35
CA PRO D 300 -2.41 -5.29 -32.86
C PRO D 300 -2.87 -4.32 -33.93
N ALA D 301 -1.95 -3.85 -34.76
CA ALA D 301 -2.31 -2.97 -35.86
C ALA D 301 -3.21 -3.70 -36.86
N ALA D 302 -2.93 -4.98 -37.11
CA ALA D 302 -3.78 -5.74 -38.03
C ALA D 302 -5.19 -5.91 -37.48
N LEU D 303 -5.30 -6.17 -36.17
CA LEU D 303 -6.63 -6.24 -35.56
C LEU D 303 -7.36 -4.92 -35.68
N ALA D 304 -6.65 -3.81 -35.46
CA ALA D 304 -7.25 -2.49 -35.65
C ALA D 304 -7.74 -2.31 -37.08
N LEU D 305 -6.94 -2.72 -38.05
CA LEU D 305 -7.32 -2.56 -39.45
C LEU D 305 -8.56 -3.39 -39.77
N ASP D 306 -8.66 -4.61 -39.24
CA ASP D 306 -9.85 -5.43 -39.47
C ASP D 306 -11.09 -4.75 -38.89
N ALA D 307 -10.99 -4.23 -37.67
CA ALA D 307 -12.13 -3.55 -37.08
C ALA D 307 -12.53 -2.32 -37.91
N LEU D 308 -11.53 -1.57 -38.39
CA LEU D 308 -11.83 -0.38 -39.19
C LEU D 308 -12.51 -0.77 -40.51
N TRP D 309 -12.05 -1.85 -41.13
CA TRP D 309 -12.66 -2.28 -42.38
C TRP D 309 -14.11 -2.69 -42.17
N SER D 310 -14.41 -3.35 -41.06
CA SER D 310 -15.79 -3.79 -40.84
C SER D 310 -16.76 -2.62 -40.70
N ARG D 311 -16.28 -1.41 -40.41
CA ARG D 311 -17.15 -0.25 -40.21
C ARG D 311 -17.01 0.80 -41.31
N ASN D 312 -16.29 0.52 -42.39
CA ASN D 312 -16.18 1.43 -43.54
C ASN D 312 -15.48 2.72 -43.16
N GLY D 313 -14.30 2.60 -42.53
CA GLY D 313 -13.49 3.75 -42.20
C GLY D 313 -12.48 4.08 -43.29
N LYS D 314 -11.78 5.20 -43.10
CA LYS D 314 -10.85 5.73 -44.09
C LYS D 314 -9.46 5.86 -43.49
N LEU D 315 -8.47 5.29 -44.17
CA LEU D 315 -7.07 5.43 -43.81
C LEU D 315 -6.44 6.65 -44.50
N ALA D 316 -5.51 7.28 -43.80
CA ALA D 316 -4.79 8.42 -44.33
C ALA D 316 -3.65 7.98 -45.25
N THR D 317 -3.23 8.88 -46.14
CA THR D 317 -2.13 8.64 -47.07
C THR D 317 -1.02 9.65 -46.80
N LEU D 318 0.20 9.15 -46.64
CA LEU D 318 1.34 10.00 -46.37
C LEU D 318 1.78 10.73 -47.64
N SER D 319 2.31 11.93 -47.45
CA SER D 319 2.85 12.71 -48.56
C SER D 319 4.32 12.37 -48.78
N GLU D 320 4.81 12.72 -49.98
CA GLU D 320 6.19 12.39 -50.31
C GLU D 320 7.18 13.15 -49.43
N GLU D 321 6.83 14.40 -49.08
CA GLU D 321 7.76 15.22 -48.30
C GLU D 321 7.94 14.65 -46.90
N THR D 322 6.89 14.06 -46.32
CA THR D 322 6.99 13.46 -44.99
C THR D 322 7.98 12.30 -44.94
N CYS D 323 8.67 12.00 -46.04
CA CYS D 323 9.71 10.97 -46.04
C CYS D 323 10.96 11.41 -45.26
N GLN D 324 10.89 12.53 -44.55
CA GLN D 324 11.88 12.83 -43.53
C GLN D 324 12.00 11.71 -42.50
N LYS D 325 10.98 10.85 -42.41
CA LYS D 325 11.02 9.71 -41.50
C LYS D 325 12.13 8.75 -41.86
N LEU D 326 12.32 8.51 -43.17
CA LEU D 326 13.36 7.58 -43.59
C LEU D 326 14.74 8.05 -43.14
N ARG D 327 14.98 9.36 -43.23
CA ARG D 327 16.24 9.93 -42.75
C ARG D 327 16.30 10.07 -41.25
N ASP D 328 15.19 10.43 -40.60
CA ASP D 328 15.21 10.88 -39.21
C ASP D 328 15.37 9.69 -38.27
N ALA D 329 16.54 9.07 -38.36
CA ALA D 329 17.06 8.11 -37.39
C ALA D 329 16.21 6.86 -37.24
N LEU D 330 15.13 6.70 -38.03
CA LEU D 330 14.46 5.42 -37.99
C LEU D 330 15.34 4.38 -38.68
N PRO D 331 15.65 3.27 -38.02
CA PRO D 331 16.59 2.30 -38.61
C PRO D 331 16.14 1.87 -40.01
N GLU D 332 17.10 1.29 -40.74
CA GLU D 332 16.88 0.99 -42.15
C GLU D 332 15.84 -0.11 -42.36
N HIS D 333 15.59 -0.93 -41.33
CA HIS D 333 14.69 -2.06 -41.49
C HIS D 333 13.23 -1.72 -41.18
N VAL D 334 12.91 -0.45 -40.91
CA VAL D 334 11.52 -0.02 -40.71
C VAL D 334 10.98 0.43 -42.07
N ALA D 335 9.79 -0.05 -42.41
CA ALA D 335 9.13 0.32 -43.65
C ALA D 335 8.22 1.53 -43.42
N ILE D 336 8.33 2.53 -44.31
CA ILE D 336 7.65 3.80 -44.13
C ILE D 336 6.31 3.73 -44.85
N SER D 337 5.24 3.55 -44.09
CA SER D 337 3.87 3.56 -44.63
C SER D 337 2.90 3.62 -43.45
N ASN D 338 1.61 3.64 -43.77
CA ASN D 338 0.54 3.67 -42.77
C ASN D 338 -0.24 2.36 -42.83
N PRO D 339 -0.30 1.57 -41.75
CA PRO D 339 0.25 1.79 -40.40
C PRO D 339 1.77 1.71 -40.35
N LEU D 340 2.40 2.49 -39.47
CA LEU D 340 3.86 2.52 -39.33
C LEU D 340 4.25 1.58 -38.20
N ASP D 341 4.86 0.44 -38.56
CA ASP D 341 5.23 -0.59 -37.59
C ASP D 341 6.68 -0.36 -37.15
N LEU D 342 6.85 0.41 -36.09
CA LEU D 342 8.10 0.35 -35.33
C LEU D 342 8.17 -1.03 -34.69
N ARG D 343 9.34 -1.65 -34.73
CA ARG D 343 9.42 -3.07 -34.44
C ARG D 343 9.36 -3.33 -32.93
N ASP D 344 9.48 -4.61 -32.56
CA ASP D 344 9.38 -5.00 -31.16
C ASP D 344 10.46 -4.34 -30.31
N ASP D 345 11.59 -3.99 -30.91
CA ASP D 345 12.72 -3.41 -30.18
C ASP D 345 12.71 -1.89 -30.20
N ALA D 346 11.57 -1.27 -30.54
CA ALA D 346 11.48 0.17 -30.57
C ALA D 346 11.72 0.78 -29.19
N SER D 347 12.41 1.91 -29.16
CA SER D 347 12.68 2.66 -27.95
C SER D 347 11.83 3.93 -27.89
N SER D 348 11.84 4.57 -26.72
CA SER D 348 11.04 5.78 -26.53
C SER D 348 11.48 6.91 -27.46
N GLU D 349 12.79 7.02 -27.70
CA GLU D 349 13.29 8.08 -28.57
C GLU D 349 12.71 7.97 -29.97
N HIS D 350 12.56 6.74 -30.47
CA HIS D 350 11.93 6.53 -31.76
C HIS D 350 10.51 7.06 -31.77
N TYR D 351 9.76 6.76 -30.69
CA TYR D 351 8.41 7.30 -30.55
C TYR D 351 8.42 8.83 -30.63
N ILE D 352 9.31 9.47 -29.88
CA ILE D 352 9.29 10.93 -29.80
C ILE D 352 9.62 11.54 -31.16
N LYS D 353 10.64 11.00 -31.83
CA LYS D 353 11.00 11.53 -33.15
C LYS D 353 9.87 11.37 -34.15
N THR D 354 9.25 10.18 -34.19
CA THR D 354 8.14 9.97 -35.10
C THR D 354 6.98 10.91 -34.79
N LEU D 355 6.66 11.09 -33.51
CA LEU D 355 5.57 11.98 -33.13
C LEU D 355 5.82 13.40 -33.58
N ASP D 356 7.04 13.91 -33.37
CA ASP D 356 7.35 15.26 -33.82
C ASP D 356 7.15 15.41 -35.32
N ILE D 357 7.75 14.50 -36.10
CA ILE D 357 7.66 14.63 -37.55
C ILE D 357 6.21 14.55 -38.01
N LEU D 358 5.44 13.60 -37.45
CA LEU D 358 4.06 13.46 -37.88
C LEU D 358 3.23 14.69 -37.52
N LEU D 359 3.42 15.24 -36.32
CA LEU D 359 2.62 16.38 -35.90
C LEU D 359 2.94 17.62 -36.73
N HIS D 360 4.17 17.73 -37.27
CA HIS D 360 4.43 18.91 -38.10
C HIS D 360 3.82 18.81 -39.51
N SER D 361 3.06 17.78 -39.83
CA SER D 361 2.45 17.64 -41.16
C SER D 361 0.94 17.91 -41.09
N GLN D 362 0.29 17.84 -42.26
CA GLN D 362 -1.14 18.11 -42.38
C GLN D 362 -1.85 16.99 -43.14
N ASP D 363 -1.38 15.75 -42.96
CA ASP D 363 -1.88 14.63 -43.75
C ASP D 363 -3.01 13.84 -43.09
N PHE D 364 -3.41 14.19 -41.86
CA PHE D 364 -4.38 13.38 -41.14
C PHE D 364 -5.13 14.24 -40.13
N ASP D 365 -6.27 13.69 -39.66
CA ASP D 365 -7.11 14.38 -38.70
C ASP D 365 -7.10 13.75 -37.31
N ALA D 366 -6.67 12.50 -37.17
CA ALA D 366 -6.60 11.83 -35.88
C ALA D 366 -5.43 10.85 -35.87
N LEU D 367 -4.89 10.57 -34.69
CA LEU D 367 -3.68 9.77 -34.54
C LEU D 367 -3.85 8.74 -33.42
N MET D 368 -3.65 7.47 -33.75
CA MET D 368 -3.76 6.35 -32.83
C MET D 368 -2.37 5.82 -32.49
N VAL D 369 -2.08 5.67 -31.20
CA VAL D 369 -0.75 5.25 -30.71
C VAL D 369 -0.92 3.99 -29.87
N ILE D 370 -0.35 2.88 -30.34
CA ILE D 370 -0.43 1.57 -29.67
C ILE D 370 0.91 1.24 -29.03
N HIS D 371 0.89 0.75 -27.79
CA HIS D 371 2.09 0.31 -27.09
C HIS D 371 1.85 -1.05 -26.43
N SER D 372 2.77 -2.00 -26.70
CA SER D 372 2.73 -3.32 -26.09
C SER D 372 3.92 -3.52 -25.14
N PRO D 373 3.79 -4.39 -24.14
CA PRO D 373 4.87 -4.54 -23.16
C PRO D 373 6.18 -4.97 -23.81
N SER D 374 7.28 -4.37 -23.37
CA SER D 374 8.57 -4.65 -23.96
C SER D 374 9.66 -4.19 -23.00
N ALA D 375 10.85 -4.78 -23.15
CA ALA D 375 12.00 -4.40 -22.33
C ALA D 375 12.62 -3.09 -22.78
N ALA D 376 12.63 -2.81 -24.08
CA ALA D 376 13.29 -1.61 -24.58
C ALA D 376 12.51 -0.34 -24.27
N ALA D 377 11.18 -0.42 -24.15
CA ALA D 377 10.33 0.76 -23.91
C ALA D 377 9.38 0.47 -22.75
N PRO D 378 9.79 0.78 -21.52
CA PRO D 378 8.88 0.61 -20.38
C PRO D 378 7.67 1.53 -20.47
N ALA D 379 6.55 1.05 -19.92
CA ALA D 379 5.27 1.73 -20.13
C ALA D 379 5.25 3.13 -19.54
N THR D 380 5.65 3.27 -18.28
CA THR D 380 5.51 4.56 -17.58
C THR D 380 6.37 5.63 -18.25
N GLU D 381 7.62 5.29 -18.55
CA GLU D 381 8.54 6.27 -19.17
C GLU D 381 8.04 6.69 -20.54
N SER D 382 7.59 5.74 -21.35
CA SER D 382 7.07 6.06 -22.67
C SER D 382 5.86 6.98 -22.57
N ALA D 383 4.95 6.69 -21.63
CA ALA D 383 3.78 7.55 -21.44
C ALA D 383 4.20 8.96 -21.04
N GLN D 384 5.17 9.08 -20.13
CA GLN D 384 5.62 10.39 -19.68
C GLN D 384 6.19 11.20 -20.83
N VAL D 385 7.06 10.57 -21.64
CA VAL D 385 7.71 11.30 -22.73
C VAL D 385 6.67 11.69 -23.79
N LEU D 386 5.70 10.80 -24.05
CA LEU D 386 4.63 11.15 -24.99
C LEU D 386 3.84 12.36 -24.49
N ILE D 387 3.52 12.37 -23.19
CA ILE D 387 2.73 13.47 -22.64
C ILE D 387 3.49 14.79 -22.80
N GLU D 388 4.77 14.80 -22.46
CA GLU D 388 5.55 16.03 -22.58
C GLU D 388 5.64 16.47 -24.04
N ALA D 389 5.91 15.54 -24.95
CA ALA D 389 6.04 15.87 -26.37
C ALA D 389 4.75 16.48 -26.90
N VAL D 390 3.60 15.92 -26.52
CA VAL D 390 2.33 16.48 -26.97
C VAL D 390 2.11 17.86 -26.36
N LYS D 391 2.50 18.03 -25.09
CA LYS D 391 2.27 19.32 -24.42
C LYS D 391 3.04 20.44 -25.11
N HIS D 392 4.30 20.19 -25.50
CA HIS D 392 5.15 21.27 -25.98
C HIS D 392 5.06 21.52 -27.48
N HIS D 393 4.19 20.81 -28.23
CA HIS D 393 4.21 20.97 -29.68
C HIS D 393 3.27 22.10 -30.11
N PRO D 394 3.71 23.01 -30.99
CA PRO D 394 2.85 24.15 -31.35
C PRO D 394 1.56 23.76 -32.06
N ARG D 395 1.56 22.69 -32.86
CA ARG D 395 0.42 22.33 -33.69
C ARG D 395 -0.43 21.21 -33.09
N SER D 396 -0.27 20.93 -31.79
CA SER D 396 -0.99 19.81 -31.19
C SER D 396 -2.49 20.03 -31.18
N LYS D 397 -2.94 21.28 -31.12
CA LYS D 397 -4.37 21.56 -30.98
C LYS D 397 -5.15 21.43 -32.29
N TYR D 398 -4.51 21.00 -33.39
CA TYR D 398 -5.19 20.80 -34.66
C TYR D 398 -5.62 19.36 -34.90
N VAL D 399 -5.26 18.42 -34.03
CA VAL D 399 -5.57 17.00 -34.25
C VAL D 399 -6.06 16.37 -32.94
N SER D 400 -6.74 15.23 -33.09
CA SER D 400 -7.28 14.48 -31.95
C SER D 400 -6.39 13.27 -31.67
N LEU D 401 -5.93 13.15 -30.42
CA LEU D 401 -5.08 12.05 -29.98
C LEU D 401 -5.91 10.94 -29.35
N LEU D 402 -5.48 9.70 -29.58
CA LEU D 402 -6.04 8.53 -28.92
C LEU D 402 -4.91 7.57 -28.58
N THR D 403 -4.98 6.98 -27.38
CA THR D 403 -3.95 6.07 -26.89
C THR D 403 -4.56 4.72 -26.51
N ASN D 404 -3.78 3.66 -26.71
CA ASN D 404 -4.21 2.28 -26.42
C ASN D 404 -2.98 1.51 -25.94
N TRP D 405 -2.84 1.39 -24.62
CA TRP D 405 -1.67 0.77 -23.99
C TRP D 405 -2.10 -0.57 -23.43
N CYS D 406 -1.70 -1.65 -24.12
CA CYS D 406 -2.15 -2.99 -23.77
C CYS D 406 -1.30 -3.57 -22.65
N GLY D 407 -1.94 -4.42 -21.84
CA GLY D 407 -1.29 -5.02 -20.69
C GLY D 407 -1.88 -4.51 -19.40
N GLU D 408 -2.77 -5.29 -18.79
CA GLU D 408 -3.57 -4.78 -17.67
C GLU D 408 -2.71 -4.49 -16.45
N HIS D 409 -1.80 -5.41 -16.09
CA HIS D 409 -1.06 -5.25 -14.85
C HIS D 409 -0.05 -4.10 -14.92
N SER D 410 0.68 -4.00 -16.03
CA SER D 410 1.84 -3.12 -16.10
C SER D 410 1.52 -1.69 -16.54
N SER D 411 0.29 -1.39 -16.96
CA SER D 411 -0.03 -0.07 -17.50
C SER D 411 -0.97 0.74 -16.61
N GLN D 412 -1.13 0.34 -15.35
CA GLN D 412 -2.03 1.07 -14.45
C GLN D 412 -1.57 2.51 -14.25
N GLU D 413 -0.30 2.69 -13.89
CA GLU D 413 0.22 4.03 -13.64
C GLU D 413 0.21 4.87 -14.92
N ALA D 414 0.49 4.24 -16.06
CA ALA D 414 0.45 4.97 -17.32
C ALA D 414 -0.96 5.48 -17.62
N ARG D 415 -1.98 4.64 -17.42
CA ARG D 415 -3.35 5.10 -17.64
C ARG D 415 -3.72 6.21 -16.66
N ARG D 416 -3.27 6.10 -15.41
CA ARG D 416 -3.53 7.17 -14.45
C ARG D 416 -2.91 8.48 -14.92
N LEU D 417 -1.66 8.44 -15.39
CA LEU D 417 -1.01 9.65 -15.89
C LEU D 417 -1.72 10.21 -17.10
N PHE D 418 -2.19 9.35 -18.01
CA PHE D 418 -2.95 9.85 -19.15
C PHE D 418 -4.21 10.56 -18.69
N SER D 419 -4.86 10.04 -17.64
CA SER D 419 -6.10 10.66 -17.16
C SER D 419 -5.86 12.08 -16.67
N GLU D 420 -4.78 12.31 -15.92
CA GLU D 420 -4.56 13.63 -15.33
C GLU D 420 -4.26 14.68 -16.39
N ALA D 421 -3.71 14.28 -17.53
CA ALA D 421 -3.36 15.21 -18.59
C ALA D 421 -4.48 15.43 -19.60
N GLY D 422 -5.60 14.74 -19.44
CA GLY D 422 -6.74 14.93 -20.33
C GLY D 422 -6.70 14.20 -21.64
N LEU D 423 -5.83 13.17 -21.79
CA LEU D 423 -5.76 12.40 -23.03
C LEU D 423 -6.60 11.13 -22.91
N PRO D 424 -7.41 10.79 -23.91
CA PRO D 424 -8.22 9.56 -23.81
C PRO D 424 -7.37 8.31 -23.97
N THR D 425 -7.81 7.24 -23.28
CA THR D 425 -7.09 5.97 -23.27
C THR D 425 -8.10 4.82 -23.22
N TYR D 426 -7.77 3.73 -23.91
CA TYR D 426 -8.69 2.60 -24.07
C TYR D 426 -7.95 1.28 -23.89
N ARG D 427 -8.72 0.22 -23.61
CA ARG D 427 -8.14 -1.06 -23.20
C ARG D 427 -7.71 -1.92 -24.38
N THR D 428 -8.43 -1.92 -25.49
CA THR D 428 -8.14 -2.75 -26.64
C THR D 428 -8.22 -1.93 -27.91
N PRO D 429 -7.55 -2.37 -28.99
CA PRO D 429 -7.60 -1.59 -30.23
C PRO D 429 -8.99 -1.54 -30.86
N GLU D 430 -9.74 -2.63 -30.79
CA GLU D 430 -11.09 -2.64 -31.36
C GLU D 430 -11.98 -1.61 -30.67
N GLY D 431 -11.88 -1.52 -29.35
CA GLY D 431 -12.62 -0.47 -28.64
C GLY D 431 -12.23 0.93 -29.10
N THR D 432 -10.94 1.15 -29.33
CA THR D 432 -10.48 2.46 -29.80
C THR D 432 -11.11 2.80 -31.14
N ILE D 433 -11.08 1.84 -32.08
CA ILE D 433 -11.68 2.07 -33.39
C ILE D 433 -13.17 2.36 -33.25
N THR D 434 -13.87 1.59 -32.41
CA THR D 434 -15.31 1.82 -32.22
C THR D 434 -15.58 3.22 -31.69
N ALA D 435 -14.79 3.67 -30.71
CA ALA D 435 -14.98 5.00 -30.15
C ALA D 435 -14.80 6.07 -31.21
N PHE D 436 -13.75 5.95 -32.03
CA PHE D 436 -13.50 6.92 -33.10
C PHE D 436 -14.66 6.95 -34.10
N MET D 437 -15.11 5.77 -34.52
CA MET D 437 -16.15 5.71 -35.56
C MET D 437 -17.49 6.21 -35.04
N HIS D 438 -17.74 6.11 -33.73
CA HIS D 438 -18.98 6.68 -33.19
C HIS D 438 -19.09 8.17 -33.50
N MET D 439 -18.02 8.93 -33.21
CA MET D 439 -18.04 10.36 -33.48
C MET D 439 -18.04 10.65 -34.97
N VAL D 440 -17.31 9.86 -35.76
CA VAL D 440 -17.37 10.04 -37.21
C VAL D 440 -18.81 9.96 -37.70
N GLU D 441 -19.53 8.91 -37.27
CA GLU D 441 -20.91 8.72 -37.72
C GLU D 441 -21.84 9.83 -37.20
N TYR D 442 -21.64 10.26 -35.96
CA TYR D 442 -22.47 11.35 -35.42
C TYR D 442 -22.35 12.59 -36.30
N ARG D 443 -21.12 13.00 -36.62
CA ARG D 443 -20.93 14.17 -37.47
C ARG D 443 -21.53 13.95 -38.85
N ARG D 444 -21.36 12.76 -39.41
CA ARG D 444 -21.92 12.49 -40.74
C ARG D 444 -23.44 12.65 -40.75
N ASN D 445 -24.12 12.10 -39.75
CA ASN D 445 -25.58 12.21 -39.70
C ASN D 445 -26.01 13.67 -39.57
N GLN D 446 -25.34 14.44 -38.70
CA GLN D 446 -25.73 15.84 -38.55
C GLN D 446 -25.54 16.60 -39.86
N LYS D 447 -24.43 16.34 -40.57
CA LYS D 447 -24.24 17.01 -41.86
C LYS D 447 -25.30 16.60 -42.87
N GLN D 448 -25.65 15.30 -42.91
CA GLN D 448 -26.60 14.84 -43.90
C GLN D 448 -27.98 15.45 -43.69
N LEU D 449 -28.37 15.68 -42.43
CA LEU D 449 -29.72 16.20 -42.20
C LEU D 449 -29.94 17.61 -42.73
N ARG D 450 -28.89 18.35 -43.11
CA ARG D 450 -29.03 19.78 -43.37
C ARG D 450 -28.68 20.21 -44.79
N GLU D 451 -28.62 19.30 -45.75
CA GLU D 451 -28.38 19.72 -47.13
C GLU D 451 -29.65 20.32 -47.73
N THR D 452 -29.50 21.01 -48.86
CA THR D 452 -30.61 21.73 -49.48
C THR D 452 -31.49 20.77 -50.28
N PRO D 453 -32.80 20.70 -49.99
CA PRO D 453 -33.68 19.87 -50.82
C PRO D 453 -33.91 20.49 -52.19
N ALA D 454 -34.25 19.63 -53.14
CA ALA D 454 -34.66 20.06 -54.47
C ALA D 454 -36.18 20.20 -54.54
N LEU D 455 -36.64 21.10 -55.39
CA LEU D 455 -38.08 21.32 -55.52
C LEU D 455 -38.76 20.08 -56.08
N PRO D 456 -39.98 19.77 -55.67
CA PRO D 456 -40.69 18.62 -56.24
C PRO D 456 -41.32 18.97 -57.58
N SER D 457 -41.84 17.95 -58.25
CA SER D 457 -42.39 18.09 -59.58
C SER D 457 -43.87 18.46 -59.56
N ASN D 458 -44.23 19.45 -58.74
CA ASN D 458 -45.58 20.02 -58.71
C ASN D 458 -46.64 18.91 -58.77
N LEU D 459 -46.51 17.94 -57.87
CA LEU D 459 -47.38 16.78 -57.89
C LEU D 459 -48.83 17.18 -57.56
N THR D 460 -49.77 16.36 -58.01
CA THR D 460 -51.18 16.59 -57.74
C THR D 460 -51.56 16.05 -56.36
N SER D 461 -52.49 16.76 -55.72
CA SER D 461 -53.05 16.29 -54.44
C SER D 461 -54.50 16.78 -54.38
N ASN D 462 -55.43 15.93 -54.81
CA ASN D 462 -56.86 16.25 -54.77
C ASN D 462 -57.43 15.70 -53.47
N THR D 463 -57.28 16.49 -52.40
CA THR D 463 -57.71 16.04 -51.08
C THR D 463 -59.21 15.83 -51.04
N ALA D 464 -59.98 16.71 -51.69
CA ALA D 464 -61.43 16.62 -51.63
C ALA D 464 -61.94 15.31 -52.23
N GLU D 465 -61.39 14.90 -53.36
CA GLU D 465 -61.83 13.67 -54.00
C GLU D 465 -61.56 12.46 -53.12
N ALA D 466 -60.33 12.38 -52.56
CA ALA D 466 -59.98 11.26 -51.71
C ALA D 466 -60.85 11.23 -50.46
N HIS D 467 -61.09 12.38 -49.85
CA HIS D 467 -61.94 12.43 -48.67
C HIS D 467 -63.36 12.00 -49.00
N LEU D 468 -63.89 12.45 -50.15
CA LEU D 468 -65.23 12.07 -50.55
C LEU D 468 -65.33 10.56 -50.73
N LEU D 469 -64.36 9.97 -51.42
CA LEU D 469 -64.40 8.53 -51.65
C LEU D 469 -64.28 7.76 -50.34
N LEU D 470 -63.39 8.18 -49.45
CA LEU D 470 -63.23 7.49 -48.17
C LEU D 470 -64.49 7.60 -47.32
N GLN D 471 -65.13 8.77 -47.31
CA GLN D 471 -66.37 8.93 -46.57
C GLN D 471 -67.47 8.04 -47.14
N GLN D 472 -67.57 7.98 -48.47
CA GLN D 472 -68.53 7.06 -49.08
C GLN D 472 -68.24 5.62 -48.67
N ALA D 473 -66.98 5.22 -48.66
CA ALA D 473 -66.63 3.86 -48.29
C ALA D 473 -67.03 3.56 -46.85
N ILE D 474 -66.75 4.46 -45.92
CA ILE D 474 -67.11 4.22 -44.53
C ILE D 474 -68.61 4.26 -44.34
N ALA D 475 -69.33 4.99 -45.20
CA ALA D 475 -70.77 5.12 -45.02
C ALA D 475 -71.49 3.79 -45.15
N GLU D 476 -70.88 2.82 -45.84
CA GLU D 476 -71.48 1.51 -46.07
C GLU D 476 -70.96 0.45 -45.11
N GLY D 477 -70.24 0.85 -44.06
CA GLY D 477 -69.71 -0.10 -43.11
C GLY D 477 -68.44 -0.78 -43.54
N ALA D 478 -67.79 -0.32 -44.61
CA ALA D 478 -66.57 -0.94 -45.06
C ALA D 478 -65.46 -0.78 -44.03
N THR D 479 -64.72 -1.86 -43.80
CA THR D 479 -63.58 -1.84 -42.89
C THR D 479 -62.24 -1.95 -43.61
N SER D 480 -62.22 -2.50 -44.82
CA SER D 480 -61.00 -2.59 -45.60
C SER D 480 -61.34 -2.47 -47.08
N LEU D 481 -60.35 -2.09 -47.87
CA LEU D 481 -60.52 -1.92 -49.31
C LEU D 481 -59.39 -2.62 -50.05
N ASP D 482 -59.71 -3.15 -51.24
CA ASP D 482 -58.75 -3.88 -52.04
C ASP D 482 -58.26 -3.00 -53.20
N THR D 483 -57.45 -3.61 -54.07
CA THR D 483 -56.77 -2.85 -55.11
C THR D 483 -57.76 -2.13 -56.03
N HIS D 484 -58.82 -2.82 -56.43
CA HIS D 484 -59.78 -2.22 -57.36
C HIS D 484 -60.38 -0.95 -56.77
N GLU D 485 -60.80 -0.99 -55.51
CA GLU D 485 -61.48 0.14 -54.90
C GLU D 485 -60.51 1.26 -54.52
N VAL D 486 -59.24 0.93 -54.28
CA VAL D 486 -58.26 1.94 -53.88
C VAL D 486 -57.52 2.55 -55.05
N GLN D 487 -57.69 2.01 -56.27
CA GLN D 487 -57.04 2.61 -57.43
C GLN D 487 -57.35 4.09 -57.58
N PRO D 488 -58.60 4.55 -57.51
CA PRO D 488 -58.85 5.99 -57.69
C PRO D 488 -58.23 6.86 -56.62
N ILE D 489 -58.21 6.39 -55.37
CA ILE D 489 -57.62 7.17 -54.28
C ILE D 489 -56.13 7.36 -54.53
N LEU D 490 -55.44 6.30 -54.92
CA LEU D 490 -54.02 6.43 -55.28
C LEU D 490 -53.84 7.37 -56.46
N GLN D 491 -54.71 7.25 -57.47
CA GLN D 491 -54.58 8.11 -58.64
C GLN D 491 -54.78 9.58 -58.28
N ALA D 492 -55.58 9.87 -57.25
CA ALA D 492 -55.82 11.26 -56.88
C ALA D 492 -54.52 11.95 -56.45
N TYR D 493 -53.57 11.19 -55.92
CA TYR D 493 -52.28 11.74 -55.49
C TYR D 493 -51.16 11.43 -56.47
N GLY D 494 -51.48 10.94 -57.67
CA GLY D 494 -50.49 10.80 -58.72
C GLY D 494 -49.73 9.50 -58.75
N MET D 495 -50.25 8.44 -58.14
CA MET D 495 -49.57 7.15 -58.10
C MET D 495 -50.25 6.19 -59.08
N ASN D 496 -49.45 5.55 -59.92
CA ASN D 496 -49.97 4.63 -60.92
C ASN D 496 -50.29 3.27 -60.30
N THR D 497 -51.28 2.61 -60.88
CA THR D 497 -51.73 1.30 -60.43
C THR D 497 -52.08 0.45 -61.63
N LEU D 498 -52.18 -0.85 -61.42
CA LEU D 498 -52.61 -1.74 -62.48
C LEU D 498 -54.06 -1.47 -62.84
N PRO D 499 -54.48 -1.76 -64.07
CA PRO D 499 -55.78 -1.29 -64.54
C PRO D 499 -56.93 -1.88 -63.74
N THR D 500 -58.04 -1.12 -63.69
CA THR D 500 -59.21 -1.49 -62.90
C THR D 500 -60.46 -1.30 -63.76
N TRP D 501 -60.96 -2.39 -64.33
CA TRP D 501 -62.20 -2.39 -65.09
C TRP D 501 -63.06 -3.58 -64.69
N ILE D 502 -64.37 -3.47 -64.92
CA ILE D 502 -65.34 -4.45 -64.41
C ILE D 502 -65.31 -5.72 -65.24
N ALA D 503 -65.88 -6.78 -64.68
CA ALA D 503 -66.02 -8.07 -65.37
C ALA D 503 -67.15 -8.86 -64.71
N SER D 504 -67.68 -9.83 -65.44
CA SER D 504 -68.80 -10.65 -65.01
C SER D 504 -68.30 -11.98 -64.44
N ASP D 505 -69.21 -12.95 -64.28
CA ASP D 505 -68.97 -14.12 -63.44
C ASP D 505 -67.96 -15.07 -64.08
N SER D 506 -67.80 -16.25 -63.48
CA SER D 506 -66.70 -17.15 -63.85
C SER D 506 -66.75 -17.51 -65.33
N THR D 507 -67.95 -17.71 -65.88
CA THR D 507 -68.05 -17.95 -67.31
C THR D 507 -67.43 -16.80 -68.09
N GLU D 508 -67.58 -15.57 -67.59
CA GLU D 508 -66.91 -14.41 -68.18
C GLU D 508 -65.46 -14.29 -67.73
N ALA D 509 -65.06 -15.00 -66.68
CA ALA D 509 -63.65 -14.97 -66.26
C ALA D 509 -62.75 -15.42 -67.40
N VAL D 510 -63.06 -16.58 -67.99
CA VAL D 510 -62.24 -17.09 -69.09
C VAL D 510 -62.34 -16.17 -70.30
N HIS D 511 -63.53 -15.62 -70.55
CA HIS D 511 -63.70 -14.76 -71.72
C HIS D 511 -62.85 -13.50 -71.58
N ILE D 512 -62.83 -12.89 -70.40
CA ILE D 512 -62.01 -11.69 -70.20
C ILE D 512 -60.54 -12.06 -70.18
N ALA D 513 -60.20 -13.26 -69.73
CA ALA D 513 -58.82 -13.72 -69.80
C ALA D 513 -58.36 -13.82 -71.25
N GLU D 514 -59.22 -14.34 -72.13
CA GLU D 514 -58.90 -14.47 -73.55
C GLU D 514 -59.14 -13.18 -74.33
N GLN D 515 -59.77 -12.17 -73.72
CA GLN D 515 -59.97 -10.90 -74.41
C GLN D 515 -58.67 -10.36 -74.99
N ILE D 516 -57.53 -10.72 -74.38
CA ILE D 516 -56.22 -10.47 -74.98
C ILE D 516 -55.45 -11.76 -75.23
N GLY D 517 -55.93 -12.89 -74.75
CA GLY D 517 -55.27 -14.16 -75.00
C GLY D 517 -53.92 -14.31 -74.32
N TYR D 518 -53.79 -13.83 -73.10
CA TYR D 518 -52.57 -13.90 -72.33
C TYR D 518 -52.92 -13.82 -70.86
N PRO D 519 -51.99 -14.14 -69.96
CA PRO D 519 -52.27 -13.98 -68.54
C PRO D 519 -52.59 -12.53 -68.21
N VAL D 520 -53.58 -12.34 -67.32
CA VAL D 520 -53.99 -11.02 -66.86
C VAL D 520 -54.56 -11.16 -65.46
N ALA D 521 -54.60 -10.05 -64.73
CA ALA D 521 -54.99 -10.07 -63.32
C ALA D 521 -56.51 -10.00 -63.19
N LEU D 522 -57.13 -11.15 -62.90
CA LEU D 522 -58.52 -11.22 -62.48
C LEU D 522 -58.56 -11.60 -61.01
N LYS D 523 -59.40 -10.91 -60.25
CA LYS D 523 -59.50 -11.14 -58.81
C LYS D 523 -60.84 -11.76 -58.45
N LEU D 524 -60.79 -12.80 -57.62
CA LEU D 524 -61.97 -13.38 -56.98
C LEU D 524 -61.63 -13.49 -55.50
N ARG D 525 -62.49 -12.95 -54.64
CA ARG D 525 -62.14 -12.70 -53.26
C ARG D 525 -63.31 -13.03 -52.35
N SER D 526 -62.98 -13.25 -51.08
CA SER D 526 -63.94 -13.28 -49.99
C SER D 526 -63.60 -12.15 -49.03
N PRO D 527 -64.54 -11.26 -48.72
CA PRO D 527 -64.19 -10.10 -47.89
C PRO D 527 -64.12 -10.44 -46.41
N ASP D 528 -64.87 -11.46 -45.99
CA ASP D 528 -64.91 -11.80 -44.57
C ASP D 528 -63.73 -12.67 -44.17
N ILE D 529 -63.05 -13.28 -45.14
CA ILE D 529 -61.94 -14.19 -44.84
C ILE D 529 -60.83 -13.38 -44.17
N PRO D 530 -60.39 -13.75 -42.95
CA PRO D 530 -59.33 -12.97 -42.30
C PRO D 530 -58.01 -12.96 -43.07
N HIS D 531 -57.66 -14.05 -43.75
CA HIS D 531 -56.33 -14.23 -44.32
C HIS D 531 -56.40 -14.34 -45.84
N LYS D 532 -55.30 -13.98 -46.48
CA LYS D 532 -55.15 -14.06 -47.92
C LYS D 532 -54.32 -15.28 -48.36
N SER D 533 -54.03 -16.21 -47.45
CA SER D 533 -53.29 -17.40 -47.85
C SER D 533 -54.18 -18.36 -48.63
N GLU D 534 -55.49 -18.32 -48.37
CA GLU D 534 -56.41 -19.21 -49.07
C GLU D 534 -56.37 -18.97 -50.58
N VAL D 535 -56.07 -17.74 -51.00
CA VAL D 535 -56.20 -17.37 -52.40
C VAL D 535 -55.28 -18.21 -53.28
N GLN D 536 -54.02 -18.35 -52.88
CA GLN D 536 -53.03 -19.13 -53.64
C GLN D 536 -53.09 -18.76 -55.12
N GLY D 537 -53.43 -17.50 -55.40
CA GLY D 537 -53.64 -17.05 -56.76
C GLY D 537 -52.59 -16.09 -57.26
N VAL D 538 -51.72 -16.57 -58.15
CA VAL D 538 -50.75 -15.74 -58.84
C VAL D 538 -50.66 -16.22 -60.30
N MET D 539 -50.68 -15.26 -61.21
CA MET D 539 -50.64 -15.54 -62.64
C MET D 539 -49.19 -15.69 -63.09
N LEU D 540 -48.70 -16.93 -63.09
CA LEU D 540 -47.34 -17.24 -63.51
C LEU D 540 -47.41 -18.58 -64.24
N TYR D 541 -47.33 -18.52 -65.57
CA TYR D 541 -47.45 -19.69 -66.45
C TYR D 541 -48.90 -20.18 -66.53
N LEU D 542 -49.83 -19.23 -66.37
CA LEU D 542 -51.22 -19.44 -66.78
C LEU D 542 -51.47 -18.80 -68.15
N ARG D 543 -50.68 -19.22 -69.15
CA ARG D 543 -50.59 -18.51 -70.41
C ARG D 543 -51.52 -19.06 -71.49
N THR D 544 -51.33 -20.31 -71.89
CA THR D 544 -51.95 -20.82 -73.09
C THR D 544 -53.46 -20.88 -72.92
N ALA D 545 -54.18 -20.73 -74.04
CA ALA D 545 -55.64 -20.79 -73.99
C ALA D 545 -56.10 -22.07 -73.34
N ASN D 546 -55.42 -23.19 -73.61
CA ASN D 546 -55.70 -24.42 -72.88
C ASN D 546 -55.36 -24.25 -71.40
N GLU D 547 -54.22 -23.63 -71.10
CA GLU D 547 -53.88 -23.33 -69.72
C GLU D 547 -54.91 -22.43 -69.08
N VAL D 548 -55.29 -21.35 -69.78
CA VAL D 548 -56.32 -20.46 -69.23
C VAL D 548 -57.57 -21.25 -68.91
N GLN D 549 -58.13 -21.97 -69.89
CA GLN D 549 -59.34 -22.73 -69.65
C GLN D 549 -59.20 -23.64 -68.45
N GLN D 550 -58.27 -24.60 -68.52
CA GLN D 550 -58.21 -25.64 -67.49
C GLN D 550 -57.88 -25.05 -66.12
N ALA D 551 -56.80 -24.27 -66.03
CA ALA D 551 -56.37 -23.74 -64.74
C ALA D 551 -57.42 -22.83 -64.14
N ALA D 552 -58.00 -21.93 -64.96
CA ALA D 552 -58.99 -21.00 -64.43
C ALA D 552 -60.24 -21.73 -63.95
N ASN D 553 -60.72 -22.71 -64.72
CA ASN D 553 -61.92 -23.42 -64.29
C ASN D 553 -61.67 -24.21 -63.00
N ALA D 554 -60.51 -24.89 -62.93
CA ALA D 554 -60.18 -25.63 -61.71
C ALA D 554 -60.03 -24.69 -60.53
N ILE D 555 -59.44 -23.52 -60.76
CA ILE D 555 -59.25 -22.55 -59.68
C ILE D 555 -60.59 -22.03 -59.20
N PHE D 556 -61.51 -21.77 -60.12
CA PHE D 556 -62.86 -21.37 -59.71
C PHE D 556 -63.50 -22.44 -58.85
N ASP D 557 -63.45 -23.70 -59.30
CA ASP D 557 -64.02 -24.78 -58.51
C ASP D 557 -63.42 -24.82 -57.12
N ARG D 558 -62.08 -24.81 -57.03
CA ARG D 558 -61.42 -24.92 -55.74
C ARG D 558 -61.75 -23.75 -54.84
N VAL D 559 -61.73 -22.52 -55.37
CA VAL D 559 -61.92 -21.35 -54.53
C VAL D 559 -63.37 -21.28 -54.03
N LYS D 560 -64.34 -21.62 -54.89
CA LYS D 560 -65.73 -21.46 -54.49
C LYS D 560 -66.24 -22.67 -53.69
N MET D 561 -65.55 -23.81 -53.76
CA MET D 561 -66.03 -24.95 -52.99
C MET D 561 -65.68 -24.84 -51.51
N ALA D 562 -64.74 -23.95 -51.17
CA ALA D 562 -64.18 -23.92 -49.82
C ALA D 562 -65.19 -23.55 -48.74
N TRP D 563 -65.91 -22.43 -48.92
CA TRP D 563 -66.68 -21.87 -47.82
C TRP D 563 -68.07 -21.44 -48.28
N PRO D 564 -69.14 -22.04 -47.74
CA PRO D 564 -70.50 -21.61 -48.11
C PRO D 564 -70.96 -20.35 -47.40
N GLN D 565 -70.57 -20.20 -46.13
CA GLN D 565 -71.07 -19.08 -45.32
C GLN D 565 -70.53 -17.74 -45.83
N ALA D 566 -69.30 -17.73 -46.34
CA ALA D 566 -68.66 -16.46 -46.71
C ALA D 566 -69.47 -15.76 -47.79
N ARG D 567 -69.49 -14.43 -47.73
CA ARG D 567 -70.20 -13.60 -48.69
C ARG D 567 -69.32 -13.36 -49.90
N VAL D 568 -69.55 -14.13 -50.97
CA VAL D 568 -68.72 -14.05 -52.18
C VAL D 568 -69.12 -12.83 -52.99
N HIS D 569 -68.21 -12.39 -53.87
CA HIS D 569 -68.42 -11.20 -54.68
C HIS D 569 -67.98 -11.45 -56.12
N GLY D 570 -68.32 -10.52 -57.01
CA GLY D 570 -68.10 -10.71 -58.43
C GLY D 570 -66.69 -10.39 -58.90
N LEU D 571 -66.49 -10.52 -60.21
CA LEU D 571 -65.20 -10.36 -60.85
C LEU D 571 -65.01 -8.93 -61.36
N LEU D 572 -63.76 -8.62 -61.72
CA LEU D 572 -63.43 -7.40 -62.45
C LEU D 572 -61.95 -7.44 -62.78
N VAL D 573 -61.60 -6.85 -63.92
CA VAL D 573 -60.38 -7.23 -64.64
C VAL D 573 -59.25 -6.26 -64.32
N GLN D 574 -58.03 -6.80 -64.30
CA GLN D 574 -56.81 -6.02 -64.32
C GLN D 574 -55.80 -6.76 -65.19
N SER D 575 -54.79 -6.03 -65.67
CA SER D 575 -53.84 -6.54 -66.66
C SER D 575 -52.60 -7.09 -65.97
N MET D 576 -51.88 -7.96 -66.68
CA MET D 576 -50.69 -8.59 -66.14
C MET D 576 -49.54 -7.59 -66.02
N ALA D 577 -48.79 -7.69 -64.93
CA ALA D 577 -47.58 -6.90 -64.73
C ALA D 577 -46.39 -7.84 -64.51
N ASN D 578 -45.34 -7.63 -65.29
CA ASN D 578 -44.16 -8.46 -65.16
C ASN D 578 -43.40 -8.08 -63.89
N ARG D 579 -43.16 -9.09 -63.04
CA ARG D 579 -42.40 -8.90 -61.82
C ARG D 579 -41.15 -9.77 -61.74
N ALA D 580 -41.08 -10.85 -62.53
CA ALA D 580 -39.86 -11.66 -62.56
C ALA D 580 -38.68 -10.85 -63.08
N GLY D 581 -38.85 -10.21 -64.24
CA GLY D 581 -37.76 -9.41 -64.79
C GLY D 581 -37.45 -8.18 -63.97
N ALA D 582 -38.48 -7.52 -63.44
CA ALA D 582 -38.27 -6.29 -62.69
C ALA D 582 -38.00 -6.59 -61.22
N GLN D 583 -37.58 -5.56 -60.50
CA GLN D 583 -37.24 -5.66 -59.09
C GLN D 583 -38.48 -5.36 -58.24
N GLU D 584 -38.68 -6.17 -57.20
CA GLU D 584 -39.87 -6.07 -56.36
C GLU D 584 -39.53 -5.43 -55.03
N LEU D 585 -40.39 -4.53 -54.57
CA LEU D 585 -40.19 -3.80 -53.33
C LEU D 585 -41.49 -3.78 -52.53
N ARG D 586 -41.37 -3.51 -51.23
CA ARG D 586 -42.51 -3.44 -50.33
C ARG D 586 -42.49 -2.13 -49.56
N VAL D 587 -43.67 -1.54 -49.36
CA VAL D 587 -43.84 -0.31 -48.60
C VAL D 587 -45.02 -0.50 -47.65
N VAL D 588 -44.82 -0.17 -46.38
CA VAL D 588 -45.83 -0.34 -45.35
C VAL D 588 -45.88 0.91 -44.47
N VAL D 589 -47.08 1.30 -44.06
CA VAL D 589 -47.30 2.40 -43.12
C VAL D 589 -48.15 1.87 -41.97
N GLU D 590 -47.68 2.07 -40.75
CA GLU D 590 -48.35 1.57 -39.54
C GLU D 590 -48.40 2.66 -38.49
N HIS D 591 -49.29 2.47 -37.50
CA HIS D 591 -49.50 3.44 -36.43
C HIS D 591 -48.85 2.93 -35.15
N ASP D 592 -47.94 3.73 -34.59
CA ASP D 592 -47.26 3.39 -33.34
C ASP D 592 -47.94 4.07 -32.17
N PRO D 593 -48.20 3.38 -31.06
CA PRO D 593 -48.87 4.05 -29.93
C PRO D 593 -48.09 5.21 -29.36
N VAL D 594 -46.76 5.21 -29.48
CA VAL D 594 -45.93 6.25 -28.90
C VAL D 594 -45.68 7.36 -29.92
N PHE D 595 -45.04 7.03 -31.03
CA PHE D 595 -44.51 8.01 -31.96
C PHE D 595 -45.46 8.33 -33.12
N GLY D 596 -46.58 7.63 -33.24
CA GLY D 596 -47.51 7.87 -34.32
C GLY D 596 -47.20 7.08 -35.57
N PRO D 597 -47.66 7.54 -36.73
CA PRO D 597 -47.46 6.80 -37.97
C PRO D 597 -45.98 6.64 -38.33
N LEU D 598 -45.66 5.51 -38.97
CA LEU D 598 -44.29 5.17 -39.33
C LEU D 598 -44.27 4.62 -40.75
N ILE D 599 -43.17 4.89 -41.46
CA ILE D 599 -43.01 4.51 -42.86
C ILE D 599 -41.85 3.52 -42.95
N MET D 600 -42.10 2.36 -43.57
CA MET D 600 -41.12 1.30 -43.66
C MET D 600 -40.91 0.89 -45.12
N LEU D 601 -39.65 0.65 -45.48
CA LEU D 601 -39.25 0.25 -46.82
C LEU D 601 -38.50 -1.08 -46.74
N GLY D 602 -38.80 -1.98 -47.67
CA GLY D 602 -38.24 -3.32 -47.61
C GLY D 602 -38.03 -3.91 -49.00
N GLU D 603 -37.50 -5.14 -49.01
CA GLU D 603 -37.17 -5.80 -50.26
C GLU D 603 -38.37 -6.57 -50.82
N GLY D 604 -39.25 -7.04 -49.94
CA GLY D 604 -40.42 -7.78 -50.37
C GLY D 604 -40.11 -9.23 -50.68
N GLY D 605 -39.48 -9.92 -49.74
CA GLY D 605 -39.13 -11.31 -49.91
C GLY D 605 -40.18 -12.25 -49.33
N VAL D 606 -41.46 -11.93 -49.55
CA VAL D 606 -42.57 -12.71 -49.05
C VAL D 606 -42.58 -12.68 -47.53
N GLU D 607 -41.52 -13.20 -46.90
CA GLU D 607 -41.39 -13.16 -45.45
C GLU D 607 -41.10 -11.73 -45.01
N TRP D 608 -41.88 -11.23 -44.06
CA TRP D 608 -41.81 -9.83 -43.64
C TRP D 608 -41.56 -9.77 -42.13
N ARG D 609 -40.42 -9.21 -41.75
CA ARG D 609 -40.06 -9.05 -40.33
C ARG D 609 -39.27 -7.74 -40.20
N PRO D 610 -39.96 -6.63 -39.96
CA PRO D 610 -39.29 -5.32 -40.07
C PRO D 610 -38.12 -5.15 -39.11
N GLU D 611 -38.05 -5.92 -38.03
CA GLU D 611 -37.01 -5.70 -37.03
C GLU D 611 -35.61 -5.88 -37.60
N ASP D 612 -35.47 -6.61 -38.71
CA ASP D 612 -34.15 -6.93 -39.25
C ASP D 612 -33.99 -6.69 -40.75
N GLN D 613 -35.08 -6.45 -41.49
CA GLN D 613 -35.01 -6.33 -42.94
C GLN D 613 -35.80 -5.12 -43.44
N ALA D 614 -35.69 -3.99 -42.75
CA ALA D 614 -36.39 -2.78 -43.17
C ALA D 614 -35.65 -1.55 -42.67
N VAL D 615 -35.88 -0.43 -43.36
CA VAL D 615 -35.43 0.89 -42.93
C VAL D 615 -36.66 1.74 -42.67
N VAL D 616 -36.54 2.67 -41.72
CA VAL D 616 -37.69 3.39 -41.18
C VAL D 616 -37.42 4.88 -41.18
N ALA D 617 -38.51 5.66 -41.17
CA ALA D 617 -38.43 7.11 -41.12
C ALA D 617 -39.77 7.67 -40.64
N LEU D 618 -39.73 8.92 -40.12
CA LEU D 618 -40.92 9.61 -39.63
C LEU D 618 -41.43 10.60 -40.67
N PRO D 619 -42.74 10.68 -40.92
CA PRO D 619 -43.26 11.73 -41.79
C PRO D 619 -43.32 13.06 -41.05
N PRO D 620 -43.46 14.19 -41.77
CA PRO D 620 -43.53 14.31 -43.23
C PRO D 620 -42.15 14.25 -43.89
N LEU D 621 -42.09 13.86 -45.16
CA LEU D 621 -40.85 13.75 -45.90
C LEU D 621 -40.79 14.79 -47.00
N ASN D 622 -39.58 15.22 -47.34
CA ASN D 622 -39.29 15.93 -48.57
C ASN D 622 -38.25 15.13 -49.34
N MET D 623 -37.77 15.68 -50.47
CA MET D 623 -36.91 14.91 -51.36
C MET D 623 -35.62 14.51 -50.66
N ASN D 624 -35.04 15.39 -49.85
CA ASN D 624 -33.78 15.10 -49.19
C ASN D 624 -33.91 13.91 -48.23
N LEU D 625 -34.93 13.94 -47.38
CA LEU D 625 -35.09 12.87 -46.40
C LEU D 625 -35.44 11.55 -47.06
N ALA D 626 -36.26 11.57 -48.11
CA ALA D 626 -36.58 10.34 -48.82
C ALA D 626 -35.34 9.76 -49.50
N ARG D 627 -34.51 10.62 -50.10
CA ARG D 627 -33.26 10.15 -50.67
C ARG D 627 -32.36 9.55 -49.60
N TYR D 628 -32.30 10.18 -48.43
CA TYR D 628 -31.51 9.65 -47.33
C TYR D 628 -32.00 8.27 -46.92
N LEU D 629 -33.32 8.09 -46.85
CA LEU D 629 -33.89 6.78 -46.52
C LEU D 629 -33.47 5.74 -47.55
N VAL D 630 -33.59 6.08 -48.84
CA VAL D 630 -33.25 5.12 -49.90
C VAL D 630 -31.78 4.75 -49.84
N ILE D 631 -30.91 5.73 -49.62
CA ILE D 631 -29.47 5.46 -49.60
C ILE D 631 -29.10 4.64 -48.38
N GLN D 632 -29.71 4.91 -47.23
CA GLN D 632 -29.52 4.03 -46.08
C GLN D 632 -29.94 2.60 -46.42
N GLY D 633 -31.08 2.44 -47.09
CA GLY D 633 -31.50 1.11 -47.47
C GLY D 633 -30.49 0.40 -48.34
N ILE D 634 -29.91 1.11 -49.30
CA ILE D 634 -28.93 0.50 -50.20
C ILE D 634 -27.65 0.15 -49.43
N LYS D 635 -27.20 1.03 -48.54
CA LYS D 635 -25.89 0.83 -47.91
C LYS D 635 -25.90 -0.34 -46.93
N SER D 636 -27.03 -0.65 -46.31
CA SER D 636 -27.10 -1.71 -45.33
C SER D 636 -27.28 -3.09 -45.96
N LYS D 637 -27.32 -3.18 -47.28
CA LYS D 637 -27.53 -4.44 -48.00
C LYS D 637 -28.91 -5.02 -47.75
N LYS D 638 -29.89 -4.20 -47.39
CA LYS D 638 -31.26 -4.67 -47.20
C LYS D 638 -32.09 -4.59 -48.46
N ILE D 639 -31.73 -3.71 -49.39
CA ILE D 639 -32.33 -3.67 -50.72
C ILE D 639 -31.20 -3.56 -51.73
N ARG D 640 -31.32 -4.33 -52.81
CA ARG D 640 -30.26 -4.42 -53.82
C ARG D 640 -30.54 -3.46 -54.96
N ALA D 641 -29.54 -2.65 -55.32
CA ALA D 641 -29.63 -1.85 -56.52
C ALA D 641 -29.53 -2.69 -57.78
N ARG D 642 -29.02 -3.91 -57.67
CA ARG D 642 -28.77 -4.77 -58.83
C ARG D 642 -29.51 -6.10 -58.75
N SER D 643 -30.59 -6.19 -57.96
CA SER D 643 -31.42 -7.38 -58.00
C SER D 643 -31.97 -7.60 -59.40
N ALA D 644 -32.42 -6.53 -60.04
CA ALA D 644 -32.78 -6.56 -61.45
C ALA D 644 -31.57 -6.19 -62.29
N LEU D 645 -31.67 -6.46 -63.60
CA LEU D 645 -30.59 -6.10 -64.51
C LEU D 645 -30.46 -4.58 -64.61
N ARG D 646 -31.58 -3.87 -64.57
CA ARG D 646 -31.65 -2.42 -64.71
C ARG D 646 -31.20 -1.72 -63.44
N PRO D 647 -30.38 -0.68 -63.53
CA PRO D 647 -30.01 0.07 -62.32
C PRO D 647 -31.23 0.75 -61.71
N LEU D 648 -31.22 0.84 -60.38
CA LEU D 648 -32.33 1.44 -59.66
C LEU D 648 -32.28 2.96 -59.76
N ASP D 649 -33.43 3.57 -60.05
CA ASP D 649 -33.56 5.02 -60.14
C ASP D 649 -33.92 5.57 -58.77
N VAL D 650 -33.00 6.31 -58.15
CA VAL D 650 -33.21 6.81 -56.79
C VAL D 650 -34.26 7.92 -56.78
N ALA D 651 -34.19 8.85 -57.74
CA ALA D 651 -35.04 10.04 -57.69
C ALA D 651 -36.52 9.68 -57.80
N GLY D 652 -36.87 8.77 -58.72
CA GLY D 652 -38.26 8.38 -58.85
C GLY D 652 -38.82 7.73 -57.60
N LEU D 653 -38.01 6.88 -56.97
CA LEU D 653 -38.43 6.25 -55.72
C LEU D 653 -38.62 7.30 -54.62
N SER D 654 -37.73 8.30 -54.56
CA SER D 654 -37.90 9.38 -53.61
C SER D 654 -39.21 10.13 -53.85
N GLN D 655 -39.52 10.42 -55.11
CA GLN D 655 -40.76 11.10 -55.44
C GLN D 655 -41.97 10.27 -55.01
N LEU D 656 -41.93 8.96 -55.27
CA LEU D 656 -43.02 8.08 -54.87
C LEU D 656 -43.20 8.09 -53.35
N LEU D 657 -42.09 8.04 -52.62
CA LEU D 657 -42.18 8.07 -51.16
C LEU D 657 -42.77 9.39 -50.67
N VAL D 658 -42.39 10.51 -51.31
CA VAL D 658 -42.97 11.80 -50.94
C VAL D 658 -44.48 11.79 -51.17
N GLN D 659 -44.92 11.21 -52.30
CA GLN D 659 -46.35 11.13 -52.57
C GLN D 659 -47.07 10.32 -51.49
N VAL D 660 -46.48 9.18 -51.09
CA VAL D 660 -47.08 8.37 -50.05
C VAL D 660 -47.17 9.15 -48.73
N SER D 661 -46.12 9.89 -48.41
CA SER D 661 -46.13 10.70 -47.19
C SER D 661 -47.24 11.74 -47.23
N ASN D 662 -47.40 12.42 -48.37
CA ASN D 662 -48.49 13.39 -48.51
C ASN D 662 -49.84 12.73 -48.26
N LEU D 663 -50.08 11.59 -48.91
CA LEU D 663 -51.36 10.91 -48.73
C LEU D 663 -51.59 10.59 -47.26
N ILE D 664 -50.59 10.02 -46.59
CA ILE D 664 -50.77 9.63 -45.19
C ILE D 664 -51.04 10.84 -44.31
N VAL D 665 -50.32 11.93 -44.55
CA VAL D 665 -50.50 13.13 -43.72
C VAL D 665 -51.89 13.71 -43.90
N ASP D 666 -52.39 13.73 -45.14
CA ASP D 666 -53.65 14.44 -45.40
C ASP D 666 -54.86 13.73 -44.80
N CYS D 667 -54.92 12.40 -44.90
CA CYS D 667 -56.13 11.65 -44.57
C CYS D 667 -55.96 10.87 -43.27
N PRO D 668 -56.53 11.33 -42.15
CA PRO D 668 -56.38 10.59 -40.89
C PRO D 668 -57.23 9.32 -40.80
N GLU D 669 -58.21 9.15 -41.69
CA GLU D 669 -59.05 7.96 -41.64
C GLU D 669 -58.27 6.67 -41.90
N ILE D 670 -57.12 6.77 -42.55
CA ILE D 670 -56.34 5.58 -42.90
C ILE D 670 -55.51 5.15 -41.70
N GLN D 671 -55.64 3.88 -41.33
CA GLN D 671 -54.88 3.30 -40.23
C GLN D 671 -53.68 2.49 -40.67
N ARG D 672 -53.74 1.88 -41.85
CA ARG D 672 -52.64 1.05 -42.34
C ARG D 672 -52.64 1.04 -43.86
N LEU D 673 -51.45 1.01 -44.45
CA LEU D 673 -51.27 0.97 -45.89
C LEU D 673 -50.20 -0.07 -46.22
N ASP D 674 -50.46 -0.90 -47.24
CA ASP D 674 -49.57 -1.99 -47.61
C ASP D 674 -49.53 -2.12 -49.12
N ILE D 675 -48.36 -1.90 -49.71
CA ILE D 675 -48.13 -2.13 -51.13
C ILE D 675 -47.11 -3.25 -51.26
N HIS D 676 -47.59 -4.49 -51.41
CA HIS D 676 -46.66 -5.61 -51.28
C HIS D 676 -45.76 -5.69 -52.51
N PRO D 677 -46.28 -5.94 -53.73
CA PRO D 677 -45.40 -5.92 -54.90
C PRO D 677 -45.27 -4.55 -55.55
N LEU D 678 -44.42 -3.66 -55.03
CA LEU D 678 -44.11 -2.42 -55.73
C LEU D 678 -43.05 -2.72 -56.79
N LEU D 679 -43.35 -2.42 -58.04
CA LEU D 679 -42.49 -2.77 -59.16
C LEU D 679 -41.69 -1.56 -59.61
N ALA D 680 -40.38 -1.75 -59.79
CA ALA D 680 -39.51 -0.73 -60.34
C ALA D 680 -38.92 -1.25 -61.65
N SER D 681 -39.10 -0.50 -62.72
CA SER D 681 -38.65 -0.86 -64.06
C SER D 681 -37.93 0.32 -64.71
N GLY D 682 -37.01 0.93 -63.94
CA GLY D 682 -36.34 2.14 -64.40
C GLY D 682 -36.99 3.37 -63.82
N SER D 683 -37.49 4.25 -64.69
CA SER D 683 -38.21 5.45 -64.26
C SER D 683 -39.69 5.20 -64.07
N GLU D 684 -40.15 3.96 -64.22
CA GLU D 684 -41.56 3.62 -64.08
C GLU D 684 -41.77 2.84 -62.78
N PHE D 685 -42.71 3.30 -61.97
CA PHE D 685 -43.09 2.63 -60.74
C PHE D 685 -44.60 2.44 -60.74
N THR D 686 -45.05 1.21 -60.46
CA THR D 686 -46.46 0.88 -60.46
C THR D 686 -46.75 -0.07 -59.30
N ALA D 687 -47.96 0.03 -58.77
CA ALA D 687 -48.41 -0.82 -57.67
C ALA D 687 -49.23 -1.99 -58.21
N LEU D 688 -48.94 -3.19 -57.70
CA LEU D 688 -49.60 -4.41 -58.14
C LEU D 688 -50.74 -4.82 -57.21
N ASP D 689 -50.45 -5.00 -55.93
CA ASP D 689 -51.45 -5.30 -54.93
C ASP D 689 -51.33 -4.30 -53.79
N VAL D 690 -52.47 -3.87 -53.26
CA VAL D 690 -52.49 -2.83 -52.23
C VAL D 690 -53.74 -3.01 -51.39
N THR D 691 -53.60 -2.80 -50.08
CA THR D 691 -54.71 -2.93 -49.14
C THR D 691 -54.75 -1.72 -48.22
N LEU D 692 -55.97 -1.35 -47.81
CA LEU D 692 -56.20 -0.22 -46.92
C LEU D 692 -57.19 -0.62 -45.84
N ASP D 693 -56.88 -0.27 -44.59
CA ASP D 693 -57.81 -0.39 -43.48
C ASP D 693 -58.17 0.99 -42.96
N ILE D 694 -59.45 1.25 -42.77
CA ILE D 694 -59.96 2.58 -42.48
C ILE D 694 -60.86 2.52 -41.25
N SER D 695 -61.02 3.67 -40.61
CA SER D 695 -61.85 3.79 -39.42
C SER D 695 -62.22 5.24 -39.23
N PRO D 696 -63.33 5.53 -38.54
CA PRO D 696 -63.70 6.93 -38.30
C PRO D 696 -62.69 7.64 -37.42
N PHE D 697 -62.55 8.94 -37.64
CA PHE D 697 -61.63 9.78 -36.89
C PHE D 697 -62.40 10.91 -36.23
N GLU D 698 -62.01 11.25 -35.00
CA GLU D 698 -62.71 12.27 -34.22
C GLU D 698 -61.80 13.27 -33.53
N GLY D 699 -60.48 13.12 -33.60
CA GLY D 699 -59.56 13.98 -32.91
C GLY D 699 -59.06 15.13 -33.77
N ASP D 700 -57.86 15.60 -33.45
CA ASP D 700 -57.22 16.67 -34.18
C ASP D 700 -56.11 16.10 -35.07
N ASN D 701 -56.18 16.40 -36.36
CA ASN D 701 -55.29 15.75 -37.33
C ASN D 701 -53.83 16.12 -37.06
N GLU D 702 -53.55 17.41 -36.87
CA GLU D 702 -52.16 17.85 -36.77
C GLU D 702 -51.43 17.25 -35.57
N SER D 703 -52.15 16.85 -34.53
CA SER D 703 -51.53 16.40 -33.29
C SER D 703 -51.17 14.93 -33.29
N ARG D 704 -51.41 14.21 -34.39
CA ARG D 704 -51.06 12.79 -34.44
C ARG D 704 -49.55 12.58 -34.53
N LEU D 705 -48.82 13.51 -35.14
CA LEU D 705 -47.45 13.30 -35.55
C LEU D 705 -46.46 13.81 -34.50
N ALA D 706 -45.24 13.27 -34.55
CA ALA D 706 -44.17 13.71 -33.66
C ALA D 706 -43.48 14.98 -34.14
N VAL D 707 -43.64 15.34 -35.42
CA VAL D 707 -43.05 16.56 -35.98
C VAL D 707 -44.16 17.36 -36.63
N ARG D 708 -44.29 18.63 -36.24
CA ARG D 708 -45.35 19.47 -36.79
C ARG D 708 -45.14 19.67 -38.28
N PRO D 709 -46.14 19.42 -39.13
CA PRO D 709 -45.96 19.60 -40.57
C PRO D 709 -46.12 21.07 -40.98
N TYR D 710 -45.99 21.29 -42.28
CA TYR D 710 -46.08 22.64 -42.83
C TYR D 710 -47.50 23.19 -42.67
N PRO D 711 -47.68 24.36 -42.03
CA PRO D 711 -49.05 24.88 -41.80
C PRO D 711 -49.65 25.57 -43.01
N HIS D 712 -50.25 24.81 -43.93
CA HIS D 712 -50.76 25.38 -45.17
C HIS D 712 -51.89 26.39 -44.94
N GLN D 713 -52.56 26.35 -43.79
CA GLN D 713 -53.72 27.20 -43.56
C GLN D 713 -53.35 28.66 -43.29
N LEU D 714 -52.06 28.98 -43.17
CA LEU D 714 -51.63 30.34 -42.87
C LEU D 714 -51.32 31.18 -44.10
N GLU D 715 -51.46 30.62 -45.31
CA GLU D 715 -51.21 31.40 -46.52
C GLU D 715 -52.34 32.42 -46.74
N GLU D 716 -51.98 33.55 -47.32
CA GLU D 716 -52.91 34.65 -47.49
C GLU D 716 -52.43 35.59 -48.59
N TRP D 717 -53.37 36.11 -49.37
CA TRP D 717 -53.07 37.09 -50.42
C TRP D 717 -53.28 38.51 -49.89
N VAL D 718 -52.36 39.40 -50.25
CA VAL D 718 -52.44 40.81 -49.89
C VAL D 718 -52.14 41.66 -51.11
N GLU D 719 -52.69 42.88 -51.11
CA GLU D 719 -52.42 43.87 -52.14
C GLU D 719 -51.97 45.16 -51.47
N LEU D 720 -50.99 45.82 -52.09
CA LEU D 720 -50.33 46.97 -51.49
C LEU D 720 -50.96 48.27 -51.97
N LYS D 721 -50.37 49.39 -51.55
CA LYS D 721 -50.92 50.70 -51.90
C LYS D 721 -50.91 50.91 -53.40
N ASN D 722 -49.80 50.56 -54.07
CA ASN D 722 -49.68 50.78 -55.49
C ASN D 722 -50.50 49.80 -56.33
N GLY D 723 -51.11 48.79 -55.71
CA GLY D 723 -51.96 47.86 -56.40
C GLY D 723 -51.34 46.50 -56.67
N GLU D 724 -50.05 46.34 -56.42
CA GLU D 724 -49.41 45.05 -56.66
C GLU D 724 -49.92 44.01 -55.67
N ARG D 725 -49.99 42.77 -56.15
CA ARG D 725 -50.48 41.64 -55.35
C ARG D 725 -49.34 40.65 -55.11
N CYS D 726 -49.28 40.12 -53.90
CA CYS D 726 -48.23 39.19 -53.52
C CYS D 726 -48.75 38.23 -52.45
N LEU D 727 -47.99 37.18 -52.19
CA LEU D 727 -48.39 36.09 -51.31
C LEU D 727 -47.54 36.10 -50.04
N PHE D 728 -48.20 36.01 -48.89
CA PHE D 728 -47.54 35.83 -47.60
C PHE D 728 -47.72 34.37 -47.17
N ARG D 729 -46.61 33.70 -46.85
CA ARG D 729 -46.66 32.29 -46.48
C ARG D 729 -45.44 31.97 -45.62
N PRO D 730 -45.48 30.86 -44.88
CA PRO D 730 -44.31 30.45 -44.09
C PRO D 730 -43.14 30.03 -44.99
N ILE D 731 -41.94 30.11 -44.41
CA ILE D 731 -40.72 29.80 -45.15
C ILE D 731 -40.55 28.29 -45.27
N LEU D 732 -39.78 27.89 -46.28
CA LEU D 732 -39.53 26.49 -46.59
C LEU D 732 -38.03 26.24 -46.74
N PRO D 733 -37.56 25.02 -46.48
CA PRO D 733 -36.15 24.69 -46.74
C PRO D 733 -35.73 24.88 -48.19
N GLU D 734 -36.66 24.74 -49.14
CA GLU D 734 -36.36 24.84 -50.55
C GLU D 734 -36.07 26.28 -51.01
N ASP D 735 -36.23 27.27 -50.12
CA ASP D 735 -36.11 28.67 -50.47
C ASP D 735 -34.68 29.21 -50.37
N GLU D 736 -33.70 28.35 -50.11
CA GLU D 736 -32.36 28.84 -49.80
C GLU D 736 -31.76 29.70 -50.90
N PRO D 737 -31.75 29.29 -52.18
CA PRO D 737 -31.14 30.15 -53.21
C PRO D 737 -31.81 31.51 -53.34
N GLN D 738 -33.14 31.55 -53.25
CA GLN D 738 -33.85 32.82 -53.34
C GLN D 738 -33.48 33.72 -52.17
N LEU D 739 -33.33 33.14 -50.98
CA LEU D 739 -32.88 33.93 -49.83
C LEU D 739 -31.46 34.45 -50.06
N GLN D 740 -30.61 33.65 -50.70
CA GLN D 740 -29.26 34.11 -51.02
C GLN D 740 -29.31 35.35 -51.91
N GLN D 741 -30.13 35.30 -52.98
CA GLN D 741 -30.26 36.46 -53.85
C GLN D 741 -30.83 37.67 -53.09
N PHE D 742 -31.86 37.44 -52.28
CA PHE D 742 -32.48 38.52 -51.52
C PHE D 742 -31.45 39.21 -50.63
N ILE D 743 -30.64 38.42 -49.91
CA ILE D 743 -29.57 39.00 -49.11
C ILE D 743 -28.58 39.73 -49.99
N SER D 744 -28.31 39.21 -51.18
CA SER D 744 -27.41 39.87 -52.10
C SER D 744 -27.91 41.26 -52.48
N ARG D 745 -29.22 41.47 -52.50
CA ARG D 745 -29.78 42.76 -52.90
C ARG D 745 -30.10 43.68 -51.71
N VAL D 746 -29.34 43.62 -50.63
CA VAL D 746 -29.51 44.52 -49.48
C VAL D 746 -28.21 45.30 -49.27
N THR D 747 -28.36 46.60 -48.99
CA THR D 747 -27.20 47.46 -48.80
C THR D 747 -26.56 47.21 -47.43
N LYS D 748 -25.34 47.74 -47.27
CA LYS D 748 -24.56 47.45 -46.08
C LYS D 748 -25.19 48.07 -44.83
N GLU D 749 -25.71 49.30 -44.94
CA GLU D 749 -26.26 49.97 -43.77
C GLU D 749 -27.51 49.26 -43.25
N ASP D 750 -28.37 48.79 -44.15
CA ASP D 750 -29.55 48.04 -43.71
C ASP D 750 -29.15 46.73 -43.04
N LEU D 751 -28.08 46.10 -43.52
CA LEU D 751 -27.59 44.89 -42.87
C LEU D 751 -27.04 45.20 -41.48
N TYR D 752 -26.37 46.34 -41.33
CA TYR D 752 -25.91 46.76 -40.00
C TYR D 752 -27.10 46.98 -39.06
N TYR D 753 -28.16 47.63 -39.55
CA TYR D 753 -29.33 47.85 -38.71
C TYR D 753 -29.99 46.52 -38.34
N ARG D 754 -30.05 45.57 -39.28
CA ARG D 754 -30.75 44.31 -39.02
C ARG D 754 -29.95 43.43 -38.06
N TYR D 755 -28.65 43.30 -38.28
CA TYR D 755 -27.83 42.33 -37.56
C TYR D 755 -26.91 42.97 -36.53
N PHE D 756 -26.95 44.28 -36.35
CA PHE D 756 -26.24 44.96 -35.27
C PHE D 756 -24.74 44.65 -35.31
N SER D 757 -24.20 44.54 -36.52
CA SER D 757 -22.78 44.27 -36.71
C SER D 757 -22.49 44.30 -38.21
N GLU D 758 -21.19 44.19 -38.54
CA GLU D 758 -20.76 44.13 -39.92
C GLU D 758 -20.53 42.67 -40.32
N ILE D 759 -21.21 42.23 -41.37
CA ILE D 759 -21.21 40.83 -41.78
C ILE D 759 -20.80 40.79 -43.24
N ASN D 760 -19.70 40.10 -43.53
CA ASN D 760 -19.19 39.97 -44.89
C ASN D 760 -19.42 38.58 -45.48
N GLU D 761 -20.14 37.69 -44.80
CA GLU D 761 -20.31 36.32 -45.26
C GLU D 761 -21.50 35.67 -44.60
N PHE D 762 -22.27 34.92 -45.39
CA PHE D 762 -23.26 33.98 -44.89
C PHE D 762 -22.99 32.63 -45.54
N THR D 763 -22.53 31.67 -44.76
CA THR D 763 -22.17 30.35 -45.27
C THR D 763 -23.43 29.49 -45.41
N HIS D 764 -23.25 28.30 -45.99
CA HIS D 764 -24.38 27.38 -46.13
C HIS D 764 -25.00 27.05 -44.79
N GLU D 765 -24.20 27.07 -43.71
CA GLU D 765 -24.72 26.71 -42.39
C GLU D 765 -25.65 27.79 -41.84
N ASP D 766 -25.29 29.06 -42.03
CA ASP D 766 -26.17 30.13 -41.59
C ASP D 766 -27.49 30.11 -42.36
N LEU D 767 -27.42 29.89 -43.68
CA LEU D 767 -28.63 29.83 -44.48
C LEU D 767 -29.50 28.65 -44.06
N ALA D 768 -28.88 27.50 -43.78
CA ALA D 768 -29.63 26.35 -43.30
C ALA D 768 -30.30 26.66 -41.95
N ASN D 769 -29.58 27.34 -41.07
CA ASN D 769 -30.20 27.80 -39.82
C ASN D 769 -31.42 28.66 -40.11
N MET D 770 -31.32 29.53 -41.12
CA MET D 770 -32.42 30.45 -41.40
C MET D 770 -33.63 29.75 -42.02
N THR D 771 -33.41 28.70 -42.82
CA THR D 771 -34.49 28.14 -43.63
C THR D 771 -35.07 26.83 -43.11
N GLN D 772 -34.40 26.15 -42.18
CA GLN D 772 -34.85 24.85 -41.66
C GLN D 772 -35.19 25.03 -40.19
N ILE D 773 -36.48 25.21 -39.88
CA ILE D 773 -36.93 25.58 -38.56
C ILE D 773 -37.94 24.56 -38.04
N ASP D 774 -38.10 24.56 -36.70
CA ASP D 774 -39.12 23.77 -36.04
C ASP D 774 -40.37 24.65 -35.86
N TYR D 775 -41.45 24.30 -36.55
CA TYR D 775 -42.63 25.16 -36.59
C TYR D 775 -43.33 25.27 -35.25
N ASP D 776 -43.06 24.36 -34.31
CA ASP D 776 -43.71 24.45 -33.00
C ASP D 776 -43.05 25.50 -32.11
N ARG D 777 -41.78 25.85 -32.38
CA ARG D 777 -41.04 26.79 -31.56
C ARG D 777 -40.57 28.03 -32.30
N GLU D 778 -40.76 28.10 -33.61
CA GLU D 778 -40.29 29.23 -34.40
C GLU D 778 -41.17 29.38 -35.62
N MET D 779 -41.42 30.63 -36.03
CA MET D 779 -42.24 30.93 -37.19
C MET D 779 -41.61 32.08 -37.98
N ALA D 780 -41.65 31.97 -39.30
CA ALA D 780 -41.10 33.00 -40.18
C ALA D 780 -41.94 33.09 -41.44
N PHE D 781 -42.30 34.32 -41.83
CA PHE D 781 -43.11 34.58 -43.00
C PHE D 781 -42.30 35.32 -44.04
N VAL D 782 -42.50 34.96 -45.31
CA VAL D 782 -41.88 35.65 -46.44
C VAL D 782 -42.97 36.16 -47.37
N ALA D 783 -42.67 37.25 -48.06
CA ALA D 783 -43.54 37.80 -49.09
C ALA D 783 -42.91 37.55 -50.45
N VAL D 784 -43.64 36.89 -51.34
CA VAL D 784 -43.11 36.43 -52.62
C VAL D 784 -44.05 36.85 -53.75
N ARG D 785 -43.47 37.02 -54.93
CA ARG D 785 -44.24 37.28 -56.14
C ARG D 785 -43.63 36.50 -57.30
N ARG D 786 -44.47 36.16 -58.27
CA ARG D 786 -44.11 35.25 -59.36
C ARG D 786 -43.70 36.05 -60.59
N ILE D 787 -42.61 35.64 -61.23
CA ILE D 787 -42.15 36.21 -62.48
C ILE D 787 -41.67 35.08 -63.38
N ASP D 788 -42.48 34.72 -64.36
CA ASP D 788 -42.10 33.72 -65.37
C ASP D 788 -41.68 32.40 -64.73
N GLN D 789 -42.56 31.86 -63.88
CA GLN D 789 -42.37 30.58 -63.20
C GLN D 789 -41.21 30.60 -62.21
N THR D 790 -40.65 31.77 -61.90
CA THR D 790 -39.57 31.91 -60.94
C THR D 790 -39.99 32.91 -59.87
N GLU D 791 -39.79 32.55 -58.61
CA GLU D 791 -40.20 33.37 -57.48
C GLU D 791 -39.05 34.29 -57.05
N GLU D 792 -39.43 35.33 -56.32
CA GLU D 792 -38.46 36.25 -55.72
C GLU D 792 -39.03 36.76 -54.40
N ILE D 793 -38.14 36.96 -53.42
CA ILE D 793 -38.54 37.33 -52.07
C ILE D 793 -38.40 38.84 -51.91
N LEU D 794 -39.41 39.46 -51.29
CA LEU D 794 -39.42 40.90 -51.05
C LEU D 794 -39.20 41.29 -49.60
N GLY D 795 -39.38 40.37 -48.66
CA GLY D 795 -39.23 40.69 -47.25
C GLY D 795 -39.46 39.45 -46.42
N VAL D 796 -39.15 39.58 -45.12
CA VAL D 796 -39.21 38.44 -44.21
C VAL D 796 -39.36 38.96 -42.78
N THR D 797 -40.06 38.19 -41.95
CA THR D 797 -40.19 38.46 -40.52
C THR D 797 -39.99 37.16 -39.75
N ARG D 798 -39.65 37.28 -38.46
CA ARG D 798 -39.34 36.11 -37.65
C ARG D 798 -39.72 36.35 -36.20
N ALA D 799 -40.06 35.27 -35.50
CA ALA D 799 -40.34 35.30 -34.08
C ALA D 799 -39.86 34.00 -33.45
N ILE D 800 -38.97 34.11 -32.46
CA ILE D 800 -38.38 32.95 -31.79
C ILE D 800 -38.82 32.97 -30.34
N SER D 801 -39.49 31.92 -29.91
CA SER D 801 -40.05 31.83 -28.57
C SER D 801 -39.14 31.02 -27.64
N ASP D 802 -39.49 31.03 -26.34
CA ASP D 802 -38.82 30.24 -25.32
C ASP D 802 -39.59 28.95 -25.07
N PRO D 803 -38.95 27.94 -24.47
CA PRO D 803 -39.66 26.65 -24.30
C PRO D 803 -40.94 26.75 -23.49
N ASP D 804 -41.04 27.70 -22.57
CA ASP D 804 -42.26 27.88 -21.81
C ASP D 804 -43.39 28.50 -22.63
N ASN D 805 -43.08 29.13 -23.76
CA ASN D 805 -44.09 29.77 -24.62
C ASN D 805 -44.71 30.99 -23.93
N ILE D 806 -43.85 31.83 -23.35
CA ILE D 806 -44.27 33.07 -22.70
C ILE D 806 -43.73 34.29 -23.44
N ASP D 807 -42.44 34.28 -23.77
CA ASP D 807 -41.78 35.41 -24.39
C ASP D 807 -41.22 35.00 -25.74
N ALA D 808 -41.06 35.99 -26.63
CA ALA D 808 -40.51 35.75 -27.96
C ALA D 808 -39.80 37.00 -28.46
N GLU D 809 -38.67 36.78 -29.15
CA GLU D 809 -37.92 37.85 -29.80
C GLU D 809 -38.30 37.93 -31.28
N PHE D 810 -38.35 39.16 -31.80
CA PHE D 810 -38.85 39.40 -33.15
C PHE D 810 -37.86 40.24 -33.95
N ALA D 811 -37.98 40.14 -35.27
CA ALA D 811 -37.15 40.91 -36.19
C ALA D 811 -37.88 41.05 -37.53
N VAL D 812 -37.41 42.00 -38.35
CA VAL D 812 -38.02 42.27 -39.65
C VAL D 812 -36.97 42.88 -40.56
N LEU D 813 -37.15 42.68 -41.87
CA LEU D 813 -36.23 43.22 -42.87
C LEU D 813 -36.93 43.29 -44.21
N VAL D 814 -36.70 44.38 -44.95
CA VAL D 814 -37.32 44.62 -46.25
C VAL D 814 -36.24 44.97 -47.26
N ARG D 815 -36.42 44.51 -48.49
CA ARG D 815 -35.43 44.79 -49.54
C ARG D 815 -35.25 46.29 -49.72
N SER D 816 -34.00 46.70 -49.96
CA SER D 816 -33.64 48.11 -49.88
C SER D 816 -34.44 48.95 -50.88
N ASP D 817 -34.60 48.46 -52.10
CA ASP D 817 -35.22 49.25 -53.17
C ASP D 817 -36.74 49.24 -53.14
N LEU D 818 -37.36 48.61 -52.14
CA LEU D 818 -38.81 48.49 -52.07
C LEU D 818 -39.37 49.10 -50.78
N LYS D 819 -38.66 50.07 -50.21
CA LYS D 819 -39.07 50.66 -48.94
C LYS D 819 -40.05 51.80 -49.16
N GLY D 820 -41.07 51.87 -48.30
CA GLY D 820 -42.06 52.92 -48.36
C GLY D 820 -43.31 52.53 -49.12
N LEU D 821 -43.66 51.24 -49.11
CA LEU D 821 -44.85 50.75 -49.80
C LEU D 821 -45.81 49.99 -48.90
N GLY D 822 -45.53 49.85 -47.61
CA GLY D 822 -46.42 49.19 -46.68
C GLY D 822 -46.04 47.76 -46.32
N LEU D 823 -44.95 47.22 -46.86
CA LEU D 823 -44.60 45.83 -46.60
C LEU D 823 -44.29 45.60 -45.13
N GLY D 824 -43.53 46.49 -44.50
CA GLY D 824 -43.13 46.27 -43.12
C GLY D 824 -44.32 46.22 -42.17
N ARG D 825 -45.25 47.17 -42.33
CA ARG D 825 -46.43 47.20 -41.47
C ARG D 825 -47.26 45.94 -41.63
N ARG D 826 -47.49 45.50 -42.87
CA ARG D 826 -48.30 44.30 -43.09
C ARG D 826 -47.64 43.06 -42.50
N LEU D 827 -46.33 42.92 -42.70
CA LEU D 827 -45.63 41.78 -42.13
C LEU D 827 -45.70 41.79 -40.61
N MET D 828 -45.49 42.95 -39.99
CA MET D 828 -45.56 43.04 -38.54
C MET D 828 -46.95 42.72 -38.03
N GLU D 829 -47.99 43.20 -38.73
CA GLU D 829 -49.36 42.94 -38.30
C GLU D 829 -49.70 41.45 -38.39
N LYS D 830 -49.28 40.80 -39.48
CA LYS D 830 -49.50 39.35 -39.59
C LYS D 830 -48.78 38.60 -38.48
N LEU D 831 -47.54 39.01 -38.17
CA LEU D 831 -46.80 38.37 -37.09
C LEU D 831 -47.50 38.55 -35.76
N ILE D 832 -48.02 39.75 -35.49
CA ILE D 832 -48.68 40.01 -34.21
C ILE D 832 -49.93 39.14 -34.10
N THR D 833 -50.72 39.07 -35.17
CA THR D 833 -51.92 38.22 -35.15
C THR D 833 -51.56 36.77 -34.88
N TYR D 834 -50.57 36.25 -35.61
CA TYR D 834 -50.19 34.85 -35.41
C TYR D 834 -49.73 34.60 -33.98
N THR D 835 -48.84 35.46 -33.47
CA THR D 835 -48.30 35.23 -32.13
C THR D 835 -49.39 35.29 -31.07
N ARG D 836 -50.35 36.22 -31.21
CA ARG D 836 -51.45 36.26 -30.25
C ARG D 836 -52.28 34.99 -30.34
N ASP D 837 -52.53 34.49 -31.55
CA ASP D 837 -53.32 33.27 -31.66
C ASP D 837 -52.56 32.07 -31.08
N HIS D 838 -51.24 32.03 -31.23
CA HIS D 838 -50.47 30.88 -30.76
C HIS D 838 -50.51 30.76 -29.24
N GLY D 839 -50.66 31.88 -28.53
CA GLY D 839 -50.77 31.84 -27.08
C GLY D 839 -49.63 32.52 -26.34
N LEU D 840 -48.80 33.26 -27.06
CA LEU D 840 -47.70 33.98 -26.42
C LEU D 840 -48.23 35.20 -25.67
N GLN D 841 -47.44 35.66 -24.69
CA GLN D 841 -47.80 36.81 -23.88
C GLN D 841 -47.10 38.10 -24.29
N ARG D 842 -45.84 38.06 -24.70
CA ARG D 842 -45.05 39.27 -24.85
C ARG D 842 -44.11 39.14 -26.05
N LEU D 843 -43.76 40.30 -26.62
CA LEU D 843 -42.78 40.41 -27.71
C LEU D 843 -41.72 41.42 -27.30
N ASN D 844 -40.46 41.10 -27.60
CA ASN D 844 -39.34 41.96 -27.23
C ASN D 844 -38.39 42.13 -28.40
N GLY D 845 -37.69 43.26 -28.42
CA GLY D 845 -36.72 43.54 -29.47
C GLY D 845 -35.77 44.64 -29.03
N ILE D 846 -34.68 44.77 -29.78
CA ILE D 846 -33.62 45.74 -29.50
C ILE D 846 -33.20 46.40 -30.80
N THR D 847 -32.80 47.67 -30.71
CA THR D 847 -32.26 48.40 -31.84
C THR D 847 -31.39 49.54 -31.31
N MET D 848 -31.02 50.47 -32.17
CA MET D 848 -30.17 51.59 -31.82
C MET D 848 -30.85 52.91 -32.15
N PRO D 849 -30.52 53.99 -31.42
CA PRO D 849 -31.33 55.21 -31.50
C PRO D 849 -31.31 55.90 -32.85
N ASN D 850 -30.36 55.62 -33.73
CA ASN D 850 -30.33 56.24 -35.05
C ASN D 850 -31.25 55.55 -36.05
N ASN D 851 -31.91 54.46 -35.67
CA ASN D 851 -32.84 53.76 -36.54
C ASN D 851 -34.23 54.36 -36.38
N ARG D 852 -34.46 55.46 -37.09
CA ARG D 852 -35.68 56.24 -36.92
C ARG D 852 -36.90 55.49 -37.45
N GLY D 853 -36.77 54.81 -38.60
CA GLY D 853 -37.92 54.17 -39.20
C GLY D 853 -38.53 53.10 -38.32
N MET D 854 -37.68 52.24 -37.74
CA MET D 854 -38.18 51.19 -36.86
C MET D 854 -38.85 51.78 -35.61
N VAL D 855 -38.26 52.82 -35.03
CA VAL D 855 -38.86 53.43 -33.84
C VAL D 855 -40.22 54.01 -34.18
N ALA D 856 -40.32 54.71 -35.32
CA ALA D 856 -41.60 55.28 -35.71
C ALA D 856 -42.65 54.19 -35.95
N LEU D 857 -42.27 53.12 -36.64
CA LEU D 857 -43.22 52.04 -36.91
C LEU D 857 -43.66 51.37 -35.61
N ALA D 858 -42.72 51.14 -34.68
CA ALA D 858 -43.08 50.50 -33.43
C ALA D 858 -44.02 51.39 -32.62
N ARG D 859 -43.81 52.71 -32.65
CA ARG D 859 -44.78 53.61 -32.03
C ARG D 859 -46.13 53.52 -32.71
N LYS D 860 -46.15 53.41 -34.04
CA LYS D 860 -47.42 53.24 -34.74
C LYS D 860 -48.15 51.98 -34.30
N LEU D 861 -47.41 50.91 -34.03
CA LEU D 861 -48.01 49.61 -33.72
C LEU D 861 -48.35 49.45 -32.24
N GLY D 862 -48.06 50.43 -31.40
CA GLY D 862 -48.43 50.37 -30.00
C GLY D 862 -47.36 49.86 -29.06
N PHE D 863 -46.11 49.78 -29.48
CA PHE D 863 -45.03 49.32 -28.62
C PHE D 863 -44.69 50.37 -27.57
N ASN D 864 -44.21 49.90 -26.42
CA ASN D 864 -43.63 50.77 -25.42
C ASN D 864 -42.15 50.95 -25.73
N VAL D 865 -41.72 52.20 -25.83
CA VAL D 865 -40.38 52.54 -26.30
C VAL D 865 -39.61 53.18 -25.15
N ASP D 866 -38.43 52.62 -24.86
CA ASP D 866 -37.53 53.13 -23.83
C ASP D 866 -36.17 53.39 -24.45
N ILE D 867 -35.74 54.65 -24.45
CA ILE D 867 -34.49 55.07 -25.07
C ILE D 867 -33.48 55.29 -23.96
N GLN D 868 -32.44 54.45 -23.94
CA GLN D 868 -31.34 54.57 -22.98
C GLN D 868 -30.12 55.11 -23.70
N LEU D 869 -30.03 56.44 -23.77
CA LEU D 869 -28.80 57.08 -24.22
C LEU D 869 -27.73 56.91 -23.15
N GLU D 870 -26.48 57.17 -23.54
CA GLU D 870 -25.28 56.87 -22.77
C GLU D 870 -24.93 55.38 -22.86
N GLU D 871 -25.75 54.57 -23.52
CA GLU D 871 -25.45 53.18 -23.78
C GLU D 871 -25.78 52.83 -25.23
N GLY D 872 -26.49 53.70 -25.94
CA GLY D 872 -26.80 53.48 -27.34
C GLY D 872 -27.72 52.30 -27.59
N ILE D 873 -28.79 52.18 -26.81
CA ILE D 873 -29.74 51.08 -26.93
C ILE D 873 -31.16 51.62 -26.80
N VAL D 874 -32.08 51.01 -27.54
CA VAL D 874 -33.51 51.28 -27.43
C VAL D 874 -34.23 49.96 -27.23
N GLY D 875 -35.07 49.90 -26.19
CA GLY D 875 -35.86 48.71 -25.91
C GLY D 875 -37.30 48.86 -26.39
N LEU D 876 -37.86 47.76 -26.88
CA LEU D 876 -39.23 47.72 -27.38
C LEU D 876 -39.94 46.50 -26.80
N THR D 877 -41.17 46.69 -26.35
CA THR D 877 -41.96 45.59 -25.80
C THR D 877 -43.43 45.82 -26.06
N LEU D 878 -44.13 44.77 -26.48
CA LEU D 878 -45.57 44.79 -26.68
C LEU D 878 -46.20 43.75 -25.77
N ASN D 879 -47.25 44.15 -25.05
CA ASN D 879 -47.67 43.44 -23.84
C ASN D 879 -48.50 42.19 -24.10
N LEU D 880 -49.31 42.15 -25.16
CA LEU D 880 -50.18 41.01 -25.41
C LEU D 880 -49.85 40.28 -26.71
N ALA D 881 -48.71 40.57 -27.33
CA ALA D 881 -48.29 39.87 -28.53
C ALA D 881 -49.38 39.92 -29.60
N1A ACO E . 32.07 -32.60 0.70
C2A ACO E . 31.04 -31.77 0.47
N3A ACO E . 29.78 -31.86 0.90
C4A ACO E . 29.61 -32.94 1.67
C5A ACO E . 30.56 -33.88 2.00
C6A ACO E . 31.86 -33.69 1.47
N6A ACO E . 32.88 -34.51 1.70
N7A ACO E . 30.02 -34.87 2.81
C8A ACO E . 28.77 -34.50 2.96
N9A ACO E . 28.44 -33.34 2.29
C1B ACO E . 27.15 -32.67 2.26
C2B ACO E . 26.04 -33.61 2.73
O2B ACO E . 25.50 -34.14 1.52
C3B ACO E . 25.01 -32.58 3.21
O3B ACO E . 24.34 -32.18 2.00
P3B ACO E . 22.86 -32.63 1.70
O7A ACO E . 22.34 -31.80 0.58
O8A ACO E . 22.06 -32.45 3.00
O9A ACO E . 22.88 -34.13 1.39
C4B ACO E . 25.85 -31.40 3.68
O4B ACO E . 27.19 -31.69 3.25
C5B ACO E . 25.88 -31.35 5.19
O5B ACO E . 26.10 -32.68 5.70
P1A ACO E . 26.85 -32.91 7.08
O1A ACO E . 28.26 -32.49 6.99
O2A ACO E . 26.63 -34.36 7.51
O3A ACO E . 26.02 -31.99 8.08
P2A ACO E . 24.97 -32.21 9.25
O4A ACO E . 23.80 -32.97 8.80
O5A ACO E . 25.71 -32.82 10.43
O6A ACO E . 24.54 -30.72 9.63
CBP ACO E . 25.41 -28.54 10.22
CCP ACO E . 25.70 -30.04 10.15
CDP ACO E . 25.38 -27.99 8.79
CEP ACO E . 26.56 -27.87 10.99
CAP ACO E . 24.07 -28.25 10.93
OAP ACO E . 24.25 -28.72 12.25
C9P ACO E . 23.73 -26.77 10.97
O9P ACO E . 23.39 -26.18 9.96
N8P ACO E . 23.82 -26.15 12.16
C7P ACO E . 23.52 -24.74 12.33
C6P ACO E . 24.79 -23.90 12.30
C5P ACO E . 24.84 -22.90 13.43
O5P ACO E . 25.46 -23.15 14.46
N4P ACO E . 24.18 -21.75 13.26
C3P ACO E . 23.42 -21.40 12.07
C2P ACO E . 23.30 -19.89 11.91
S1P ACO E . 24.89 -19.25 11.29
C ACO E . 25.43 -18.27 12.66
O ACO E . 24.67 -17.66 13.37
CH3 ACO E . 26.92 -18.28 12.82
H2A ACO E . 31.24 -31.00 -0.09
H61A ACO E . 33.65 -34.34 1.35
H62A ACO E . 32.78 -35.21 2.19
H8A ACO E . 28.14 -35.00 3.48
H1B ACO E . 26.98 -32.37 1.35
H2B ACO E . 26.28 -34.30 3.36
HO2A ACO E . 24.71 -34.40 1.66
H3B ACO E . 24.40 -32.90 3.89
H4B ACO E . 25.50 -30.56 3.34
H51A ACO E . 25.03 -31.00 5.53
H52A ACO E . 26.57 -30.75 5.49
H121 ACO E . 26.47 -30.22 9.60
H122 ACO E . 25.91 -30.38 11.04
H131 ACO E . 25.20 -27.04 8.82
H132 ACO E . 24.67 -28.44 8.29
H133 ACO E . 26.23 -28.15 8.36
H141 ACO E . 26.40 -26.92 11.05
H142 ACO E . 27.40 -28.03 10.53
H143 ACO E . 26.60 -28.24 11.89
H10 ACO E . 23.34 -28.67 10.44
HO1 ACO E . 23.51 -28.71 12.66
HN8 ACO E . 24.05 -26.61 12.84
H71 ACO E . 23.07 -24.60 13.17
H72 ACO E . 22.92 -24.44 11.63
H61 ACO E . 24.85 -23.43 11.45
H62 ACO E . 25.56 -24.48 12.36
HN4 ACO E . 24.21 -21.17 13.89
H31 ACO E . 22.54 -21.79 12.11
H32 ACO E . 23.86 -21.77 11.28
H21 ACO E . 23.08 -19.48 12.76
H22 ACO E . 22.59 -19.67 11.29
HH31 ACO E . 27.16 -17.73 13.58
HH32 ACO E . 27.34 -17.92 12.02
HH33 ACO E . 27.22 -19.18 12.97
N1A ACO F . 79.52 16.95 -1.43
C2A ACO F . 80.33 15.89 -1.29
N3A ACO F . 80.52 15.14 -0.20
C4A ACO F . 79.77 15.57 0.83
C5A ACO F . 78.90 16.64 0.82
C6A ACO F . 78.78 17.36 -0.38
N6A ACO F . 77.97 18.42 -0.54
N7A ACO F . 78.30 16.79 2.06
C8A ACO F . 78.82 15.81 2.77
N9A ACO F . 79.71 15.04 2.09
C1B ACO F . 80.46 13.90 2.61
C2B ACO F . 81.55 14.37 3.55
O2B ACO F . 82.73 14.37 2.74
C3B ACO F . 81.70 13.15 4.46
O3B ACO F . 82.60 12.29 3.72
P3B ACO F . 83.64 11.39 4.48
O7A ACO F . 84.57 12.29 5.23
O8A ACO F . 82.86 10.44 5.39
O9A ACO F . 84.37 10.54 3.42
C4B ACO F . 80.32 12.48 4.44
O4B ACO F . 79.57 13.22 3.46
C5B ACO F . 79.64 12.68 5.76
O5B ACO F . 79.18 14.04 5.85
P1A ACO F . 78.72 14.66 7.23
O1A ACO F . 78.58 13.62 8.26
O2A ACO F . 79.65 15.81 7.60
O3A ACO F . 77.30 15.30 6.88
P2A ACO F . 76.41 16.50 7.41
O4A ACO F . 76.60 16.71 8.86
O5A ACO F . 76.72 17.72 6.55
O6A ACO F . 74.92 16.01 7.12
CBP ACO F . 73.29 16.13 5.35
CCP ACO F . 74.74 15.82 5.71
CDP ACO F . 72.97 15.50 4.00
CEP ACO F . 72.38 15.53 6.43
CAP ACO F . 73.08 17.66 5.26
OAP ACO F . 74.08 18.58 5.63
C9P ACO F . 71.69 18.17 5.51
O9P ACO F . 71.22 18.13 6.65
N8P ACO F . 71.03 18.68 4.48
C7P ACO F . 69.69 19.21 4.59
C6P ACO F . 68.68 18.15 4.99
C5P ACO F . 68.52 17.10 3.93
O5P ACO F . 68.68 17.37 2.73
N4P ACO F . 68.20 15.89 4.35
C3P ACO F . 67.99 14.76 3.46
C2P ACO F . 66.61 14.78 2.84
S1P ACO F . 66.36 13.27 1.85
C ACO F . 65.93 12.10 3.11
O ACO F . 65.94 12.38 4.28
CH3 ACO F . 65.56 10.76 2.57
H2A ACO F . 80.83 15.64 -2.07
H61A ACO F . 77.94 18.83 -1.30
H62A ACO F . 77.49 18.70 0.11
H8A ACO F . 78.59 15.67 3.71
H1B ACO F . 80.81 13.38 1.88
H2B ACO F . 81.41 15.22 4.00
HO2A ACO F . 83.10 13.61 2.79
H3B ACO F . 82.01 13.34 5.36
H4B ACO F . 80.40 11.54 4.24
H51A ACO F . 80.25 12.48 6.49
H52A ACO F . 78.89 12.07 5.84
H121 ACO F . 74.95 14.90 5.47
H122 ACO F . 75.35 16.39 5.21
H131 ACO F . 72.04 15.69 3.76
H132 ACO F . 73.09 14.53 4.05
H133 ACO F . 73.56 15.86 3.32
H141 ACO F . 71.46 15.73 6.21
H142 ACO F . 72.60 15.93 7.29
H143 ACO F . 72.51 14.58 6.46
HO1 ACO F . 73.99 18.77 6.44
HN8 ACO F . 71.41 18.70 3.70
H71 ACO F . 69.42 19.61 3.74
H72 ACO F . 69.68 19.93 5.25
H61 ACO F . 67.82 18.58 5.16
H62 ACO F . 68.96 17.74 5.81
HN4 ACO F . 68.10 15.76 5.19
H31 ACO F . 68.12 13.93 3.95
H32 ACO F . 68.67 14.78 2.76
H21 ACO F . 66.52 15.56 2.27
H22 ACO F . 65.94 14.84 3.53
HH31 ACO F . 65.33 10.16 3.30
HH32 ACO F . 66.30 10.39 2.07
HH33 ACO F . 64.79 10.85 1.98
N1A ACO G . -19.65 36.72 18.59
C2A ACO G . -19.25 35.69 17.81
N3A ACO G . -18.32 35.68 16.86
C4A ACO G . -17.76 36.89 16.72
C5A ACO G . -18.06 38.03 17.43
C6A ACO G . -19.07 37.93 18.41
N6A ACO G . -19.47 38.94 19.18
N7A ACO G . -17.28 39.10 17.01
C8A ACO G . -16.53 38.57 16.07
N9A ACO G . -16.77 37.25 15.84
C1B ACO G . -16.10 36.38 14.87
C2B ACO G . -15.35 37.18 13.81
O2B ACO G . -16.26 37.27 12.73
C3B ACO G . -14.31 36.14 13.38
O3B ACO G . -15.05 35.32 12.45
P3B ACO G . -14.73 35.33 10.91
O7A ACO G . -15.25 34.08 10.31
O8A ACO G . -13.21 35.49 10.76
O9A ACO G . -15.37 36.60 10.32
C4B ACO G . -14.07 35.31 14.63
O4B ACO G . -15.09 35.71 15.56
C5B ACO G . -12.74 35.67 15.23
O5B ACO G . -12.57 37.11 15.14
P1A ACO G . -11.75 37.90 16.24
O1A ACO G . -12.42 37.83 17.55
O2A ACO G . -11.51 39.32 15.72
O3A ACO G . -10.34 37.15 16.25
P2A ACO G . -8.86 37.45 15.77
O4A ACO G . -8.82 37.80 14.33
O5A ACO G . -8.29 38.52 16.70
O6A ACO G . -8.10 36.09 16.04
CBP ACO G . -7.46 34.54 17.81
CCP ACO G . -7.91 35.96 17.46
CDP ACO G . -8.44 33.56 17.15
CEP ACO G . -7.52 34.37 19.33
CAP ACO G . -6.03 34.28 17.32
OAP ACO G . -5.27 35.25 16.66
C9P ACO G . -5.71 32.88 16.85
O9P ACO G . -6.13 32.49 15.75
N8P ACO G . -4.97 32.11 17.64
C7P ACO G . -4.58 30.76 17.28
C6P ACO G . -4.31 29.89 18.49
C5P ACO G . -3.54 28.63 18.12
O5P ACO G . -2.77 28.63 17.16
N4P ACO G . -3.74 27.55 18.87
C3P ACO G . -4.64 27.50 20.00
C2P ACO G . -4.75 26.10 20.57
S1P ACO G . -5.63 26.13 22.16
C ACO G . -4.29 26.29 23.30
O ACO G . -3.62 25.35 23.66
CH3 ACO G . -4.07 27.69 23.76
H2A ACO G . -19.70 34.86 17.98
H61A ACO G . -20.09 38.82 19.76
H62A ACO G . -19.11 39.72 19.08
H8A ACO G . -15.86 39.08 15.58
H1B ACO G . -16.78 35.81 14.45
H2B ACO G . -15.00 38.04 14.09
HO2A ACO G . -15.83 37.36 12.01
H3B ACO G . -13.50 36.50 13.00
H4B ACO G . -14.07 34.36 14.42
H51A ACO G . -12.01 35.21 14.77
H52A ACO G . -12.69 35.39 16.16
H121 ACO G . -8.72 36.18 17.93
H122 ACO G . -7.23 36.59 17.75
H131 ACO G . -8.17 32.65 17.37
H132 ACO G . -8.43 33.68 16.19
H133 ACO G . -9.33 33.71 17.49
H141 ACO G . -7.25 33.48 19.57
H142 ACO G . -8.43 34.52 19.64
H143 ACO G . -6.92 35.01 19.75
H10 ACO G . -5.68 34.38 18.22
HO1 ACO G . -4.51 34.94 16.47
HN8 ACO G . -4.70 32.44 18.39
H71 ACO G . -3.78 30.79 16.72
H72 ACO G . -5.28 30.36 16.74
H61 ACO G . -5.16 29.64 18.90
H62 ACO G . -3.82 30.39 19.15
HN4 ACO G . -3.31 26.83 18.66
H31 ACO G . -5.53 27.81 19.74
H32 ACO G . -4.33 28.11 20.69
H21 ACO G . -3.86 25.72 20.70
H22 ACO G . -5.22 25.52 19.95
HH31 ACO G . -3.32 27.72 24.38
HH32 ACO G . -4.88 28.01 24.21
HH33 ACO G . -3.88 28.26 23.00
N1A ACO H . -32.52 -0.92 74.59
C2A ACO H . -32.93 0.29 74.99
N3A ACO H . -32.20 1.35 75.33
C4A ACO H . -30.89 1.10 75.21
C5A ACO H . -30.31 -0.10 74.81
C6A ACO H . -31.18 -1.15 74.49
N6A ACO H . -30.78 -2.35 74.09
N7A ACO H . -28.93 0.00 74.80
C8A ACO H . -28.70 1.23 75.20
N9A ACO H . -29.85 1.95 75.46
C1B ACO H . -29.92 3.33 75.93
C2B ACO H . -29.48 3.44 77.38
O2B ACO H . -30.70 3.42 78.11
C3B ACO H . -29.01 4.89 77.42
O3B ACO H . -30.24 5.63 77.58
P3B ACO H . -30.30 6.89 78.51
O7A ACO H . -31.58 7.60 78.25
O8A ACO H . -29.07 7.75 78.21
O9A ACO H . -30.19 6.39 79.96
C4B ACO H . -28.50 5.17 76.00
O4B ACO H . -28.93 4.03 75.22
C5B ACO H . -26.99 5.18 75.99
O5B ACO H . -26.52 3.87 76.37
P1A ACO H . -24.97 3.57 76.48
O1A ACO H . -24.18 4.79 76.27
O2A ACO H . -24.72 2.85 77.81
O3A ACO H . -24.73 2.51 75.33
P2A ACO H . -23.57 1.51 74.89
O4A ACO H . -23.97 0.09 75.03
O5A ACO H . -22.33 1.89 75.71
O6A ACO H . -23.29 1.92 73.38
CBP ACO H . -23.80 0.66 71.37
CCP ACO H . -24.37 1.43 72.56
CDP ACO H . -24.92 0.44 70.34
CEP ACO H . -22.68 1.50 70.74
CAP ACO H . -23.23 -0.70 71.82
OAP ACO H . -24.36 -1.46 72.21
C9P ACO H . -22.50 -1.44 70.72
O9P ACO H . -21.29 -1.27 70.57
N8P ACO H . -23.21 -2.28 69.97
C7P ACO H . -22.62 -3.07 68.89
C6P ACO H . -22.03 -2.19 67.80
C5P ACO H . -23.10 -1.54 66.95
O5P ACO H . -24.21 -2.07 66.82
N4P ACO H . -22.77 -0.39 66.39
C3P ACO H . -23.68 0.37 65.54
C2P ACO H . -23.64 -0.10 64.10
S1P ACO H . -24.66 0.98 63.07
C ACO H . -23.59 2.36 62.85
O ACO H . -22.49 2.41 63.33
CH3 ACO H . -24.19 3.45 62.01
H2A ACO H . -33.89 0.40 75.06
H61A ACO H . -31.36 -2.96 73.90
H62A ACO H . -29.94 -2.52 74.01
H8A ACO H . -27.81 1.60 75.31
H1B ACO H . -30.82 3.66 75.80
H2B ACO H . -28.84 2.77 77.68
HO2A ACO H . -30.96 4.22 78.23
H3B ACO H . -28.35 5.10 78.10
H4B ACO H . -28.84 6.02 75.67
H51A ACO H . -26.66 5.85 76.60
H52A ACO H . -26.67 5.41 75.11
H121 ACO H . -24.90 2.18 72.25
H122 ACO H . -24.95 0.86 73.08
H131 ACO H . -24.56 -0.05 69.58
H132 ACO H . -25.26 1.30 70.05
H133 ACO H . -25.64 -0.07 70.75
H141 ACO H . -22.31 1.02 69.97
H142 ACO H . -21.98 1.65 71.39
H143 ACO H . -23.04 2.35 70.44
H10 ACO H . -22.58 -0.57 72.53
HO1 ACO H . -24.51 -1.34 73.03
HN8 ACO H . -24.05 -2.37 70.13
H71 ACO H . -23.29 -3.65 68.51
H72 ACO H . -21.92 -3.64 69.25
H61 ACO H . -21.45 -2.72 67.23
H62 ACO H . -21.49 -1.51 68.20
HN4 ACO H . -21.98 -0.07 66.53
H31 ACO H . -23.46 1.30 65.59
H32 ACO H . -24.59 0.28 65.89
H21 ACO H . -23.96 -1.02 64.05
H22 ACO H . -22.72 -0.11 63.78
HH31 ACO H . -23.56 4.18 61.92
HH32 ACO H . -25.01 3.77 62.43
HH33 ACO H . -24.40 3.10 61.13
P PO4 I . 25.39 -14.70 19.90
O1 PO4 I . 24.36 -14.44 18.83
O2 PO4 I . 25.03 -15.96 20.65
O3 PO4 I . 26.75 -14.84 19.28
O4 PO4 I . 25.40 -13.53 20.87
P PO4 J . 3.57 24.65 25.34
O1 PO4 J . 3.19 23.95 24.06
O2 PO4 J . 4.68 23.89 26.02
O3 PO4 J . 2.38 24.71 26.26
O4 PO4 J . 4.03 26.06 25.02
N1A ACO K . 30.17 -16.97 -29.76
C2A ACO K . 29.49 -16.43 -28.74
N3A ACO K . 29.24 -15.14 -28.47
C4A ACO K . 29.79 -14.36 -29.40
C5A ACO K . 30.51 -14.76 -30.52
C6A ACO K . 30.71 -16.14 -30.68
N6A ACO K . 31.38 -16.69 -31.70
N7A ACO K . 30.91 -13.66 -31.26
C8A ACO K . 30.43 -12.64 -30.60
N9A ACO K . 29.74 -12.98 -29.46
C1B ACO K . 29.08 -12.09 -28.52
C2B ACO K . 29.54 -10.64 -28.71
O2B ACO K . 30.58 -10.48 -27.74
C3B ACO K . 28.34 -9.90 -28.13
O3B ACO K . 28.58 -9.95 -26.70
P3B ACO K . 28.97 -8.66 -25.89
O7A ACO K . 28.69 -8.93 -24.45
O8A ACO K . 30.44 -8.38 -26.15
O9A ACO K . 28.15 -7.50 -26.45
C4B ACO K . 27.15 -10.81 -28.42
O4B ACO K . 27.73 -12.04 -28.90
C5B ACO K . 26.33 -10.24 -29.55
O5B ACO K . 27.21 -9.78 -30.58
P1A ACO K . 26.76 -9.74 -32.10
O1A ACO K . 27.74 -9.04 -32.94
O2A ACO K . 26.45 -11.17 -32.53
O3A ACO K . 25.37 -8.97 -32.04
P2A ACO K . 24.83 -7.53 -32.46
O4A ACO K . 25.63 -6.45 -31.85
O5A ACO K . 24.75 -7.49 -33.98
O6A ACO K . 23.36 -7.52 -31.89
CBP ACO K . 21.29 -8.79 -32.02
CCP ACO K . 22.55 -8.33 -32.76
CDP ACO K . 21.71 -9.53 -30.75
CEP ACO K . 20.52 -9.75 -32.93
CAP ACO K . 20.39 -7.58 -31.64
OAP ACO K . 20.08 -6.97 -32.88
C9P ACO K . 19.10 -7.99 -30.96
O9P ACO K . 19.01 -7.93 -29.73
N8P ACO K . 18.09 -8.41 -31.73
C7P ACO K . 16.80 -8.82 -31.19
C6P ACO K . 15.90 -7.65 -30.93
C5P ACO K . 14.46 -8.08 -30.67
O5P ACO K . 13.73 -8.45 -31.59
N4P ACO K . 14.06 -8.03 -29.40
C3P ACO K . 12.71 -8.41 -28.99
C2P ACO K . 12.70 -9.63 -28.10
S1P ACO K . 12.81 -11.13 -29.11
C ACO K . 11.21 -11.16 -29.88
O ACO K . 10.37 -10.34 -29.65
CH3 ACO K . 11.03 -12.32 -30.82
H2A ACO K . 29.13 -17.07 -28.10
H61A ACO K . 31.47 -17.54 -31.75
H62A ACO K . 31.74 -16.18 -32.30
H8A ACO K . 30.55 -11.72 -30.89
H1B ACO K . 29.26 -12.40 -27.62
H2B ACO K . 29.81 -10.38 -29.60
HO2A ACO K . 30.63 -9.67 -27.52
H3B ACO K . 28.20 -9.00 -28.44
H4B ACO K . 26.59 -10.92 -27.63
H51A ACO K . 25.77 -9.51 -29.22
H52A ACO K . 25.72 -10.92 -29.89
H121 ACO K . 23.05 -9.11 -33.06
H122 ACO K . 22.32 -7.83 -33.55
H131 ACO K . 20.92 -9.82 -30.27
H132 ACO K . 22.23 -8.93 -30.18
H133 ACO K . 22.26 -10.30 -30.99
H141 ACO K . 19.71 -10.04 -32.47
H142 ACO K . 21.06 -10.52 -33.15
H143 ACO K . 20.27 -9.29 -33.75
H10 ACO K . 20.86 -7.01 -31.02
HO1 ACO K . 19.58 -6.30 -32.74
HN8 ACO K . 18.21 -8.43 -32.57
H71 ACO K . 16.95 -9.31 -30.36
H72 ACO K . 16.38 -9.44 -31.81
H61 ACO K . 15.91 -7.05 -31.70
H62 ACO K . 16.21 -7.15 -30.17
HN4 ACO K . 14.61 -7.76 -28.80
H31 ACO K . 12.17 -8.57 -29.78
H32 ACO K . 12.31 -7.66 -28.52
H21 ACO K . 11.89 -9.64 -27.57
H22 ACO K . 13.44 -9.60 -27.48
HH31 ACO K . 10.15 -12.28 -31.20
HH32 ACO K . 11.15 -13.15 -30.33
HH33 ACO K . 11.69 -12.27 -31.52
N1A ACO L . -7.46 -74.34 -32.16
C2A ACO L . -6.55 -74.59 -33.11
N3A ACO L . -6.46 -74.07 -34.33
C4A ACO L . -7.43 -73.20 -34.57
C5A ACO L . -8.44 -72.83 -33.69
C6A ACO L . -8.44 -73.45 -32.43
N6A ACO L . -9.36 -73.21 -31.47
N7A ACO L . -9.28 -71.89 -34.27
C8A ACO L . -8.77 -71.72 -35.47
N9A ACO L . -7.65 -72.46 -35.71
C1B ACO L . -6.87 -72.48 -36.94
C2B ACO L . -7.62 -73.24 -38.02
O2B ACO L . -7.03 -74.53 -38.02
C3B ACO L . -7.06 -72.55 -39.28
O3B ACO L . -5.84 -73.27 -39.55
P3B ACO L . -5.39 -73.58 -41.02
O7A ACO L . -6.31 -74.59 -41.59
O8A ACO L . -5.43 -72.25 -41.79
O9A ACO L . -3.94 -74.06 -40.97
C4B ACO L . -6.66 -71.15 -38.81
O4B ACO L . -6.84 -71.16 -37.40
C5B ACO L . -7.62 -70.14 -39.38
O5B ACO L . -8.92 -70.35 -38.79
P1A ACO L . -10.18 -69.53 -39.27
O1A ACO L . -11.29 -70.43 -39.65
O2A ACO L . -9.73 -68.57 -40.37
O3A ACO L . -10.55 -68.65 -38.01
P2A ACO L . -11.85 -67.94 -37.42
O4A ACO L . -12.50 -68.76 -36.38
O5A ACO L . -12.75 -67.63 -38.61
O6A ACO L . -11.30 -66.57 -36.86
CBP ACO L . -10.93 -65.82 -34.59
CCP ACO L . -10.52 -66.80 -35.67
CDP ACO L . -10.00 -65.98 -33.38
CEP ACO L . -10.81 -64.39 -35.15
CAP ACO L . -12.40 -66.08 -34.16
OAP ACO L . -12.35 -67.31 -33.46
C9P ACO L . -12.96 -65.01 -33.24
O9P ACO L . -13.54 -64.04 -33.73
N8P ACO L . -12.81 -65.19 -31.94
C7P ACO L . -13.33 -64.24 -30.95
C6P ACO L . -12.74 -62.86 -31.11
C5P ACO L . -11.28 -62.80 -30.68
O5P ACO L . -10.86 -63.49 -29.76
N4P ACO L . -10.52 -61.95 -31.37
C3P ACO L . -9.10 -61.77 -31.08
C2P ACO L . -8.88 -60.68 -30.05
S1P ACO L . -7.21 -60.81 -29.36
C ACO L . -6.58 -59.19 -29.66
O ACO L . -6.62 -58.31 -28.85
CH3 ACO L . -5.96 -59.05 -31.03
H2A ACO L . -5.86 -75.23 -32.87
H61A ACO L . -9.31 -73.61 -30.71
H62A ACO L . -9.98 -72.65 -31.62
H8A ACO L . -9.15 -71.11 -36.11
H1B ACO L . -6.00 -72.88 -36.76
H2B ACO L . -8.58 -73.26 -37.94
HO2A ACO L . -6.25 -74.48 -38.34
H3B ACO L . -7.67 -72.53 -40.03
H4B ACO L . -5.76 -70.94 -39.10
H51A ACO L . -7.67 -70.23 -40.35
H52A ACO L . -7.31 -69.24 -39.19
H121 ACO L . -9.58 -66.70 -35.88
H122 ACO L . -10.65 -67.72 -35.37
H131 ACO L . -10.26 -65.35 -32.69
H132 ACO L . -9.09 -65.80 -33.66
H133 ACO L . -10.07 -66.88 -33.05
H141 ACO L . -11.07 -63.75 -34.47
H142 ACO L . -11.39 -64.29 -35.92
H143 ACO L . -9.90 -64.22 -35.41
H10 ACO L . -12.97 -66.08 -34.94
HO1 ACO L . -12.73 -67.90 -33.91
HN8 ACO L . -12.40 -65.88 -31.66
H71 ACO L . -13.13 -64.58 -30.05
H72 ACO L . -14.29 -64.20 -31.01
H61 ACO L . -13.25 -62.23 -30.58
H62 ACO L . -12.80 -62.58 -32.04
HN4 ACO L . -10.88 -61.50 -31.99
H31 ACO L . -8.64 -61.55 -31.90
H32 ACO L . -8.73 -62.61 -30.75
H21 ACO L . -9.54 -60.74 -29.35
H22 ACO L . -9.00 -59.81 -30.46
HH31 ACO L . -5.63 -58.14 -31.14
HH32 ACO L . -6.64 -59.23 -31.70
HH33 ACO L . -5.23 -59.68 -31.12
P PO4 M . 4.61 -9.30 -33.88
O1 PO4 M . 5.44 -8.44 -34.78
O2 PO4 M . 4.93 -10.76 -34.13
O3 PO4 M . 3.14 -9.06 -34.16
O4 PO4 M . 4.91 -8.96 -32.44
P PO4 N . -33.55 -0.76 -11.03
O1 PO4 N . -34.20 0.60 -10.89
O2 PO4 N . -33.25 -1.02 -12.48
O3 PO4 N . -34.47 -1.82 -10.50
O4 PO4 N . -32.27 -0.76 -10.23
N1A ACO O . -42.63 12.71 10.55
C2A ACO O . -41.33 12.41 10.49
N3A ACO O . -40.73 11.24 10.76
C4A ACO O . -41.61 10.31 11.13
C5A ACO O . -42.99 10.48 11.24
C6A ACO O . -43.50 11.75 10.93
N6A ACO O . -44.81 12.06 10.99
N7A ACO O . -43.59 9.30 11.64
C8A ACO O . -42.58 8.47 11.77
N9A ACO O . -41.36 9.01 11.48
C1B ACO O . -40.06 8.35 11.52
C2B ACO O . -40.12 7.06 12.32
O2B ACO O . -39.66 7.43 13.62
C3B ACO O . -38.97 6.29 11.69
O3B ACO O . -37.80 6.78 12.39
P3B ACO O . -37.03 5.89 13.43
O7A ACO O . -37.92 5.70 14.62
O8A ACO O . -36.70 4.57 12.74
O9A ACO O . -35.72 6.59 13.77
C4B ACO O . -38.89 6.81 10.25
O4B ACO O . -39.82 7.91 10.21
C5B ACO O . -39.42 5.76 9.30
O5B ACO O . -40.65 5.21 9.82
P1A ACO O . -41.79 4.69 8.86
O1A ACO O . -42.38 5.80 8.09
O2A ACO O . -42.78 3.88 9.69
O3A ACO O . -41.01 3.68 7.91
P2A ACO O . -40.95 2.10 7.71
O4A ACO O . -42.24 1.55 7.25
O5A ACO O . -40.43 1.50 9.00
O6A ACO O . -39.82 1.92 6.60
CBP ACO O . -39.16 2.59 4.37
CCP ACO O . -40.31 2.49 5.37
CDP ACO O . -38.18 3.67 4.84
CEP ACO O . -39.75 2.99 3.00
CAP ACO O . -38.41 1.24 4.22
OAP ACO O . -39.36 0.36 3.65
C9P ACO O . -37.19 1.33 3.30
O9P ACO O . -36.17 1.85 3.69
N8P ACO O . -37.33 0.81 2.08
C7P ACO O . -36.25 0.83 1.10
C6P ACO O . -36.40 1.98 0.12
C5P ACO O . -36.22 1.55 -1.31
O5P ACO O . -37.20 1.33 -2.04
N4P ACO O . -34.97 1.40 -1.75
C3P ACO O . -33.80 1.65 -0.91
C2P ACO O . -32.51 1.42 -1.68
S1P ACO O . -31.70 3.02 -2.03
C ACO O . -32.87 3.74 -3.15
O ACO O . -33.60 4.63 -2.85
CH3 ACO O . -32.81 3.12 -4.53
H2A ACO O . -40.75 13.14 10.22
H61A ACO O . -45.07 12.85 10.79
H62A ACO O . -45.37 11.45 11.23
H8A ACO O . -42.69 7.54 12.05
H1B ACO O . -39.41 8.96 11.89
H2B ACO O . -40.98 6.60 12.35
HO2A ACO O . -39.39 6.76 14.03
H3B ACO O . -39.04 5.31 11.73
H4B ACO O . -37.98 7.04 10.01
H51A ACO O . -38.75 5.06 9.18
H52A ACO O . -39.58 6.16 8.43
H121 ACO O . -40.67 3.37 5.54
H122 ACO O . -41.02 1.96 5.01
H131 ACO O . -37.45 3.74 4.21
H132 ACO O . -37.83 3.43 5.72
H133 ACO O . -38.64 4.52 4.90
H141 ACO O . -39.03 3.06 2.36
H142 ACO O . -40.19 3.85 3.08
H143 ACO O . -40.38 2.33 2.72
H10 ACO O . -38.06 0.96 5.08
HO1 ACO O . -39.01 -0.39 3.54
HN8 ACO O . -38.07 0.45 1.86
H71 ACO O . -36.24 0.00 0.61
H72 ACO O . -35.40 0.92 1.55
H61 ACO O . -35.75 2.68 0.34
H62 ACO O . -37.28 2.38 0.23
HN4 ACO O . -34.84 1.16 -2.56
H31 ACO O . -33.82 1.06 -0.14
H32 ACO O . -33.82 2.56 -0.58
H21 ACO O . -32.69 0.95 -2.51
H22 ACO O . -31.91 0.86 -1.17
HH31 ACO O . -33.47 3.55 -5.10
HH32 ACO O . -33.02 2.18 -4.46
HH33 ACO O . -31.93 3.23 -4.90
N1A ACO P . -39.47 58.25 -40.72
C2A ACO P . -40.75 58.38 -40.36
N3A ACO P . -41.77 57.56 -40.57
C4A ACO P . -41.38 56.46 -41.24
C5A ACO P . -40.10 56.19 -41.69
C6A ACO P . -39.10 57.13 -41.41
N6A ACO P . -37.82 57.01 -41.77
N7A ACO P . -40.07 54.96 -42.34
C8A ACO P . -41.31 54.55 -42.28
N9A ACO P . -42.16 55.40 -41.62
C1B ACO P . -43.59 55.21 -41.41
C2B ACO P . -44.34 55.37 -42.71
O2B ACO P . -44.83 56.70 -42.69
C3B ACO P . -45.56 54.50 -42.44
O3B ACO P . -46.44 55.37 -41.69
P3B ACO P . -47.99 55.38 -41.96
O7A ACO P . -48.49 54.00 -41.75
O8A ACO P . -48.61 56.39 -40.99
O9A ACO P . -48.21 55.89 -43.39
C4B ACO P . -45.07 53.43 -41.47
O4B ACO P . -43.75 53.86 -41.08
C5B ACO P . -44.89 52.11 -42.19
O5B ACO P . -43.93 52.28 -43.25
P1A ACO P . -43.64 51.13 -44.29
O1A ACO P . -43.65 51.63 -45.68
O2A ACO P . -44.62 49.98 -44.02
O3A ACO P . -42.19 50.61 -43.86
P2A ACO P . -40.97 49.86 -44.56
O4A ACO P . -39.94 50.81 -45.02
O5A ACO P . -41.56 49.00 -45.67
O6A ACO P . -40.45 48.88 -43.42
CBP ACO P . -38.43 48.86 -42.09
CCP ACO P . -39.72 49.61 -42.42
CDP ACO P . -37.77 49.52 -40.88
CEP ACO P . -38.78 47.40 -41.76
CAP ACO P . -37.48 48.90 -43.30
OAP ACO P . -37.12 50.26 -43.44
C9P ACO P . -36.21 48.08 -43.11
O9P ACO P . -36.18 46.90 -43.45
N8P ACO P . -35.14 48.71 -42.58
C7P ACO P . -33.87 48.03 -42.37
C6P ACO P . -34.00 46.85 -41.44
C5P ACO P . -34.26 47.27 -40.01
O5P ACO P . -33.88 48.35 -39.58
N4P ACO P . -34.91 46.39 -39.27
C3P ACO P . -35.25 46.61 -37.87
C2P ACO P . -34.30 45.88 -36.95
S1P ACO P . -34.69 46.32 -35.22
C ACO P . -35.59 44.88 -34.70
O ACO P . -35.35 44.30 -33.67
CH3 ACO P . -36.67 44.48 -35.65
H2A ACO P . -40.96 59.20 -39.88
H61A ACO P . -37.25 57.62 -41.57
H62A ACO P . -37.57 56.30 -42.20
H8A ACO P . -41.60 53.70 -42.67
H1B ACO P . -43.90 55.84 -40.74
H2B ACO P . -43.85 55.16 -43.53
HO2A ACO P . -45.60 56.71 -42.37
H3B ACO P . -45.99 54.11 -43.23
H4B ACO P . -45.68 53.31 -40.72
H51A ACO P . -45.75 51.82 -42.56
H52A ACO P . -44.60 51.43 -41.58
H121 ACO P . -40.26 49.72 -41.62
H122 ACO P . -39.52 50.50 -42.74
H131 ACO P . -36.94 49.05 -40.66
H132 ACO P . -38.37 49.48 -40.12
H133 ACO P . -37.56 50.44 -41.08
H141 ACO P . -37.97 46.92 -41.55
H142 ACO P . -39.21 46.99 -42.52
H143 ACO P . -39.38 47.38 -40.99
H10 ACO P . -37.91 48.52 -44.09
HO1 ACO P . -37.23 50.51 -44.24
HN8 ACO P . -35.22 49.53 -42.37
H71 ACO P . -33.24 48.67 -42.00
H72 ACO P . -33.52 47.74 -43.22
H61 ACO P . -33.18 46.33 -41.47
H62 ACO P . -34.71 46.27 -41.74
HN4 ACO P . -35.16 45.65 -39.64
H31 ACO P . -36.16 46.33 -37.70
H32 ACO P . -35.22 47.57 -37.68
H21 ACO P . -33.39 46.13 -37.14
H22 ACO P . -34.38 44.92 -37.07
HH31 ACO P . -37.13 43.70 -35.32
HH32 ACO P . -36.29 44.28 -36.52
HH33 ACO P . -37.31 45.21 -35.74
#